data_2KLS
#
_entry.id   2KLS
#
_entity_poly.entity_id   1
_entity_poly.type   'polypeptide(L)'
_entity_poly.pdbx_seq_one_letter_code
;MSHHHHHHAGIFTFEEPVTHVSESIGIMEVKVLRTSGARGNVIVPYKTIEGTARGGGEDFEDTCGELEFQNDEIVKTISV
KVIDDEEYEKNKTFFLEIGEPRLVEMSEKKGGFTITEEYDDKQPLTSKEEEERRIAEMGRPILGEHTKLEVIIEESYEFK
STVD
;
_entity_poly.pdbx_strand_id   A
#
# COMPACT_ATOMS: atom_id res chain seq x y z
N HIS A 8 18.80 3.79 1.02
CA HIS A 8 19.82 3.21 0.17
C HIS A 8 19.16 2.50 -1.02
N ALA A 9 17.95 2.08 -0.81
CA ALA A 9 17.22 1.31 -1.79
C ALA A 9 16.52 2.17 -2.82
N GLY A 10 16.07 3.32 -2.46
CA GLY A 10 15.36 4.13 -3.40
C GLY A 10 14.01 4.52 -2.89
N ILE A 11 13.10 4.82 -3.78
CA ILE A 11 11.82 5.37 -3.42
C ILE A 11 10.67 4.41 -3.76
N PHE A 12 10.03 3.86 -2.74
CA PHE A 12 8.77 3.14 -2.92
C PHE A 12 7.65 4.13 -2.72
N THR A 13 6.83 4.32 -3.72
CA THR A 13 5.74 5.26 -3.61
C THR A 13 4.70 4.93 -4.69
N PHE A 14 3.57 5.57 -4.64
CA PHE A 14 2.54 5.36 -5.62
C PHE A 14 2.86 6.06 -6.94
N GLU A 15 2.45 5.47 -8.05
CA GLU A 15 2.69 6.03 -9.39
C GLU A 15 1.90 7.34 -9.52
N GLU A 16 0.78 7.38 -8.89
CA GLU A 16 -0.05 8.52 -8.91
C GLU A 16 -0.43 8.86 -7.49
N PRO A 17 -0.47 10.13 -7.12
CA PRO A 17 -0.81 10.54 -5.75
C PRO A 17 -2.31 10.42 -5.49
N VAL A 18 -3.07 10.54 -6.55
CA VAL A 18 -4.50 10.47 -6.51
C VAL A 18 -4.91 9.70 -7.73
N THR A 19 -5.82 8.78 -7.58
CA THR A 19 -6.26 7.99 -8.67
C THR A 19 -7.78 8.03 -8.71
N HIS A 20 -8.35 8.12 -9.88
CA HIS A 20 -9.76 8.04 -10.00
C HIS A 20 -10.11 6.70 -10.58
N VAL A 21 -11.08 6.07 -10.05
CA VAL A 21 -11.49 4.79 -10.52
C VAL A 21 -12.96 4.83 -10.83
N SER A 22 -13.34 4.09 -11.80
CA SER A 22 -14.68 4.06 -12.26
C SER A 22 -15.60 3.21 -11.37
N GLU A 23 -16.83 3.66 -11.21
CA GLU A 23 -17.88 2.95 -10.48
C GLU A 23 -18.09 1.55 -11.06
N SER A 24 -18.03 1.43 -12.36
CA SER A 24 -18.20 0.16 -13.02
C SER A 24 -16.92 -0.24 -13.73
N ILE A 25 -15.94 -0.62 -12.96
CA ILE A 25 -14.68 -1.05 -13.50
C ILE A 25 -14.38 -2.50 -13.10
N GLY A 26 -14.96 -2.90 -11.99
CA GLY A 26 -14.69 -4.18 -11.44
C GLY A 26 -13.55 -4.10 -10.47
N ILE A 27 -12.36 -4.11 -10.98
CA ILE A 27 -11.17 -4.13 -10.18
C ILE A 27 -10.28 -3.01 -10.65
N MET A 28 -9.74 -2.29 -9.72
CA MET A 28 -8.82 -1.26 -10.05
C MET A 28 -7.46 -1.67 -9.54
N GLU A 29 -6.45 -1.34 -10.29
CA GLU A 29 -5.09 -1.65 -9.96
C GLU A 29 -4.23 -0.42 -9.94
N VAL A 30 -3.56 -0.23 -8.85
CA VAL A 30 -2.66 0.89 -8.70
C VAL A 30 -1.23 0.41 -8.80
N LYS A 31 -0.49 1.00 -9.70
CA LYS A 31 0.89 0.65 -9.94
C LYS A 31 1.75 1.36 -8.89
N VAL A 32 2.61 0.63 -8.25
CA VAL A 32 3.50 1.20 -7.25
C VAL A 32 4.91 1.31 -7.83
N LEU A 33 5.55 2.43 -7.55
CA LEU A 33 6.88 2.70 -8.01
C LEU A 33 7.88 1.98 -7.15
N ARG A 34 8.68 1.18 -7.80
CA ARG A 34 9.72 0.40 -7.19
C ARG A 34 10.94 1.28 -6.90
N THR A 35 11.73 0.86 -5.94
CA THR A 35 12.94 1.50 -5.55
C THR A 35 13.94 1.61 -6.69
N SER A 36 14.60 2.74 -6.74
CA SER A 36 15.61 3.08 -7.71
C SER A 36 16.72 1.99 -7.71
N GLY A 37 16.99 1.46 -6.55
CA GLY A 37 17.92 0.39 -6.39
C GLY A 37 17.23 -0.83 -5.85
N ALA A 38 16.84 -1.71 -6.72
CA ALA A 38 16.14 -2.90 -6.32
C ALA A 38 17.15 -3.95 -5.92
N ARG A 39 17.17 -4.24 -4.65
CA ARG A 39 18.17 -5.11 -4.08
C ARG A 39 17.52 -6.30 -3.42
N GLY A 40 17.66 -7.45 -4.04
CA GLY A 40 17.21 -8.69 -3.45
C GLY A 40 15.72 -8.84 -3.51
N ASN A 41 15.12 -9.05 -2.37
CA ASN A 41 13.69 -9.21 -2.25
C ASN A 41 13.18 -8.37 -1.07
N VAL A 42 12.19 -7.54 -1.34
CA VAL A 42 11.61 -6.65 -0.38
C VAL A 42 10.09 -6.77 -0.43
N ILE A 43 9.46 -6.79 0.69
CA ILE A 43 8.03 -6.85 0.74
C ILE A 43 7.49 -5.51 1.20
N VAL A 44 6.46 -5.04 0.54
CA VAL A 44 5.84 -3.79 0.91
C VAL A 44 4.37 -4.04 1.28
N PRO A 45 4.03 -3.95 2.57
CA PRO A 45 2.65 -4.11 3.02
C PRO A 45 1.77 -2.91 2.65
N TYR A 46 0.49 -3.13 2.55
CA TYR A 46 -0.43 -2.07 2.19
C TYR A 46 -1.79 -2.33 2.77
N LYS A 47 -2.61 -1.30 2.82
CA LYS A 47 -3.98 -1.44 3.29
C LYS A 47 -4.82 -0.28 2.74
N THR A 48 -6.11 -0.48 2.71
CA THR A 48 -7.03 0.55 2.37
C THR A 48 -7.37 1.40 3.61
N ILE A 49 -7.83 2.60 3.39
CA ILE A 49 -8.24 3.52 4.44
C ILE A 49 -9.59 4.12 4.03
N GLU A 50 -10.60 3.95 4.83
CA GLU A 50 -11.92 4.49 4.52
C GLU A 50 -11.92 6.00 4.67
N GLY A 51 -11.96 6.70 3.57
CA GLY A 51 -12.06 8.13 3.62
C GLY A 51 -13.50 8.54 3.79
N THR A 52 -14.17 8.73 2.69
CA THR A 52 -15.58 9.02 2.69
C THR A 52 -16.34 7.85 2.08
N ALA A 53 -15.59 6.80 1.82
CA ALA A 53 -16.12 5.61 1.21
C ALA A 53 -16.40 4.56 2.26
N ARG A 54 -17.46 3.84 2.07
CA ARG A 54 -17.88 2.79 2.97
C ARG A 54 -17.08 1.54 2.76
N GLY A 55 -16.53 1.06 3.82
CA GLY A 55 -15.68 -0.12 3.76
C GLY A 55 -16.46 -1.40 3.96
N GLY A 56 -15.78 -2.54 3.85
CA GLY A 56 -16.43 -3.82 4.05
C GLY A 56 -17.17 -4.30 2.82
N GLY A 57 -16.82 -3.77 1.65
CA GLY A 57 -17.50 -4.16 0.44
C GLY A 57 -18.79 -3.42 0.30
N GLU A 58 -18.85 -2.26 0.90
CA GLU A 58 -20.04 -1.46 0.89
C GLU A 58 -19.97 -0.47 -0.29
N ASP A 59 -18.95 0.41 -0.28
CA ASP A 59 -18.64 1.23 -1.49
C ASP A 59 -17.45 0.62 -2.17
N PHE A 60 -16.56 0.08 -1.38
CA PHE A 60 -15.39 -0.55 -1.89
C PHE A 60 -15.07 -1.74 -1.03
N GLU A 61 -14.50 -2.72 -1.65
CA GLU A 61 -14.06 -3.88 -0.94
C GLU A 61 -12.67 -3.55 -0.43
N ASP A 62 -12.54 -3.44 0.86
CA ASP A 62 -11.29 -3.02 1.48
C ASP A 62 -10.31 -4.16 1.48
N THR A 63 -9.07 -3.85 1.35
CA THR A 63 -8.09 -4.86 1.18
C THR A 63 -6.78 -4.46 1.87
N CYS A 64 -6.00 -5.45 2.18
CA CYS A 64 -4.72 -5.28 2.80
C CYS A 64 -3.89 -6.49 2.45
N GLY A 65 -2.59 -6.35 2.42
CA GLY A 65 -1.76 -7.43 2.06
C GLY A 65 -0.37 -6.96 1.88
N GLU A 66 0.41 -7.73 1.18
CA GLU A 66 1.78 -7.41 0.96
C GLU A 66 2.12 -7.53 -0.52
N LEU A 67 2.97 -6.63 -0.99
CA LEU A 67 3.47 -6.65 -2.35
C LEU A 67 4.90 -7.08 -2.36
N GLU A 68 5.24 -7.88 -3.31
CA GLU A 68 6.56 -8.40 -3.40
C GLU A 68 7.36 -7.69 -4.47
N PHE A 69 8.40 -7.03 -4.05
CA PHE A 69 9.31 -6.38 -4.95
C PHE A 69 10.65 -7.03 -4.84
N GLN A 70 11.38 -7.05 -5.89
CA GLN A 70 12.66 -7.69 -5.89
C GLN A 70 13.56 -6.95 -6.83
N ASN A 71 14.73 -7.47 -7.01
CA ASN A 71 15.64 -6.98 -8.02
C ASN A 71 15.08 -7.34 -9.40
N ASP A 72 14.29 -8.42 -9.43
CA ASP A 72 13.63 -8.87 -10.64
C ASP A 72 12.21 -8.29 -10.78
N GLU A 73 11.39 -8.43 -9.73
CA GLU A 73 10.03 -7.87 -9.72
C GLU A 73 10.06 -6.40 -10.01
N ILE A 74 9.32 -5.99 -10.99
CA ILE A 74 9.27 -4.61 -11.37
C ILE A 74 8.17 -3.82 -10.65
N VAL A 75 6.95 -3.95 -11.08
CA VAL A 75 5.87 -3.21 -10.48
C VAL A 75 4.85 -4.18 -9.91
N LYS A 76 4.18 -3.77 -8.87
CA LYS A 76 3.09 -4.49 -8.31
C LYS A 76 1.87 -3.62 -8.30
N THR A 77 0.75 -4.22 -8.19
CA THR A 77 -0.52 -3.53 -8.19
C THR A 77 -1.39 -3.89 -7.00
N ILE A 78 -2.10 -2.92 -6.50
CA ILE A 78 -3.11 -3.15 -5.49
C ILE A 78 -4.42 -3.31 -6.21
N SER A 79 -5.06 -4.42 -6.02
CA SER A 79 -6.31 -4.71 -6.65
C SER A 79 -7.43 -4.48 -5.66
N VAL A 80 -8.31 -3.57 -5.99
CA VAL A 80 -9.45 -3.28 -5.14
C VAL A 80 -10.75 -3.44 -5.92
N LYS A 81 -11.67 -4.21 -5.36
CA LYS A 81 -12.97 -4.37 -5.94
C LYS A 81 -13.81 -3.15 -5.64
N VAL A 82 -14.13 -2.43 -6.65
CA VAL A 82 -14.95 -1.27 -6.51
C VAL A 82 -16.39 -1.75 -6.55
N ILE A 83 -17.10 -1.47 -5.50
CA ILE A 83 -18.45 -1.92 -5.37
C ILE A 83 -19.37 -0.94 -6.06
N ASP A 84 -20.45 -1.47 -6.55
CA ASP A 84 -21.45 -0.70 -7.24
C ASP A 84 -22.11 0.28 -6.28
N ASP A 85 -22.43 1.46 -6.82
CA ASP A 85 -22.94 2.61 -6.05
C ASP A 85 -24.14 2.27 -5.15
N GLU A 86 -24.21 2.94 -4.01
CA GLU A 86 -25.24 2.71 -3.02
C GLU A 86 -26.61 3.26 -3.38
N GLU A 87 -26.95 4.45 -2.93
CA GLU A 87 -28.28 4.96 -3.20
C GLU A 87 -28.32 6.29 -3.95
N TYR A 88 -27.65 7.30 -3.47
CA TYR A 88 -27.64 8.59 -4.16
C TYR A 88 -26.28 9.22 -4.06
N GLU A 89 -25.30 8.37 -3.96
CA GLU A 89 -23.95 8.80 -3.76
C GLU A 89 -23.39 9.47 -5.00
N LYS A 90 -22.66 10.52 -4.80
CA LYS A 90 -22.07 11.26 -5.87
C LYS A 90 -20.77 10.59 -6.30
N ASN A 91 -19.90 10.45 -5.36
CA ASN A 91 -18.62 9.82 -5.58
C ASN A 91 -18.05 9.50 -4.23
N LYS A 92 -17.06 8.69 -4.20
CA LYS A 92 -16.46 8.28 -2.94
C LYS A 92 -14.98 8.34 -3.07
N THR A 93 -14.30 8.41 -1.97
CA THR A 93 -12.89 8.36 -2.01
C THR A 93 -12.34 7.73 -0.75
N PHE A 94 -11.35 6.90 -0.94
CA PHE A 94 -10.67 6.23 0.13
C PHE A 94 -9.19 6.32 -0.13
N PHE A 95 -8.39 6.00 0.83
CA PHE A 95 -6.97 6.16 0.67
C PHE A 95 -6.30 4.82 0.69
N LEU A 96 -5.14 4.77 0.16
CA LEU A 96 -4.36 3.57 0.15
C LEU A 96 -3.03 3.92 0.78
N GLU A 97 -2.63 3.15 1.75
CA GLU A 97 -1.40 3.39 2.43
C GLU A 97 -0.51 2.18 2.32
N ILE A 98 0.67 2.37 1.80
CA ILE A 98 1.66 1.35 1.78
C ILE A 98 2.56 1.56 2.97
N GLY A 99 2.87 0.51 3.65
CA GLY A 99 3.67 0.58 4.83
C GLY A 99 5.13 0.58 4.49
N GLU A 100 5.95 0.59 5.51
CA GLU A 100 7.38 0.59 5.30
C GLU A 100 7.85 -0.73 4.72
N PRO A 101 8.69 -0.65 3.70
CA PRO A 101 9.22 -1.81 3.03
C PRO A 101 10.06 -2.68 3.98
N ARG A 102 9.76 -3.93 4.00
CA ARG A 102 10.42 -4.87 4.86
C ARG A 102 11.33 -5.77 4.04
N LEU A 103 12.61 -5.72 4.37
CA LEU A 103 13.63 -6.53 3.71
C LEU A 103 13.35 -7.99 4.03
N VAL A 104 13.38 -8.81 3.01
CA VAL A 104 13.05 -10.21 3.19
C VAL A 104 14.23 -11.01 3.69
N GLU A 105 14.07 -11.54 4.87
CA GLU A 105 15.01 -12.45 5.43
C GLU A 105 14.65 -13.79 4.85
N MET A 106 15.62 -14.49 4.36
CA MET A 106 15.38 -15.75 3.69
C MET A 106 15.41 -16.88 4.68
N SER A 107 15.87 -16.61 5.86
CA SER A 107 15.94 -17.62 6.86
C SER A 107 15.47 -17.12 8.21
N GLU A 108 14.22 -17.38 8.52
CA GLU A 108 13.73 -17.13 9.84
C GLU A 108 14.06 -18.37 10.65
N LYS A 109 14.08 -19.47 9.93
CA LYS A 109 14.45 -20.75 10.42
C LYS A 109 15.98 -20.86 10.35
N LYS A 110 16.63 -20.67 11.47
CA LYS A 110 18.07 -20.80 11.51
C LYS A 110 18.46 -22.14 12.09
N GLY A 111 17.51 -22.76 12.73
CA GLY A 111 17.72 -24.06 13.27
C GLY A 111 16.68 -24.37 14.31
N GLY A 112 17.06 -24.26 15.55
CA GLY A 112 16.16 -24.55 16.63
C GLY A 112 16.08 -26.02 16.94
N PHE A 113 17.08 -26.76 16.50
CA PHE A 113 17.14 -28.17 16.75
C PHE A 113 18.14 -28.46 17.82
N THR A 114 17.67 -28.51 19.00
CA THR A 114 18.47 -28.78 20.13
C THR A 114 17.79 -29.84 20.96
N ILE A 115 18.56 -30.74 21.50
CA ILE A 115 18.02 -31.82 22.27
C ILE A 115 17.36 -31.31 23.56
N THR A 116 16.09 -31.49 23.63
CA THR A 116 15.38 -31.18 24.81
C THR A 116 15.38 -32.46 25.62
N GLU A 117 16.14 -32.50 26.69
CA GLU A 117 16.26 -33.70 27.46
C GLU A 117 15.09 -33.77 28.44
N GLU A 118 13.98 -34.12 27.87
CA GLU A 118 12.72 -34.28 28.51
C GLU A 118 11.88 -35.00 27.49
N TYR A 119 11.16 -36.00 27.91
CA TYR A 119 10.40 -36.78 26.98
C TYR A 119 9.05 -36.16 26.74
N ASP A 120 8.97 -35.51 25.61
CA ASP A 120 7.83 -34.73 25.14
C ASP A 120 7.65 -33.45 25.88
N ASP A 121 8.30 -32.43 25.40
CA ASP A 121 8.14 -31.07 25.87
C ASP A 121 8.58 -30.17 24.75
N LYS A 122 7.95 -29.03 24.59
CA LYS A 122 8.25 -28.19 23.45
C LYS A 122 9.10 -26.98 23.80
N GLN A 123 9.53 -26.85 25.06
CA GLN A 123 10.34 -25.70 25.43
C GLN A 123 11.80 -26.08 25.69
N PRO A 124 12.68 -25.86 24.70
CA PRO A 124 14.11 -26.09 24.86
C PRO A 124 14.80 -24.85 25.44
N LEU A 125 14.04 -23.76 25.54
CA LEU A 125 14.49 -22.47 26.04
C LEU A 125 15.64 -21.91 25.22
N THR A 126 15.31 -21.29 24.12
CA THR A 126 16.29 -20.66 23.31
C THR A 126 16.37 -19.19 23.72
N SER A 127 17.34 -18.88 24.55
CA SER A 127 17.49 -17.55 25.05
C SER A 127 18.24 -16.70 24.04
N LYS A 128 17.51 -16.15 23.10
CA LYS A 128 18.10 -15.34 22.07
C LYS A 128 17.39 -14.01 21.98
N GLU A 129 18.12 -13.00 21.61
CA GLU A 129 17.62 -11.67 21.39
C GLU A 129 18.69 -10.87 20.69
N GLU A 130 18.66 -10.89 19.40
CA GLU A 130 19.58 -10.10 18.65
C GLU A 130 18.81 -9.08 17.87
N GLU A 131 19.27 -7.87 17.91
CA GLU A 131 18.64 -6.80 17.20
C GLU A 131 19.18 -6.78 15.76
N GLU A 132 19.09 -7.94 15.13
CA GLU A 132 19.62 -8.15 13.80
C GLU A 132 18.85 -7.33 12.78
N ARG A 133 17.60 -7.03 13.09
CA ARG A 133 16.81 -6.17 12.22
C ARG A 133 17.42 -4.79 12.11
N ARG A 134 17.99 -4.30 13.20
CA ARG A 134 18.66 -3.02 13.16
C ARG A 134 20.00 -3.17 12.43
N ILE A 135 20.63 -4.32 12.61
CA ILE A 135 21.87 -4.63 11.92
C ILE A 135 21.63 -4.66 10.41
N ALA A 136 20.49 -5.18 10.02
CA ALA A 136 20.11 -5.28 8.63
C ALA A 136 19.61 -3.93 8.10
N GLU A 137 19.18 -3.04 9.00
CA GLU A 137 18.60 -1.76 8.60
C GLU A 137 19.66 -0.82 8.04
N MET A 138 20.95 -1.17 8.22
CA MET A 138 22.06 -0.39 7.63
C MET A 138 21.90 -0.33 6.11
N GLY A 139 21.20 -1.30 5.58
CA GLY A 139 20.89 -1.35 4.20
C GLY A 139 19.41 -1.62 4.05
N ARG A 140 18.61 -0.80 4.71
CA ARG A 140 17.18 -1.01 4.68
C ARG A 140 16.55 -0.35 3.46
N PRO A 141 15.50 -0.95 2.95
CA PRO A 141 14.73 -0.32 1.93
C PRO A 141 13.82 0.72 2.57
N ILE A 142 13.69 1.86 1.94
CA ILE A 142 12.88 2.91 2.50
C ILE A 142 11.82 3.34 1.50
N LEU A 143 10.89 4.12 1.94
CA LEU A 143 9.83 4.56 1.08
C LEU A 143 9.97 6.02 0.71
N GLY A 144 9.08 6.48 -0.14
CA GLY A 144 9.13 7.83 -0.62
C GLY A 144 8.73 8.89 0.38
N GLU A 145 8.74 10.12 -0.10
CA GLU A 145 8.47 11.31 0.68
C GLU A 145 7.09 11.22 1.31
N HIS A 146 6.12 10.86 0.52
CA HIS A 146 4.77 10.70 0.98
C HIS A 146 4.17 9.49 0.31
N THR A 147 3.73 8.55 1.09
CA THR A 147 3.19 7.36 0.57
C THR A 147 1.71 7.26 0.91
N LYS A 148 0.88 7.66 -0.04
CA LYS A 148 -0.55 7.71 0.16
C LYS A 148 -1.22 8.00 -1.15
N LEU A 149 -2.23 7.25 -1.42
CA LEU A 149 -2.98 7.37 -2.62
C LEU A 149 -4.40 7.75 -2.27
N GLU A 150 -4.93 8.73 -2.94
CA GLU A 150 -6.32 9.09 -2.77
C GLU A 150 -7.08 8.45 -3.92
N VAL A 151 -7.91 7.50 -3.62
CA VAL A 151 -8.65 6.78 -4.64
C VAL A 151 -10.05 7.31 -4.68
N ILE A 152 -10.37 7.98 -5.74
CA ILE A 152 -11.68 8.54 -5.91
C ILE A 152 -12.50 7.63 -6.81
N ILE A 153 -13.56 7.12 -6.28
CA ILE A 153 -14.47 6.30 -7.01
C ILE A 153 -15.46 7.23 -7.67
N GLU A 154 -15.34 7.36 -8.95
CA GLU A 154 -16.19 8.22 -9.71
C GLU A 154 -17.10 7.43 -10.62
N GLU A 155 -18.28 7.92 -10.84
CA GLU A 155 -19.24 7.21 -11.62
C GLU A 155 -19.01 7.38 -13.10
N SER A 156 -18.77 6.29 -13.72
CA SER A 156 -18.61 6.21 -15.12
C SER A 156 -19.34 4.98 -15.58
N TYR A 157 -20.55 5.18 -16.08
CA TYR A 157 -21.37 4.11 -16.61
C TYR A 157 -21.13 4.02 -18.10
N GLU A 158 -20.33 4.95 -18.58
CA GLU A 158 -20.00 5.01 -19.98
C GLU A 158 -19.21 3.77 -20.34
N PHE A 159 -18.25 3.48 -19.50
CA PHE A 159 -17.50 2.26 -19.56
C PHE A 159 -18.07 1.40 -18.48
N LYS A 160 -18.74 0.37 -18.86
CA LYS A 160 -19.39 -0.46 -17.91
C LYS A 160 -18.71 -1.81 -17.90
N SER A 161 -18.44 -2.30 -16.71
CA SER A 161 -17.80 -3.58 -16.53
C SER A 161 -18.68 -4.71 -17.06
N THR A 162 -19.99 -4.53 -16.97
CA THR A 162 -20.91 -5.43 -17.59
C THR A 162 -20.89 -5.16 -19.10
N VAL A 163 -20.24 -6.04 -19.84
CA VAL A 163 -20.02 -5.88 -21.26
C VAL A 163 -21.30 -6.14 -22.04
N ASP A 164 -21.60 -5.24 -22.93
CA ASP A 164 -22.72 -5.35 -23.85
C ASP A 164 -22.34 -4.71 -25.16
N HIS A 8 19.11 2.78 2.93
CA HIS A 8 18.40 3.37 1.81
C HIS A 8 18.71 2.59 0.53
N ALA A 9 17.81 1.72 0.17
CA ALA A 9 17.89 1.01 -1.08
C ALA A 9 17.37 1.90 -2.20
N GLY A 10 16.24 2.53 -1.93
CA GLY A 10 15.60 3.38 -2.89
C GLY A 10 14.29 3.82 -2.33
N ILE A 11 13.41 4.31 -3.17
CA ILE A 11 12.14 4.89 -2.74
C ILE A 11 10.95 4.07 -3.26
N PHE A 12 10.12 3.57 -2.35
CA PHE A 12 8.83 3.00 -2.75
C PHE A 12 7.75 4.05 -2.60
N THR A 13 6.88 4.15 -3.57
CA THR A 13 5.79 5.09 -3.53
C THR A 13 4.78 4.75 -4.64
N PHE A 14 3.72 5.50 -4.74
CA PHE A 14 2.72 5.27 -5.76
C PHE A 14 3.10 6.01 -7.02
N GLU A 15 2.66 5.51 -8.17
CA GLU A 15 2.98 6.15 -9.42
C GLU A 15 2.28 7.51 -9.50
N GLU A 16 1.08 7.58 -8.99
CA GLU A 16 0.35 8.81 -8.90
C GLU A 16 -0.09 9.05 -7.48
N PRO A 17 -0.22 10.31 -7.06
CA PRO A 17 -0.71 10.63 -5.73
C PRO A 17 -2.23 10.48 -5.63
N VAL A 18 -2.91 10.65 -6.76
CA VAL A 18 -4.36 10.57 -6.83
C VAL A 18 -4.74 9.75 -8.07
N THR A 19 -5.67 8.84 -7.90
CA THR A 19 -6.16 8.05 -9.00
C THR A 19 -7.70 8.06 -8.95
N HIS A 20 -8.33 8.15 -10.09
CA HIS A 20 -9.76 8.10 -10.14
C HIS A 20 -10.21 6.82 -10.83
N VAL A 21 -11.05 6.10 -10.18
CA VAL A 21 -11.53 4.85 -10.67
C VAL A 21 -13.01 4.98 -11.01
N SER A 22 -13.51 4.04 -11.73
CA SER A 22 -14.84 4.13 -12.23
C SER A 22 -15.81 3.29 -11.41
N GLU A 23 -17.08 3.57 -11.66
CA GLU A 23 -18.20 2.81 -11.11
C GLU A 23 -18.37 1.53 -11.96
N SER A 24 -17.83 1.55 -13.15
CA SER A 24 -17.97 0.45 -14.08
C SER A 24 -16.62 -0.26 -14.35
N ILE A 25 -15.71 -0.24 -13.38
CA ILE A 25 -14.41 -0.86 -13.61
C ILE A 25 -14.31 -2.30 -13.03
N GLY A 26 -14.89 -2.53 -11.87
CA GLY A 26 -14.78 -3.83 -11.25
C GLY A 26 -13.58 -3.92 -10.33
N ILE A 27 -12.42 -3.98 -10.93
CA ILE A 27 -11.19 -4.10 -10.20
C ILE A 27 -10.27 -3.02 -10.71
N MET A 28 -9.75 -2.25 -9.82
CA MET A 28 -8.82 -1.23 -10.19
C MET A 28 -7.45 -1.66 -9.74
N GLU A 29 -6.44 -1.26 -10.48
CA GLU A 29 -5.09 -1.62 -10.17
C GLU A 29 -4.25 -0.39 -10.01
N VAL A 30 -3.50 -0.36 -8.96
CA VAL A 30 -2.60 0.74 -8.71
C VAL A 30 -1.16 0.26 -8.85
N LYS A 31 -0.40 0.98 -9.63
CA LYS A 31 0.99 0.68 -9.88
C LYS A 31 1.84 1.32 -8.79
N VAL A 32 2.55 0.51 -8.09
CA VAL A 32 3.43 0.99 -7.04
C VAL A 32 4.85 1.03 -7.55
N LEU A 33 5.46 2.19 -7.49
CA LEU A 33 6.80 2.40 -7.96
C LEU A 33 7.78 1.70 -7.05
N ARG A 34 8.62 0.90 -7.66
CA ARG A 34 9.65 0.14 -7.01
C ARG A 34 10.79 1.09 -6.61
N THR A 35 11.62 0.67 -5.67
CA THR A 35 12.74 1.43 -5.24
C THR A 35 13.67 1.76 -6.38
N SER A 36 14.17 2.98 -6.36
CA SER A 36 15.16 3.48 -7.28
C SER A 36 16.37 2.52 -7.35
N GLY A 37 16.66 1.90 -6.23
CA GLY A 37 17.62 0.86 -6.18
C GLY A 37 16.93 -0.39 -5.68
N ALA A 38 16.71 -1.33 -6.56
CA ALA A 38 16.06 -2.55 -6.19
C ALA A 38 17.11 -3.54 -5.72
N ARG A 39 17.22 -3.67 -4.41
CA ARG A 39 18.21 -4.52 -3.83
C ARG A 39 17.56 -5.65 -3.05
N GLY A 40 17.54 -6.82 -3.65
CA GLY A 40 17.07 -8.00 -2.97
C GLY A 40 15.57 -8.16 -3.08
N ASN A 41 15.01 -8.89 -2.14
CA ASN A 41 13.59 -9.18 -2.10
C ASN A 41 12.97 -8.38 -0.98
N VAL A 42 11.94 -7.65 -1.30
CA VAL A 42 11.30 -6.76 -0.36
C VAL A 42 9.79 -6.98 -0.38
N ILE A 43 9.18 -6.92 0.76
CA ILE A 43 7.76 -6.98 0.85
C ILE A 43 7.23 -5.60 1.23
N VAL A 44 6.22 -5.17 0.55
CA VAL A 44 5.63 -3.90 0.86
C VAL A 44 4.17 -4.12 1.26
N PRO A 45 3.86 -3.98 2.55
CA PRO A 45 2.49 -4.11 3.03
C PRO A 45 1.64 -2.93 2.56
N TYR A 46 0.37 -3.15 2.41
CA TYR A 46 -0.53 -2.11 2.00
C TYR A 46 -1.87 -2.33 2.59
N LYS A 47 -2.65 -1.27 2.69
CA LYS A 47 -3.98 -1.33 3.21
C LYS A 47 -4.80 -0.14 2.71
N THR A 48 -6.09 -0.33 2.63
CA THR A 48 -6.98 0.72 2.24
C THR A 48 -7.36 1.55 3.45
N ILE A 49 -7.50 2.82 3.25
CA ILE A 49 -7.89 3.72 4.30
C ILE A 49 -9.32 4.11 4.08
N GLU A 50 -10.14 3.84 5.07
CA GLU A 50 -11.53 4.17 5.00
C GLU A 50 -11.74 5.63 5.36
N GLY A 51 -12.71 6.24 4.73
CA GLY A 51 -12.99 7.62 4.98
C GLY A 51 -14.20 8.06 4.24
N THR A 52 -13.96 8.71 3.14
CA THR A 52 -14.98 9.31 2.32
C THR A 52 -15.61 8.24 1.35
N ALA A 53 -15.58 7.02 1.80
CA ALA A 53 -16.11 5.86 1.12
C ALA A 53 -16.20 4.76 2.14
N ARG A 54 -17.19 3.93 2.02
CA ARG A 54 -17.44 2.87 2.97
C ARG A 54 -16.67 1.63 2.67
N GLY A 55 -15.97 1.17 3.68
CA GLY A 55 -15.19 -0.05 3.58
C GLY A 55 -16.05 -1.26 3.88
N GLY A 56 -15.42 -2.39 4.15
CA GLY A 56 -16.16 -3.59 4.49
C GLY A 56 -16.91 -4.17 3.31
N GLY A 57 -16.52 -3.78 2.11
CA GLY A 57 -17.17 -4.27 0.93
C GLY A 57 -18.50 -3.59 0.73
N GLU A 58 -18.52 -2.28 0.91
CA GLU A 58 -19.76 -1.54 0.76
C GLU A 58 -19.66 -0.59 -0.43
N ASP A 59 -18.69 0.32 -0.41
CA ASP A 59 -18.42 1.14 -1.59
C ASP A 59 -17.23 0.55 -2.27
N PHE A 60 -16.32 0.10 -1.47
CA PHE A 60 -15.14 -0.54 -1.95
C PHE A 60 -14.85 -1.68 -1.04
N GLU A 61 -14.24 -2.66 -1.56
CA GLU A 61 -13.78 -3.77 -0.81
C GLU A 61 -12.45 -3.35 -0.22
N ASP A 62 -12.40 -3.23 1.08
CA ASP A 62 -11.19 -2.79 1.74
C ASP A 62 -10.21 -3.92 1.77
N THR A 63 -9.02 -3.63 1.39
CA THR A 63 -8.05 -4.65 1.23
C THR A 63 -6.78 -4.31 1.97
N CYS A 64 -6.13 -5.33 2.43
CA CYS A 64 -4.88 -5.24 3.08
C CYS A 64 -4.08 -6.42 2.62
N GLY A 65 -2.78 -6.29 2.58
CA GLY A 65 -1.97 -7.36 2.14
C GLY A 65 -0.56 -6.95 2.00
N GLU A 66 0.19 -7.71 1.26
CA GLU A 66 1.60 -7.46 1.08
C GLU A 66 2.00 -7.70 -0.37
N LEU A 67 2.73 -6.75 -0.94
CA LEU A 67 3.24 -6.84 -2.29
C LEU A 67 4.66 -7.35 -2.24
N GLU A 68 5.03 -8.16 -3.18
CA GLU A 68 6.37 -8.70 -3.20
C GLU A 68 7.18 -8.09 -4.34
N PHE A 69 8.24 -7.43 -3.99
CA PHE A 69 9.15 -6.82 -4.93
C PHE A 69 10.50 -7.45 -4.79
N GLN A 70 11.27 -7.38 -5.84
CA GLN A 70 12.60 -7.89 -5.85
C GLN A 70 13.42 -7.05 -6.77
N ASN A 71 14.68 -7.37 -6.88
CA ASN A 71 15.55 -6.74 -7.84
C ASN A 71 15.11 -7.15 -9.24
N ASP A 72 14.57 -8.35 -9.33
CA ASP A 72 14.10 -8.92 -10.59
C ASP A 72 12.68 -8.45 -10.90
N GLU A 73 11.82 -8.48 -9.88
CA GLU A 73 10.43 -8.05 -9.99
C GLU A 73 10.32 -6.58 -10.26
N ILE A 74 9.45 -6.21 -11.16
CA ILE A 74 9.30 -4.82 -11.55
C ILE A 74 8.27 -4.04 -10.69
N VAL A 75 7.03 -4.00 -11.14
CA VAL A 75 6.00 -3.24 -10.47
C VAL A 75 4.88 -4.19 -10.05
N LYS A 76 4.22 -3.86 -8.97
CA LYS A 76 3.08 -4.60 -8.52
C LYS A 76 1.86 -3.74 -8.61
N THR A 77 0.74 -4.37 -8.69
CA THR A 77 -0.51 -3.70 -8.72
C THR A 77 -1.40 -4.15 -7.59
N ILE A 78 -2.05 -3.21 -7.01
CA ILE A 78 -3.00 -3.46 -5.96
C ILE A 78 -4.37 -3.52 -6.59
N SER A 79 -5.00 -4.65 -6.45
CA SER A 79 -6.30 -4.88 -7.00
C SER A 79 -7.39 -4.59 -5.97
N VAL A 80 -8.21 -3.59 -6.23
CA VAL A 80 -9.30 -3.25 -5.33
C VAL A 80 -10.64 -3.38 -6.05
N LYS A 81 -11.55 -4.09 -5.42
CA LYS A 81 -12.88 -4.28 -5.91
C LYS A 81 -13.76 -3.12 -5.51
N VAL A 82 -14.28 -2.45 -6.49
CA VAL A 82 -15.21 -1.39 -6.25
C VAL A 82 -16.58 -2.03 -6.20
N ILE A 83 -17.27 -1.85 -5.10
CA ILE A 83 -18.53 -2.51 -4.85
C ILE A 83 -19.68 -1.82 -5.58
N ASP A 84 -20.57 -2.61 -6.08
CA ASP A 84 -21.76 -2.13 -6.77
C ASP A 84 -22.87 -2.05 -5.76
N ASP A 85 -23.26 -0.87 -5.44
CA ASP A 85 -24.24 -0.65 -4.39
C ASP A 85 -25.34 0.26 -4.89
N GLU A 86 -26.56 -0.14 -4.69
CA GLU A 86 -27.67 0.63 -5.14
C GLU A 86 -28.15 1.53 -4.01
N GLU A 87 -27.66 2.73 -4.02
CA GLU A 87 -27.97 3.77 -3.06
C GLU A 87 -28.06 5.07 -3.82
N TYR A 88 -28.07 6.15 -3.11
CA TYR A 88 -28.05 7.46 -3.73
C TYR A 88 -26.79 8.17 -3.28
N GLU A 89 -25.67 7.66 -3.72
CA GLU A 89 -24.41 8.12 -3.25
C GLU A 89 -23.76 9.17 -4.09
N LYS A 90 -23.08 10.04 -3.40
CA LYS A 90 -22.27 11.09 -3.94
C LYS A 90 -20.84 10.54 -4.14
N ASN A 91 -19.99 11.32 -4.82
CA ASN A 91 -18.57 10.97 -5.13
C ASN A 91 -17.83 10.37 -3.93
N LYS A 92 -17.45 9.13 -4.07
CA LYS A 92 -16.77 8.37 -3.03
C LYS A 92 -15.29 8.40 -3.25
N THR A 93 -14.52 8.42 -2.19
CA THR A 93 -13.09 8.43 -2.31
C THR A 93 -12.43 7.88 -1.04
N PHE A 94 -11.43 7.06 -1.22
CA PHE A 94 -10.71 6.47 -0.13
C PHE A 94 -9.24 6.63 -0.38
N PHE A 95 -8.41 6.19 0.51
CA PHE A 95 -7.01 6.39 0.36
C PHE A 95 -6.30 5.05 0.43
N LEU A 96 -5.16 4.96 -0.15
CA LEU A 96 -4.38 3.75 -0.12
C LEU A 96 -3.06 4.12 0.51
N GLU A 97 -2.64 3.35 1.47
CA GLU A 97 -1.38 3.56 2.09
C GLU A 97 -0.57 2.28 2.03
N ILE A 98 0.67 2.44 1.72
CA ILE A 98 1.59 1.36 1.76
C ILE A 98 2.44 1.52 2.99
N GLY A 99 2.75 0.43 3.60
CA GLY A 99 3.53 0.47 4.77
C GLY A 99 4.98 0.48 4.44
N GLU A 100 5.80 0.58 5.44
CA GLU A 100 7.21 0.64 5.22
C GLU A 100 7.74 -0.69 4.71
N PRO A 101 8.48 -0.64 3.61
CA PRO A 101 9.01 -1.81 2.92
C PRO A 101 9.93 -2.63 3.80
N ARG A 102 9.65 -3.88 3.88
CA ARG A 102 10.39 -4.77 4.71
C ARG A 102 11.21 -5.72 3.85
N LEU A 103 12.51 -5.66 4.01
CA LEU A 103 13.44 -6.51 3.31
C LEU A 103 13.20 -7.95 3.75
N VAL A 104 13.15 -8.83 2.80
CA VAL A 104 12.92 -10.22 3.08
C VAL A 104 14.23 -10.92 3.26
N GLU A 105 14.55 -11.13 4.48
CA GLU A 105 15.68 -11.91 4.82
C GLU A 105 15.16 -13.32 4.93
N MET A 106 15.67 -14.21 4.09
CA MET A 106 15.15 -15.58 4.03
C MET A 106 15.42 -16.34 5.33
N SER A 107 16.38 -15.85 6.10
CA SER A 107 16.60 -16.34 7.43
C SER A 107 15.46 -15.78 8.26
N GLU A 108 14.57 -16.64 8.67
CA GLU A 108 13.38 -16.23 9.34
C GLU A 108 13.70 -15.84 10.77
N LYS A 109 13.66 -14.57 11.00
CA LYS A 109 14.04 -13.98 12.24
C LYS A 109 12.82 -13.60 13.05
N LYS A 110 12.69 -14.18 14.20
CA LYS A 110 11.64 -13.81 15.12
C LYS A 110 12.15 -12.68 15.99
N GLY A 111 13.42 -12.79 16.36
CA GLY A 111 14.07 -11.79 17.16
C GLY A 111 13.52 -11.78 18.55
N GLY A 112 13.59 -10.63 19.18
CA GLY A 112 13.05 -10.50 20.48
C GLY A 112 11.60 -10.18 20.40
N PHE A 113 10.78 -11.22 20.39
CA PHE A 113 9.32 -11.11 20.32
C PHE A 113 8.74 -10.69 21.70
N THR A 114 9.41 -9.75 22.28
CA THR A 114 9.09 -9.20 23.54
C THR A 114 7.93 -8.23 23.37
N ILE A 115 7.05 -8.24 24.33
CA ILE A 115 5.94 -7.34 24.33
C ILE A 115 6.28 -6.14 25.19
N THR A 116 5.70 -5.02 24.87
CA THR A 116 5.92 -3.83 25.65
C THR A 116 5.28 -4.01 27.04
N GLU A 117 4.06 -4.57 27.06
CA GLU A 117 3.31 -4.94 28.30
C GLU A 117 3.00 -3.70 29.19
N GLU A 118 3.13 -2.53 28.61
CA GLU A 118 2.78 -1.32 29.29
C GLU A 118 1.31 -1.09 29.06
N TYR A 119 0.53 -1.19 30.11
CA TYR A 119 -0.88 -1.00 30.00
C TYR A 119 -1.14 0.49 29.90
N ASP A 120 -1.14 0.94 28.69
CA ASP A 120 -1.32 2.32 28.35
C ASP A 120 -2.08 2.36 27.06
N ASP A 121 -1.38 1.92 25.99
CA ASP A 121 -1.93 1.75 24.62
C ASP A 121 -2.80 2.93 24.14
N LYS A 122 -2.44 4.14 24.55
CA LYS A 122 -3.20 5.34 24.13
C LYS A 122 -2.79 5.74 22.70
N GLN A 123 -1.94 4.92 22.15
CA GLN A 123 -1.47 4.97 20.81
C GLN A 123 -0.93 3.58 20.51
N PRO A 124 -1.01 3.08 19.28
CA PRO A 124 -0.44 1.79 18.93
C PRO A 124 1.10 1.86 18.96
N LEU A 125 1.66 1.53 20.11
CA LEU A 125 3.09 1.63 20.31
C LEU A 125 3.73 0.27 20.39
N THR A 126 4.41 -0.10 19.36
CA THR A 126 5.07 -1.35 19.30
C THR A 126 6.55 -1.18 19.69
N SER A 127 6.85 -1.41 20.95
CA SER A 127 8.22 -1.34 21.41
C SER A 127 8.73 -2.74 21.66
N LYS A 128 9.67 -3.16 20.85
CA LYS A 128 10.25 -4.47 20.93
C LYS A 128 11.75 -4.35 20.88
N GLU A 129 12.42 -5.47 20.87
CA GLU A 129 13.86 -5.52 20.84
C GLU A 129 14.36 -5.19 19.46
N GLU A 130 15.29 -4.29 19.40
CA GLU A 130 15.90 -3.91 18.17
C GLU A 130 17.02 -4.88 17.84
N GLU A 131 16.86 -5.56 16.76
CA GLU A 131 17.76 -6.58 16.30
C GLU A 131 18.74 -6.03 15.27
N GLU A 132 19.71 -5.21 15.73
CA GLU A 132 20.72 -4.57 14.86
C GLU A 132 20.01 -3.67 13.82
N ARG A 133 18.83 -3.23 14.22
CA ARG A 133 17.86 -2.54 13.39
C ARG A 133 18.44 -1.29 12.74
N ARG A 134 18.92 -0.37 13.57
CA ARG A 134 19.42 0.93 13.11
C ARG A 134 20.62 0.74 12.18
N ILE A 135 21.43 -0.28 12.45
CA ILE A 135 22.60 -0.58 11.63
C ILE A 135 22.14 -1.12 10.28
N ALA A 136 21.15 -1.99 10.32
CA ALA A 136 20.59 -2.59 9.14
C ALA A 136 19.93 -1.55 8.24
N GLU A 137 19.16 -0.67 8.85
CA GLU A 137 18.32 0.32 8.16
C GLU A 137 19.06 1.30 7.26
N MET A 138 20.37 1.35 7.33
CA MET A 138 21.12 2.23 6.44
C MET A 138 21.26 1.57 5.06
N GLY A 139 20.89 0.30 4.98
CA GLY A 139 20.95 -0.43 3.74
C GLY A 139 19.67 -1.22 3.55
N ARG A 140 18.55 -0.56 3.75
CA ARG A 140 17.24 -1.20 3.68
C ARG A 140 16.34 -0.42 2.74
N PRO A 141 15.33 -1.07 2.16
CA PRO A 141 14.34 -0.39 1.34
C PRO A 141 13.49 0.53 2.19
N ILE A 142 13.30 1.75 1.71
CA ILE A 142 12.56 2.72 2.46
C ILE A 142 11.48 3.31 1.57
N LEU A 143 10.51 3.95 2.15
CA LEU A 143 9.49 4.54 1.34
C LEU A 143 9.75 6.00 1.09
N GLY A 144 9.02 6.54 0.15
CA GLY A 144 9.21 7.90 -0.27
C GLY A 144 8.83 8.97 0.72
N GLU A 145 8.79 10.17 0.21
CA GLU A 145 8.47 11.33 1.00
C GLU A 145 6.99 11.28 1.36
N HIS A 146 6.20 10.85 0.40
CA HIS A 146 4.79 10.72 0.60
C HIS A 146 4.30 9.44 -0.05
N THR A 147 3.71 8.60 0.74
CA THR A 147 3.17 7.38 0.27
C THR A 147 1.70 7.32 0.58
N LYS A 148 0.93 7.75 -0.36
CA LYS A 148 -0.49 7.84 -0.20
C LYS A 148 -1.10 7.93 -1.56
N LEU A 149 -2.20 7.33 -1.72
CA LEU A 149 -2.91 7.36 -2.95
C LEU A 149 -4.32 7.77 -2.65
N GLU A 150 -4.79 8.77 -3.29
CA GLU A 150 -6.14 9.19 -3.14
C GLU A 150 -6.94 8.52 -4.25
N VAL A 151 -7.78 7.60 -3.90
CA VAL A 151 -8.56 6.89 -4.87
C VAL A 151 -9.96 7.43 -4.88
N ILE A 152 -10.32 8.04 -5.95
CA ILE A 152 -11.63 8.59 -6.09
C ILE A 152 -12.47 7.64 -6.92
N ILE A 153 -13.62 7.30 -6.42
CA ILE A 153 -14.52 6.42 -7.12
C ILE A 153 -15.61 7.29 -7.67
N GLU A 154 -15.63 7.49 -8.95
CA GLU A 154 -16.65 8.29 -9.54
C GLU A 154 -17.31 7.58 -10.70
N GLU A 155 -18.61 7.82 -10.85
CA GLU A 155 -19.38 7.12 -11.85
C GLU A 155 -19.04 7.56 -13.24
N SER A 156 -18.56 6.64 -14.01
CA SER A 156 -18.27 6.84 -15.38
C SER A 156 -18.59 5.57 -16.15
N TYR A 157 -19.87 5.38 -16.38
CA TYR A 157 -20.40 4.18 -17.01
C TYR A 157 -19.89 3.99 -18.41
N GLU A 158 -20.09 4.97 -19.23
CA GLU A 158 -19.63 4.90 -20.60
C GLU A 158 -18.12 5.21 -20.63
N PHE A 159 -17.69 6.00 -19.63
CA PHE A 159 -16.31 6.50 -19.46
C PHE A 159 -16.05 7.56 -20.54
N LYS A 160 -17.12 8.07 -21.06
CA LYS A 160 -17.11 9.08 -22.07
C LYS A 160 -17.66 10.33 -21.45
N SER A 161 -16.95 11.41 -21.60
CA SER A 161 -17.43 12.67 -21.10
C SER A 161 -18.47 13.23 -22.06
N THR A 162 -19.68 12.78 -21.88
CA THR A 162 -20.78 13.19 -22.71
C THR A 162 -21.15 14.62 -22.35
N VAL A 163 -21.14 14.90 -21.08
CA VAL A 163 -21.42 16.21 -20.57
C VAL A 163 -20.21 16.65 -19.78
N ASP A 164 -19.54 17.68 -20.22
CA ASP A 164 -18.36 18.19 -19.51
C ASP A 164 -18.79 18.95 -18.26
N HIS A 8 20.47 2.72 0.81
CA HIS A 8 20.96 2.05 -0.40
C HIS A 8 19.80 1.79 -1.36
N ALA A 9 18.62 1.68 -0.82
CA ALA A 9 17.47 1.33 -1.60
C ALA A 9 16.99 2.45 -2.54
N GLY A 10 16.08 3.29 -2.10
CA GLY A 10 15.53 4.25 -3.02
C GLY A 10 14.21 4.79 -2.57
N ILE A 11 13.27 4.86 -3.49
CA ILE A 11 12.00 5.50 -3.25
C ILE A 11 10.84 4.56 -3.58
N PHE A 12 10.03 4.27 -2.59
CA PHE A 12 8.77 3.58 -2.81
C PHE A 12 7.65 4.56 -2.59
N THR A 13 6.76 4.68 -3.56
CA THR A 13 5.63 5.55 -3.45
C THR A 13 4.69 5.28 -4.63
N PHE A 14 3.62 6.01 -4.72
CA PHE A 14 2.67 5.84 -5.80
C PHE A 14 3.06 6.71 -6.97
N GLU A 15 2.69 6.28 -8.18
CA GLU A 15 3.00 7.02 -9.41
C GLU A 15 2.38 8.41 -9.35
N GLU A 16 1.19 8.46 -8.85
CA GLU A 16 0.42 9.65 -8.77
C GLU A 16 -0.20 9.72 -7.41
N PRO A 17 -0.38 10.93 -6.87
CA PRO A 17 -0.99 11.10 -5.56
C PRO A 17 -2.48 10.81 -5.55
N VAL A 18 -3.13 11.04 -6.68
CA VAL A 18 -4.57 10.86 -6.80
C VAL A 18 -4.85 10.06 -8.05
N THR A 19 -5.74 9.12 -7.97
CA THR A 19 -6.10 8.35 -9.11
C THR A 19 -7.62 8.26 -9.16
N HIS A 20 -8.18 8.33 -10.33
CA HIS A 20 -9.61 8.19 -10.43
C HIS A 20 -9.94 6.86 -11.09
N VAL A 21 -10.85 6.15 -10.52
CA VAL A 21 -11.25 4.87 -11.02
C VAL A 21 -12.74 4.87 -11.25
N SER A 22 -13.19 3.91 -11.96
CA SER A 22 -14.54 3.78 -12.29
C SER A 22 -15.27 2.90 -11.28
N GLU A 23 -16.54 3.12 -11.13
CA GLU A 23 -17.39 2.28 -10.31
C GLU A 23 -17.53 0.92 -10.98
N SER A 24 -17.99 0.95 -12.20
CA SER A 24 -18.35 -0.21 -12.98
C SER A 24 -17.10 -0.87 -13.64
N ILE A 25 -16.01 -0.95 -12.90
CA ILE A 25 -14.76 -1.45 -13.44
C ILE A 25 -14.47 -2.87 -12.93
N GLY A 26 -14.98 -3.20 -11.78
CA GLY A 26 -14.66 -4.47 -11.18
C GLY A 26 -13.48 -4.35 -10.27
N ILE A 27 -12.31 -4.34 -10.86
CA ILE A 27 -11.07 -4.33 -10.12
C ILE A 27 -10.22 -3.22 -10.68
N MET A 28 -9.65 -2.42 -9.83
CA MET A 28 -8.74 -1.41 -10.28
C MET A 28 -7.35 -1.78 -9.85
N GLU A 29 -6.37 -1.44 -10.66
CA GLU A 29 -4.97 -1.71 -10.37
C GLU A 29 -4.14 -0.46 -10.42
N VAL A 30 -3.52 -0.13 -9.33
CA VAL A 30 -2.64 1.01 -9.26
C VAL A 30 -1.23 0.52 -9.07
N LYS A 31 -0.33 1.00 -9.90
CA LYS A 31 1.04 0.59 -9.86
C LYS A 31 1.83 1.44 -8.87
N VAL A 32 2.75 0.81 -8.20
CA VAL A 32 3.60 1.48 -7.22
C VAL A 32 4.99 1.67 -7.81
N LEU A 33 5.60 2.79 -7.52
CA LEU A 33 6.94 3.07 -7.98
C LEU A 33 7.90 2.26 -7.16
N ARG A 34 8.63 1.39 -7.82
CA ARG A 34 9.59 0.56 -7.15
C ARG A 34 10.80 1.40 -6.77
N THR A 35 11.48 0.98 -5.74
CA THR A 35 12.65 1.60 -5.27
C THR A 35 13.75 1.60 -6.36
N SER A 36 14.67 2.50 -6.23
CA SER A 36 15.76 2.64 -7.15
C SER A 36 16.75 1.48 -6.98
N GLY A 37 16.79 0.94 -5.79
CA GLY A 37 17.69 -0.13 -5.49
C GLY A 37 16.97 -1.28 -4.87
N ALA A 38 16.39 -2.12 -5.70
CA ALA A 38 15.74 -3.30 -5.20
C ALA A 38 16.76 -4.41 -5.21
N ARG A 39 17.30 -4.68 -4.07
CA ARG A 39 18.34 -5.65 -3.97
C ARG A 39 17.89 -6.88 -3.22
N GLY A 40 17.49 -7.86 -3.98
CA GLY A 40 17.02 -9.08 -3.41
C GLY A 40 15.53 -9.14 -3.45
N ASN A 41 14.92 -9.31 -2.31
CA ASN A 41 13.48 -9.38 -2.20
C ASN A 41 13.01 -8.48 -1.05
N VAL A 42 12.05 -7.63 -1.36
CA VAL A 42 11.49 -6.70 -0.43
C VAL A 42 9.96 -6.79 -0.50
N ILE A 43 9.33 -6.80 0.62
CA ILE A 43 7.91 -6.83 0.68
C ILE A 43 7.38 -5.46 1.09
N VAL A 44 6.33 -5.01 0.46
CA VAL A 44 5.73 -3.76 0.81
C VAL A 44 4.25 -3.97 1.17
N PRO A 45 3.89 -3.82 2.45
CA PRO A 45 2.50 -3.96 2.89
C PRO A 45 1.65 -2.76 2.46
N TYR A 46 0.36 -2.97 2.34
CA TYR A 46 -0.54 -1.90 1.99
C TYR A 46 -1.90 -2.15 2.58
N LYS A 47 -2.65 -1.09 2.75
CA LYS A 47 -4.00 -1.18 3.22
C LYS A 47 -4.85 -0.05 2.70
N THR A 48 -6.14 -0.27 2.65
CA THR A 48 -7.07 0.74 2.28
C THR A 48 -7.32 1.66 3.46
N ILE A 49 -7.69 2.86 3.19
CA ILE A 49 -8.03 3.80 4.20
C ILE A 49 -9.47 4.17 3.98
N GLU A 50 -10.27 3.80 4.92
CA GLU A 50 -11.67 4.06 4.87
C GLU A 50 -11.93 5.47 5.39
N GLY A 51 -12.93 6.13 4.84
CA GLY A 51 -13.27 7.46 5.30
C GLY A 51 -14.42 8.03 4.52
N THR A 52 -14.10 8.73 3.46
CA THR A 52 -15.10 9.33 2.57
C THR A 52 -15.76 8.28 1.65
N ALA A 53 -15.29 7.07 1.77
CA ALA A 53 -15.85 5.91 1.18
C ALA A 53 -15.65 4.82 2.19
N ARG A 54 -16.59 3.96 2.33
CA ARG A 54 -16.54 2.95 3.36
C ARG A 54 -16.18 1.60 2.83
N GLY A 55 -15.48 0.88 3.64
CA GLY A 55 -15.12 -0.47 3.34
C GLY A 55 -16.19 -1.40 3.84
N GLY A 56 -15.83 -2.60 4.14
CA GLY A 56 -16.79 -3.59 4.59
C GLY A 56 -17.59 -4.14 3.44
N GLY A 57 -17.18 -3.80 2.23
CA GLY A 57 -17.91 -4.18 1.07
C GLY A 57 -19.10 -3.29 0.87
N GLU A 58 -18.99 -2.04 1.31
CA GLU A 58 -20.07 -1.10 1.18
C GLU A 58 -19.85 -0.22 -0.06
N ASP A 59 -18.75 0.50 -0.09
CA ASP A 59 -18.39 1.30 -1.27
C ASP A 59 -17.31 0.58 -2.01
N PHE A 60 -16.35 0.10 -1.27
CA PHE A 60 -15.27 -0.63 -1.85
C PHE A 60 -15.01 -1.86 -1.02
N GLU A 61 -14.39 -2.82 -1.63
CA GLU A 61 -14.06 -4.04 -0.96
C GLU A 61 -12.75 -3.82 -0.21
N ASP A 62 -12.68 -4.32 1.00
CA ASP A 62 -11.50 -4.11 1.84
C ASP A 62 -10.36 -4.93 1.32
N THR A 63 -9.30 -4.28 0.99
CA THR A 63 -8.14 -4.97 0.55
C THR A 63 -6.94 -4.47 1.33
N CYS A 64 -6.06 -5.36 1.56
CA CYS A 64 -4.85 -5.13 2.26
C CYS A 64 -3.99 -6.33 2.05
N GLY A 65 -2.71 -6.16 2.16
CA GLY A 65 -1.84 -7.25 1.92
C GLY A 65 -0.47 -6.78 1.75
N GLU A 66 0.31 -7.53 1.03
CA GLU A 66 1.70 -7.24 0.87
C GLU A 66 2.12 -7.51 -0.58
N LEU A 67 2.84 -6.58 -1.15
CA LEU A 67 3.34 -6.67 -2.50
C LEU A 67 4.76 -7.15 -2.46
N GLU A 68 5.11 -8.04 -3.35
CA GLU A 68 6.43 -8.57 -3.40
C GLU A 68 7.25 -7.87 -4.48
N PHE A 69 8.26 -7.17 -4.06
CA PHE A 69 9.17 -6.52 -4.97
C PHE A 69 10.51 -7.21 -4.89
N GLN A 70 11.18 -7.30 -5.98
CA GLN A 70 12.46 -7.97 -6.03
C GLN A 70 13.31 -7.29 -7.04
N ASN A 71 14.47 -7.84 -7.25
CA ASN A 71 15.35 -7.40 -8.30
C ASN A 71 14.72 -7.77 -9.66
N ASP A 72 13.98 -8.87 -9.64
CA ASP A 72 13.28 -9.40 -10.80
C ASP A 72 11.92 -8.73 -10.99
N GLU A 73 11.23 -8.47 -9.91
CA GLU A 73 9.93 -7.84 -9.95
C GLU A 73 10.06 -6.37 -10.23
N ILE A 74 9.33 -5.91 -11.20
CA ILE A 74 9.35 -4.52 -11.57
C ILE A 74 8.32 -3.71 -10.80
N VAL A 75 7.07 -3.89 -11.12
CA VAL A 75 6.05 -3.12 -10.50
C VAL A 75 4.94 -4.03 -10.01
N LYS A 76 4.31 -3.63 -8.95
CA LYS A 76 3.18 -4.34 -8.44
C LYS A 76 1.99 -3.45 -8.43
N THR A 77 0.86 -4.03 -8.45
CA THR A 77 -0.39 -3.32 -8.46
C THR A 77 -1.25 -3.64 -7.26
N ILE A 78 -1.99 -2.64 -6.83
CA ILE A 78 -2.99 -2.82 -5.80
C ILE A 78 -4.28 -3.08 -6.51
N SER A 79 -4.90 -4.18 -6.21
CA SER A 79 -6.15 -4.54 -6.80
C SER A 79 -7.26 -4.30 -5.79
N VAL A 80 -8.14 -3.40 -6.12
CA VAL A 80 -9.28 -3.08 -5.26
C VAL A 80 -10.56 -3.37 -5.99
N LYS A 81 -11.43 -4.13 -5.36
CA LYS A 81 -12.72 -4.44 -5.88
C LYS A 81 -13.66 -3.31 -5.53
N VAL A 82 -14.28 -2.76 -6.52
CA VAL A 82 -15.21 -1.69 -6.30
C VAL A 82 -16.61 -2.29 -6.22
N ILE A 83 -17.31 -1.96 -5.16
CA ILE A 83 -18.64 -2.48 -4.92
C ILE A 83 -19.63 -1.64 -5.72
N ASP A 84 -20.73 -2.26 -6.15
CA ASP A 84 -21.77 -1.56 -6.90
C ASP A 84 -22.52 -0.66 -5.94
N ASP A 85 -22.06 0.55 -5.81
CA ASP A 85 -22.63 1.49 -4.86
C ASP A 85 -23.94 2.06 -5.33
N GLU A 86 -24.89 2.10 -4.43
CA GLU A 86 -26.20 2.63 -4.69
C GLU A 86 -26.35 3.99 -4.00
N GLU A 87 -25.51 4.21 -3.04
CA GLU A 87 -25.53 5.41 -2.24
C GLU A 87 -24.54 6.40 -2.80
N TYR A 88 -24.55 6.52 -4.10
CA TYR A 88 -23.65 7.41 -4.85
C TYR A 88 -24.06 8.89 -4.73
N GLU A 89 -24.57 9.23 -3.56
CA GLU A 89 -25.01 10.55 -3.18
C GLU A 89 -23.82 11.50 -3.23
N LYS A 90 -22.72 11.00 -2.74
CA LYS A 90 -21.49 11.72 -2.69
C LYS A 90 -20.50 10.93 -3.54
N ASN A 91 -19.67 11.63 -4.28
CA ASN A 91 -18.60 11.01 -5.06
C ASN A 91 -17.66 10.25 -4.09
N LYS A 92 -17.53 8.98 -4.27
CA LYS A 92 -16.83 8.16 -3.29
C LYS A 92 -15.36 8.16 -3.55
N THR A 93 -14.60 8.29 -2.51
CA THR A 93 -13.18 8.31 -2.62
C THR A 93 -12.56 7.81 -1.33
N PHE A 94 -11.57 6.98 -1.45
CA PHE A 94 -10.87 6.41 -0.32
C PHE A 94 -9.40 6.61 -0.55
N PHE A 95 -8.59 6.21 0.38
CA PHE A 95 -7.19 6.41 0.24
C PHE A 95 -6.50 5.09 0.34
N LEU A 96 -5.35 5.00 -0.24
CA LEU A 96 -4.58 3.79 -0.17
C LEU A 96 -3.24 4.19 0.40
N GLU A 97 -2.77 3.47 1.36
CA GLU A 97 -1.48 3.74 1.93
C GLU A 97 -0.66 2.48 1.92
N ILE A 98 0.59 2.64 1.58
CA ILE A 98 1.52 1.56 1.61
C ILE A 98 2.44 1.75 2.81
N GLY A 99 2.76 0.67 3.45
CA GLY A 99 3.57 0.71 4.63
C GLY A 99 5.02 0.71 4.29
N GLU A 100 5.87 0.77 5.29
CA GLU A 100 7.28 0.76 5.08
C GLU A 100 7.74 -0.60 4.60
N PRO A 101 8.59 -0.61 3.56
CA PRO A 101 9.09 -1.82 2.95
C PRO A 101 9.89 -2.67 3.94
N ARG A 102 9.81 -3.96 3.78
CA ARG A 102 10.49 -4.86 4.65
C ARG A 102 11.39 -5.78 3.84
N LEU A 103 12.65 -5.81 4.19
CA LEU A 103 13.60 -6.64 3.52
C LEU A 103 13.32 -8.07 3.92
N VAL A 104 13.22 -8.92 2.95
CA VAL A 104 12.95 -10.31 3.20
C VAL A 104 14.24 -11.00 3.55
N GLU A 105 14.37 -11.30 4.80
CA GLU A 105 15.56 -11.88 5.32
C GLU A 105 15.66 -13.35 5.08
N MET A 106 16.67 -13.71 4.34
CA MET A 106 17.00 -15.08 4.09
C MET A 106 18.09 -15.49 5.08
N SER A 107 18.49 -14.51 5.86
CA SER A 107 19.46 -14.65 6.90
C SER A 107 18.88 -13.99 8.14
N GLU A 108 18.96 -14.66 9.25
CA GLU A 108 18.40 -14.14 10.48
C GLU A 108 19.38 -13.20 11.15
N LYS A 109 18.88 -12.27 11.94
CA LYS A 109 19.74 -11.36 12.68
C LYS A 109 20.21 -12.06 13.93
N LYS A 110 21.42 -11.74 14.35
CA LYS A 110 21.95 -12.33 15.55
C LYS A 110 21.23 -11.73 16.74
N GLY A 111 20.40 -12.52 17.33
CA GLY A 111 19.60 -12.10 18.43
C GLY A 111 18.26 -12.77 18.32
N GLY A 112 17.84 -12.98 17.10
CA GLY A 112 16.59 -13.63 16.85
C GLY A 112 15.53 -12.65 16.47
N PHE A 113 14.27 -13.04 16.67
CA PHE A 113 13.08 -12.21 16.46
C PHE A 113 12.94 -11.72 15.00
N THR A 114 13.66 -12.34 14.06
CA THR A 114 13.70 -11.87 12.67
C THR A 114 12.35 -12.13 11.93
N ILE A 115 11.44 -12.86 12.56
CA ILE A 115 10.10 -13.07 11.99
C ILE A 115 9.25 -11.79 12.06
N THR A 116 9.77 -10.78 12.70
CA THR A 116 9.13 -9.51 12.84
C THR A 116 10.23 -8.45 12.81
N GLU A 117 9.91 -7.22 12.50
CA GLU A 117 10.92 -6.21 12.54
C GLU A 117 11.07 -5.73 14.00
N GLU A 118 10.03 -5.11 14.52
CA GLU A 118 10.02 -4.65 15.90
C GLU A 118 8.64 -4.84 16.49
N TYR A 119 8.56 -4.92 17.82
CA TYR A 119 7.32 -5.19 18.53
C TYR A 119 6.20 -4.17 18.22
N ASP A 120 6.39 -2.91 18.61
CA ASP A 120 5.41 -1.83 18.42
C ASP A 120 5.94 -0.59 19.07
N ASP A 121 6.16 0.43 18.29
CA ASP A 121 6.68 1.70 18.76
C ASP A 121 6.34 2.78 17.78
N LYS A 122 6.57 4.00 18.17
CA LYS A 122 6.36 5.14 17.32
C LYS A 122 7.49 6.12 17.57
N GLN A 123 7.65 7.09 16.64
CA GLN A 123 8.67 8.17 16.75
C GLN A 123 10.10 7.61 16.58
N PRO A 124 11.12 8.48 16.35
CA PRO A 124 12.52 8.06 16.34
C PRO A 124 12.88 7.31 17.63
N LEU A 125 13.72 6.33 17.51
CA LEU A 125 14.04 5.48 18.62
C LEU A 125 15.13 6.05 19.51
N THR A 126 15.44 5.29 20.54
CA THR A 126 16.45 5.62 21.48
C THR A 126 17.70 4.79 21.14
N SER A 127 18.87 5.30 21.49
CA SER A 127 20.12 4.67 21.18
C SER A 127 20.27 3.33 21.91
N LYS A 128 20.86 2.36 21.23
CA LYS A 128 21.12 1.04 21.76
C LYS A 128 22.45 0.57 21.19
N GLU A 129 23.11 -0.33 21.89
CA GLU A 129 24.33 -0.89 21.39
C GLU A 129 24.02 -2.09 20.52
N GLU A 130 23.52 -1.80 19.35
CA GLU A 130 23.07 -2.77 18.39
C GLU A 130 22.88 -2.01 17.10
N GLU A 131 22.33 -2.63 16.08
CA GLU A 131 21.99 -1.93 14.88
C GLU A 131 20.75 -1.07 15.14
N GLU A 132 21.01 0.18 15.51
CA GLU A 132 19.97 1.16 15.74
C GLU A 132 19.19 1.35 14.45
N ARG A 133 17.94 1.78 14.54
CA ARG A 133 17.14 1.93 13.36
C ARG A 133 17.73 2.98 12.42
N ARG A 134 18.30 4.03 12.97
CA ARG A 134 18.93 5.09 12.17
C ARG A 134 20.12 4.53 11.36
N ILE A 135 20.74 3.48 11.86
CA ILE A 135 21.83 2.81 11.16
C ILE A 135 21.22 1.90 10.09
N ALA A 136 20.19 1.19 10.49
CA ALA A 136 19.51 0.24 9.63
C ALA A 136 18.85 0.92 8.45
N GLU A 137 18.29 2.11 8.68
CA GLU A 137 17.57 2.89 7.67
C GLU A 137 18.42 3.23 6.43
N MET A 138 19.74 3.15 6.53
CA MET A 138 20.59 3.44 5.36
C MET A 138 20.87 2.14 4.59
N GLY A 139 20.54 1.02 5.18
CA GLY A 139 20.81 -0.25 4.55
C GLY A 139 19.55 -0.93 4.10
N ARG A 140 18.52 -0.82 4.90
CA ARG A 140 17.24 -1.46 4.60
C ARG A 140 16.48 -0.62 3.58
N PRO A 141 15.54 -1.23 2.86
CA PRO A 141 14.67 -0.51 1.95
C PRO A 141 13.73 0.41 2.70
N ILE A 142 13.64 1.63 2.24
CA ILE A 142 12.80 2.61 2.85
C ILE A 142 11.86 3.16 1.78
N LEU A 143 10.96 4.00 2.17
CA LEU A 143 10.04 4.56 1.23
C LEU A 143 10.34 6.01 0.92
N GLY A 144 9.50 6.63 0.12
CA GLY A 144 9.70 7.99 -0.29
C GLY A 144 9.25 9.00 0.75
N GLU A 145 8.90 10.15 0.28
CA GLU A 145 8.49 11.25 1.11
C GLU A 145 7.10 10.98 1.70
N HIS A 146 6.14 10.75 0.84
CA HIS A 146 4.79 10.47 1.29
C HIS A 146 4.25 9.32 0.51
N THR A 147 3.55 8.45 1.18
CA THR A 147 2.98 7.31 0.56
C THR A 147 1.48 7.24 0.78
N LYS A 148 0.73 7.68 -0.21
CA LYS A 148 -0.71 7.64 -0.13
C LYS A 148 -1.24 7.86 -1.52
N LEU A 149 -2.37 7.31 -1.77
CA LEU A 149 -3.06 7.45 -3.00
C LEU A 149 -4.48 7.85 -2.71
N GLU A 150 -4.96 8.85 -3.38
CA GLU A 150 -6.30 9.29 -3.24
C GLU A 150 -7.09 8.66 -4.39
N VAL A 151 -7.87 7.66 -4.09
CA VAL A 151 -8.61 6.94 -5.10
C VAL A 151 -10.03 7.42 -5.14
N ILE A 152 -10.39 8.04 -6.21
CA ILE A 152 -11.72 8.53 -6.41
C ILE A 152 -12.50 7.55 -7.27
N ILE A 153 -13.64 7.13 -6.79
CA ILE A 153 -14.48 6.18 -7.50
C ILE A 153 -15.64 6.96 -8.10
N GLU A 154 -15.65 7.06 -9.40
CA GLU A 154 -16.72 7.72 -10.07
C GLU A 154 -17.42 6.76 -11.03
N GLU A 155 -18.69 6.97 -11.27
CA GLU A 155 -19.45 6.08 -12.10
C GLU A 155 -19.22 6.43 -13.54
N SER A 156 -18.68 5.50 -14.23
CA SER A 156 -18.27 5.74 -15.56
C SER A 156 -18.96 4.79 -16.52
N TYR A 157 -20.19 5.10 -16.84
CA TYR A 157 -20.93 4.34 -17.82
C TYR A 157 -20.75 5.00 -19.14
N GLU A 158 -21.13 6.26 -19.17
CA GLU A 158 -20.98 7.06 -20.33
C GLU A 158 -19.50 7.44 -20.44
N PHE A 159 -18.97 7.87 -19.30
CA PHE A 159 -17.57 8.23 -19.11
C PHE A 159 -17.19 9.35 -20.06
N LYS A 160 -17.53 10.54 -19.69
CA LYS A 160 -17.23 11.67 -20.49
C LYS A 160 -15.95 12.29 -20.00
N SER A 161 -14.88 11.94 -20.61
CA SER A 161 -13.63 12.50 -20.22
C SER A 161 -13.36 13.65 -21.17
N THR A 162 -13.88 14.80 -20.84
CA THR A 162 -13.77 15.98 -21.65
C THR A 162 -13.88 17.22 -20.77
N VAL A 163 -13.05 18.19 -21.00
CA VAL A 163 -13.08 19.41 -20.24
C VAL A 163 -14.02 20.40 -20.94
N ASP A 164 -15.14 20.69 -20.30
CA ASP A 164 -16.13 21.62 -20.88
C ASP A 164 -15.83 23.05 -20.49
N HIS A 8 22.46 0.70 -0.61
CA HIS A 8 21.22 1.34 -0.29
C HIS A 8 20.20 0.89 -1.32
N ALA A 9 18.96 0.95 -0.96
CA ALA A 9 17.92 0.55 -1.85
C ALA A 9 17.37 1.73 -2.65
N GLY A 10 16.36 2.38 -2.12
CA GLY A 10 15.70 3.43 -2.86
C GLY A 10 14.33 3.71 -2.29
N ILE A 11 13.44 4.20 -3.14
CA ILE A 11 12.17 4.77 -2.72
C ILE A 11 10.98 3.94 -3.20
N PHE A 12 10.09 3.64 -2.29
CA PHE A 12 8.81 3.07 -2.65
C PHE A 12 7.72 4.10 -2.44
N THR A 13 6.86 4.24 -3.40
CA THR A 13 5.77 5.19 -3.31
C THR A 13 4.79 4.94 -4.46
N PHE A 14 3.68 5.61 -4.45
CA PHE A 14 2.68 5.46 -5.48
C PHE A 14 3.10 6.18 -6.72
N GLU A 15 2.72 5.63 -7.85
CA GLU A 15 3.03 6.20 -9.13
C GLU A 15 2.26 7.51 -9.31
N GLU A 16 1.07 7.53 -8.79
CA GLU A 16 0.21 8.67 -8.85
C GLU A 16 -0.26 9.00 -7.45
N PRO A 17 -0.42 10.27 -7.11
CA PRO A 17 -0.86 10.69 -5.78
C PRO A 17 -2.35 10.44 -5.57
N VAL A 18 -3.09 10.54 -6.63
CA VAL A 18 -4.51 10.39 -6.63
C VAL A 18 -4.87 9.59 -7.83
N THR A 19 -5.77 8.69 -7.69
CA THR A 19 -6.19 7.89 -8.78
C THR A 19 -7.71 7.86 -8.78
N HIS A 20 -8.27 7.92 -9.93
CA HIS A 20 -9.68 7.86 -10.05
C HIS A 20 -10.07 6.67 -10.89
N VAL A 21 -10.88 5.84 -10.32
CA VAL A 21 -11.25 4.59 -10.92
C VAL A 21 -12.73 4.60 -11.23
N SER A 22 -13.16 3.65 -12.01
CA SER A 22 -14.52 3.60 -12.43
C SER A 22 -15.32 2.65 -11.54
N GLU A 23 -16.60 2.88 -11.45
CA GLU A 23 -17.51 1.95 -10.82
C GLU A 23 -17.51 0.69 -11.68
N SER A 24 -17.54 0.89 -12.98
CA SER A 24 -17.68 -0.17 -13.91
C SER A 24 -16.32 -0.75 -14.37
N ILE A 25 -15.28 -0.59 -13.56
CA ILE A 25 -13.98 -1.15 -13.93
C ILE A 25 -13.85 -2.57 -13.35
N GLY A 26 -14.63 -2.87 -12.34
CA GLY A 26 -14.53 -4.14 -11.68
C GLY A 26 -13.44 -4.15 -10.65
N ILE A 27 -12.23 -4.23 -11.14
CA ILE A 27 -11.07 -4.32 -10.30
C ILE A 27 -10.10 -3.27 -10.78
N MET A 28 -9.59 -2.49 -9.89
CA MET A 28 -8.64 -1.49 -10.23
C MET A 28 -7.27 -1.92 -9.78
N GLU A 29 -6.26 -1.53 -10.53
CA GLU A 29 -4.88 -1.84 -10.21
C GLU A 29 -4.03 -0.60 -10.22
N VAL A 30 -3.52 -0.24 -9.08
CA VAL A 30 -2.65 0.91 -8.95
C VAL A 30 -1.23 0.43 -8.85
N LYS A 31 -0.37 0.98 -9.67
CA LYS A 31 1.01 0.57 -9.69
C LYS A 31 1.82 1.37 -8.69
N VAL A 32 2.69 0.69 -8.03
CA VAL A 32 3.55 1.30 -7.03
C VAL A 32 4.95 1.37 -7.58
N LEU A 33 5.56 2.54 -7.50
CA LEU A 33 6.89 2.77 -8.00
C LEU A 33 7.88 1.98 -7.19
N ARG A 34 8.72 1.28 -7.90
CA ARG A 34 9.70 0.45 -7.27
C ARG A 34 10.92 1.29 -6.90
N THR A 35 11.62 0.81 -5.92
CA THR A 35 12.84 1.37 -5.45
C THR A 35 13.88 1.52 -6.57
N SER A 36 14.66 2.57 -6.47
CA SER A 36 15.73 2.88 -7.38
C SER A 36 16.76 1.73 -7.34
N GLY A 37 16.87 1.12 -6.19
CA GLY A 37 17.72 -0.01 -6.01
C GLY A 37 16.92 -1.17 -5.51
N ALA A 38 16.57 -2.05 -6.39
CA ALA A 38 15.81 -3.22 -6.06
C ALA A 38 16.78 -4.28 -5.60
N ARG A 39 16.86 -4.44 -4.31
CA ARG A 39 17.84 -5.30 -3.73
C ARG A 39 17.20 -6.55 -3.21
N GLY A 40 17.33 -7.61 -3.96
CA GLY A 40 16.87 -8.90 -3.49
C GLY A 40 15.38 -9.02 -3.52
N ASN A 41 14.80 -9.13 -2.36
CA ASN A 41 13.37 -9.23 -2.20
C ASN A 41 12.91 -8.29 -1.09
N VAL A 42 11.92 -7.49 -1.38
CA VAL A 42 11.38 -6.52 -0.45
C VAL A 42 9.87 -6.66 -0.41
N ILE A 43 9.31 -6.63 0.76
CA ILE A 43 7.88 -6.69 0.89
C ILE A 43 7.35 -5.35 1.33
N VAL A 44 6.33 -4.89 0.65
CA VAL A 44 5.70 -3.63 0.97
C VAL A 44 4.23 -3.87 1.33
N PRO A 45 3.87 -3.79 2.61
CA PRO A 45 2.48 -4.00 3.05
C PRO A 45 1.59 -2.83 2.66
N TYR A 46 0.32 -3.09 2.50
CA TYR A 46 -0.63 -2.07 2.12
C TYR A 46 -2.00 -2.37 2.66
N LYS A 47 -2.81 -1.34 2.73
CA LYS A 47 -4.17 -1.47 3.20
C LYS A 47 -5.06 -0.34 2.70
N THR A 48 -6.35 -0.59 2.66
CA THR A 48 -7.32 0.40 2.31
C THR A 48 -7.70 1.21 3.55
N ILE A 49 -7.84 2.49 3.37
CA ILE A 49 -8.17 3.38 4.45
C ILE A 49 -9.61 3.83 4.31
N GLU A 50 -10.33 3.80 5.40
CA GLU A 50 -11.70 4.20 5.41
C GLU A 50 -11.80 5.71 5.60
N GLY A 51 -12.76 6.27 4.94
CA GLY A 51 -13.02 7.69 5.01
C GLY A 51 -13.63 8.09 3.73
N THR A 52 -14.59 8.98 3.79
CA THR A 52 -15.40 9.43 2.65
C THR A 52 -16.24 8.32 1.96
N ALA A 53 -15.63 7.20 1.67
CA ALA A 53 -16.28 6.05 1.14
C ALA A 53 -16.36 5.00 2.23
N ARG A 54 -17.37 4.19 2.18
CA ARG A 54 -17.58 3.15 3.14
C ARG A 54 -16.96 1.84 2.69
N GLY A 55 -16.19 1.28 3.57
CA GLY A 55 -15.44 0.08 3.26
C GLY A 55 -16.23 -1.18 3.46
N GLY A 56 -15.54 -2.26 3.73
CA GLY A 56 -16.17 -3.57 3.95
C GLY A 56 -17.04 -4.03 2.81
N GLY A 57 -16.69 -3.64 1.59
CA GLY A 57 -17.46 -4.04 0.43
C GLY A 57 -18.78 -3.30 0.35
N GLU A 58 -18.75 -2.03 0.66
CA GLU A 58 -19.96 -1.24 0.62
C GLU A 58 -19.88 -0.18 -0.48
N ASP A 59 -18.82 0.59 -0.48
CA ASP A 59 -18.51 1.46 -1.62
C ASP A 59 -17.30 0.92 -2.30
N PHE A 60 -16.41 0.39 -1.49
CA PHE A 60 -15.22 -0.24 -1.97
C PHE A 60 -14.99 -1.46 -1.16
N GLU A 61 -14.40 -2.46 -1.76
CA GLU A 61 -14.04 -3.64 -1.05
C GLU A 61 -12.76 -3.34 -0.27
N ASP A 62 -12.72 -3.77 0.96
CA ASP A 62 -11.60 -3.43 1.83
C ASP A 62 -10.54 -4.50 1.72
N THR A 63 -9.36 -4.12 1.33
CA THR A 63 -8.32 -5.07 1.07
C THR A 63 -7.03 -4.69 1.82
N CYS A 64 -6.22 -5.67 2.08
CA CYS A 64 -4.94 -5.50 2.68
C CYS A 64 -4.06 -6.62 2.15
N GLY A 65 -2.78 -6.44 2.20
CA GLY A 65 -1.89 -7.44 1.73
C GLY A 65 -0.53 -6.90 1.64
N GLU A 66 0.34 -7.62 0.99
CA GLU A 66 1.70 -7.22 0.87
C GLU A 66 2.16 -7.36 -0.56
N LEU A 67 2.90 -6.39 -1.03
CA LEU A 67 3.43 -6.42 -2.37
C LEU A 67 4.83 -6.96 -2.33
N GLU A 68 5.10 -7.84 -3.23
CA GLU A 68 6.39 -8.46 -3.30
C GLU A 68 7.23 -7.83 -4.40
N PHE A 69 8.19 -7.05 -4.01
CA PHE A 69 9.10 -6.45 -4.95
C PHE A 69 10.41 -7.15 -4.87
N GLN A 70 11.09 -7.22 -5.96
CA GLN A 70 12.35 -7.90 -5.99
C GLN A 70 13.24 -7.17 -6.94
N ASN A 71 14.43 -7.68 -7.12
CA ASN A 71 15.36 -7.16 -8.10
C ASN A 71 14.80 -7.47 -9.49
N ASP A 72 14.10 -8.60 -9.58
CA ASP A 72 13.45 -9.02 -10.82
C ASP A 72 12.13 -8.30 -11.04
N GLU A 73 11.25 -8.34 -10.03
CA GLU A 73 9.93 -7.73 -10.08
C GLU A 73 10.02 -6.27 -10.41
N ILE A 74 9.31 -5.89 -11.43
CA ILE A 74 9.33 -4.53 -11.94
C ILE A 74 8.38 -3.61 -11.19
N VAL A 75 7.10 -3.88 -11.26
CA VAL A 75 6.12 -3.07 -10.60
C VAL A 75 5.00 -3.97 -10.06
N LYS A 76 4.39 -3.56 -8.99
CA LYS A 76 3.29 -4.28 -8.41
C LYS A 76 2.05 -3.43 -8.45
N THR A 77 0.94 -4.05 -8.22
CA THR A 77 -0.35 -3.39 -8.28
C THR A 77 -1.24 -3.77 -7.10
N ILE A 78 -2.06 -2.83 -6.68
CA ILE A 78 -3.07 -3.10 -5.68
C ILE A 78 -4.37 -3.28 -6.41
N SER A 79 -4.94 -4.44 -6.30
CA SER A 79 -6.18 -4.76 -6.94
C SER A 79 -7.34 -4.57 -5.95
N VAL A 80 -8.24 -3.67 -6.27
CA VAL A 80 -9.39 -3.39 -5.40
C VAL A 80 -10.69 -3.53 -6.17
N LYS A 81 -11.62 -4.25 -5.58
CA LYS A 81 -12.95 -4.38 -6.11
C LYS A 81 -13.77 -3.14 -5.77
N VAL A 82 -14.28 -2.51 -6.78
CA VAL A 82 -15.10 -1.34 -6.61
C VAL A 82 -16.56 -1.77 -6.48
N ILE A 83 -17.20 -1.32 -5.43
CA ILE A 83 -18.59 -1.69 -5.15
C ILE A 83 -19.54 -0.61 -5.68
N ASP A 84 -20.74 -1.01 -6.00
CA ASP A 84 -21.78 -0.08 -6.48
C ASP A 84 -22.37 0.72 -5.33
N ASP A 85 -22.32 2.05 -5.45
CA ASP A 85 -23.02 2.93 -4.48
C ASP A 85 -24.47 2.82 -4.80
N GLU A 86 -25.29 2.79 -3.79
CA GLU A 86 -26.73 2.67 -3.94
C GLU A 86 -27.26 3.68 -4.95
N GLU A 87 -26.86 4.92 -4.80
CA GLU A 87 -27.28 5.99 -5.68
C GLU A 87 -26.01 6.70 -6.15
N TYR A 88 -25.50 7.49 -5.23
CA TYR A 88 -24.25 8.22 -5.28
C TYR A 88 -24.34 9.20 -4.14
N GLU A 89 -24.07 8.69 -2.96
CA GLU A 89 -24.21 9.43 -1.70
C GLU A 89 -23.26 10.61 -1.64
N LYS A 90 -22.05 10.36 -1.98
CA LYS A 90 -20.99 11.31 -1.84
C LYS A 90 -20.01 10.97 -2.92
N ASN A 91 -19.14 11.90 -3.27
CA ASN A 91 -18.02 11.56 -4.13
C ASN A 91 -17.22 10.57 -3.34
N LYS A 92 -17.30 9.33 -3.74
CA LYS A 92 -16.73 8.27 -2.98
C LYS A 92 -15.30 8.12 -3.30
N THR A 93 -14.50 8.25 -2.31
CA THR A 93 -13.11 8.16 -2.45
C THR A 93 -12.55 7.64 -1.14
N PHE A 94 -11.49 6.88 -1.23
CA PHE A 94 -10.85 6.31 -0.08
C PHE A 94 -9.35 6.45 -0.27
N PHE A 95 -8.57 6.02 0.68
CA PHE A 95 -7.16 6.17 0.55
C PHE A 95 -6.49 4.84 0.61
N LEU A 96 -5.37 4.75 0.00
CA LEU A 96 -4.59 3.56 0.02
C LEU A 96 -3.26 3.94 0.62
N GLU A 97 -2.82 3.18 1.57
CA GLU A 97 -1.54 3.45 2.18
C GLU A 97 -0.69 2.22 2.17
N ILE A 98 0.54 2.42 1.82
CA ILE A 98 1.52 1.40 1.85
C ILE A 98 2.40 1.64 3.05
N GLY A 99 2.80 0.59 3.68
CA GLY A 99 3.60 0.71 4.85
C GLY A 99 5.05 0.75 4.49
N GLU A 100 5.88 0.77 5.49
CA GLU A 100 7.30 0.82 5.27
C GLU A 100 7.81 -0.50 4.71
N PRO A 101 8.59 -0.41 3.63
CA PRO A 101 9.11 -1.59 2.94
C PRO A 101 10.10 -2.34 3.80
N ARG A 102 9.93 -3.62 3.90
CA ARG A 102 10.81 -4.42 4.70
C ARG A 102 11.62 -5.33 3.81
N LEU A 103 12.90 -5.39 4.08
CA LEU A 103 13.79 -6.25 3.37
C LEU A 103 13.50 -7.68 3.82
N VAL A 104 13.37 -8.56 2.87
CA VAL A 104 13.12 -9.94 3.20
C VAL A 104 14.42 -10.62 3.52
N GLU A 105 14.76 -10.61 4.77
CA GLU A 105 15.97 -11.20 5.24
C GLU A 105 15.75 -12.69 5.42
N MET A 106 16.68 -13.49 4.93
CA MET A 106 16.57 -14.94 5.05
C MET A 106 16.78 -15.36 6.49
N SER A 107 17.56 -14.54 7.19
CA SER A 107 17.85 -14.71 8.59
C SER A 107 18.74 -15.91 8.84
N GLU A 108 19.44 -16.35 7.80
CA GLU A 108 20.38 -17.44 7.94
C GLU A 108 21.57 -16.94 8.72
N LYS A 109 21.69 -15.64 8.72
CA LYS A 109 22.54 -14.95 9.59
C LYS A 109 21.65 -14.02 10.40
N LYS A 110 21.14 -14.52 11.49
CA LYS A 110 20.29 -13.73 12.35
C LYS A 110 21.18 -12.96 13.31
N GLY A 111 21.09 -11.66 13.29
CA GLY A 111 21.84 -10.87 14.23
C GLY A 111 21.14 -10.89 15.56
N GLY A 112 19.88 -10.59 15.51
CA GLY A 112 19.07 -10.62 16.68
C GLY A 112 18.09 -9.51 16.63
N PHE A 113 17.30 -9.40 17.64
CA PHE A 113 16.36 -8.35 17.72
C PHE A 113 16.71 -7.48 18.89
N THR A 114 16.27 -6.29 18.87
CA THR A 114 16.56 -5.38 19.91
C THR A 114 15.44 -5.49 20.91
N ILE A 115 15.72 -5.31 22.17
CA ILE A 115 14.65 -5.24 23.12
C ILE A 115 13.90 -3.94 22.89
N THR A 116 12.77 -4.06 22.18
CA THR A 116 11.93 -2.96 21.74
C THR A 116 12.63 -2.03 20.71
N GLU A 117 12.28 -2.20 19.43
CA GLU A 117 12.77 -1.32 18.36
C GLU A 117 11.97 -0.01 18.39
N GLU A 118 12.08 0.79 17.35
CA GLU A 118 11.29 1.98 17.26
C GLU A 118 10.03 1.66 16.48
N TYR A 119 8.90 1.91 17.08
CA TYR A 119 7.62 1.56 16.49
C TYR A 119 6.55 2.63 16.77
N ASP A 120 6.98 3.84 17.04
CA ASP A 120 6.02 4.94 17.30
C ASP A 120 5.82 5.80 16.08
N ASP A 121 6.90 6.14 15.43
CA ASP A 121 6.86 7.08 14.34
C ASP A 121 6.49 6.40 13.03
N LYS A 122 5.77 7.12 12.18
CA LYS A 122 5.34 6.60 10.89
C LYS A 122 5.59 7.65 9.81
N GLN A 123 6.62 8.44 10.02
CA GLN A 123 7.01 9.51 9.14
C GLN A 123 8.47 9.30 8.72
N PRO A 124 9.05 10.18 7.88
CA PRO A 124 10.49 10.15 7.63
C PRO A 124 11.20 10.55 8.94
N LEU A 125 12.00 9.67 9.48
CA LEU A 125 12.63 9.91 10.76
C LEU A 125 14.05 10.40 10.60
N THR A 126 14.34 11.56 11.15
CA THR A 126 15.67 12.10 11.13
C THR A 126 16.45 11.61 12.34
N SER A 127 17.29 10.64 12.16
CA SER A 127 18.09 10.11 13.25
C SER A 127 19.40 9.54 12.77
N LYS A 128 20.38 10.41 12.61
CA LYS A 128 21.70 9.96 12.29
C LYS A 128 22.49 9.78 13.57
N GLU A 129 22.10 8.77 14.30
CA GLU A 129 22.69 8.45 15.56
C GLU A 129 23.68 7.34 15.35
N GLU A 130 24.72 7.29 16.12
CA GLU A 130 25.68 6.23 15.97
C GLU A 130 25.24 5.01 16.77
N GLU A 131 24.23 4.35 16.24
CA GLU A 131 23.62 3.20 16.84
C GLU A 131 23.28 2.26 15.68
N GLU A 132 23.13 0.98 15.95
CA GLU A 132 22.91 -0.03 14.93
C GLU A 132 21.55 0.13 14.23
N ARG A 133 20.61 0.83 14.88
CA ARG A 133 19.31 1.12 14.26
C ARG A 133 19.51 1.85 12.93
N ARG A 134 20.25 2.97 12.99
CA ARG A 134 20.53 3.80 11.82
C ARG A 134 21.23 2.93 10.76
N ILE A 135 22.16 2.09 11.22
CA ILE A 135 22.94 1.23 10.34
C ILE A 135 22.01 0.33 9.49
N ALA A 136 20.99 -0.21 10.11
CA ALA A 136 20.03 -1.04 9.41
C ALA A 136 19.11 -0.20 8.56
N GLU A 137 18.62 0.89 9.14
CA GLU A 137 17.67 1.77 8.48
C GLU A 137 18.25 2.47 7.23
N MET A 138 19.57 2.52 7.15
CA MET A 138 20.20 3.16 5.98
C MET A 138 20.44 2.16 4.86
N GLY A 139 20.40 0.89 5.18
CA GLY A 139 20.66 -0.12 4.18
C GLY A 139 19.39 -0.72 3.66
N ARG A 140 18.37 -0.69 4.48
CA ARG A 140 17.07 -1.23 4.15
C ARG A 140 16.37 -0.39 3.08
N PRO A 141 15.37 -0.96 2.42
CA PRO A 141 14.49 -0.23 1.53
C PRO A 141 13.65 0.75 2.33
N ILE A 142 13.45 1.92 1.77
CA ILE A 142 12.71 2.95 2.44
C ILE A 142 11.61 3.50 1.54
N LEU A 143 10.79 4.36 2.06
CA LEU A 143 9.74 4.92 1.27
C LEU A 143 9.94 6.39 0.99
N GLY A 144 9.10 6.92 0.15
CA GLY A 144 9.24 8.27 -0.30
C GLY A 144 8.68 9.31 0.64
N GLU A 145 8.54 10.50 0.08
CA GLU A 145 8.07 11.68 0.78
C GLU A 145 6.59 11.52 1.18
N HIS A 146 5.77 11.15 0.23
CA HIS A 146 4.35 10.95 0.47
C HIS A 146 3.95 9.60 -0.06
N THR A 147 3.44 8.77 0.80
CA THR A 147 2.97 7.48 0.43
C THR A 147 1.50 7.35 0.72
N LYS A 148 0.74 7.88 -0.17
CA LYS A 148 -0.68 7.95 -0.03
C LYS A 148 -1.30 8.01 -1.39
N LEU A 149 -2.39 7.36 -1.53
CA LEU A 149 -3.12 7.37 -2.75
C LEU A 149 -4.56 7.70 -2.45
N GLU A 150 -5.07 8.73 -3.05
CA GLU A 150 -6.46 9.05 -2.93
C GLU A 150 -7.18 8.38 -4.09
N VAL A 151 -7.99 7.39 -3.80
CA VAL A 151 -8.69 6.64 -4.83
C VAL A 151 -10.11 7.11 -4.92
N ILE A 152 -10.42 7.77 -5.98
CA ILE A 152 -11.75 8.28 -6.21
C ILE A 152 -12.53 7.30 -7.06
N ILE A 153 -13.75 7.05 -6.68
CA ILE A 153 -14.63 6.16 -7.39
C ILE A 153 -15.62 6.98 -8.19
N GLU A 154 -15.47 6.95 -9.47
CA GLU A 154 -16.38 7.62 -10.36
C GLU A 154 -17.22 6.57 -11.05
N GLU A 155 -18.51 6.79 -11.10
CA GLU A 155 -19.45 5.86 -11.67
C GLU A 155 -19.31 5.75 -13.18
N SER A 156 -20.06 4.89 -13.80
CA SER A 156 -20.05 4.83 -15.23
C SER A 156 -21.42 4.39 -15.73
N TYR A 157 -22.45 4.78 -14.99
CA TYR A 157 -23.81 4.47 -15.38
C TYR A 157 -24.29 5.51 -16.33
N GLU A 158 -24.32 6.73 -15.86
CA GLU A 158 -24.80 7.82 -16.67
C GLU A 158 -23.73 8.30 -17.63
N PHE A 159 -22.53 8.50 -17.12
CA PHE A 159 -21.40 8.95 -17.92
C PHE A 159 -20.14 8.32 -17.34
N LYS A 160 -19.62 8.98 -16.31
CA LYS A 160 -18.45 8.52 -15.57
C LYS A 160 -18.05 9.56 -14.56
N SER A 161 -17.79 10.73 -15.05
CA SER A 161 -17.34 11.83 -14.23
C SER A 161 -18.55 12.55 -13.61
N THR A 162 -19.63 11.83 -13.46
CA THR A 162 -20.86 12.34 -12.95
C THR A 162 -20.75 12.49 -11.42
N VAL A 163 -20.29 13.62 -10.98
CA VAL A 163 -20.10 13.88 -9.57
C VAL A 163 -21.06 14.96 -9.13
N ASP A 164 -21.89 14.64 -8.18
CA ASP A 164 -22.88 15.56 -7.66
C ASP A 164 -23.16 15.24 -6.20
N HIS A 8 20.71 -1.65 0.20
CA HIS A 8 20.21 -0.38 -0.26
C HIS A 8 18.86 -0.58 -0.91
N ALA A 9 18.15 0.49 -1.07
CA ALA A 9 16.84 0.47 -1.62
C ALA A 9 16.66 1.71 -2.51
N GLY A 10 15.51 2.33 -2.45
CA GLY A 10 15.24 3.49 -3.23
C GLY A 10 13.94 4.08 -2.81
N ILE A 11 13.20 4.61 -3.74
CA ILE A 11 11.96 5.26 -3.45
C ILE A 11 10.75 4.36 -3.82
N PHE A 12 9.99 3.95 -2.81
CA PHE A 12 8.70 3.29 -3.03
C PHE A 12 7.60 4.30 -2.82
N THR A 13 6.73 4.45 -3.77
CA THR A 13 5.61 5.35 -3.63
C THR A 13 4.65 5.12 -4.78
N PHE A 14 3.53 5.77 -4.76
CA PHE A 14 2.56 5.62 -5.81
C PHE A 14 2.94 6.48 -7.00
N GLU A 15 2.60 6.03 -8.21
CA GLU A 15 2.89 6.79 -9.42
C GLU A 15 2.14 8.08 -9.39
N GLU A 16 0.94 7.95 -8.94
CA GLU A 16 0.03 9.02 -8.89
C GLU A 16 -0.42 9.15 -7.45
N PRO A 17 -0.48 10.35 -6.94
CA PRO A 17 -0.91 10.61 -5.57
C PRO A 17 -2.43 10.48 -5.42
N VAL A 18 -3.13 10.67 -6.52
CA VAL A 18 -4.55 10.60 -6.57
C VAL A 18 -4.92 9.82 -7.81
N THR A 19 -5.79 8.87 -7.67
CA THR A 19 -6.20 8.13 -8.78
C THR A 19 -7.72 8.13 -8.84
N HIS A 20 -8.24 8.39 -9.98
CA HIS A 20 -9.64 8.37 -10.17
C HIS A 20 -10.03 7.12 -10.93
N VAL A 21 -10.86 6.34 -10.33
CA VAL A 21 -11.28 5.08 -10.91
C VAL A 21 -12.75 5.15 -11.27
N SER A 22 -13.23 4.13 -11.90
CA SER A 22 -14.59 4.04 -12.30
C SER A 22 -15.45 3.32 -11.22
N GLU A 23 -16.75 3.43 -11.35
CA GLU A 23 -17.71 2.91 -10.39
C GLU A 23 -17.95 1.37 -10.53
N SER A 24 -18.23 0.93 -11.73
CA SER A 24 -18.56 -0.45 -12.03
C SER A 24 -17.37 -1.15 -12.73
N ILE A 25 -16.18 -0.65 -12.44
CA ILE A 25 -14.95 -1.13 -13.06
C ILE A 25 -14.65 -2.61 -12.74
N GLY A 26 -15.03 -3.03 -11.56
CA GLY A 26 -14.74 -4.35 -11.13
C GLY A 26 -13.62 -4.33 -10.15
N ILE A 27 -12.42 -4.30 -10.66
CA ILE A 27 -11.24 -4.31 -9.86
C ILE A 27 -10.34 -3.25 -10.45
N MET A 28 -9.73 -2.47 -9.62
CA MET A 28 -8.83 -1.47 -10.09
C MET A 28 -7.42 -1.81 -9.64
N GLU A 29 -6.47 -1.57 -10.52
CA GLU A 29 -5.07 -1.76 -10.23
C GLU A 29 -4.33 -0.42 -10.23
N VAL A 30 -3.53 -0.20 -9.22
CA VAL A 30 -2.68 1.00 -9.14
C VAL A 30 -1.23 0.56 -8.97
N LYS A 31 -0.33 1.09 -9.79
CA LYS A 31 1.07 0.68 -9.79
C LYS A 31 1.88 1.46 -8.77
N VAL A 32 2.76 0.77 -8.09
CA VAL A 32 3.64 1.39 -7.11
C VAL A 32 5.04 1.50 -7.70
N LEU A 33 5.58 2.71 -7.68
CA LEU A 33 6.89 3.00 -8.21
C LEU A 33 7.94 2.20 -7.47
N ARG A 34 8.67 1.41 -8.21
CA ARG A 34 9.72 0.63 -7.67
C ARG A 34 10.89 1.50 -7.23
N THR A 35 11.56 1.04 -6.20
CA THR A 35 12.72 1.64 -5.69
C THR A 35 13.80 1.79 -6.74
N SER A 36 14.44 2.92 -6.70
CA SER A 36 15.55 3.28 -7.52
C SER A 36 16.71 2.24 -7.37
N GLY A 37 16.71 1.57 -6.25
CA GLY A 37 17.60 0.48 -6.04
C GLY A 37 16.80 -0.75 -5.70
N ALA A 38 16.84 -1.72 -6.56
CA ALA A 38 16.16 -2.97 -6.32
C ALA A 38 17.18 -4.02 -5.97
N ARG A 39 17.29 -4.30 -4.70
CA ARG A 39 18.25 -5.27 -4.22
C ARG A 39 17.56 -6.26 -3.30
N GLY A 40 17.54 -7.50 -3.72
CA GLY A 40 17.00 -8.55 -2.89
C GLY A 40 15.49 -8.58 -2.91
N ASN A 41 14.90 -9.27 -1.97
CA ASN A 41 13.46 -9.37 -1.89
C ASN A 41 12.94 -8.48 -0.79
N VAL A 42 12.06 -7.60 -1.15
CA VAL A 42 11.44 -6.70 -0.23
C VAL A 42 9.94 -6.82 -0.37
N ILE A 43 9.24 -6.85 0.71
CA ILE A 43 7.81 -6.92 0.68
C ILE A 43 7.24 -5.58 1.10
N VAL A 44 6.26 -5.11 0.39
CA VAL A 44 5.62 -3.88 0.73
C VAL A 44 4.14 -4.13 0.98
N PRO A 45 3.70 -4.04 2.22
CA PRO A 45 2.30 -4.21 2.56
C PRO A 45 1.47 -2.98 2.18
N TYR A 46 0.19 -3.15 2.04
CA TYR A 46 -0.68 -2.04 1.77
C TYR A 46 -1.99 -2.26 2.49
N LYS A 47 -2.75 -1.20 2.63
CA LYS A 47 -4.04 -1.27 3.27
C LYS A 47 -4.94 -0.14 2.75
N THR A 48 -6.22 -0.34 2.86
CA THR A 48 -7.17 0.65 2.46
C THR A 48 -7.58 1.54 3.64
N ILE A 49 -7.70 2.80 3.37
CA ILE A 49 -8.12 3.79 4.33
C ILE A 49 -9.51 4.23 3.94
N GLU A 50 -10.45 4.09 4.84
CA GLU A 50 -11.80 4.48 4.56
C GLU A 50 -11.94 5.98 4.70
N GLY A 51 -12.30 6.64 3.62
CA GLY A 51 -12.48 8.06 3.63
C GLY A 51 -13.94 8.38 3.67
N THR A 52 -14.44 8.95 2.59
CA THR A 52 -15.84 9.18 2.47
C THR A 52 -16.54 7.87 2.10
N ALA A 53 -15.82 7.06 1.35
CA ALA A 53 -16.25 5.75 0.96
C ALA A 53 -15.92 4.76 2.07
N ARG A 54 -16.81 3.82 2.31
CA ARG A 54 -16.63 2.84 3.35
C ARG A 54 -16.18 1.52 2.78
N GLY A 55 -15.38 0.84 3.55
CA GLY A 55 -14.82 -0.41 3.12
C GLY A 55 -15.63 -1.58 3.58
N GLY A 56 -15.02 -2.74 3.58
CA GLY A 56 -15.66 -3.96 4.05
C GLY A 56 -16.68 -4.47 3.06
N GLY A 57 -16.71 -3.89 1.89
CA GLY A 57 -17.62 -4.31 0.89
C GLY A 57 -18.81 -3.39 0.74
N GLU A 58 -18.78 -2.21 1.37
CA GLU A 58 -19.90 -1.30 1.20
C GLU A 58 -19.73 -0.49 -0.07
N ASP A 59 -18.73 0.35 -0.11
CA ASP A 59 -18.44 1.12 -1.32
C ASP A 59 -17.29 0.47 -2.02
N PHE A 60 -16.33 0.06 -1.26
CA PHE A 60 -15.21 -0.63 -1.76
C PHE A 60 -14.91 -1.76 -0.82
N GLU A 61 -14.23 -2.73 -1.30
CA GLU A 61 -13.81 -3.81 -0.50
C GLU A 61 -12.52 -3.40 0.22
N ASP A 62 -12.42 -3.72 1.48
CA ASP A 62 -11.31 -3.30 2.30
C ASP A 62 -10.18 -4.29 2.11
N THR A 63 -9.20 -3.89 1.35
CA THR A 63 -8.15 -4.77 0.97
C THR A 63 -6.83 -4.42 1.64
N CYS A 64 -6.09 -5.43 1.92
CA CYS A 64 -4.78 -5.32 2.45
C CYS A 64 -4.00 -6.47 1.86
N GLY A 65 -2.75 -6.28 1.63
CA GLY A 65 -1.97 -7.32 1.03
C GLY A 65 -0.54 -6.98 1.09
N GLU A 66 0.28 -7.84 0.56
CA GLU A 66 1.70 -7.66 0.58
C GLU A 66 2.28 -7.85 -0.81
N LEU A 67 2.81 -6.78 -1.35
CA LEU A 67 3.38 -6.78 -2.67
C LEU A 67 4.82 -7.23 -2.59
N GLU A 68 5.20 -8.04 -3.53
CA GLU A 68 6.53 -8.60 -3.54
C GLU A 68 7.39 -7.90 -4.59
N PHE A 69 8.45 -7.27 -4.14
CA PHE A 69 9.36 -6.60 -5.04
C PHE A 69 10.78 -7.15 -4.82
N GLN A 70 11.27 -7.91 -5.75
CA GLN A 70 12.64 -8.42 -5.66
C GLN A 70 13.48 -7.74 -6.69
N ASN A 71 14.76 -8.04 -6.75
CA ASN A 71 15.70 -7.42 -7.71
C ASN A 71 15.17 -7.53 -9.14
N ASP A 72 14.69 -8.70 -9.49
CA ASP A 72 14.16 -8.92 -10.86
C ASP A 72 12.82 -8.22 -11.08
N GLU A 73 11.90 -8.41 -10.15
CA GLU A 73 10.56 -7.83 -10.20
C GLU A 73 10.61 -6.32 -10.35
N ILE A 74 9.72 -5.80 -11.12
CA ILE A 74 9.66 -4.39 -11.36
C ILE A 74 8.56 -3.69 -10.56
N VAL A 75 7.37 -3.60 -11.10
CA VAL A 75 6.29 -2.89 -10.47
C VAL A 75 5.16 -3.85 -10.10
N LYS A 76 4.42 -3.51 -9.08
CA LYS A 76 3.25 -4.26 -8.68
C LYS A 76 2.07 -3.35 -8.57
N THR A 77 0.91 -3.92 -8.53
CA THR A 77 -0.32 -3.19 -8.47
C THR A 77 -1.16 -3.57 -7.25
N ILE A 78 -1.93 -2.63 -6.77
CA ILE A 78 -2.91 -2.87 -5.73
C ILE A 78 -4.22 -3.13 -6.41
N SER A 79 -4.83 -4.24 -6.09
CA SER A 79 -6.10 -4.59 -6.66
C SER A 79 -7.22 -4.39 -5.63
N VAL A 80 -8.11 -3.46 -5.92
CA VAL A 80 -9.24 -3.16 -5.03
C VAL A 80 -10.55 -3.48 -5.71
N LYS A 81 -11.39 -4.25 -5.05
CA LYS A 81 -12.70 -4.52 -5.52
C LYS A 81 -13.59 -3.36 -5.18
N VAL A 82 -14.01 -2.67 -6.20
CA VAL A 82 -14.92 -1.59 -6.01
C VAL A 82 -16.30 -2.19 -6.03
N ILE A 83 -17.06 -1.95 -5.01
CA ILE A 83 -18.36 -2.54 -4.90
C ILE A 83 -19.32 -1.79 -5.77
N ASP A 84 -19.94 -2.50 -6.61
CA ASP A 84 -20.81 -1.94 -7.61
C ASP A 84 -22.25 -2.20 -7.28
N ASP A 85 -22.88 -1.23 -6.60
CA ASP A 85 -24.34 -1.20 -6.38
C ASP A 85 -24.73 -0.14 -5.38
N GLU A 86 -25.24 0.95 -5.88
CA GLU A 86 -25.84 2.03 -5.09
C GLU A 86 -24.90 2.76 -4.13
N GLU A 87 -24.22 3.76 -4.64
CA GLU A 87 -23.53 4.69 -3.80
C GLU A 87 -24.47 5.87 -3.58
N TYR A 88 -24.95 6.42 -4.70
CA TYR A 88 -26.10 7.34 -4.79
C TYR A 88 -26.04 8.58 -3.84
N GLU A 89 -24.87 9.01 -3.44
CA GLU A 89 -24.82 10.12 -2.49
C GLU A 89 -23.78 11.21 -2.87
N LYS A 90 -22.58 10.78 -3.14
CA LYS A 90 -21.46 11.67 -3.31
C LYS A 90 -20.45 10.97 -4.18
N ASN A 91 -19.64 11.73 -4.89
CA ASN A 91 -18.50 11.19 -5.59
C ASN A 91 -17.49 10.84 -4.50
N LYS A 92 -17.52 9.61 -4.05
CA LYS A 92 -16.75 9.22 -2.89
C LYS A 92 -15.37 8.73 -3.19
N THR A 93 -14.54 8.80 -2.20
CA THR A 93 -13.17 8.48 -2.33
C THR A 93 -12.65 7.85 -1.04
N PHE A 94 -11.56 7.14 -1.14
CA PHE A 94 -10.91 6.53 -0.03
C PHE A 94 -9.42 6.67 -0.26
N PHE A 95 -8.61 6.25 0.66
CA PHE A 95 -7.20 6.41 0.49
C PHE A 95 -6.51 5.07 0.54
N LEU A 96 -5.38 4.98 -0.07
CA LEU A 96 -4.62 3.78 -0.06
C LEU A 96 -3.28 4.13 0.56
N GLU A 97 -2.85 3.36 1.51
CA GLU A 97 -1.58 3.60 2.11
C GLU A 97 -0.75 2.35 2.03
N ILE A 98 0.47 2.51 1.64
CA ILE A 98 1.40 1.43 1.60
C ILE A 98 2.25 1.48 2.84
N GLY A 99 2.58 0.34 3.35
CA GLY A 99 3.33 0.26 4.54
C GLY A 99 4.80 0.34 4.26
N GLU A 100 5.56 0.44 5.30
CA GLU A 100 6.98 0.52 5.18
C GLU A 100 7.55 -0.80 4.71
N PRO A 101 8.41 -0.75 3.70
CA PRO A 101 8.99 -1.93 3.07
C PRO A 101 9.76 -2.80 4.05
N ARG A 102 9.40 -4.05 4.09
CA ARG A 102 10.02 -4.99 4.97
C ARG A 102 10.96 -5.88 4.18
N LEU A 103 12.22 -5.84 4.56
CA LEU A 103 13.25 -6.61 3.95
C LEU A 103 13.02 -8.08 4.26
N VAL A 104 13.04 -8.89 3.25
CA VAL A 104 12.84 -10.29 3.41
C VAL A 104 14.18 -10.92 3.70
N GLU A 105 14.25 -11.52 4.86
CA GLU A 105 15.44 -12.11 5.40
C GLU A 105 16.06 -13.11 4.42
N MET A 106 17.17 -12.71 3.85
CA MET A 106 17.90 -13.51 2.89
C MET A 106 18.61 -14.63 3.60
N SER A 107 19.30 -14.29 4.66
CA SER A 107 19.95 -15.27 5.46
C SER A 107 18.92 -15.68 6.50
N GLU A 108 17.91 -16.35 6.01
CA GLU A 108 16.76 -16.73 6.76
C GLU A 108 17.14 -17.69 7.87
N LYS A 109 16.84 -17.28 9.08
CA LYS A 109 17.12 -18.08 10.23
C LYS A 109 16.13 -19.21 10.34
N LYS A 110 16.40 -20.14 11.19
CA LYS A 110 15.53 -21.25 11.35
C LYS A 110 15.11 -21.37 12.79
N GLY A 111 13.83 -21.30 13.02
CA GLY A 111 13.29 -21.55 14.33
C GLY A 111 12.93 -23.00 14.41
N GLY A 112 13.94 -23.82 14.63
CA GLY A 112 13.75 -25.24 14.63
C GLY A 112 12.87 -25.74 15.75
N PHE A 113 12.21 -26.83 15.50
CA PHE A 113 11.36 -27.47 16.47
C PHE A 113 12.20 -28.17 17.54
N THR A 114 11.74 -28.09 18.77
CA THR A 114 12.40 -28.68 19.91
C THR A 114 11.99 -30.17 20.08
N ILE A 115 12.21 -30.75 21.26
CA ILE A 115 11.84 -32.14 21.53
C ILE A 115 10.34 -32.36 21.41
N THR A 116 9.97 -33.58 21.14
CA THR A 116 8.59 -33.95 21.02
C THR A 116 7.95 -34.09 22.40
N GLU A 117 6.82 -33.47 22.59
CA GLU A 117 6.08 -33.50 23.84
C GLU A 117 4.65 -33.17 23.49
N GLU A 118 3.75 -33.23 24.44
CA GLU A 118 2.41 -32.78 24.18
C GLU A 118 2.33 -31.27 24.46
N TYR A 119 2.23 -30.51 23.42
CA TYR A 119 2.19 -29.08 23.53
C TYR A 119 0.88 -28.56 22.97
N ASP A 120 0.56 -27.35 23.30
CA ASP A 120 -0.64 -26.72 22.82
C ASP A 120 -0.30 -25.91 21.59
N ASP A 121 -1.26 -25.69 20.73
CA ASP A 121 -1.06 -24.89 19.53
C ASP A 121 -0.76 -23.46 19.91
N LYS A 122 0.50 -23.08 19.87
CA LYS A 122 0.94 -21.78 20.33
C LYS A 122 1.74 -21.06 19.30
N GLN A 123 1.23 -19.97 18.85
CA GLN A 123 1.94 -19.06 17.97
C GLN A 123 2.76 -18.12 18.87
N PRO A 124 3.71 -17.33 18.31
CA PRO A 124 4.49 -16.40 19.13
C PRO A 124 3.65 -15.29 19.75
N LEU A 125 3.17 -15.56 20.95
CA LEU A 125 2.44 -14.60 21.73
C LEU A 125 3.48 -13.90 22.59
N THR A 126 4.24 -14.70 23.27
CA THR A 126 5.31 -14.22 24.10
C THR A 126 6.56 -14.06 23.23
N SER A 127 6.79 -12.87 22.76
CA SER A 127 7.90 -12.64 21.90
C SER A 127 8.99 -11.79 22.54
N LYS A 128 9.87 -12.46 23.24
CA LYS A 128 11.06 -11.86 23.83
C LYS A 128 12.21 -12.10 22.86
N GLU A 129 11.86 -12.10 21.60
CA GLU A 129 12.74 -12.37 20.51
C GLU A 129 13.48 -11.09 20.17
N GLU A 130 14.76 -11.14 20.17
CA GLU A 130 15.53 -10.01 19.77
C GLU A 130 15.87 -10.20 18.33
N GLU A 131 15.10 -9.58 17.48
CA GLU A 131 15.34 -9.69 16.07
C GLU A 131 16.46 -8.75 15.67
N GLU A 132 16.95 -8.93 14.50
CA GLU A 132 18.02 -8.12 13.98
C GLU A 132 17.49 -7.04 13.06
N ARG A 133 16.25 -6.64 13.26
CA ARG A 133 15.63 -5.64 12.39
C ARG A 133 16.24 -4.28 12.71
N ARG A 134 16.66 -4.12 13.96
CA ARG A 134 17.32 -2.91 14.44
C ARG A 134 18.74 -2.90 13.87
N ILE A 135 19.32 -4.06 13.76
CA ILE A 135 20.67 -4.19 13.26
C ILE A 135 20.68 -3.91 11.76
N ALA A 136 19.66 -4.40 11.10
CA ALA A 136 19.50 -4.25 9.67
C ALA A 136 18.91 -2.89 9.30
N GLU A 137 18.36 -2.16 10.28
CA GLU A 137 17.68 -0.90 9.99
C GLU A 137 18.64 0.19 9.53
N MET A 138 19.93 -0.08 9.67
CA MET A 138 20.93 0.85 9.19
C MET A 138 21.05 0.79 7.67
N GLY A 139 20.46 -0.23 7.09
CA GLY A 139 20.47 -0.40 5.66
C GLY A 139 19.23 -1.12 5.22
N ARG A 140 18.09 -0.63 5.65
CA ARG A 140 16.83 -1.26 5.33
C ARG A 140 16.16 -0.51 4.21
N PRO A 141 15.25 -1.14 3.48
CA PRO A 141 14.50 -0.47 2.45
C PRO A 141 13.53 0.52 3.04
N ILE A 142 13.47 1.66 2.42
CA ILE A 142 12.62 2.72 2.87
C ILE A 142 11.69 3.16 1.74
N LEU A 143 10.75 3.98 2.06
CA LEU A 143 9.81 4.46 1.07
C LEU A 143 10.01 5.94 0.76
N GLY A 144 9.17 6.47 -0.10
CA GLY A 144 9.29 7.84 -0.54
C GLY A 144 8.84 8.88 0.48
N GLU A 145 8.78 10.11 0.03
CA GLU A 145 8.45 11.26 0.84
C GLU A 145 6.96 11.20 1.25
N HIS A 146 6.08 11.05 0.29
CA HIS A 146 4.66 10.91 0.57
C HIS A 146 4.18 9.61 0.02
N THR A 147 3.65 8.77 0.85
CA THR A 147 3.13 7.52 0.43
C THR A 147 1.67 7.41 0.76
N LYS A 148 0.84 7.75 -0.19
CA LYS A 148 -0.58 7.76 -0.02
C LYS A 148 -1.20 7.88 -1.38
N LEU A 149 -2.37 7.36 -1.53
CA LEU A 149 -3.10 7.44 -2.74
C LEU A 149 -4.51 7.83 -2.41
N GLU A 150 -5.04 8.77 -3.12
CA GLU A 150 -6.42 9.15 -2.98
C GLU A 150 -7.17 8.48 -4.11
N VAL A 151 -7.98 7.51 -3.81
CA VAL A 151 -8.70 6.79 -4.83
C VAL A 151 -10.12 7.29 -4.86
N ILE A 152 -10.45 7.96 -5.90
CA ILE A 152 -11.78 8.50 -6.07
C ILE A 152 -12.57 7.54 -6.96
N ILE A 153 -13.73 7.13 -6.51
CA ILE A 153 -14.56 6.21 -7.25
C ILE A 153 -15.60 7.01 -8.00
N GLU A 154 -15.40 7.19 -9.27
CA GLU A 154 -16.26 8.05 -10.03
C GLU A 154 -17.04 7.29 -11.08
N GLU A 155 -18.31 7.58 -11.17
CA GLU A 155 -19.17 6.98 -12.16
C GLU A 155 -18.79 7.51 -13.53
N SER A 156 -18.36 6.63 -14.38
CA SER A 156 -17.79 7.00 -15.63
C SER A 156 -18.26 6.10 -16.78
N TYR A 157 -19.52 5.61 -16.71
CA TYR A 157 -20.07 4.72 -17.78
C TYR A 157 -19.95 5.37 -19.14
N GLU A 158 -20.24 6.65 -19.17
CA GLU A 158 -20.23 7.42 -20.39
C GLU A 158 -18.81 7.48 -20.98
N PHE A 159 -17.86 7.65 -20.11
CA PHE A 159 -16.49 7.87 -20.48
C PHE A 159 -15.76 6.56 -20.76
N LYS A 160 -15.61 5.75 -19.73
CA LYS A 160 -14.90 4.50 -19.82
C LYS A 160 -15.15 3.71 -18.55
N SER A 161 -15.59 2.50 -18.70
CA SER A 161 -15.91 1.65 -17.60
C SER A 161 -14.67 0.97 -17.04
N THR A 162 -14.06 0.12 -17.81
CA THR A 162 -12.91 -0.58 -17.34
C THR A 162 -11.97 -0.85 -18.49
N VAL A 163 -10.74 -1.11 -18.17
CA VAL A 163 -9.74 -1.42 -19.14
C VAL A 163 -8.97 -2.63 -18.62
N ASP A 164 -9.04 -3.73 -19.33
CA ASP A 164 -8.33 -4.95 -18.92
C ASP A 164 -6.89 -4.91 -19.42
N HIS A 8 19.42 4.14 0.81
CA HIS A 8 20.14 2.89 0.82
C HIS A 8 19.68 2.02 -0.35
N ALA A 9 18.41 2.04 -0.59
CA ALA A 9 17.84 1.22 -1.64
C ALA A 9 17.25 2.06 -2.73
N GLY A 10 16.29 2.86 -2.39
CA GLY A 10 15.60 3.63 -3.37
C GLY A 10 14.28 4.08 -2.82
N ILE A 11 13.33 4.32 -3.70
CA ILE A 11 12.08 4.93 -3.31
C ILE A 11 10.89 4.03 -3.63
N PHE A 12 10.10 3.74 -2.64
CA PHE A 12 8.81 3.09 -2.82
C PHE A 12 7.72 4.10 -2.58
N THR A 13 6.84 4.27 -3.55
CA THR A 13 5.76 5.20 -3.41
C THR A 13 4.75 4.99 -4.53
N PHE A 14 3.63 5.66 -4.46
CA PHE A 14 2.62 5.56 -5.47
C PHE A 14 3.01 6.31 -6.73
N GLU A 15 2.62 5.76 -7.87
CA GLU A 15 2.92 6.36 -9.17
C GLU A 15 2.19 7.69 -9.31
N GLU A 16 1.07 7.78 -8.66
CA GLU A 16 0.25 8.94 -8.67
C GLU A 16 -0.24 9.17 -7.24
N PRO A 17 -0.32 10.43 -6.79
CA PRO A 17 -0.78 10.74 -5.42
C PRO A 17 -2.29 10.57 -5.27
N VAL A 18 -2.97 10.67 -6.38
CA VAL A 18 -4.39 10.53 -6.47
C VAL A 18 -4.67 9.66 -7.67
N THR A 19 -5.51 8.70 -7.51
CA THR A 19 -5.85 7.85 -8.59
C THR A 19 -7.35 7.87 -8.73
N HIS A 20 -7.81 7.88 -9.92
CA HIS A 20 -9.20 7.93 -10.16
C HIS A 20 -9.62 6.60 -10.70
N VAL A 21 -10.72 6.13 -10.25
CA VAL A 21 -11.22 4.87 -10.66
C VAL A 21 -12.68 5.02 -11.02
N SER A 22 -13.13 4.11 -11.81
CA SER A 22 -14.47 4.05 -12.24
C SER A 22 -15.30 3.27 -11.21
N GLU A 23 -16.61 3.23 -11.39
CA GLU A 23 -17.43 2.54 -10.42
C GLU A 23 -17.67 1.11 -10.87
N SER A 24 -18.25 0.94 -12.03
CA SER A 24 -18.52 -0.38 -12.58
C SER A 24 -17.26 -0.90 -13.33
N ILE A 25 -16.15 -0.91 -12.62
CA ILE A 25 -14.88 -1.35 -13.16
C ILE A 25 -14.52 -2.76 -12.68
N GLY A 26 -14.92 -3.08 -11.48
CA GLY A 26 -14.57 -4.34 -10.92
C GLY A 26 -13.33 -4.24 -10.10
N ILE A 27 -12.20 -4.21 -10.75
CA ILE A 27 -10.93 -4.20 -10.07
C ILE A 27 -10.13 -3.05 -10.58
N MET A 28 -9.71 -2.22 -9.69
CA MET A 28 -8.86 -1.13 -10.04
C MET A 28 -7.47 -1.49 -9.60
N GLU A 29 -6.48 -1.01 -10.30
CA GLU A 29 -5.11 -1.26 -9.98
C GLU A 29 -4.32 0.01 -9.95
N VAL A 30 -3.55 0.17 -8.92
CA VAL A 30 -2.68 1.30 -8.77
C VAL A 30 -1.26 0.82 -8.86
N LYS A 31 -0.50 1.42 -9.74
CA LYS A 31 0.87 1.02 -9.98
C LYS A 31 1.77 1.66 -8.92
N VAL A 32 2.58 0.87 -8.28
CA VAL A 32 3.47 1.36 -7.26
C VAL A 32 4.90 1.41 -7.79
N LEU A 33 5.53 2.56 -7.62
CA LEU A 33 6.88 2.77 -8.07
C LEU A 33 7.83 1.98 -7.18
N ARG A 34 8.67 1.18 -7.81
CA ARG A 34 9.59 0.35 -7.10
C ARG A 34 10.87 1.13 -6.85
N THR A 35 11.63 0.68 -5.89
CA THR A 35 12.88 1.25 -5.51
C THR A 35 13.86 1.35 -6.70
N SER A 36 14.60 2.45 -6.73
CA SER A 36 15.62 2.72 -7.71
C SER A 36 16.63 1.55 -7.71
N GLY A 37 16.90 1.04 -6.54
CA GLY A 37 17.79 -0.06 -6.38
C GLY A 37 17.04 -1.19 -5.77
N ALA A 38 16.57 -2.09 -6.59
CA ALA A 38 15.86 -3.24 -6.10
C ALA A 38 16.86 -4.29 -5.76
N ARG A 39 17.14 -4.41 -4.50
CA ARG A 39 18.14 -5.32 -4.04
C ARG A 39 17.52 -6.50 -3.36
N GLY A 40 17.27 -7.53 -4.13
CA GLY A 40 16.79 -8.74 -3.53
C GLY A 40 15.30 -8.73 -3.40
N ASN A 41 14.81 -9.22 -2.29
CA ASN A 41 13.38 -9.30 -2.07
C ASN A 41 12.96 -8.38 -0.95
N VAL A 42 12.08 -7.48 -1.28
CA VAL A 42 11.51 -6.53 -0.36
C VAL A 42 10.00 -6.69 -0.40
N ILE A 43 9.35 -6.54 0.72
CA ILE A 43 7.91 -6.62 0.76
C ILE A 43 7.36 -5.28 1.23
N VAL A 44 6.30 -4.83 0.59
CA VAL A 44 5.65 -3.60 0.98
C VAL A 44 4.16 -3.87 1.28
N PRO A 45 3.77 -3.79 2.56
CA PRO A 45 2.37 -3.99 2.97
C PRO A 45 1.47 -2.81 2.58
N TYR A 46 0.18 -3.07 2.47
CA TYR A 46 -0.78 -2.03 2.13
C TYR A 46 -2.12 -2.31 2.75
N LYS A 47 -2.96 -1.29 2.82
CA LYS A 47 -4.32 -1.41 3.35
C LYS A 47 -5.19 -0.28 2.83
N THR A 48 -6.47 -0.50 2.82
CA THR A 48 -7.44 0.50 2.44
C THR A 48 -7.90 1.31 3.66
N ILE A 49 -8.03 2.61 3.48
CA ILE A 49 -8.49 3.53 4.50
C ILE A 49 -9.87 4.06 4.11
N GLU A 50 -10.89 3.74 4.90
CA GLU A 50 -12.25 4.19 4.63
C GLU A 50 -12.38 5.65 5.04
N GLY A 51 -12.31 6.52 4.08
CA GLY A 51 -12.45 7.92 4.37
C GLY A 51 -13.78 8.41 3.94
N THR A 52 -13.82 8.83 2.74
CA THR A 52 -14.97 9.43 2.14
C THR A 52 -15.66 8.38 1.23
N ALA A 53 -15.49 7.14 1.62
CA ALA A 53 -16.04 6.00 0.95
C ALA A 53 -16.12 4.89 1.97
N ARG A 54 -17.13 4.08 1.87
CA ARG A 54 -17.38 3.04 2.83
C ARG A 54 -16.76 1.73 2.42
N GLY A 55 -16.07 1.14 3.34
CA GLY A 55 -15.33 -0.06 3.09
C GLY A 55 -16.08 -1.30 3.48
N GLY A 56 -15.39 -2.42 3.52
CA GLY A 56 -15.97 -3.68 3.91
C GLY A 56 -16.80 -4.31 2.82
N GLY A 57 -16.75 -3.76 1.62
CA GLY A 57 -17.53 -4.28 0.55
C GLY A 57 -18.79 -3.49 0.35
N GLU A 58 -18.80 -2.26 0.80
CA GLU A 58 -19.98 -1.46 0.66
C GLU A 58 -19.85 -0.54 -0.56
N ASP A 59 -18.88 0.37 -0.54
CA ASP A 59 -18.58 1.15 -1.75
C ASP A 59 -17.38 0.54 -2.40
N PHE A 60 -16.43 0.18 -1.58
CA PHE A 60 -15.25 -0.50 -2.03
C PHE A 60 -15.01 -1.66 -1.11
N GLU A 61 -14.34 -2.65 -1.61
CA GLU A 61 -13.98 -3.79 -0.83
C GLU A 61 -12.73 -3.42 -0.03
N ASP A 62 -12.70 -3.80 1.22
CA ASP A 62 -11.59 -3.44 2.09
C ASP A 62 -10.51 -4.48 1.94
N THR A 63 -9.35 -4.06 1.54
CA THR A 63 -8.32 -4.98 1.25
C THR A 63 -7.02 -4.57 1.95
N CYS A 64 -6.12 -5.49 1.98
CA CYS A 64 -4.85 -5.35 2.60
C CYS A 64 -3.99 -6.43 2.02
N GLY A 65 -2.71 -6.32 2.16
CA GLY A 65 -1.85 -7.33 1.64
C GLY A 65 -0.44 -6.86 1.64
N GLU A 66 0.41 -7.60 0.99
CA GLU A 66 1.80 -7.33 0.92
C GLU A 66 2.30 -7.52 -0.49
N LEU A 67 2.83 -6.46 -1.05
CA LEU A 67 3.35 -6.47 -2.40
C LEU A 67 4.77 -6.91 -2.40
N GLU A 68 5.04 -7.87 -3.22
CA GLU A 68 6.36 -8.38 -3.32
C GLU A 68 7.15 -7.57 -4.33
N PHE A 69 8.25 -7.04 -3.89
CA PHE A 69 9.10 -6.33 -4.77
C PHE A 69 10.50 -6.92 -4.75
N GLN A 70 10.78 -7.74 -5.72
CA GLN A 70 12.10 -8.29 -5.89
C GLN A 70 12.89 -7.49 -6.90
N ASN A 71 14.07 -7.96 -7.20
CA ASN A 71 14.92 -7.36 -8.21
C ASN A 71 14.45 -7.81 -9.60
N ASP A 72 13.73 -8.92 -9.62
CA ASP A 72 13.20 -9.53 -10.85
C ASP A 72 12.03 -8.73 -11.43
N GLU A 73 11.03 -8.47 -10.61
CA GLU A 73 9.83 -7.77 -11.06
C GLU A 73 10.04 -6.30 -11.41
N ILE A 74 9.02 -5.73 -12.02
CA ILE A 74 9.00 -4.33 -12.41
C ILE A 74 8.08 -3.48 -11.52
N VAL A 75 6.79 -3.76 -11.51
CA VAL A 75 5.84 -2.99 -10.74
C VAL A 75 4.82 -3.95 -10.12
N LYS A 76 4.10 -3.51 -9.12
CA LYS A 76 2.98 -4.24 -8.57
C LYS A 76 1.81 -3.32 -8.47
N THR A 77 0.65 -3.87 -8.29
CA THR A 77 -0.55 -3.11 -8.19
C THR A 77 -1.35 -3.51 -6.97
N ILE A 78 -2.11 -2.59 -6.48
CA ILE A 78 -3.09 -2.89 -5.46
C ILE A 78 -4.38 -3.12 -6.19
N SER A 79 -4.94 -4.28 -6.03
CA SER A 79 -6.17 -4.62 -6.69
C SER A 79 -7.32 -4.43 -5.72
N VAL A 80 -8.18 -3.50 -6.01
CA VAL A 80 -9.33 -3.24 -5.16
C VAL A 80 -10.58 -3.47 -5.93
N LYS A 81 -11.44 -4.27 -5.37
CA LYS A 81 -12.74 -4.52 -5.90
C LYS A 81 -13.62 -3.33 -5.57
N VAL A 82 -13.92 -2.57 -6.57
CA VAL A 82 -14.84 -1.51 -6.41
C VAL A 82 -16.19 -2.15 -6.51
N ILE A 83 -16.98 -1.99 -5.50
CA ILE A 83 -18.24 -2.66 -5.43
C ILE A 83 -19.15 -2.14 -6.51
N ASP A 84 -19.69 -3.05 -7.26
CA ASP A 84 -20.52 -2.74 -8.40
C ASP A 84 -21.91 -2.41 -7.89
N ASP A 85 -22.04 -1.18 -7.49
CA ASP A 85 -23.25 -0.67 -6.89
C ASP A 85 -23.70 0.56 -7.60
N GLU A 86 -24.75 0.41 -8.36
CA GLU A 86 -25.30 1.50 -9.13
C GLU A 86 -26.05 2.46 -8.20
N GLU A 87 -25.34 3.41 -7.66
CA GLU A 87 -25.89 4.40 -6.79
C GLU A 87 -25.04 5.64 -6.86
N TYR A 88 -25.67 6.78 -6.94
CA TYR A 88 -24.98 8.02 -7.09
C TYR A 88 -25.33 8.90 -5.90
N GLU A 89 -24.42 8.98 -4.95
CA GLU A 89 -24.67 9.75 -3.73
C GLU A 89 -23.67 10.89 -3.64
N LYS A 90 -22.43 10.51 -3.63
CA LYS A 90 -21.32 11.39 -3.45
C LYS A 90 -20.14 10.65 -4.03
N ASN A 91 -19.17 11.37 -4.55
CA ASN A 91 -17.94 10.75 -5.03
C ASN A 91 -17.28 10.05 -3.88
N LYS A 92 -17.17 8.77 -3.99
CA LYS A 92 -16.64 7.97 -2.94
C LYS A 92 -15.14 7.95 -3.09
N THR A 93 -14.45 8.42 -2.11
CA THR A 93 -13.03 8.47 -2.21
C THR A 93 -12.36 7.98 -0.95
N PHE A 94 -11.51 7.02 -1.12
CA PHE A 94 -10.83 6.44 0.00
C PHE A 94 -9.36 6.62 -0.18
N PHE A 95 -8.60 6.18 0.77
CA PHE A 95 -7.18 6.37 0.73
C PHE A 95 -6.50 5.03 0.82
N LEU A 96 -5.36 4.94 0.22
CA LEU A 96 -4.60 3.73 0.22
C LEU A 96 -3.28 4.08 0.86
N GLU A 97 -2.84 3.29 1.80
CA GLU A 97 -1.57 3.52 2.40
C GLU A 97 -0.71 2.29 2.32
N ILE A 98 0.48 2.47 1.82
CA ILE A 98 1.45 1.42 1.79
C ILE A 98 2.39 1.64 2.95
N GLY A 99 2.76 0.57 3.58
CA GLY A 99 3.58 0.65 4.74
C GLY A 99 5.03 0.70 4.38
N GLU A 100 5.85 0.74 5.39
CA GLU A 100 7.27 0.81 5.21
C GLU A 100 7.81 -0.52 4.72
N PRO A 101 8.60 -0.47 3.64
CA PRO A 101 9.15 -1.65 3.01
C PRO A 101 10.03 -2.47 3.95
N ARG A 102 9.73 -3.74 4.01
CA ARG A 102 10.42 -4.64 4.87
C ARG A 102 11.38 -5.49 4.02
N LEU A 103 12.65 -5.39 4.32
CA LEU A 103 13.66 -6.20 3.68
C LEU A 103 13.42 -7.63 4.11
N VAL A 104 13.35 -8.52 3.16
CA VAL A 104 13.07 -9.90 3.47
C VAL A 104 14.33 -10.62 3.87
N GLU A 105 14.53 -10.69 5.17
CA GLU A 105 15.58 -11.47 5.77
C GLU A 105 15.18 -12.91 5.48
N MET A 106 16.11 -13.72 5.00
CA MET A 106 15.78 -15.08 4.56
C MET A 106 15.20 -15.94 5.68
N SER A 107 15.62 -15.66 6.91
CA SER A 107 15.12 -16.29 8.10
C SER A 107 15.16 -17.81 8.05
N GLU A 108 16.31 -18.36 7.77
CA GLU A 108 16.45 -19.79 7.74
C GLU A 108 16.60 -20.29 9.17
N LYS A 109 15.95 -21.38 9.47
CA LYS A 109 15.86 -21.84 10.83
C LYS A 109 17.07 -22.60 11.30
N LYS A 110 17.74 -21.97 12.23
CA LYS A 110 18.86 -22.54 12.91
C LYS A 110 18.37 -23.14 14.23
N GLY A 111 17.21 -22.69 14.66
CA GLY A 111 16.62 -23.19 15.85
C GLY A 111 15.23 -23.70 15.58
N GLY A 112 14.26 -23.11 16.23
CA GLY A 112 12.90 -23.55 16.03
C GLY A 112 11.90 -22.46 16.34
N PHE A 113 12.23 -21.26 15.97
CA PHE A 113 11.32 -20.16 16.15
C PHE A 113 11.13 -19.45 14.83
N THR A 114 10.01 -19.68 14.23
CA THR A 114 9.69 -19.03 13.00
C THR A 114 8.80 -17.82 13.30
N ILE A 115 8.45 -17.08 12.29
CA ILE A 115 7.58 -15.95 12.44
C ILE A 115 6.15 -16.46 12.49
N THR A 116 5.51 -16.29 13.61
CA THR A 116 4.18 -16.72 13.75
C THR A 116 3.22 -15.53 13.70
N GLU A 117 2.79 -15.22 12.51
CA GLU A 117 1.90 -14.13 12.30
C GLU A 117 0.49 -14.68 12.21
N GLU A 118 -0.47 -13.89 12.58
CA GLU A 118 -1.84 -14.32 12.52
C GLU A 118 -2.71 -13.23 11.91
N TYR A 119 -2.81 -12.12 12.57
CA TYR A 119 -3.66 -11.05 12.13
C TYR A 119 -2.93 -9.73 12.08
N ASP A 120 -2.98 -9.07 10.97
CA ASP A 120 -2.39 -7.77 10.86
C ASP A 120 -3.47 -6.72 10.95
N ASP A 121 -3.90 -6.50 12.16
CA ASP A 121 -4.91 -5.54 12.49
C ASP A 121 -4.41 -4.73 13.65
N LYS A 122 -3.78 -3.62 13.30
CA LYS A 122 -3.19 -2.67 14.23
C LYS A 122 -2.06 -3.29 15.03
N GLN A 123 -0.91 -3.38 14.41
CA GLN A 123 0.26 -3.88 15.08
C GLN A 123 1.23 -2.75 15.33
N PRO A 124 1.83 -2.68 16.52
CA PRO A 124 2.86 -1.71 16.81
C PRO A 124 4.13 -2.07 16.07
N LEU A 125 4.79 -1.10 15.52
CA LEU A 125 6.02 -1.32 14.79
C LEU A 125 7.20 -1.32 15.76
N THR A 126 8.38 -1.44 15.24
CA THR A 126 9.55 -1.46 16.06
C THR A 126 9.80 -0.09 16.68
N SER A 127 9.84 -0.06 17.98
CA SER A 127 10.02 1.15 18.72
C SER A 127 11.45 1.67 18.52
N LYS A 128 11.58 2.97 18.41
CA LYS A 128 12.85 3.60 18.15
C LYS A 128 13.75 3.64 19.38
N GLU A 129 14.51 2.60 19.52
CA GLU A 129 15.50 2.48 20.58
C GLU A 129 16.83 2.18 19.92
N GLU A 130 17.91 2.50 20.59
CA GLU A 130 19.23 2.29 20.04
C GLU A 130 19.70 0.86 20.20
N GLU A 131 19.03 -0.02 19.51
CA GLU A 131 19.40 -1.40 19.43
C GLU A 131 20.25 -1.52 18.18
N GLU A 132 20.88 -2.68 17.93
CA GLU A 132 21.69 -2.81 16.71
C GLU A 132 20.81 -2.67 15.46
N ARG A 133 19.50 -2.82 15.67
CA ARG A 133 18.50 -2.61 14.65
C ARG A 133 18.58 -1.21 14.05
N ARG A 134 19.10 -0.25 14.81
CA ARG A 134 19.23 1.12 14.35
C ARG A 134 20.12 1.20 13.09
N ILE A 135 21.02 0.24 12.95
CA ILE A 135 21.85 0.14 11.76
C ILE A 135 20.98 -0.37 10.60
N ALA A 136 20.14 -1.33 10.90
CA ALA A 136 19.25 -1.93 9.91
C ALA A 136 18.18 -0.93 9.47
N GLU A 137 17.80 -0.03 10.37
CA GLU A 137 16.83 1.03 10.08
C GLU A 137 17.29 1.92 8.93
N MET A 138 18.59 2.16 8.84
CA MET A 138 19.12 3.02 7.77
C MET A 138 19.53 2.16 6.58
N GLY A 139 19.58 0.87 6.83
CA GLY A 139 19.97 -0.09 5.83
C GLY A 139 18.77 -0.83 5.31
N ARG A 140 17.62 -0.21 5.40
CA ARG A 140 16.41 -0.79 4.90
C ARG A 140 16.17 -0.26 3.51
N PRO A 141 15.34 -0.93 2.76
CA PRO A 141 14.74 -0.33 1.61
C PRO A 141 13.75 0.68 2.16
N ILE A 142 13.67 1.84 1.59
CA ILE A 142 12.84 2.84 2.19
C ILE A 142 11.80 3.38 1.24
N LEU A 143 10.88 4.11 1.78
CA LEU A 143 9.83 4.65 0.99
C LEU A 143 10.09 6.10 0.63
N GLY A 144 9.24 6.62 -0.21
CA GLY A 144 9.37 7.96 -0.66
C GLY A 144 9.01 8.98 0.38
N GLU A 145 8.95 10.23 -0.01
CA GLU A 145 8.65 11.31 0.89
C GLU A 145 7.27 11.14 1.48
N HIS A 146 6.33 10.73 0.67
CA HIS A 146 4.98 10.51 1.13
C HIS A 146 4.40 9.28 0.47
N THR A 147 3.80 8.45 1.25
CA THR A 147 3.17 7.28 0.76
C THR A 147 1.70 7.29 1.11
N LYS A 148 0.91 7.75 0.18
CA LYS A 148 -0.50 7.91 0.37
C LYS A 148 -1.12 8.03 -0.98
N LEU A 149 -2.27 7.46 -1.14
CA LEU A 149 -2.97 7.52 -2.37
C LEU A 149 -4.39 7.89 -2.10
N GLU A 150 -4.90 8.82 -2.85
CA GLU A 150 -6.28 9.17 -2.79
C GLU A 150 -6.97 8.45 -3.94
N VAL A 151 -7.90 7.60 -3.64
CA VAL A 151 -8.61 6.87 -4.67
C VAL A 151 -10.00 7.43 -4.80
N ILE A 152 -10.31 7.96 -5.95
CA ILE A 152 -11.63 8.53 -6.19
C ILE A 152 -12.47 7.60 -7.03
N ILE A 153 -13.61 7.22 -6.51
CA ILE A 153 -14.55 6.40 -7.23
C ILE A 153 -15.74 7.25 -7.66
N GLU A 154 -15.83 7.53 -8.91
CA GLU A 154 -17.03 8.06 -9.47
C GLU A 154 -17.26 7.31 -10.75
N GLU A 155 -18.48 7.12 -11.17
CA GLU A 155 -18.71 6.40 -12.37
C GLU A 155 -18.11 7.13 -13.56
N SER A 156 -17.34 6.41 -14.31
CA SER A 156 -16.59 6.97 -15.38
C SER A 156 -16.38 5.94 -16.50
N TYR A 157 -17.07 6.13 -17.59
CA TYR A 157 -16.94 5.26 -18.73
C TYR A 157 -15.93 5.80 -19.70
N GLU A 158 -16.12 7.03 -20.09
CA GLU A 158 -15.28 7.65 -21.07
C GLU A 158 -13.93 8.02 -20.49
N PHE A 159 -13.94 8.49 -19.28
CA PHE A 159 -12.74 8.85 -18.60
C PHE A 159 -12.46 7.88 -17.50
N LYS A 160 -11.26 7.87 -17.03
CA LYS A 160 -10.90 7.09 -15.87
C LYS A 160 -10.02 7.94 -14.98
N SER A 161 -9.90 9.19 -15.34
CA SER A 161 -9.10 10.15 -14.63
C SER A 161 -9.88 11.46 -14.57
N THR A 162 -9.52 12.33 -13.68
CA THR A 162 -10.21 13.58 -13.56
C THR A 162 -9.21 14.71 -13.70
N VAL A 163 -9.62 15.79 -14.31
CA VAL A 163 -8.75 16.94 -14.47
C VAL A 163 -8.77 17.74 -13.18
N ASP A 164 -7.63 17.82 -12.54
CA ASP A 164 -7.51 18.52 -11.27
C ASP A 164 -7.01 19.95 -11.47
N HIS A 8 17.94 4.89 0.23
CA HIS A 8 19.11 4.05 0.50
C HIS A 8 18.96 2.76 -0.24
N ALA A 9 17.74 2.47 -0.53
CA ALA A 9 17.36 1.35 -1.36
C ALA A 9 16.50 1.86 -2.49
N GLY A 10 16.34 3.15 -2.52
CA GLY A 10 15.53 3.73 -3.53
C GLY A 10 14.33 4.40 -2.95
N ILE A 11 13.33 4.60 -3.77
CA ILE A 11 12.15 5.31 -3.38
C ILE A 11 10.89 4.45 -3.63
N PHE A 12 10.24 4.00 -2.57
CA PHE A 12 8.94 3.34 -2.70
C PHE A 12 7.85 4.37 -2.56
N THR A 13 6.97 4.44 -3.53
CA THR A 13 5.87 5.36 -3.48
C THR A 13 4.87 4.99 -4.57
N PHE A 14 3.77 5.68 -4.62
CA PHE A 14 2.77 5.44 -5.61
C PHE A 14 3.15 6.12 -6.91
N GLU A 15 2.77 5.52 -8.04
CA GLU A 15 3.05 6.06 -9.35
C GLU A 15 2.33 7.39 -9.53
N GLU A 16 1.18 7.49 -8.93
CA GLU A 16 0.39 8.68 -8.94
C GLU A 16 -0.13 8.88 -7.54
N PRO A 17 -0.18 10.13 -7.06
CA PRO A 17 -0.64 10.44 -5.70
C PRO A 17 -2.15 10.34 -5.56
N VAL A 18 -2.85 10.52 -6.65
CA VAL A 18 -4.28 10.48 -6.67
C VAL A 18 -4.67 9.66 -7.87
N THR A 19 -5.61 8.79 -7.72
CA THR A 19 -6.06 8.01 -8.82
C THR A 19 -7.59 8.11 -8.90
N HIS A 20 -8.09 8.29 -10.08
CA HIS A 20 -9.51 8.36 -10.27
C HIS A 20 -9.97 7.11 -10.96
N VAL A 21 -10.82 6.40 -10.30
CA VAL A 21 -11.29 5.15 -10.80
C VAL A 21 -12.77 5.24 -11.07
N SER A 22 -13.26 4.36 -11.86
CA SER A 22 -14.62 4.30 -12.22
C SER A 22 -15.40 3.44 -11.21
N GLU A 23 -16.70 3.61 -11.15
CA GLU A 23 -17.53 2.77 -10.28
C GLU A 23 -17.72 1.39 -10.89
N SER A 24 -18.11 1.35 -12.15
CA SER A 24 -18.43 0.09 -12.84
C SER A 24 -17.17 -0.55 -13.46
N ILE A 25 -16.07 -0.50 -12.75
CA ILE A 25 -14.81 -0.99 -13.26
C ILE A 25 -14.52 -2.41 -12.77
N GLY A 26 -15.08 -2.77 -11.64
CA GLY A 26 -14.82 -4.04 -11.06
C GLY A 26 -13.60 -4.00 -10.20
N ILE A 27 -12.46 -3.94 -10.83
CA ILE A 27 -11.21 -3.97 -10.15
C ILE A 27 -10.38 -2.83 -10.66
N MET A 28 -9.80 -2.09 -9.78
CA MET A 28 -8.92 -1.03 -10.17
C MET A 28 -7.55 -1.40 -9.67
N GLU A 29 -6.55 -0.96 -10.36
CA GLU A 29 -5.19 -1.24 -9.96
C GLU A 29 -4.36 0.00 -9.92
N VAL A 30 -3.50 0.05 -8.95
CA VAL A 30 -2.60 1.17 -8.77
C VAL A 30 -1.18 0.65 -8.82
N LYS A 31 -0.36 1.26 -9.66
CA LYS A 31 1.01 0.85 -9.84
C LYS A 31 1.85 1.47 -8.73
N VAL A 32 2.60 0.67 -8.06
CA VAL A 32 3.45 1.16 -7.02
C VAL A 32 4.88 1.17 -7.52
N LEU A 33 5.50 2.31 -7.47
CA LEU A 33 6.83 2.49 -7.94
C LEU A 33 7.80 1.80 -7.01
N ARG A 34 8.45 0.81 -7.55
CA ARG A 34 9.44 0.05 -6.85
C ARG A 34 10.64 0.92 -6.57
N THR A 35 11.38 0.58 -5.54
CA THR A 35 12.57 1.25 -5.19
C THR A 35 13.55 1.26 -6.34
N SER A 36 14.22 2.37 -6.45
CA SER A 36 15.20 2.67 -7.43
C SER A 36 16.40 1.70 -7.33
N GLY A 37 16.50 1.03 -6.19
CA GLY A 37 17.49 0.02 -5.98
C GLY A 37 16.89 -1.15 -5.23
N ALA A 38 16.20 -2.01 -5.93
CA ALA A 38 15.57 -3.14 -5.29
C ALA A 38 16.59 -4.24 -5.19
N ARG A 39 17.12 -4.37 -4.02
CA ARG A 39 18.19 -5.28 -3.78
C ARG A 39 17.68 -6.54 -3.13
N GLY A 40 17.38 -7.53 -3.93
CA GLY A 40 16.92 -8.77 -3.40
C GLY A 40 15.43 -8.86 -3.43
N ASN A 41 14.84 -9.01 -2.29
CA ASN A 41 13.42 -9.06 -2.17
C ASN A 41 12.98 -8.17 -1.05
N VAL A 42 11.98 -7.38 -1.30
CA VAL A 42 11.45 -6.48 -0.32
C VAL A 42 9.93 -6.62 -0.33
N ILE A 43 9.34 -6.65 0.83
CA ILE A 43 7.91 -6.73 0.93
C ILE A 43 7.35 -5.38 1.36
N VAL A 44 6.28 -4.96 0.74
CA VAL A 44 5.65 -3.73 1.12
C VAL A 44 4.19 -3.98 1.50
N PRO A 45 3.85 -3.82 2.79
CA PRO A 45 2.47 -3.96 3.24
C PRO A 45 1.62 -2.76 2.83
N TYR A 46 0.36 -2.98 2.63
CA TYR A 46 -0.54 -1.91 2.23
C TYR A 46 -1.92 -2.15 2.78
N LYS A 47 -2.73 -1.11 2.77
CA LYS A 47 -4.10 -1.18 3.23
C LYS A 47 -4.91 -0.05 2.62
N THR A 48 -6.19 -0.23 2.58
CA THR A 48 -7.10 0.79 2.19
C THR A 48 -7.47 1.63 3.43
N ILE A 49 -7.84 2.86 3.20
CA ILE A 49 -8.26 3.75 4.26
C ILE A 49 -9.59 4.33 3.86
N GLU A 50 -10.60 4.07 4.65
CA GLU A 50 -11.95 4.55 4.38
C GLU A 50 -12.00 6.07 4.47
N GLY A 51 -12.39 6.69 3.38
CA GLY A 51 -12.56 8.12 3.36
C GLY A 51 -14.03 8.43 3.42
N THR A 52 -14.60 8.80 2.31
CA THR A 52 -16.03 9.00 2.25
C THR A 52 -16.68 7.67 1.85
N ALA A 53 -15.86 6.84 1.22
CA ALA A 53 -16.27 5.53 0.77
C ALA A 53 -16.20 4.55 1.92
N ARG A 54 -17.20 3.72 2.03
CA ARG A 54 -17.29 2.72 3.07
C ARG A 54 -16.66 1.41 2.65
N GLY A 55 -16.04 0.78 3.60
CA GLY A 55 -15.47 -0.53 3.38
C GLY A 55 -16.50 -1.60 3.69
N GLY A 56 -16.04 -2.79 3.97
CA GLY A 56 -16.95 -3.88 4.30
C GLY A 56 -17.74 -4.36 3.10
N GLY A 57 -17.17 -4.17 1.93
CA GLY A 57 -17.82 -4.56 0.70
C GLY A 57 -19.04 -3.73 0.41
N GLU A 58 -19.00 -2.47 0.78
CA GLU A 58 -20.11 -1.58 0.55
C GLU A 58 -19.86 -0.65 -0.63
N ASP A 59 -18.88 0.21 -0.51
CA ASP A 59 -18.53 1.09 -1.61
C ASP A 59 -17.33 0.54 -2.28
N PHE A 60 -16.38 0.16 -1.48
CA PHE A 60 -15.21 -0.47 -1.97
C PHE A 60 -14.94 -1.65 -1.11
N GLU A 61 -14.31 -2.61 -1.68
CA GLU A 61 -13.90 -3.75 -0.95
C GLU A 61 -12.57 -3.40 -0.32
N ASP A 62 -12.54 -3.31 0.99
CA ASP A 62 -11.32 -2.95 1.69
C ASP A 62 -10.29 -4.05 1.57
N THR A 63 -9.06 -3.68 1.40
CA THR A 63 -8.04 -4.63 1.16
C THR A 63 -6.75 -4.25 1.85
N CYS A 64 -6.03 -5.24 2.25
CA CYS A 64 -4.75 -5.10 2.87
C CYS A 64 -3.93 -6.30 2.47
N GLY A 65 -2.64 -6.19 2.53
CA GLY A 65 -1.82 -7.29 2.16
C GLY A 65 -0.40 -6.86 2.03
N GLU A 66 0.38 -7.68 1.40
CA GLU A 66 1.79 -7.44 1.23
C GLU A 66 2.20 -7.65 -0.23
N LEU A 67 2.83 -6.64 -0.80
CA LEU A 67 3.34 -6.69 -2.17
C LEU A 67 4.75 -7.15 -2.15
N GLU A 68 5.07 -8.05 -3.03
CA GLU A 68 6.36 -8.62 -3.08
C GLU A 68 7.18 -7.99 -4.20
N PHE A 69 8.15 -7.21 -3.84
CA PHE A 69 9.01 -6.59 -4.79
C PHE A 69 10.35 -7.26 -4.81
N GLN A 70 10.59 -8.04 -5.80
CA GLN A 70 11.86 -8.66 -6.01
C GLN A 70 12.71 -7.69 -6.82
N ASN A 71 13.97 -8.02 -7.00
CA ASN A 71 14.84 -7.27 -7.89
C ASN A 71 14.43 -7.57 -9.34
N ASP A 72 13.83 -8.73 -9.52
CA ASP A 72 13.26 -9.16 -10.80
C ASP A 72 11.96 -8.43 -11.10
N GLU A 73 11.09 -8.36 -10.09
CA GLU A 73 9.79 -7.72 -10.18
C GLU A 73 9.90 -6.26 -10.52
N ILE A 74 9.16 -5.84 -11.50
CA ILE A 74 9.18 -4.46 -11.93
C ILE A 74 8.20 -3.60 -11.13
N VAL A 75 6.94 -3.94 -11.17
CA VAL A 75 5.93 -3.20 -10.47
C VAL A 75 4.90 -4.14 -9.88
N LYS A 76 4.23 -3.71 -8.85
CA LYS A 76 3.11 -4.41 -8.31
C LYS A 76 1.93 -3.49 -8.30
N THR A 77 0.79 -4.07 -8.28
CA THR A 77 -0.44 -3.33 -8.24
C THR A 77 -1.31 -3.76 -7.09
N ILE A 78 -2.09 -2.84 -6.60
CA ILE A 78 -3.12 -3.15 -5.64
C ILE A 78 -4.41 -3.25 -6.41
N SER A 79 -5.03 -4.37 -6.36
CA SER A 79 -6.29 -4.59 -7.00
C SER A 79 -7.41 -4.38 -5.99
N VAL A 80 -8.21 -3.38 -6.23
CA VAL A 80 -9.31 -3.09 -5.33
C VAL A 80 -10.61 -3.30 -6.04
N LYS A 81 -11.45 -4.06 -5.43
CA LYS A 81 -12.76 -4.31 -5.91
C LYS A 81 -13.65 -3.14 -5.55
N VAL A 82 -14.13 -2.45 -6.54
CA VAL A 82 -15.07 -1.40 -6.32
C VAL A 82 -16.42 -2.09 -6.29
N ILE A 83 -17.16 -1.89 -5.25
CA ILE A 83 -18.39 -2.62 -5.09
C ILE A 83 -19.45 -2.10 -6.04
N ASP A 84 -19.93 -2.99 -6.80
CA ASP A 84 -20.88 -2.69 -7.83
C ASP A 84 -22.27 -3.01 -7.32
N ASP A 85 -22.82 -2.08 -6.54
CA ASP A 85 -24.19 -2.20 -6.01
C ASP A 85 -24.49 -1.03 -5.10
N GLU A 86 -25.67 -0.47 -5.26
CA GLU A 86 -26.21 0.58 -4.38
C GLU A 86 -25.47 1.90 -4.43
N GLU A 87 -24.74 2.17 -5.49
CA GLU A 87 -24.15 3.48 -5.61
C GLU A 87 -25.22 4.44 -6.10
N TYR A 88 -25.82 5.07 -5.14
CA TYR A 88 -26.90 5.99 -5.34
C TYR A 88 -26.73 7.07 -4.26
N GLU A 89 -25.49 7.27 -3.84
CA GLU A 89 -25.22 8.15 -2.73
C GLU A 89 -24.45 9.41 -3.16
N LYS A 90 -23.19 9.25 -3.51
CA LYS A 90 -22.32 10.39 -3.75
C LYS A 90 -21.00 9.86 -4.28
N ASN A 91 -20.13 10.75 -4.74
CA ASN A 91 -18.78 10.38 -5.13
C ASN A 91 -18.05 9.82 -3.92
N LYS A 92 -17.48 8.67 -4.09
CA LYS A 92 -16.83 7.98 -3.00
C LYS A 92 -15.33 8.03 -3.19
N THR A 93 -14.61 8.32 -2.16
CA THR A 93 -13.19 8.32 -2.25
C THR A 93 -12.58 7.73 -0.98
N PHE A 94 -11.49 7.05 -1.15
CA PHE A 94 -10.78 6.44 -0.05
C PHE A 94 -9.30 6.59 -0.33
N PHE A 95 -8.48 6.18 0.59
CA PHE A 95 -7.06 6.36 0.44
C PHE A 95 -6.38 5.03 0.48
N LEU A 96 -5.18 4.99 -0.01
CA LEU A 96 -4.39 3.81 0.00
C LEU A 96 -3.07 4.19 0.61
N GLU A 97 -2.63 3.41 1.56
CA GLU A 97 -1.39 3.69 2.20
C GLU A 97 -0.53 2.44 2.21
N ILE A 98 0.72 2.63 1.95
CA ILE A 98 1.68 1.57 1.98
C ILE A 98 2.56 1.78 3.18
N GLY A 99 2.93 0.71 3.81
CA GLY A 99 3.75 0.79 4.98
C GLY A 99 5.20 0.76 4.62
N GLU A 100 6.04 0.78 5.62
CA GLU A 100 7.46 0.74 5.39
C GLU A 100 7.90 -0.61 4.86
N PRO A 101 8.71 -0.61 3.80
CA PRO A 101 9.18 -1.81 3.14
C PRO A 101 10.05 -2.70 4.05
N ARG A 102 9.72 -3.94 4.11
CA ARG A 102 10.42 -4.89 4.95
C ARG A 102 11.28 -5.81 4.10
N LEU A 103 12.57 -5.75 4.35
CA LEU A 103 13.58 -6.49 3.63
C LEU A 103 13.42 -8.00 3.83
N VAL A 104 13.58 -8.71 2.75
CA VAL A 104 13.57 -10.16 2.76
C VAL A 104 14.97 -10.58 2.38
N GLU A 105 15.67 -11.21 3.30
CA GLU A 105 17.05 -11.60 3.12
C GLU A 105 17.20 -12.57 1.93
N MET A 106 18.40 -12.63 1.37
CA MET A 106 18.73 -13.48 0.19
C MET A 106 18.77 -14.99 0.54
N SER A 107 18.28 -15.29 1.69
CA SER A 107 18.19 -16.61 2.22
C SER A 107 16.72 -17.02 2.06
N GLU A 108 16.28 -18.01 2.79
CA GLU A 108 14.89 -18.34 2.78
C GLU A 108 14.14 -17.39 3.70
N LYS A 109 12.85 -17.17 3.43
CA LYS A 109 12.04 -16.21 4.18
C LYS A 109 11.94 -16.71 5.62
N LYS A 110 12.63 -16.04 6.49
CA LYS A 110 12.74 -16.43 7.88
C LYS A 110 12.57 -15.21 8.77
N GLY A 111 12.21 -15.44 9.99
CA GLY A 111 12.08 -14.36 10.93
C GLY A 111 10.67 -14.22 11.38
N GLY A 112 10.49 -13.74 12.58
CA GLY A 112 9.18 -13.54 13.11
C GLY A 112 8.65 -12.20 12.71
N PHE A 113 8.10 -12.11 11.52
CA PHE A 113 7.55 -10.89 11.02
C PHE A 113 6.17 -10.64 11.55
N THR A 114 6.13 -10.35 12.80
CA THR A 114 4.92 -10.02 13.48
C THR A 114 4.60 -8.58 13.17
N ILE A 115 3.34 -8.26 13.06
CA ILE A 115 2.95 -6.90 12.84
C ILE A 115 3.23 -6.08 14.12
N THR A 116 4.34 -5.39 14.12
CA THR A 116 4.79 -4.61 15.25
C THR A 116 4.00 -3.33 15.42
N GLU A 117 3.41 -2.87 14.34
CA GLU A 117 2.62 -1.67 14.35
C GLU A 117 1.22 -2.00 14.86
N GLU A 118 0.83 -1.43 15.97
CA GLU A 118 -0.50 -1.69 16.50
C GLU A 118 -1.48 -0.60 16.09
N TYR A 119 -0.94 0.45 15.51
CA TYR A 119 -1.73 1.52 14.98
C TYR A 119 -1.49 1.60 13.50
N ASP A 120 -2.51 1.36 12.73
CA ASP A 120 -2.37 1.33 11.28
C ASP A 120 -2.14 2.73 10.73
N ASP A 121 -2.52 3.73 11.51
CA ASP A 121 -2.33 5.15 11.15
C ASP A 121 -0.94 5.62 11.56
N LYS A 122 -0.19 4.76 12.21
CA LYS A 122 1.20 5.04 12.62
C LYS A 122 2.04 3.86 12.22
N GLN A 123 1.58 3.21 11.18
CA GLN A 123 2.24 2.05 10.65
C GLN A 123 3.53 2.45 9.92
N PRO A 124 3.50 3.39 8.95
CA PRO A 124 4.73 4.00 8.50
C PRO A 124 5.04 5.17 9.45
N LEU A 125 6.29 5.33 9.85
CA LEU A 125 6.62 6.39 10.77
C LEU A 125 6.47 7.74 10.12
N THR A 126 5.69 8.57 10.74
CA THR A 126 5.37 9.89 10.23
C THR A 126 6.42 10.91 10.71
N SER A 127 7.44 10.42 11.37
CA SER A 127 8.50 11.23 11.85
C SER A 127 9.38 11.71 10.69
N LYS A 128 9.22 12.96 10.34
CA LYS A 128 10.03 13.58 9.32
C LYS A 128 11.13 14.36 10.02
N GLU A 129 12.08 13.60 10.53
CA GLU A 129 13.16 14.11 11.33
C GLU A 129 14.22 13.03 11.39
N GLU A 130 15.44 13.39 11.63
CA GLU A 130 16.51 12.40 11.63
C GLU A 130 16.61 11.69 12.97
N GLU A 131 17.26 10.55 12.94
CA GLU A 131 17.44 9.71 14.09
C GLU A 131 18.57 8.75 13.73
N GLU A 132 19.28 8.22 14.70
CA GLU A 132 20.39 7.30 14.41
C GLU A 132 19.91 6.00 13.81
N ARG A 133 18.72 5.59 14.19
CA ARG A 133 18.07 4.44 13.59
C ARG A 133 17.82 4.71 12.12
N ARG A 134 17.46 5.94 11.82
CA ARG A 134 17.11 6.39 10.47
C ARG A 134 18.40 6.39 9.61
N ILE A 135 19.52 6.66 10.25
CA ILE A 135 20.80 6.65 9.58
C ILE A 135 21.21 5.19 9.32
N ALA A 136 20.97 4.34 10.31
CA ALA A 136 21.28 2.91 10.22
C ALA A 136 20.35 2.22 9.22
N GLU A 137 19.28 2.89 8.86
CA GLU A 137 18.33 2.41 7.85
C GLU A 137 18.95 2.28 6.46
N MET A 138 20.16 2.80 6.28
CA MET A 138 20.88 2.70 5.01
C MET A 138 20.99 1.25 4.48
N GLY A 139 20.90 0.27 5.37
CA GLY A 139 21.00 -1.12 4.98
C GLY A 139 19.64 -1.74 4.67
N ARG A 140 18.58 -1.05 5.00
CA ARG A 140 17.23 -1.57 4.79
C ARG A 140 16.56 -0.76 3.68
N PRO A 141 15.43 -1.22 3.15
CA PRO A 141 14.69 -0.46 2.19
C PRO A 141 13.77 0.52 2.87
N ILE A 142 13.65 1.68 2.28
CA ILE A 142 12.83 2.72 2.82
C ILE A 142 11.88 3.27 1.76
N LEU A 143 10.94 4.06 2.17
CA LEU A 143 9.98 4.63 1.25
C LEU A 143 10.34 6.06 0.86
N GLY A 144 9.53 6.64 0.01
CA GLY A 144 9.79 7.96 -0.53
C GLY A 144 9.46 9.11 0.41
N GLU A 145 9.23 10.25 -0.18
CA GLU A 145 8.94 11.47 0.54
C GLU A 145 7.56 11.38 1.19
N HIS A 146 6.60 10.98 0.40
CA HIS A 146 5.25 10.77 0.87
C HIS A 146 4.70 9.55 0.21
N THR A 147 3.92 8.80 0.93
CA THR A 147 3.33 7.61 0.44
C THR A 147 1.86 7.59 0.78
N LYS A 148 1.06 8.00 -0.17
CA LYS A 148 -0.38 8.10 0.04
C LYS A 148 -1.05 8.22 -1.30
N LEU A 149 -2.13 7.55 -1.45
CA LEU A 149 -2.88 7.58 -2.65
C LEU A 149 -4.29 7.96 -2.33
N GLU A 150 -4.83 8.85 -3.09
CA GLU A 150 -6.21 9.22 -2.95
C GLU A 150 -6.98 8.57 -4.09
N VAL A 151 -7.83 7.65 -3.76
CA VAL A 151 -8.59 6.94 -4.77
C VAL A 151 -9.99 7.49 -4.82
N ILE A 152 -10.29 8.16 -5.87
CA ILE A 152 -11.57 8.74 -6.06
C ILE A 152 -12.38 7.88 -7.01
N ILE A 153 -13.50 7.37 -6.56
CA ILE A 153 -14.35 6.53 -7.35
C ILE A 153 -15.44 7.41 -7.97
N GLU A 154 -15.32 7.64 -9.24
CA GLU A 154 -16.29 8.43 -9.93
C GLU A 154 -17.07 7.58 -10.91
N GLU A 155 -18.38 7.70 -10.84
CA GLU A 155 -19.25 6.94 -11.69
C GLU A 155 -19.05 7.35 -13.14
N SER A 156 -18.65 6.39 -13.88
CA SER A 156 -18.26 6.56 -15.22
C SER A 156 -18.86 5.40 -16.01
N TYR A 157 -19.87 5.72 -16.77
CA TYR A 157 -20.68 4.73 -17.50
C TYR A 157 -20.12 4.60 -18.90
N GLU A 158 -18.95 5.17 -19.08
CA GLU A 158 -18.32 5.34 -20.36
C GLU A 158 -18.04 3.99 -21.02
N PHE A 159 -17.46 3.10 -20.25
CA PHE A 159 -17.11 1.83 -20.79
C PHE A 159 -18.16 0.78 -20.50
N LYS A 160 -18.93 0.54 -21.52
CA LYS A 160 -19.97 -0.47 -21.57
C LYS A 160 -20.41 -0.54 -23.03
N SER A 161 -20.67 0.61 -23.58
CA SER A 161 -20.95 0.74 -24.96
C SER A 161 -19.61 0.91 -25.69
N THR A 162 -18.83 1.87 -25.24
CA THR A 162 -17.53 2.09 -25.77
C THR A 162 -16.47 1.74 -24.73
N VAL A 163 -15.93 0.54 -24.82
CA VAL A 163 -14.85 0.13 -23.93
C VAL A 163 -13.54 0.33 -24.65
N ASP A 164 -13.58 0.11 -25.95
CA ASP A 164 -12.43 0.27 -26.82
C ASP A 164 -12.88 0.85 -28.14
N HIS A 8 20.93 3.55 1.66
CA HIS A 8 19.70 3.93 1.00
C HIS A 8 19.35 2.91 -0.08
N ALA A 9 18.14 2.42 -0.02
CA ALA A 9 17.63 1.47 -0.99
C ALA A 9 17.06 2.23 -2.17
N GLY A 10 16.06 3.05 -1.91
CA GLY A 10 15.44 3.78 -2.97
C GLY A 10 14.14 4.36 -2.52
N ILE A 11 13.21 4.53 -3.44
CA ILE A 11 11.97 5.20 -3.15
C ILE A 11 10.78 4.34 -3.53
N PHE A 12 10.04 3.90 -2.56
CA PHE A 12 8.76 3.25 -2.81
C PHE A 12 7.66 4.26 -2.66
N THR A 13 6.79 4.34 -3.64
CA THR A 13 5.70 5.28 -3.61
C THR A 13 4.68 4.89 -4.69
N PHE A 14 3.58 5.59 -4.74
CA PHE A 14 2.56 5.32 -5.73
C PHE A 14 2.87 6.03 -7.02
N GLU A 15 2.39 5.47 -8.12
CA GLU A 15 2.64 6.02 -9.44
C GLU A 15 1.99 7.40 -9.56
N GLU A 16 0.82 7.55 -8.98
CA GLU A 16 0.16 8.83 -8.94
C GLU A 16 -0.31 9.10 -7.52
N PRO A 17 -0.38 10.36 -7.10
CA PRO A 17 -0.85 10.72 -5.76
C PRO A 17 -2.38 10.56 -5.62
N VAL A 18 -3.08 10.73 -6.72
CA VAL A 18 -4.52 10.66 -6.76
C VAL A 18 -4.93 9.88 -8.00
N THR A 19 -5.81 8.93 -7.85
CA THR A 19 -6.24 8.15 -8.97
C THR A 19 -7.78 8.13 -9.03
N HIS A 20 -8.31 8.21 -10.21
CA HIS A 20 -9.74 8.18 -10.40
C HIS A 20 -10.14 6.87 -11.03
N VAL A 21 -11.09 6.22 -10.43
CA VAL A 21 -11.58 4.94 -10.90
C VAL A 21 -13.09 5.05 -11.14
N SER A 22 -13.67 3.99 -11.63
CA SER A 22 -15.08 3.98 -11.92
C SER A 22 -15.84 3.20 -10.86
N GLU A 23 -17.12 3.48 -10.78
CA GLU A 23 -18.02 2.79 -9.93
C GLU A 23 -18.26 1.35 -10.46
N SER A 24 -18.34 1.22 -11.77
CA SER A 24 -18.57 -0.08 -12.39
C SER A 24 -17.30 -0.68 -13.01
N ILE A 25 -16.12 -0.23 -12.59
CA ILE A 25 -14.87 -0.80 -13.14
C ILE A 25 -14.69 -2.25 -12.65
N GLY A 26 -15.09 -2.48 -11.42
CA GLY A 26 -14.92 -3.78 -10.84
C GLY A 26 -13.66 -3.84 -10.06
N ILE A 27 -12.58 -3.99 -10.73
CA ILE A 27 -11.31 -4.12 -10.08
C ILE A 27 -10.38 -3.09 -10.70
N MET A 28 -9.68 -2.38 -9.89
CA MET A 28 -8.74 -1.41 -10.36
C MET A 28 -7.34 -1.79 -9.88
N GLU A 29 -6.33 -1.53 -10.71
CA GLU A 29 -4.94 -1.79 -10.37
C GLU A 29 -4.17 -0.51 -10.20
N VAL A 30 -3.54 -0.36 -9.07
CA VAL A 30 -2.68 0.80 -8.81
C VAL A 30 -1.24 0.38 -8.90
N LYS A 31 -0.46 1.06 -9.71
CA LYS A 31 0.95 0.76 -9.88
C LYS A 31 1.74 1.37 -8.73
N VAL A 32 2.55 0.58 -8.10
CA VAL A 32 3.41 1.07 -7.05
C VAL A 32 4.83 1.10 -7.56
N LEU A 33 5.36 2.30 -7.65
CA LEU A 33 6.70 2.53 -8.15
C LEU A 33 7.73 1.85 -7.27
N ARG A 34 8.51 1.00 -7.89
CA ARG A 34 9.51 0.23 -7.20
C ARG A 34 10.69 1.13 -6.81
N THR A 35 11.46 0.68 -5.85
CA THR A 35 12.64 1.33 -5.42
C THR A 35 13.67 1.38 -6.56
N SER A 36 14.37 2.50 -6.66
CA SER A 36 15.42 2.70 -7.61
C SER A 36 16.51 1.64 -7.38
N GLY A 37 16.75 1.32 -6.14
CA GLY A 37 17.72 0.35 -5.81
C GLY A 37 17.07 -0.89 -5.28
N ALA A 38 16.72 -1.77 -6.16
CA ALA A 38 16.10 -3.01 -5.75
C ALA A 38 17.19 -4.03 -5.53
N ARG A 39 17.52 -4.23 -4.29
CA ARG A 39 18.54 -5.18 -3.94
C ARG A 39 17.95 -6.41 -3.28
N GLY A 40 17.65 -7.39 -4.08
CA GLY A 40 17.17 -8.65 -3.54
C GLY A 40 15.66 -8.74 -3.54
N ASN A 41 15.11 -8.95 -2.38
CA ASN A 41 13.67 -9.10 -2.21
C ASN A 41 13.19 -8.24 -1.04
N VAL A 42 12.14 -7.49 -1.29
CA VAL A 42 11.58 -6.55 -0.33
C VAL A 42 10.06 -6.71 -0.30
N ILE A 43 9.48 -6.68 0.87
CA ILE A 43 8.02 -6.73 0.99
C ILE A 43 7.51 -5.37 1.38
N VAL A 44 6.47 -4.93 0.71
CA VAL A 44 5.85 -3.67 1.02
C VAL A 44 4.37 -3.91 1.34
N PRO A 45 3.97 -3.74 2.59
CA PRO A 45 2.56 -3.92 2.99
C PRO A 45 1.68 -2.77 2.49
N TYR A 46 0.40 -3.01 2.37
CA TYR A 46 -0.53 -1.98 1.95
C TYR A 46 -1.87 -2.22 2.57
N LYS A 47 -2.69 -1.20 2.61
CA LYS A 47 -4.05 -1.31 3.14
C LYS A 47 -4.94 -0.21 2.61
N THR A 48 -6.23 -0.48 2.57
CA THR A 48 -7.21 0.51 2.20
C THR A 48 -7.66 1.32 3.41
N ILE A 49 -7.85 2.58 3.23
CA ILE A 49 -8.26 3.47 4.28
C ILE A 49 -9.65 3.99 3.95
N GLU A 50 -10.58 3.83 4.87
CA GLU A 50 -11.93 4.28 4.66
C GLU A 50 -12.23 5.56 5.43
N GLY A 51 -13.18 6.29 4.94
CA GLY A 51 -13.58 7.55 5.55
C GLY A 51 -14.65 8.23 4.72
N THR A 52 -14.23 8.78 3.60
CA THR A 52 -15.12 9.44 2.65
C THR A 52 -15.80 8.42 1.73
N ALA A 53 -15.56 7.18 2.03
CA ALA A 53 -16.15 6.05 1.40
C ALA A 53 -16.12 4.94 2.41
N ARG A 54 -17.14 4.15 2.47
CA ARG A 54 -17.22 3.08 3.43
C ARG A 54 -16.74 1.77 2.83
N GLY A 55 -15.86 1.11 3.53
CA GLY A 55 -15.29 -0.11 3.03
C GLY A 55 -16.09 -1.32 3.41
N GLY A 56 -15.39 -2.41 3.63
CA GLY A 56 -16.03 -3.68 3.99
C GLY A 56 -16.92 -4.26 2.91
N GLY A 57 -16.87 -3.70 1.71
CA GLY A 57 -17.69 -4.19 0.65
C GLY A 57 -18.92 -3.33 0.44
N GLU A 58 -18.90 -2.12 0.99
CA GLU A 58 -20.02 -1.24 0.79
C GLU A 58 -19.78 -0.35 -0.43
N ASP A 59 -18.88 0.62 -0.32
CA ASP A 59 -18.52 1.45 -1.49
C ASP A 59 -17.39 0.79 -2.19
N PHE A 60 -16.49 0.26 -1.42
CA PHE A 60 -15.37 -0.44 -1.95
C PHE A 60 -15.10 -1.64 -1.09
N GLU A 61 -14.47 -2.62 -1.66
CA GLU A 61 -14.11 -3.80 -0.96
C GLU A 61 -12.77 -3.51 -0.29
N ASP A 62 -12.63 -3.91 0.94
CA ASP A 62 -11.45 -3.55 1.73
C ASP A 62 -10.34 -4.53 1.49
N THR A 63 -9.16 -4.04 1.23
CA THR A 63 -8.06 -4.90 0.94
C THR A 63 -6.80 -4.45 1.67
N CYS A 64 -6.02 -5.40 2.06
CA CYS A 64 -4.79 -5.20 2.73
C CYS A 64 -3.94 -6.41 2.42
N GLY A 65 -2.67 -6.24 2.34
CA GLY A 65 -1.82 -7.33 1.98
C GLY A 65 -0.42 -6.86 1.87
N GLU A 66 0.42 -7.65 1.26
CA GLU A 66 1.81 -7.32 1.13
C GLU A 66 2.30 -7.60 -0.28
N LEU A 67 2.93 -6.60 -0.87
CA LEU A 67 3.46 -6.70 -2.21
C LEU A 67 4.89 -7.13 -2.15
N GLU A 68 5.22 -8.06 -2.98
CA GLU A 68 6.55 -8.57 -3.02
C GLU A 68 7.31 -7.92 -4.16
N PHE A 69 8.32 -7.19 -3.82
CA PHE A 69 9.17 -6.58 -4.80
C PHE A 69 10.51 -7.24 -4.77
N GLN A 70 11.12 -7.34 -5.90
CA GLN A 70 12.42 -7.94 -6.02
C GLN A 70 13.22 -7.20 -7.04
N ASN A 71 14.43 -7.65 -7.23
CA ASN A 71 15.30 -7.09 -8.24
C ASN A 71 14.77 -7.49 -9.62
N ASP A 72 14.27 -8.73 -9.68
CA ASP A 72 13.72 -9.30 -10.92
C ASP A 72 12.27 -8.84 -11.17
N GLU A 73 11.56 -8.51 -10.11
CA GLU A 73 10.21 -8.03 -10.23
C GLU A 73 10.23 -6.55 -10.64
N ILE A 74 9.26 -6.15 -11.40
CA ILE A 74 9.18 -4.80 -11.90
C ILE A 74 8.29 -3.91 -11.02
N VAL A 75 7.00 -4.01 -11.20
CA VAL A 75 6.06 -3.21 -10.48
C VAL A 75 4.91 -4.10 -10.00
N LYS A 76 4.33 -3.77 -8.89
CA LYS A 76 3.19 -4.50 -8.40
C LYS A 76 1.99 -3.60 -8.39
N THR A 77 0.84 -4.20 -8.37
CA THR A 77 -0.39 -3.46 -8.36
C THR A 77 -1.28 -3.91 -7.23
N ILE A 78 -2.09 -3.01 -6.73
CA ILE A 78 -3.11 -3.36 -5.79
C ILE A 78 -4.39 -3.45 -6.57
N SER A 79 -5.04 -4.57 -6.49
CA SER A 79 -6.29 -4.77 -7.14
C SER A 79 -7.43 -4.57 -6.13
N VAL A 80 -8.25 -3.58 -6.35
CA VAL A 80 -9.34 -3.26 -5.44
C VAL A 80 -10.67 -3.42 -6.13
N LYS A 81 -11.60 -4.08 -5.46
CA LYS A 81 -12.93 -4.22 -5.94
C LYS A 81 -13.74 -3.01 -5.53
N VAL A 82 -14.11 -2.24 -6.50
CA VAL A 82 -14.99 -1.14 -6.28
C VAL A 82 -16.37 -1.72 -6.33
N ILE A 83 -17.14 -1.50 -5.30
CA ILE A 83 -18.42 -2.11 -5.24
C ILE A 83 -19.38 -1.37 -6.13
N ASP A 84 -19.89 -2.11 -7.03
CA ASP A 84 -20.79 -1.64 -8.02
C ASP A 84 -22.18 -1.64 -7.44
N ASP A 85 -22.85 -0.54 -7.59
CA ASP A 85 -24.14 -0.33 -6.98
C ASP A 85 -24.96 0.73 -7.74
N GLU A 86 -24.72 2.00 -7.43
CA GLU A 86 -25.46 3.11 -8.03
C GLU A 86 -24.59 4.35 -7.98
N GLU A 87 -24.96 5.35 -8.74
CA GLU A 87 -24.26 6.62 -8.79
C GLU A 87 -25.05 7.68 -8.01
N TYR A 88 -25.98 7.21 -7.21
CA TYR A 88 -26.95 8.07 -6.54
C TYR A 88 -26.35 8.86 -5.35
N GLU A 89 -25.18 8.49 -4.90
CA GLU A 89 -24.64 9.13 -3.71
C GLU A 89 -23.98 10.53 -3.93
N LYS A 90 -22.69 10.58 -4.10
CA LYS A 90 -21.99 11.84 -4.19
C LYS A 90 -20.80 11.72 -5.10
N ASN A 91 -19.84 11.02 -4.60
CA ASN A 91 -18.55 10.84 -5.15
C ASN A 91 -17.76 10.19 -4.05
N LYS A 92 -17.43 8.95 -4.19
CA LYS A 92 -16.74 8.27 -3.12
C LYS A 92 -15.26 8.27 -3.33
N THR A 93 -14.53 8.33 -2.27
CA THR A 93 -13.12 8.35 -2.36
C THR A 93 -12.51 7.76 -1.10
N PHE A 94 -11.49 6.96 -1.28
CA PHE A 94 -10.81 6.33 -0.18
C PHE A 94 -9.33 6.47 -0.41
N PHE A 95 -8.54 6.01 0.52
CA PHE A 95 -7.12 6.20 0.40
C PHE A 95 -6.43 4.87 0.45
N LEU A 96 -5.30 4.79 -0.16
CA LEU A 96 -4.51 3.59 -0.16
C LEU A 96 -3.17 3.94 0.43
N GLU A 97 -2.71 3.18 1.37
CA GLU A 97 -1.43 3.41 1.95
C GLU A 97 -0.55 2.20 1.78
N ILE A 98 0.67 2.42 1.41
CA ILE A 98 1.66 1.39 1.42
C ILE A 98 2.59 1.68 2.56
N GLY A 99 2.87 0.67 3.32
CA GLY A 99 3.64 0.82 4.51
C GLY A 99 5.11 0.77 4.25
N GLU A 100 5.86 0.63 5.30
CA GLU A 100 7.28 0.61 5.21
C GLU A 100 7.78 -0.72 4.69
N PRO A 101 8.67 -0.68 3.71
CA PRO A 101 9.24 -1.86 3.10
C PRO A 101 10.19 -2.61 4.06
N ARG A 102 10.21 -3.92 3.94
CA ARG A 102 11.11 -4.73 4.75
C ARG A 102 11.97 -5.59 3.83
N LEU A 103 13.24 -5.69 4.13
CA LEU A 103 14.12 -6.49 3.34
C LEU A 103 13.91 -7.92 3.75
N VAL A 104 13.70 -8.77 2.79
CA VAL A 104 13.48 -10.15 3.07
C VAL A 104 14.81 -10.85 3.17
N GLU A 105 15.36 -10.87 4.35
CA GLU A 105 16.59 -11.54 4.59
C GLU A 105 16.30 -12.68 5.55
N MET A 106 16.17 -12.36 6.83
CA MET A 106 15.84 -13.36 7.86
C MET A 106 14.35 -13.64 7.80
N SER A 107 13.63 -12.73 7.13
CA SER A 107 12.20 -12.82 6.86
C SER A 107 11.38 -12.76 8.15
N GLU A 108 11.96 -12.16 9.17
CA GLU A 108 11.32 -12.03 10.43
C GLU A 108 10.47 -10.79 10.49
N LYS A 109 9.18 -10.96 10.30
CA LYS A 109 8.25 -9.89 10.45
C LYS A 109 8.03 -9.75 11.95
N LYS A 110 8.61 -8.72 12.54
CA LYS A 110 8.54 -8.52 13.98
C LYS A 110 7.15 -8.13 14.42
N GLY A 111 6.47 -7.39 13.60
CA GLY A 111 5.12 -7.02 13.93
C GLY A 111 4.68 -5.79 13.22
N GLY A 112 5.51 -4.78 13.24
CA GLY A 112 5.15 -3.52 12.65
C GLY A 112 4.43 -2.70 13.66
N PHE A 113 5.05 -2.53 14.80
CA PHE A 113 4.47 -1.81 15.91
C PHE A 113 4.36 -0.33 15.59
N THR A 114 3.16 0.09 15.32
CA THR A 114 2.87 1.45 15.06
C THR A 114 2.14 2.01 16.28
N ILE A 115 2.78 2.87 17.02
CA ILE A 115 2.21 3.40 18.25
C ILE A 115 1.38 4.65 17.94
N THR A 116 1.78 5.38 16.92
CA THR A 116 1.06 6.53 16.47
C THR A 116 0.16 6.06 15.33
N GLU A 117 -1.09 5.84 15.63
CA GLU A 117 -2.02 5.29 14.66
C GLU A 117 -2.74 6.39 13.89
N GLU A 118 -2.84 7.54 14.48
CA GLU A 118 -3.35 8.70 13.79
C GLU A 118 -2.15 9.54 13.47
N TYR A 119 -1.86 9.74 12.23
CA TYR A 119 -0.71 10.48 11.85
C TYR A 119 -0.96 11.46 10.73
N ASP A 120 -0.86 12.72 11.05
CA ASP A 120 -0.91 13.77 10.04
C ASP A 120 0.49 13.94 9.48
N ASP A 121 1.43 13.40 10.22
CA ASP A 121 2.82 13.38 9.82
C ASP A 121 3.18 11.95 9.44
N LYS A 122 3.10 11.65 8.15
CA LYS A 122 3.34 10.31 7.64
C LYS A 122 4.81 9.91 7.76
N GLN A 123 5.67 10.82 7.39
CA GLN A 123 7.10 10.61 7.47
C GLN A 123 7.76 11.81 8.09
N PRO A 124 8.85 11.59 8.87
CA PRO A 124 9.56 12.66 9.57
C PRO A 124 9.92 13.82 8.67
N LEU A 125 9.47 14.98 9.05
CA LEU A 125 9.70 16.18 8.31
C LEU A 125 11.16 16.60 8.39
N THR A 126 11.63 16.88 9.58
CA THR A 126 12.99 17.30 9.75
C THR A 126 13.63 16.68 10.97
N SER A 127 14.66 15.94 10.72
CA SER A 127 15.47 15.37 11.75
C SER A 127 16.51 16.43 12.07
N LYS A 128 16.49 16.93 13.28
CA LYS A 128 17.41 17.98 13.67
C LYS A 128 18.70 17.32 14.02
N GLU A 129 18.64 16.46 15.00
CA GLU A 129 19.74 15.64 15.35
C GLU A 129 19.54 14.37 14.55
N GLU A 130 20.54 14.00 13.75
CA GLU A 130 20.46 12.80 12.94
C GLU A 130 20.25 11.58 13.78
N GLU A 131 19.06 11.04 13.71
CA GLU A 131 18.69 9.84 14.41
C GLU A 131 19.59 8.71 14.02
N GLU A 132 20.29 8.14 14.99
CA GLU A 132 21.15 6.98 14.75
C GLU A 132 20.33 5.82 14.18
N ARG A 133 19.05 5.84 14.49
CA ARG A 133 18.06 4.96 13.94
C ARG A 133 18.10 4.99 12.43
N ARG A 134 18.00 6.19 11.83
CA ARG A 134 17.94 6.32 10.40
C ARG A 134 19.29 5.96 9.76
N ILE A 135 20.34 6.11 10.53
CA ILE A 135 21.68 5.72 10.08
C ILE A 135 21.75 4.17 9.99
N ALA A 136 20.99 3.50 10.82
CA ALA A 136 20.90 2.06 10.76
C ALA A 136 19.80 1.66 9.76
N GLU A 137 18.76 2.45 9.69
CA GLU A 137 17.62 2.21 8.79
C GLU A 137 17.95 2.52 7.35
N MET A 138 19.07 3.17 7.09
CA MET A 138 19.51 3.36 5.71
C MET A 138 20.01 2.02 5.17
N GLY A 139 20.25 1.10 6.09
CA GLY A 139 20.67 -0.23 5.75
C GLY A 139 19.49 -1.15 5.50
N ARG A 140 18.31 -0.57 5.45
CA ARG A 140 17.10 -1.31 5.13
C ARG A 140 16.38 -0.53 4.04
N PRO A 141 15.47 -1.15 3.31
CA PRO A 141 14.67 -0.45 2.35
C PRO A 141 13.70 0.49 3.05
N ILE A 142 13.59 1.66 2.51
CA ILE A 142 12.73 2.68 3.03
C ILE A 142 11.85 3.22 1.91
N LEU A 143 10.85 3.97 2.27
CA LEU A 143 9.93 4.48 1.28
C LEU A 143 10.22 5.94 0.93
N GLY A 144 9.38 6.52 0.09
CA GLY A 144 9.57 7.88 -0.34
C GLY A 144 9.16 8.92 0.68
N GLU A 145 8.74 10.04 0.19
CA GLU A 145 8.34 11.12 1.04
C GLU A 145 6.91 10.90 1.55
N HIS A 146 6.02 10.58 0.64
CA HIS A 146 4.64 10.31 0.97
C HIS A 146 4.21 9.06 0.28
N THR A 147 3.58 8.17 1.00
CA THR A 147 3.05 6.99 0.42
C THR A 147 1.55 6.94 0.64
N LYS A 148 0.83 7.51 -0.28
CA LYS A 148 -0.59 7.63 -0.14
C LYS A 148 -1.20 7.87 -1.50
N LEU A 149 -2.27 7.20 -1.73
CA LEU A 149 -3.00 7.30 -2.95
C LEU A 149 -4.41 7.71 -2.62
N GLU A 150 -4.89 8.72 -3.25
CA GLU A 150 -6.26 9.12 -3.08
C GLU A 150 -7.06 8.53 -4.22
N VAL A 151 -7.91 7.59 -3.93
CA VAL A 151 -8.69 6.93 -4.94
C VAL A 151 -10.07 7.49 -4.98
N ILE A 152 -10.39 8.16 -6.04
CA ILE A 152 -11.68 8.75 -6.21
C ILE A 152 -12.51 7.87 -7.14
N ILE A 153 -13.62 7.43 -6.63
CA ILE A 153 -14.53 6.59 -7.34
C ILE A 153 -15.59 7.47 -7.96
N GLU A 154 -15.62 7.52 -9.25
CA GLU A 154 -16.62 8.27 -9.95
C GLU A 154 -17.39 7.29 -10.78
N GLU A 155 -18.60 7.62 -11.13
CA GLU A 155 -19.32 6.78 -12.00
C GLU A 155 -18.80 7.03 -13.37
N SER A 156 -18.75 6.05 -14.14
CA SER A 156 -18.31 6.22 -15.47
C SER A 156 -19.24 5.53 -16.43
N TYR A 157 -20.52 5.77 -16.26
CA TYR A 157 -21.51 5.26 -17.18
C TYR A 157 -21.56 6.24 -18.31
N GLU A 158 -21.74 7.49 -17.90
CA GLU A 158 -21.91 8.55 -18.83
C GLU A 158 -20.58 8.97 -19.41
N PHE A 159 -19.59 9.15 -18.51
CA PHE A 159 -18.22 9.58 -18.80
C PHE A 159 -18.19 10.58 -19.95
N LYS A 160 -18.63 11.77 -19.68
CA LYS A 160 -18.85 12.74 -20.70
C LYS A 160 -18.58 14.13 -20.19
N SER A 161 -18.27 15.02 -21.09
CA SER A 161 -18.00 16.38 -20.77
C SER A 161 -19.33 17.13 -20.77
N THR A 162 -19.85 17.43 -19.60
CA THR A 162 -21.06 18.14 -19.51
C THR A 162 -21.19 18.86 -18.17
N VAL A 163 -21.51 20.12 -18.24
CA VAL A 163 -21.83 20.90 -17.08
C VAL A 163 -23.24 21.42 -17.28
N ASP A 164 -23.89 21.84 -16.23
CA ASP A 164 -25.25 22.35 -16.37
C ASP A 164 -25.23 23.74 -17.00
N HIS A 8 21.26 2.24 0.44
CA HIS A 8 19.99 2.92 0.37
C HIS A 8 19.14 2.21 -0.71
N ALA A 9 17.86 2.06 -0.47
CA ALA A 9 17.00 1.35 -1.41
C ALA A 9 16.38 2.29 -2.44
N GLY A 10 15.90 3.42 -2.01
CA GLY A 10 15.35 4.35 -2.95
C GLY A 10 13.98 4.80 -2.54
N ILE A 11 13.07 4.85 -3.49
CA ILE A 11 11.77 5.37 -3.26
C ILE A 11 10.69 4.34 -3.60
N PHE A 12 9.98 3.86 -2.60
CA PHE A 12 8.77 3.08 -2.84
C PHE A 12 7.60 4.00 -2.63
N THR A 13 6.78 4.17 -3.64
CA THR A 13 5.62 5.01 -3.51
C THR A 13 4.66 4.74 -4.66
N PHE A 14 3.55 5.40 -4.67
CA PHE A 14 2.57 5.21 -5.69
C PHE A 14 2.94 5.99 -6.92
N GLU A 15 2.67 5.42 -8.09
CA GLU A 15 2.99 6.04 -9.35
C GLU A 15 2.24 7.38 -9.48
N GLU A 16 1.02 7.38 -8.99
CA GLU A 16 0.19 8.56 -9.00
C GLU A 16 -0.26 8.81 -7.58
N PRO A 17 -0.40 10.08 -7.18
CA PRO A 17 -0.83 10.42 -5.82
C PRO A 17 -2.34 10.34 -5.64
N VAL A 18 -3.06 10.53 -6.72
CA VAL A 18 -4.49 10.52 -6.71
C VAL A 18 -4.94 9.76 -7.92
N THR A 19 -5.88 8.90 -7.76
CA THR A 19 -6.38 8.17 -8.87
C THR A 19 -7.91 8.19 -8.83
N HIS A 20 -8.51 8.40 -9.95
CA HIS A 20 -9.95 8.36 -10.03
C HIS A 20 -10.37 7.13 -10.79
N VAL A 21 -11.12 6.31 -10.15
CA VAL A 21 -11.55 5.07 -10.71
C VAL A 21 -13.02 5.12 -11.04
N SER A 22 -13.50 4.11 -11.65
CA SER A 22 -14.84 4.00 -12.06
C SER A 22 -15.65 3.20 -11.04
N GLU A 23 -16.97 3.30 -11.11
CA GLU A 23 -17.84 2.46 -10.31
C GLU A 23 -17.98 1.10 -11.01
N SER A 24 -18.38 1.13 -12.27
CA SER A 24 -18.61 -0.07 -13.08
C SER A 24 -17.29 -0.66 -13.65
N ILE A 25 -16.19 -0.51 -12.93
CA ILE A 25 -14.91 -1.01 -13.40
C ILE A 25 -14.62 -2.40 -12.87
N GLY A 26 -15.21 -2.73 -11.76
CA GLY A 26 -14.96 -3.99 -11.16
C GLY A 26 -13.76 -3.92 -10.28
N ILE A 27 -12.62 -4.01 -10.89
CA ILE A 27 -11.38 -4.09 -10.16
C ILE A 27 -10.47 -3.02 -10.71
N MET A 28 -9.88 -2.27 -9.84
CA MET A 28 -8.91 -1.27 -10.25
C MET A 28 -7.53 -1.73 -9.81
N GLU A 29 -6.53 -1.40 -10.61
CA GLU A 29 -5.13 -1.73 -10.32
C GLU A 29 -4.26 -0.49 -10.34
N VAL A 30 -3.64 -0.22 -9.22
CA VAL A 30 -2.75 0.93 -9.06
C VAL A 30 -1.28 0.49 -9.10
N LYS A 31 -0.48 1.13 -9.94
CA LYS A 31 0.94 0.81 -10.07
C LYS A 31 1.75 1.46 -8.94
N VAL A 32 2.67 0.72 -8.39
CA VAL A 32 3.54 1.22 -7.34
C VAL A 32 4.98 1.31 -7.85
N LEU A 33 5.61 2.42 -7.60
CA LEU A 33 6.97 2.69 -8.03
C LEU A 33 7.95 1.94 -7.14
N ARG A 34 8.80 1.17 -7.77
CA ARG A 34 9.80 0.37 -7.09
C ARG A 34 11.00 1.26 -6.75
N THR A 35 11.76 0.84 -5.76
CA THR A 35 12.94 1.53 -5.34
C THR A 35 13.97 1.63 -6.46
N SER A 36 14.69 2.74 -6.46
CA SER A 36 15.72 3.01 -7.44
C SER A 36 16.80 1.93 -7.37
N GLY A 37 17.07 1.44 -6.18
CA GLY A 37 18.05 0.41 -5.99
C GLY A 37 17.47 -0.73 -5.20
N ALA A 38 16.74 -1.60 -5.87
CA ALA A 38 16.17 -2.75 -5.22
C ALA A 38 17.19 -3.84 -5.20
N ARG A 39 17.63 -4.20 -4.02
CA ARG A 39 18.64 -5.19 -3.88
C ARG A 39 18.13 -6.36 -3.08
N GLY A 40 17.73 -7.38 -3.78
CA GLY A 40 17.26 -8.56 -3.14
C GLY A 40 15.76 -8.75 -3.30
N ASN A 41 15.11 -9.00 -2.19
CA ASN A 41 13.68 -9.26 -2.15
C ASN A 41 13.07 -8.44 -1.03
N VAL A 42 12.04 -7.69 -1.35
CA VAL A 42 11.40 -6.79 -0.41
C VAL A 42 9.88 -6.97 -0.47
N ILE A 43 9.25 -6.89 0.67
CA ILE A 43 7.80 -6.95 0.75
C ILE A 43 7.28 -5.60 1.17
N VAL A 44 6.32 -5.10 0.44
CA VAL A 44 5.71 -3.83 0.74
C VAL A 44 4.24 -4.05 1.11
N PRO A 45 3.91 -3.95 2.39
CA PRO A 45 2.53 -4.13 2.84
C PRO A 45 1.66 -2.91 2.53
N TYR A 46 0.37 -3.14 2.36
CA TYR A 46 -0.56 -2.07 2.06
C TYR A 46 -1.91 -2.33 2.66
N LYS A 47 -2.73 -1.31 2.72
CA LYS A 47 -4.06 -1.41 3.25
C LYS A 47 -4.94 -0.30 2.67
N THR A 48 -6.21 -0.53 2.71
CA THR A 48 -7.18 0.45 2.32
C THR A 48 -7.54 1.33 3.51
N ILE A 49 -7.72 2.59 3.27
CA ILE A 49 -8.09 3.55 4.25
C ILE A 49 -9.44 4.11 3.87
N GLU A 50 -10.33 4.16 4.81
CA GLU A 50 -11.65 4.67 4.57
C GLU A 50 -11.63 6.19 4.59
N GLY A 51 -12.48 6.79 3.82
CA GLY A 51 -12.58 8.21 3.78
C GLY A 51 -14.00 8.60 3.64
N THR A 52 -14.35 9.23 2.56
CA THR A 52 -15.72 9.50 2.29
C THR A 52 -16.36 8.23 1.75
N ALA A 53 -15.52 7.36 1.21
CA ALA A 53 -15.93 6.06 0.80
C ALA A 53 -15.66 5.13 1.97
N ARG A 54 -16.61 4.27 2.26
CA ARG A 54 -16.51 3.42 3.42
C ARG A 54 -16.22 1.97 3.09
N GLY A 55 -15.57 1.31 4.04
CA GLY A 55 -15.21 -0.06 3.88
C GLY A 55 -16.27 -1.00 4.40
N GLY A 56 -15.99 -2.26 4.37
CA GLY A 56 -16.94 -3.27 4.75
C GLY A 56 -17.72 -3.72 3.54
N GLY A 57 -17.12 -3.51 2.36
CA GLY A 57 -17.80 -3.85 1.14
C GLY A 57 -18.93 -2.87 0.91
N GLU A 58 -18.72 -1.63 1.32
CA GLU A 58 -19.76 -0.63 1.23
C GLU A 58 -19.57 0.18 -0.03
N ASP A 59 -18.51 0.94 -0.10
CA ASP A 59 -18.19 1.67 -1.33
C ASP A 59 -17.06 0.96 -2.02
N PHE A 60 -16.15 0.48 -1.23
CA PHE A 60 -15.04 -0.25 -1.75
C PHE A 60 -14.87 -1.49 -0.93
N GLU A 61 -14.23 -2.45 -1.51
CA GLU A 61 -13.89 -3.66 -0.83
C GLU A 61 -12.51 -3.48 -0.21
N ASP A 62 -12.43 -3.78 1.06
CA ASP A 62 -11.21 -3.58 1.86
C ASP A 62 -10.15 -4.53 1.44
N THR A 63 -8.96 -4.07 1.32
CA THR A 63 -7.89 -4.92 0.99
C THR A 63 -6.65 -4.55 1.79
N CYS A 64 -5.92 -5.54 2.14
CA CYS A 64 -4.69 -5.41 2.81
C CYS A 64 -3.79 -6.50 2.27
N GLY A 65 -2.60 -6.17 1.92
CA GLY A 65 -1.80 -7.14 1.30
C GLY A 65 -0.37 -6.83 1.39
N GLU A 66 0.40 -7.57 0.66
CA GLU A 66 1.81 -7.48 0.67
C GLU A 66 2.31 -7.62 -0.75
N LEU A 67 2.92 -6.58 -1.26
CA LEU A 67 3.45 -6.59 -2.60
C LEU A 67 4.88 -7.06 -2.56
N GLU A 68 5.20 -7.95 -3.45
CA GLU A 68 6.52 -8.49 -3.47
C GLU A 68 7.35 -7.85 -4.57
N PHE A 69 8.41 -7.20 -4.18
CA PHE A 69 9.33 -6.59 -5.11
C PHE A 69 10.68 -7.23 -4.94
N GLN A 70 11.43 -7.27 -6.00
CA GLN A 70 12.74 -7.87 -5.98
C GLN A 70 13.60 -7.10 -6.93
N ASN A 71 14.84 -7.49 -7.04
CA ASN A 71 15.77 -6.85 -7.98
C ASN A 71 15.38 -7.21 -9.42
N ASP A 72 14.72 -8.34 -9.58
CA ASP A 72 14.27 -8.78 -10.90
C ASP A 72 12.86 -8.29 -11.21
N GLU A 73 12.03 -8.20 -10.19
CA GLU A 73 10.65 -7.79 -10.32
C GLU A 73 10.54 -6.33 -10.75
N ILE A 74 9.47 -6.01 -11.43
CA ILE A 74 9.27 -4.68 -11.94
C ILE A 74 8.27 -3.86 -11.12
N VAL A 75 6.99 -3.98 -11.42
CA VAL A 75 5.97 -3.21 -10.76
C VAL A 75 4.82 -4.12 -10.32
N LYS A 76 4.19 -3.76 -9.23
CA LYS A 76 3.03 -4.46 -8.74
C LYS A 76 1.86 -3.53 -8.67
N THR A 77 0.68 -4.09 -8.62
CA THR A 77 -0.53 -3.34 -8.54
C THR A 77 -1.36 -3.79 -7.36
N ILE A 78 -2.17 -2.90 -6.87
CA ILE A 78 -3.15 -3.24 -5.86
C ILE A 78 -4.45 -3.37 -6.59
N SER A 79 -5.08 -4.51 -6.48
CA SER A 79 -6.35 -4.74 -7.12
C SER A 79 -7.47 -4.60 -6.10
N VAL A 80 -8.31 -3.61 -6.29
CA VAL A 80 -9.41 -3.32 -5.37
C VAL A 80 -10.74 -3.43 -6.09
N LYS A 81 -11.68 -4.09 -5.45
CA LYS A 81 -13.01 -4.20 -5.95
C LYS A 81 -13.81 -2.98 -5.52
N VAL A 82 -14.28 -2.26 -6.49
CA VAL A 82 -15.13 -1.13 -6.25
C VAL A 82 -16.53 -1.69 -6.17
N ILE A 83 -17.17 -1.49 -5.05
CA ILE A 83 -18.48 -2.05 -4.83
C ILE A 83 -19.49 -1.36 -5.71
N ASP A 84 -20.27 -2.17 -6.35
CA ASP A 84 -21.28 -1.71 -7.28
C ASP A 84 -22.43 -1.18 -6.50
N ASP A 85 -23.17 -0.25 -7.08
CA ASP A 85 -24.31 0.42 -6.43
C ASP A 85 -25.27 -0.53 -5.70
N GLU A 86 -25.42 -0.28 -4.42
CA GLU A 86 -26.25 -1.05 -3.51
C GLU A 86 -27.17 -0.11 -2.73
N GLU A 87 -26.57 0.86 -2.08
CA GLU A 87 -27.28 1.77 -1.21
C GLU A 87 -27.49 3.11 -1.89
N TYR A 88 -26.39 3.81 -2.05
CA TYR A 88 -26.31 5.10 -2.67
C TYR A 88 -24.87 5.53 -2.67
N GLU A 89 -24.17 4.94 -3.55
CA GLU A 89 -22.78 5.19 -3.69
C GLU A 89 -22.64 6.45 -4.50
N LYS A 90 -21.63 7.20 -4.24
CA LYS A 90 -21.51 8.53 -4.80
C LYS A 90 -20.04 8.79 -5.06
N ASN A 91 -19.72 9.94 -5.63
CA ASN A 91 -18.34 10.35 -5.79
C ASN A 91 -17.74 10.52 -4.40
N LYS A 92 -17.04 9.52 -3.99
CA LYS A 92 -16.41 9.45 -2.72
C LYS A 92 -15.00 9.01 -2.95
N THR A 93 -14.18 9.08 -1.96
CA THR A 93 -12.83 8.71 -2.11
C THR A 93 -12.32 8.02 -0.85
N PHE A 94 -11.40 7.11 -1.04
CA PHE A 94 -10.75 6.43 0.03
C PHE A 94 -9.28 6.52 -0.25
N PHE A 95 -8.46 6.09 0.66
CA PHE A 95 -7.05 6.23 0.49
C PHE A 95 -6.39 4.89 0.51
N LEU A 96 -5.27 4.80 -0.11
CA LEU A 96 -4.52 3.59 -0.13
C LEU A 96 -3.16 3.96 0.44
N GLU A 97 -2.72 3.23 1.41
CA GLU A 97 -1.47 3.52 2.03
C GLU A 97 -0.61 2.27 2.06
N ILE A 98 0.63 2.44 1.76
CA ILE A 98 1.58 1.38 1.84
C ILE A 98 2.45 1.59 3.06
N GLY A 99 2.77 0.52 3.72
CA GLY A 99 3.55 0.58 4.92
C GLY A 99 5.00 0.55 4.60
N GLU A 100 5.84 0.53 5.62
CA GLU A 100 7.25 0.49 5.41
C GLU A 100 7.68 -0.84 4.82
N PRO A 101 8.47 -0.79 3.75
CA PRO A 101 8.94 -1.98 3.06
C PRO A 101 9.89 -2.80 3.92
N ARG A 102 9.72 -4.09 3.91
CA ARG A 102 10.53 -4.97 4.70
C ARG A 102 11.42 -5.82 3.81
N LEU A 103 12.67 -5.91 4.16
CA LEU A 103 13.62 -6.70 3.44
C LEU A 103 13.36 -8.14 3.81
N VAL A 104 13.25 -8.98 2.83
CA VAL A 104 13.04 -10.37 3.07
C VAL A 104 14.39 -11.01 3.32
N GLU A 105 14.79 -10.97 4.55
CA GLU A 105 16.06 -11.45 4.95
C GLU A 105 15.95 -12.91 5.37
N MET A 106 16.96 -13.67 5.01
CA MET A 106 17.01 -15.10 5.28
C MET A 106 17.65 -15.28 6.65
N SER A 107 18.58 -14.41 6.94
CA SER A 107 19.29 -14.38 8.19
C SER A 107 18.60 -13.31 9.07
N GLU A 108 17.26 -13.31 9.03
CA GLU A 108 16.45 -12.31 9.71
C GLU A 108 16.70 -12.28 11.22
N LYS A 109 17.13 -11.15 11.68
CA LYS A 109 17.36 -10.96 13.08
C LYS A 109 16.28 -10.08 13.61
N LYS A 110 15.57 -10.59 14.59
CA LYS A 110 14.44 -9.91 15.20
C LYS A 110 14.87 -8.57 15.77
N GLY A 111 14.18 -7.51 15.38
CA GLY A 111 14.41 -6.25 16.03
C GLY A 111 13.84 -6.36 17.42
N GLY A 112 12.59 -6.80 17.47
CA GLY A 112 11.91 -7.13 18.69
C GLY A 112 11.48 -5.93 19.50
N PHE A 113 12.45 -5.22 19.99
CA PHE A 113 12.21 -4.14 20.90
C PHE A 113 11.89 -2.86 20.17
N THR A 114 10.67 -2.74 19.77
CA THR A 114 10.17 -1.54 19.18
C THR A 114 9.23 -0.90 20.18
N ILE A 115 9.01 0.38 20.10
CA ILE A 115 8.07 1.01 20.99
C ILE A 115 6.70 0.91 20.36
N THR A 116 6.17 -0.29 20.38
CA THR A 116 4.87 -0.59 19.87
C THR A 116 4.34 -1.83 20.59
N GLU A 117 3.37 -1.62 21.42
CA GLU A 117 2.73 -2.70 22.17
C GLU A 117 1.35 -2.95 21.57
N GLU A 118 1.15 -2.40 20.40
CA GLU A 118 -0.08 -2.52 19.67
C GLU A 118 0.07 -3.63 18.65
N TYR A 119 -0.75 -4.65 18.79
CA TYR A 119 -0.68 -5.85 17.96
C TYR A 119 -1.06 -5.53 16.51
N ASP A 120 -1.90 -4.54 16.33
CA ASP A 120 -2.36 -4.14 14.99
C ASP A 120 -1.24 -3.49 14.19
N ASP A 121 -0.31 -2.82 14.89
CA ASP A 121 0.74 -2.00 14.24
C ASP A 121 0.11 -0.95 13.35
N LYS A 122 -0.94 -0.35 13.88
CA LYS A 122 -1.72 0.65 13.20
C LYS A 122 -0.94 1.95 13.26
N GLN A 123 -0.62 2.37 14.47
CA GLN A 123 0.18 3.54 14.63
C GLN A 123 1.25 3.30 15.69
N PRO A 124 2.47 2.95 15.26
CA PRO A 124 3.59 2.73 16.16
C PRO A 124 4.06 4.04 16.78
N LEU A 125 4.74 3.94 17.89
CA LEU A 125 5.31 5.10 18.53
C LEU A 125 6.74 5.22 18.03
N THR A 126 7.42 6.29 18.37
CA THR A 126 8.77 6.46 17.93
C THR A 126 9.68 5.45 18.62
N SER A 127 10.39 4.68 17.85
CA SER A 127 11.29 3.72 18.40
C SER A 127 12.69 4.25 18.22
N LYS A 128 13.11 5.02 19.19
CA LYS A 128 14.36 5.70 19.12
C LYS A 128 15.39 5.04 19.99
N GLU A 129 16.10 4.12 19.43
CA GLU A 129 17.22 3.51 20.13
C GLU A 129 18.36 4.52 20.17
N GLU A 130 19.38 4.28 20.98
CA GLU A 130 20.51 5.22 21.06
C GLU A 130 21.43 5.09 19.86
N GLU A 131 21.14 4.10 19.04
CA GLU A 131 21.85 3.81 17.82
C GLU A 131 21.49 4.86 16.76
N GLU A 132 22.26 4.90 15.70
CA GLU A 132 22.00 5.83 14.60
C GLU A 132 20.84 5.27 13.77
N ARG A 133 19.63 5.65 14.10
CA ARG A 133 18.46 5.08 13.46
C ARG A 133 18.33 5.50 12.02
N ARG A 134 18.55 6.76 11.79
CA ARG A 134 18.51 7.34 10.44
C ARG A 134 19.58 6.75 9.55
N ILE A 135 20.65 6.40 10.13
CA ILE A 135 21.75 5.89 9.38
C ILE A 135 21.62 4.38 9.22
N ALA A 136 20.95 3.75 10.16
CA ALA A 136 20.67 2.33 10.08
C ALA A 136 19.54 2.07 9.12
N GLU A 137 18.74 3.11 8.86
CA GLU A 137 17.58 2.98 8.00
C GLU A 137 17.99 2.77 6.53
N MET A 138 19.27 2.95 6.21
CA MET A 138 19.75 2.70 4.85
C MET A 138 19.93 1.20 4.63
N GLY A 139 20.00 0.44 5.73
CA GLY A 139 20.21 -0.99 5.65
C GLY A 139 18.89 -1.73 5.52
N ARG A 140 17.84 -0.98 5.49
CA ARG A 140 16.53 -1.51 5.31
C ARG A 140 15.91 -0.75 4.15
N PRO A 141 15.03 -1.36 3.38
CA PRO A 141 14.35 -0.67 2.33
C PRO A 141 13.37 0.33 2.89
N ILE A 142 13.35 1.51 2.33
CA ILE A 142 12.49 2.55 2.82
C ILE A 142 11.61 3.09 1.71
N LEU A 143 10.54 3.73 2.09
CA LEU A 143 9.60 4.27 1.16
C LEU A 143 9.88 5.73 0.80
N GLY A 144 9.01 6.31 0.00
CA GLY A 144 9.16 7.69 -0.42
C GLY A 144 8.83 8.70 0.68
N GLU A 145 8.62 9.93 0.28
CA GLU A 145 8.32 10.99 1.22
C GLU A 145 6.88 10.88 1.71
N HIS A 146 5.95 10.68 0.79
CA HIS A 146 4.57 10.43 1.16
C HIS A 146 4.01 9.32 0.33
N THR A 147 3.58 8.30 0.98
CA THR A 147 3.03 7.19 0.32
C THR A 147 1.53 7.15 0.55
N LYS A 148 0.83 7.71 -0.38
CA LYS A 148 -0.60 7.84 -0.26
C LYS A 148 -1.19 7.85 -1.64
N LEU A 149 -2.35 7.32 -1.74
CA LEU A 149 -3.08 7.33 -2.94
C LEU A 149 -4.50 7.70 -2.61
N GLU A 150 -4.97 8.77 -3.17
CA GLU A 150 -6.33 9.17 -3.00
C GLU A 150 -7.13 8.54 -4.13
N VAL A 151 -7.93 7.57 -3.82
CA VAL A 151 -8.71 6.86 -4.82
C VAL A 151 -10.12 7.38 -4.82
N ILE A 152 -10.46 8.08 -5.84
CA ILE A 152 -11.77 8.65 -6.00
C ILE A 152 -12.62 7.68 -6.80
N ILE A 153 -13.78 7.38 -6.32
CA ILE A 153 -14.69 6.47 -7.00
C ILE A 153 -15.74 7.29 -7.73
N GLU A 154 -15.63 7.33 -9.03
CA GLU A 154 -16.59 8.04 -9.82
C GLU A 154 -17.39 7.12 -10.71
N GLU A 155 -18.68 7.22 -10.59
CA GLU A 155 -19.61 6.48 -11.41
C GLU A 155 -19.54 7.06 -12.80
N SER A 156 -19.15 6.23 -13.72
CA SER A 156 -18.94 6.60 -15.08
C SER A 156 -19.28 5.42 -15.94
N TYR A 157 -20.36 5.52 -16.66
CA TYR A 157 -20.79 4.45 -17.57
C TYR A 157 -20.27 4.73 -18.94
N GLU A 158 -19.78 5.92 -19.13
CA GLU A 158 -19.35 6.40 -20.42
C GLU A 158 -18.25 5.54 -21.05
N PHE A 159 -17.45 4.85 -20.23
CA PHE A 159 -16.36 4.03 -20.75
C PHE A 159 -16.86 2.60 -21.04
N LYS A 160 -18.02 2.26 -20.50
CA LYS A 160 -18.58 0.92 -20.67
C LYS A 160 -20.07 0.98 -20.36
N SER A 161 -20.86 1.05 -21.38
CA SER A 161 -22.29 1.05 -21.25
C SER A 161 -22.84 -0.30 -21.73
N THR A 162 -24.13 -0.38 -21.99
CA THR A 162 -24.72 -1.59 -22.51
C THR A 162 -24.28 -1.76 -23.99
N VAL A 163 -24.28 -0.65 -24.71
CA VAL A 163 -23.83 -0.59 -26.09
C VAL A 163 -23.00 0.66 -26.27
N ASP A 164 -22.26 0.72 -27.36
CA ASP A 164 -21.44 1.88 -27.63
C ASP A 164 -21.60 2.28 -29.09
N HIS A 8 22.25 2.70 -0.40
CA HIS A 8 20.91 3.08 -0.03
C HIS A 8 19.97 2.29 -0.94
N ALA A 9 18.81 1.91 -0.43
CA ALA A 9 17.85 1.18 -1.23
C ALA A 9 17.23 2.07 -2.31
N GLY A 10 16.28 2.90 -1.95
CA GLY A 10 15.63 3.71 -2.95
C GLY A 10 14.34 4.30 -2.45
N ILE A 11 13.37 4.43 -3.32
CA ILE A 11 12.12 5.09 -3.01
C ILE A 11 10.93 4.20 -3.35
N PHE A 12 10.11 3.91 -2.38
CA PHE A 12 8.83 3.26 -2.62
C PHE A 12 7.72 4.27 -2.46
N THR A 13 6.89 4.40 -3.47
CA THR A 13 5.79 5.33 -3.43
C THR A 13 4.78 4.98 -4.51
N PHE A 14 3.63 5.57 -4.47
CA PHE A 14 2.62 5.32 -5.48
C PHE A 14 2.97 6.02 -6.78
N GLU A 15 2.58 5.41 -7.88
CA GLU A 15 2.85 5.95 -9.20
C GLU A 15 2.08 7.24 -9.42
N GLU A 16 0.97 7.35 -8.74
CA GLU A 16 0.14 8.51 -8.77
C GLU A 16 -0.36 8.74 -7.35
N PRO A 17 -0.45 9.98 -6.91
CA PRO A 17 -0.92 10.31 -5.56
C PRO A 17 -2.43 10.17 -5.44
N VAL A 18 -3.11 10.37 -6.55
CA VAL A 18 -4.53 10.30 -6.62
C VAL A 18 -4.85 9.46 -7.82
N THR A 19 -5.78 8.56 -7.69
CA THR A 19 -6.16 7.76 -8.80
C THR A 19 -7.68 7.76 -8.89
N HIS A 20 -8.17 7.81 -10.08
CA HIS A 20 -9.59 7.79 -10.26
C HIS A 20 -10.00 6.50 -10.95
N VAL A 21 -10.87 5.78 -10.31
CA VAL A 21 -11.33 4.50 -10.79
C VAL A 21 -12.78 4.62 -11.17
N SER A 22 -13.33 3.59 -11.73
CA SER A 22 -14.68 3.63 -12.21
C SER A 22 -15.62 2.83 -11.33
N GLU A 23 -16.84 3.27 -11.31
CA GLU A 23 -17.97 2.58 -10.71
C GLU A 23 -18.20 1.23 -11.43
N SER A 24 -17.73 1.13 -12.68
CA SER A 24 -17.96 -0.05 -13.46
C SER A 24 -16.62 -0.68 -13.95
N ILE A 25 -15.53 -0.44 -13.21
CA ILE A 25 -14.24 -1.01 -13.60
C ILE A 25 -14.09 -2.46 -13.08
N GLY A 26 -14.77 -2.75 -11.99
CA GLY A 26 -14.67 -4.04 -11.39
C GLY A 26 -13.55 -4.08 -10.40
N ILE A 27 -12.37 -4.23 -10.90
CA ILE A 27 -11.19 -4.36 -10.10
C ILE A 27 -10.22 -3.34 -10.62
N MET A 28 -9.62 -2.61 -9.74
CA MET A 28 -8.68 -1.61 -10.13
C MET A 28 -7.29 -2.04 -9.72
N GLU A 29 -6.32 -1.72 -10.55
CA GLU A 29 -4.92 -1.98 -10.28
C GLU A 29 -4.16 -0.69 -10.20
N VAL A 30 -3.59 -0.42 -9.07
CA VAL A 30 -2.76 0.75 -8.91
C VAL A 30 -1.32 0.33 -8.77
N LYS A 31 -0.46 0.95 -9.54
CA LYS A 31 0.93 0.62 -9.56
C LYS A 31 1.72 1.38 -8.53
N VAL A 32 2.70 0.71 -8.01
CA VAL A 32 3.57 1.28 -7.04
C VAL A 32 4.95 1.39 -7.65
N LEU A 33 5.59 2.49 -7.42
CA LEU A 33 6.91 2.72 -7.91
C LEU A 33 7.88 1.99 -7.04
N ARG A 34 8.53 1.02 -7.65
CA ARG A 34 9.50 0.19 -6.98
C ARG A 34 10.73 1.02 -6.66
N THR A 35 11.50 0.57 -5.68
CA THR A 35 12.70 1.24 -5.26
C THR A 35 13.66 1.43 -6.42
N SER A 36 14.18 2.64 -6.49
CA SER A 36 15.15 3.08 -7.45
C SER A 36 16.41 2.17 -7.42
N GLY A 37 16.66 1.58 -6.28
CA GLY A 37 17.72 0.62 -6.16
C GLY A 37 17.14 -0.67 -5.67
N ALA A 38 16.78 -1.51 -6.59
CA ALA A 38 16.18 -2.78 -6.27
C ALA A 38 17.24 -3.85 -6.17
N ARG A 39 17.57 -4.22 -4.96
CA ARG A 39 18.56 -5.25 -4.71
C ARG A 39 18.01 -6.26 -3.73
N GLY A 40 17.64 -7.42 -4.25
CA GLY A 40 17.13 -8.47 -3.40
C GLY A 40 15.63 -8.56 -3.46
N ASN A 41 15.01 -8.77 -2.32
CA ASN A 41 13.58 -8.90 -2.20
C ASN A 41 13.08 -8.05 -1.04
N VAL A 42 12.08 -7.26 -1.30
CA VAL A 42 11.50 -6.37 -0.33
C VAL A 42 9.98 -6.52 -0.40
N ILE A 43 9.35 -6.63 0.73
CA ILE A 43 7.91 -6.74 0.77
C ILE A 43 7.33 -5.41 1.18
N VAL A 44 6.30 -4.99 0.49
CA VAL A 44 5.64 -3.78 0.84
C VAL A 44 4.17 -4.06 1.16
N PRO A 45 3.79 -3.97 2.43
CA PRO A 45 2.41 -4.19 2.86
C PRO A 45 1.52 -3.01 2.48
N TYR A 46 0.25 -3.26 2.31
CA TYR A 46 -0.69 -2.20 1.99
C TYR A 46 -2.02 -2.46 2.63
N LYS A 47 -2.84 -1.43 2.68
CA LYS A 47 -4.18 -1.52 3.25
C LYS A 47 -5.07 -0.41 2.69
N THR A 48 -6.36 -0.63 2.72
CA THR A 48 -7.31 0.36 2.35
C THR A 48 -7.68 1.20 3.57
N ILE A 49 -7.82 2.47 3.36
CA ILE A 49 -8.19 3.41 4.38
C ILE A 49 -9.58 3.95 4.08
N GLU A 50 -10.46 3.90 5.06
CA GLU A 50 -11.79 4.44 4.91
C GLU A 50 -11.75 5.95 5.17
N GLY A 51 -12.79 6.64 4.79
CA GLY A 51 -12.81 8.07 5.00
C GLY A 51 -13.98 8.69 4.33
N THR A 52 -13.83 8.92 3.07
CA THR A 52 -14.84 9.56 2.29
C THR A 52 -15.57 8.47 1.46
N ALA A 53 -15.40 7.25 1.94
CA ALA A 53 -15.98 6.06 1.40
C ALA A 53 -15.87 5.01 2.49
N ARG A 54 -16.81 4.11 2.54
CA ARG A 54 -16.89 3.08 3.55
C ARG A 54 -16.46 1.72 3.02
N GLY A 55 -15.76 0.99 3.85
CA GLY A 55 -15.22 -0.28 3.46
C GLY A 55 -16.17 -1.42 3.73
N GLY A 56 -15.63 -2.62 3.78
CA GLY A 56 -16.44 -3.81 4.05
C GLY A 56 -17.34 -4.21 2.89
N GLY A 57 -17.11 -3.61 1.72
CA GLY A 57 -17.92 -3.93 0.57
C GLY A 57 -19.12 -3.00 0.49
N GLU A 58 -19.02 -1.88 1.17
CA GLU A 58 -20.10 -0.93 1.19
C GLU A 58 -19.94 0.06 0.02
N ASP A 59 -18.91 0.89 0.05
CA ASP A 59 -18.61 1.75 -1.10
C ASP A 59 -17.44 1.13 -1.84
N PHE A 60 -16.57 0.51 -1.08
CA PHE A 60 -15.45 -0.19 -1.63
C PHE A 60 -15.23 -1.45 -0.84
N GLU A 61 -14.64 -2.42 -1.45
CA GLU A 61 -14.32 -3.65 -0.81
C GLU A 61 -12.95 -3.44 -0.12
N ASP A 62 -12.93 -3.60 1.19
CA ASP A 62 -11.75 -3.29 2.02
C ASP A 62 -10.74 -4.41 1.97
N THR A 63 -9.52 -4.09 1.59
CA THR A 63 -8.53 -5.11 1.36
C THR A 63 -7.17 -4.71 1.97
N CYS A 64 -6.28 -5.65 2.02
CA CYS A 64 -4.95 -5.48 2.50
C CYS A 64 -4.09 -6.59 1.92
N GLY A 65 -2.79 -6.44 1.98
CA GLY A 65 -1.94 -7.45 1.45
C GLY A 65 -0.52 -7.02 1.47
N GLU A 66 0.32 -7.76 0.82
CA GLU A 66 1.73 -7.50 0.76
C GLU A 66 2.22 -7.71 -0.64
N LEU A 67 2.87 -6.72 -1.19
CA LEU A 67 3.39 -6.78 -2.54
C LEU A 67 4.84 -7.18 -2.50
N GLU A 68 5.21 -8.12 -3.31
CA GLU A 68 6.56 -8.61 -3.33
C GLU A 68 7.37 -7.90 -4.42
N PHE A 69 8.30 -7.09 -4.01
CA PHE A 69 9.17 -6.40 -4.93
C PHE A 69 10.53 -6.99 -4.88
N GLN A 70 11.17 -7.08 -6.00
CA GLN A 70 12.49 -7.64 -6.05
C GLN A 70 13.33 -6.86 -7.00
N ASN A 71 14.55 -7.28 -7.13
CA ASN A 71 15.48 -6.74 -8.11
C ASN A 71 15.01 -7.14 -9.50
N ASP A 72 14.44 -8.32 -9.58
CA ASP A 72 13.95 -8.87 -10.82
C ASP A 72 12.53 -8.40 -11.13
N GLU A 73 11.69 -8.33 -10.10
CA GLU A 73 10.32 -7.89 -10.24
C GLU A 73 10.23 -6.44 -10.65
N ILE A 74 9.37 -6.16 -11.60
CA ILE A 74 9.18 -4.83 -12.12
C ILE A 74 8.20 -3.99 -11.26
N VAL A 75 6.91 -4.17 -11.45
CA VAL A 75 5.92 -3.42 -10.72
C VAL A 75 4.91 -4.38 -10.10
N LYS A 76 4.24 -3.91 -9.08
CA LYS A 76 3.15 -4.62 -8.47
C LYS A 76 1.96 -3.71 -8.45
N THR A 77 0.83 -4.28 -8.32
CA THR A 77 -0.40 -3.52 -8.33
C THR A 77 -1.29 -3.89 -7.16
N ILE A 78 -2.05 -2.94 -6.69
CA ILE A 78 -3.06 -3.17 -5.68
C ILE A 78 -4.36 -3.40 -6.40
N SER A 79 -5.01 -4.50 -6.12
CA SER A 79 -6.27 -4.83 -6.73
C SER A 79 -7.39 -4.67 -5.72
N VAL A 80 -8.30 -3.78 -6.00
CA VAL A 80 -9.44 -3.52 -5.12
C VAL A 80 -10.73 -3.67 -5.90
N LYS A 81 -11.69 -4.36 -5.30
CA LYS A 81 -13.00 -4.48 -5.87
C LYS A 81 -13.79 -3.23 -5.57
N VAL A 82 -14.11 -2.51 -6.60
CA VAL A 82 -14.89 -1.32 -6.46
C VAL A 82 -16.34 -1.72 -6.39
N ILE A 83 -17.03 -1.22 -5.41
CA ILE A 83 -18.41 -1.54 -5.27
C ILE A 83 -19.19 -0.55 -6.09
N ASP A 84 -20.06 -1.07 -6.88
CA ASP A 84 -20.88 -0.27 -7.73
C ASP A 84 -22.08 0.24 -6.96
N ASP A 85 -21.82 1.27 -6.22
CA ASP A 85 -22.78 1.87 -5.35
C ASP A 85 -23.65 2.84 -6.11
N GLU A 86 -24.91 2.87 -5.79
CA GLU A 86 -25.89 3.68 -6.49
C GLU A 86 -26.09 5.02 -5.79
N GLU A 87 -25.38 5.20 -4.71
CA GLU A 87 -25.46 6.42 -3.94
C GLU A 87 -24.28 7.31 -4.34
N TYR A 88 -24.44 8.06 -5.36
CA TYR A 88 -23.41 8.93 -5.78
C TYR A 88 -23.81 10.37 -5.65
N GLU A 89 -23.99 10.74 -4.39
CA GLU A 89 -24.30 12.09 -3.99
C GLU A 89 -23.01 12.88 -3.99
N LYS A 90 -21.97 12.20 -3.63
CA LYS A 90 -20.65 12.70 -3.61
C LYS A 90 -19.79 11.53 -3.99
N ASN A 91 -18.75 11.78 -4.75
CA ASN A 91 -17.84 10.73 -5.16
C ASN A 91 -17.21 10.09 -3.98
N LYS A 92 -17.23 8.81 -3.98
CA LYS A 92 -16.74 8.04 -2.89
C LYS A 92 -15.26 7.85 -3.08
N THR A 93 -14.49 8.31 -2.15
CA THR A 93 -13.07 8.22 -2.28
C THR A 93 -12.42 7.69 -1.01
N PHE A 94 -11.59 6.72 -1.18
CA PHE A 94 -10.89 6.10 -0.09
C PHE A 94 -9.42 6.25 -0.31
N PHE A 95 -8.62 5.89 0.64
CA PHE A 95 -7.22 6.08 0.51
C PHE A 95 -6.52 4.76 0.58
N LEU A 96 -5.40 4.67 -0.05
CA LEU A 96 -4.62 3.47 -0.03
C LEU A 96 -3.29 3.84 0.56
N GLU A 97 -2.84 3.10 1.53
CA GLU A 97 -1.57 3.36 2.13
C GLU A 97 -0.73 2.12 2.10
N ILE A 98 0.50 2.30 1.72
CA ILE A 98 1.46 1.25 1.74
C ILE A 98 2.34 1.47 2.94
N GLY A 99 2.67 0.41 3.60
CA GLY A 99 3.46 0.50 4.77
C GLY A 99 4.91 0.57 4.45
N GLU A 100 5.71 0.71 5.47
CA GLU A 100 7.14 0.77 5.31
C GLU A 100 7.68 -0.55 4.79
N PRO A 101 8.47 -0.49 3.72
CA PRO A 101 9.00 -1.68 3.04
C PRO A 101 9.87 -2.53 3.97
N ARG A 102 9.65 -3.81 3.96
CA ARG A 102 10.37 -4.72 4.81
C ARG A 102 11.30 -5.61 3.98
N LEU A 103 12.57 -5.51 4.28
CA LEU A 103 13.61 -6.27 3.61
C LEU A 103 13.42 -7.74 3.93
N VAL A 104 13.46 -8.55 2.92
CA VAL A 104 13.30 -9.97 3.08
C VAL A 104 14.66 -10.61 3.24
N GLU A 105 14.96 -10.97 4.45
CA GLU A 105 16.22 -11.61 4.75
C GLU A 105 16.06 -13.08 4.34
N MET A 106 16.82 -13.49 3.36
CA MET A 106 16.73 -14.86 2.88
C MET A 106 17.59 -15.78 3.72
N SER A 107 18.88 -15.55 3.67
CA SER A 107 19.83 -16.33 4.37
C SER A 107 21.18 -15.60 4.38
N GLU A 108 21.36 -14.76 5.37
CA GLU A 108 22.59 -14.03 5.56
C GLU A 108 22.95 -14.14 7.04
N LYS A 109 24.23 -14.27 7.35
CA LYS A 109 24.63 -14.47 8.74
C LYS A 109 24.65 -13.14 9.47
N LYS A 110 23.49 -12.72 9.83
CA LYS A 110 23.26 -11.45 10.45
C LYS A 110 21.99 -11.56 11.26
N GLY A 111 22.13 -11.59 12.54
CA GLY A 111 20.99 -11.78 13.39
C GLY A 111 20.92 -10.74 14.47
N GLY A 112 19.87 -10.80 15.22
CA GLY A 112 19.63 -9.87 16.28
C GLY A 112 18.16 -9.75 16.51
N PHE A 113 17.74 -8.72 17.17
CA PHE A 113 16.33 -8.51 17.41
C PHE A 113 15.84 -7.26 16.71
N THR A 114 14.90 -7.45 15.80
CA THR A 114 14.29 -6.37 15.05
C THR A 114 13.59 -5.39 15.99
N ILE A 115 13.05 -5.92 17.06
CA ILE A 115 12.49 -5.10 18.09
C ILE A 115 13.64 -4.72 19.03
N THR A 116 14.40 -3.74 18.64
CA THR A 116 15.53 -3.32 19.40
C THR A 116 15.07 -2.36 20.50
N GLU A 117 14.11 -1.52 20.18
CA GLU A 117 13.54 -0.67 21.17
C GLU A 117 12.54 -1.47 21.97
N GLU A 118 12.92 -1.80 23.18
CA GLU A 118 12.07 -2.59 24.02
C GLU A 118 11.33 -1.63 24.95
N TYR A 119 10.24 -1.12 24.46
CA TYR A 119 9.44 -0.17 25.18
C TYR A 119 8.35 -0.85 25.98
N ASP A 120 8.22 -0.47 27.23
CA ASP A 120 7.25 -1.07 28.13
C ASP A 120 5.94 -0.33 28.08
N ASP A 121 5.95 0.82 27.49
CA ASP A 121 4.72 1.57 27.24
C ASP A 121 4.29 1.24 25.81
N LYS A 122 3.20 1.76 25.34
CA LYS A 122 2.80 1.49 23.98
C LYS A 122 3.44 2.49 23.03
N GLN A 123 3.98 3.56 23.60
CA GLN A 123 4.65 4.55 22.82
C GLN A 123 5.91 5.11 23.48
N PRO A 124 7.03 5.12 22.79
CA PRO A 124 8.20 5.84 23.21
C PRO A 124 8.31 7.16 22.42
N LEU A 125 9.23 8.01 22.79
CA LEU A 125 9.42 9.27 22.05
C LEU A 125 10.44 9.12 20.92
N THR A 126 10.47 7.92 20.34
CA THR A 126 11.38 7.51 19.27
C THR A 126 11.49 8.55 18.16
N SER A 127 12.55 9.35 18.21
CA SER A 127 12.79 10.40 17.23
C SER A 127 14.11 11.15 17.46
N LYS A 128 14.65 11.08 18.68
CA LYS A 128 15.81 11.89 19.02
C LYS A 128 16.84 11.13 19.82
N GLU A 129 16.80 9.83 19.76
CA GLU A 129 17.70 9.02 20.54
C GLU A 129 19.10 9.04 19.93
N GLU A 130 19.22 8.46 18.75
CA GLU A 130 20.48 8.36 18.06
C GLU A 130 20.23 8.53 16.58
N GLU A 131 20.78 9.60 16.02
CA GLU A 131 20.63 9.89 14.61
C GLU A 131 21.38 8.84 13.75
N GLU A 132 22.14 8.00 14.40
CA GLU A 132 22.81 6.87 13.78
C GLU A 132 21.81 6.02 12.95
N ARG A 133 20.55 5.96 13.42
CA ARG A 133 19.50 5.22 12.73
C ARG A 133 19.20 5.83 11.38
N ARG A 134 19.41 7.13 11.26
CA ARG A 134 19.14 7.87 10.03
C ARG A 134 20.21 7.56 9.01
N ILE A 135 21.33 7.06 9.48
CA ILE A 135 22.37 6.63 8.59
C ILE A 135 22.10 5.18 8.25
N ALA A 136 21.79 4.40 9.26
CA ALA A 136 21.50 2.97 9.10
C ALA A 136 20.22 2.73 8.31
N GLU A 137 19.36 3.73 8.23
CA GLU A 137 18.09 3.62 7.53
C GLU A 137 18.31 3.47 6.02
N MET A 138 19.51 3.81 5.54
CA MET A 138 19.81 3.65 4.11
C MET A 138 20.12 2.18 3.82
N GLY A 139 20.41 1.43 4.88
CA GLY A 139 20.74 0.04 4.74
C GLY A 139 19.50 -0.81 4.61
N ARG A 140 18.39 -0.22 4.94
CA ARG A 140 17.13 -0.89 4.84
C ARG A 140 16.32 -0.16 3.77
N PRO A 141 15.32 -0.77 3.19
CA PRO A 141 14.51 -0.10 2.21
C PRO A 141 13.55 0.86 2.87
N ILE A 142 13.44 2.04 2.34
CA ILE A 142 12.58 3.04 2.89
C ILE A 142 11.60 3.54 1.85
N LEU A 143 10.66 4.31 2.28
CA LEU A 143 9.67 4.81 1.39
C LEU A 143 9.90 6.26 1.02
N GLY A 144 9.14 6.71 0.06
CA GLY A 144 9.29 8.03 -0.49
C GLY A 144 8.69 9.14 0.34
N GLU A 145 8.43 10.24 -0.34
CA GLU A 145 7.94 11.47 0.25
C GLU A 145 6.54 11.28 0.81
N HIS A 146 5.64 10.81 -0.03
CA HIS A 146 4.29 10.50 0.39
C HIS A 146 3.97 9.10 -0.02
N THR A 147 3.34 8.37 0.83
CA THR A 147 2.91 7.06 0.48
C THR A 147 1.44 6.88 0.77
N LYS A 148 0.67 7.48 -0.05
CA LYS A 148 -0.76 7.51 0.13
C LYS A 148 -1.37 7.77 -1.22
N LEU A 149 -2.45 7.12 -1.46
CA LEU A 149 -3.17 7.22 -2.68
C LEU A 149 -4.59 7.62 -2.40
N GLU A 150 -5.06 8.61 -3.08
CA GLU A 150 -6.44 9.02 -2.99
C GLU A 150 -7.19 8.32 -4.12
N VAL A 151 -7.99 7.35 -3.81
CA VAL A 151 -8.71 6.60 -4.82
C VAL A 151 -10.11 7.12 -4.91
N ILE A 152 -10.39 7.77 -5.99
CA ILE A 152 -11.70 8.32 -6.21
C ILE A 152 -12.49 7.36 -7.06
N ILE A 153 -13.62 6.94 -6.56
CA ILE A 153 -14.50 6.12 -7.32
C ILE A 153 -15.41 7.05 -8.08
N GLU A 154 -15.26 7.06 -9.37
CA GLU A 154 -16.09 7.89 -10.19
C GLU A 154 -17.05 7.04 -10.92
N GLU A 155 -18.24 7.50 -10.99
CA GLU A 155 -19.27 6.84 -11.68
C GLU A 155 -19.05 7.00 -13.16
N SER A 156 -18.92 5.90 -13.85
CA SER A 156 -18.56 5.93 -15.23
C SER A 156 -19.01 4.68 -15.98
N TYR A 157 -20.23 4.67 -16.43
CA TYR A 157 -20.68 3.68 -17.37
C TYR A 157 -20.42 4.22 -18.74
N GLU A 158 -20.74 5.48 -18.91
CA GLU A 158 -20.59 6.13 -20.15
C GLU A 158 -19.12 6.51 -20.37
N PHE A 159 -18.54 7.09 -19.34
CA PHE A 159 -17.14 7.50 -19.36
C PHE A 159 -16.24 6.28 -19.16
N LYS A 160 -15.12 6.28 -19.82
CA LYS A 160 -14.12 5.23 -19.68
C LYS A 160 -12.78 5.81 -20.06
N SER A 161 -11.73 5.05 -19.89
CA SER A 161 -10.40 5.48 -20.26
C SER A 161 -10.26 5.55 -21.80
N THR A 162 -10.65 6.66 -22.37
CA THR A 162 -10.65 6.84 -23.79
C THR A 162 -9.46 7.70 -24.23
N VAL A 163 -8.65 7.14 -25.07
CA VAL A 163 -7.51 7.85 -25.61
C VAL A 163 -7.85 8.45 -26.96
N ASP A 164 -7.85 9.75 -27.00
CA ASP A 164 -8.17 10.50 -28.22
C ASP A 164 -6.91 10.96 -28.91
N HIS A 8 21.31 4.21 -0.44
CA HIS A 8 19.86 4.18 -0.26
C HIS A 8 19.22 3.34 -1.35
N ALA A 9 18.27 2.51 -0.96
CA ALA A 9 17.55 1.65 -1.88
C ALA A 9 16.84 2.47 -2.95
N GLY A 10 16.19 3.52 -2.54
CA GLY A 10 15.51 4.34 -3.46
C GLY A 10 14.18 4.78 -2.92
N ILE A 11 13.25 4.99 -3.79
CA ILE A 11 11.98 5.51 -3.43
C ILE A 11 10.84 4.50 -3.74
N PHE A 12 10.19 3.99 -2.70
CA PHE A 12 8.95 3.21 -2.89
C PHE A 12 7.79 4.16 -2.79
N THR A 13 6.95 4.19 -3.79
CA THR A 13 5.84 5.09 -3.78
C THR A 13 4.87 4.74 -4.91
N PHE A 14 3.73 5.37 -4.90
CA PHE A 14 2.75 5.22 -5.96
C PHE A 14 3.16 6.09 -7.13
N GLU A 15 2.70 5.77 -8.33
CA GLU A 15 3.03 6.58 -9.51
C GLU A 15 2.44 7.99 -9.35
N GLU A 16 1.29 8.05 -8.75
CA GLU A 16 0.56 9.27 -8.59
C GLU A 16 -0.06 9.27 -7.20
N PRO A 17 -0.23 10.45 -6.59
CA PRO A 17 -0.83 10.55 -5.26
C PRO A 17 -2.35 10.34 -5.26
N VAL A 18 -2.98 10.61 -6.39
CA VAL A 18 -4.41 10.48 -6.50
C VAL A 18 -4.75 9.70 -7.75
N THR A 19 -5.66 8.77 -7.65
CA THR A 19 -6.09 8.02 -8.78
C THR A 19 -7.61 7.94 -8.74
N HIS A 20 -8.25 8.05 -9.86
CA HIS A 20 -9.68 7.96 -9.89
C HIS A 20 -10.07 6.65 -10.54
N VAL A 21 -11.04 5.99 -10.00
CA VAL A 21 -11.49 4.74 -10.52
C VAL A 21 -12.99 4.80 -10.71
N SER A 22 -13.47 3.98 -11.57
CA SER A 22 -14.87 3.92 -11.86
C SER A 22 -15.55 3.04 -10.83
N GLU A 23 -16.80 3.31 -10.57
CA GLU A 23 -17.60 2.44 -9.78
C GLU A 23 -17.84 1.13 -10.54
N SER A 24 -17.91 1.23 -11.86
CA SER A 24 -18.21 0.10 -12.72
C SER A 24 -16.93 -0.52 -13.34
N ILE A 25 -15.75 -0.27 -12.75
CA ILE A 25 -14.51 -0.83 -13.31
C ILE A 25 -14.33 -2.31 -12.93
N GLY A 26 -14.88 -2.70 -11.81
CA GLY A 26 -14.72 -4.06 -11.36
C GLY A 26 -13.55 -4.18 -10.44
N ILE A 27 -12.38 -4.20 -11.02
CA ILE A 27 -11.17 -4.35 -10.27
C ILE A 27 -10.24 -3.27 -10.73
N MET A 28 -9.77 -2.47 -9.84
CA MET A 28 -8.85 -1.44 -10.20
C MET A 28 -7.46 -1.88 -9.83
N GLU A 29 -6.47 -1.41 -10.56
CA GLU A 29 -5.10 -1.71 -10.29
C GLU A 29 -4.27 -0.46 -10.32
N VAL A 30 -3.51 -0.28 -9.28
CA VAL A 30 -2.62 0.84 -9.16
C VAL A 30 -1.19 0.33 -9.10
N LYS A 31 -0.35 0.94 -9.90
CA LYS A 31 1.04 0.57 -10.05
C LYS A 31 1.90 1.22 -8.96
N VAL A 32 2.67 0.43 -8.27
CA VAL A 32 3.57 0.91 -7.22
C VAL A 32 4.99 0.76 -7.68
N LEU A 33 5.72 1.84 -7.56
CA LEU A 33 7.06 1.95 -8.05
C LEU A 33 8.08 1.35 -7.08
N ARG A 34 8.93 0.47 -7.59
CA ARG A 34 10.06 -0.08 -6.85
C ARG A 34 11.13 1.02 -6.70
N THR A 35 12.04 0.83 -5.77
CA THR A 35 13.15 1.71 -5.56
C THR A 35 14.04 1.83 -6.81
N SER A 36 14.72 2.96 -6.90
CA SER A 36 15.68 3.28 -7.93
C SER A 36 16.72 2.14 -8.02
N GLY A 37 17.04 1.59 -6.89
CA GLY A 37 17.91 0.46 -6.82
C GLY A 37 17.14 -0.71 -6.30
N ALA A 38 16.77 -1.61 -7.17
CA ALA A 38 16.04 -2.78 -6.77
C ALA A 38 17.00 -3.84 -6.33
N ARG A 39 17.14 -3.98 -5.04
CA ARG A 39 18.03 -4.95 -4.48
C ARG A 39 17.27 -5.81 -3.50
N GLY A 40 17.20 -7.07 -3.79
CA GLY A 40 16.63 -8.04 -2.88
C GLY A 40 15.12 -8.07 -2.85
N ASN A 41 14.61 -9.04 -2.15
CA ASN A 41 13.20 -9.24 -1.99
C ASN A 41 12.72 -8.41 -0.82
N VAL A 42 11.77 -7.58 -1.10
CA VAL A 42 11.25 -6.66 -0.16
C VAL A 42 9.74 -6.74 -0.22
N ILE A 43 9.13 -6.82 0.92
CA ILE A 43 7.71 -6.86 0.98
C ILE A 43 7.19 -5.50 1.39
N VAL A 44 6.21 -5.03 0.68
CA VAL A 44 5.58 -3.78 0.99
C VAL A 44 4.10 -4.05 1.28
N PRO A 45 3.69 -3.99 2.54
CA PRO A 45 2.30 -4.20 2.92
C PRO A 45 1.43 -3.02 2.53
N TYR A 46 0.18 -3.26 2.29
CA TYR A 46 -0.72 -2.19 1.95
C TYR A 46 -2.07 -2.45 2.57
N LYS A 47 -2.86 -1.42 2.63
CA LYS A 47 -4.21 -1.51 3.17
C LYS A 47 -5.07 -0.43 2.57
N THR A 48 -6.35 -0.70 2.49
CA THR A 48 -7.30 0.28 2.07
C THR A 48 -7.74 1.10 3.28
N ILE A 49 -7.76 2.37 3.12
CA ILE A 49 -8.16 3.27 4.17
C ILE A 49 -9.51 3.84 3.80
N GLU A 50 -10.46 3.69 4.67
CA GLU A 50 -11.77 4.23 4.44
C GLU A 50 -11.76 5.73 4.60
N GLY A 51 -12.41 6.41 3.71
CA GLY A 51 -12.49 7.84 3.76
C GLY A 51 -13.92 8.26 3.70
N THR A 52 -14.32 8.75 2.57
CA THR A 52 -15.69 9.09 2.36
C THR A 52 -16.43 7.93 1.70
N ALA A 53 -15.66 7.05 1.07
CA ALA A 53 -16.21 5.85 0.47
C ALA A 53 -16.31 4.79 1.55
N ARG A 54 -17.36 4.01 1.50
CA ARG A 54 -17.64 3.04 2.54
C ARG A 54 -16.97 1.67 2.33
N GLY A 55 -16.20 1.27 3.32
CA GLY A 55 -15.50 0.04 3.25
C GLY A 55 -16.36 -1.14 3.62
N GLY A 56 -15.74 -2.22 4.01
CA GLY A 56 -16.48 -3.42 4.36
C GLY A 56 -17.11 -4.09 3.16
N GLY A 57 -16.70 -3.71 1.97
CA GLY A 57 -17.26 -4.29 0.78
C GLY A 57 -18.62 -3.73 0.44
N GLU A 58 -18.77 -2.44 0.65
CA GLU A 58 -20.05 -1.79 0.38
C GLU A 58 -19.92 -0.85 -0.80
N ASP A 59 -18.93 0.00 -0.73
CA ASP A 59 -18.62 0.95 -1.81
C ASP A 59 -17.41 0.39 -2.52
N PHE A 60 -16.44 0.00 -1.71
CA PHE A 60 -15.25 -0.62 -2.21
C PHE A 60 -14.96 -1.82 -1.34
N GLU A 61 -14.28 -2.78 -1.89
CA GLU A 61 -13.91 -3.94 -1.16
C GLU A 61 -12.67 -3.59 -0.35
N ASP A 62 -12.77 -3.69 0.95
CA ASP A 62 -11.67 -3.36 1.82
C ASP A 62 -10.66 -4.47 1.73
N THR A 63 -9.46 -4.14 1.42
CA THR A 63 -8.50 -5.14 1.15
C THR A 63 -7.14 -4.75 1.75
N CYS A 64 -6.32 -5.73 1.94
CA CYS A 64 -5.00 -5.55 2.40
C CYS A 64 -4.15 -6.60 1.77
N GLY A 65 -2.87 -6.46 1.84
CA GLY A 65 -2.01 -7.42 1.26
C GLY A 65 -0.60 -7.01 1.38
N GLU A 66 0.26 -7.76 0.77
CA GLU A 66 1.68 -7.53 0.81
C GLU A 66 2.24 -7.67 -0.59
N LEU A 67 2.82 -6.62 -1.08
CA LEU A 67 3.40 -6.60 -2.39
C LEU A 67 4.80 -7.11 -2.33
N GLU A 68 5.12 -8.00 -3.21
CA GLU A 68 6.40 -8.60 -3.23
C GLU A 68 7.26 -7.97 -4.31
N PHE A 69 8.20 -7.17 -3.88
CA PHE A 69 9.13 -6.57 -4.79
C PHE A 69 10.46 -7.26 -4.67
N GLN A 70 11.22 -7.31 -5.72
CA GLN A 70 12.49 -7.97 -5.70
C GLN A 70 13.41 -7.18 -6.57
N ASN A 71 14.56 -7.71 -6.87
CA ASN A 71 15.46 -7.07 -7.82
C ASN A 71 14.92 -7.29 -9.23
N ASP A 72 14.09 -8.31 -9.33
CA ASP A 72 13.40 -8.68 -10.57
C ASP A 72 12.08 -7.90 -10.71
N GLU A 73 11.30 -7.84 -9.62
CA GLU A 73 10.05 -7.11 -9.61
C GLU A 73 10.26 -5.61 -9.56
N ILE A 74 9.73 -4.95 -10.53
CA ILE A 74 9.86 -3.52 -10.66
C ILE A 74 8.58 -2.77 -10.33
N VAL A 75 7.46 -3.37 -10.61
CA VAL A 75 6.19 -2.75 -10.28
C VAL A 75 5.19 -3.80 -9.83
N LYS A 76 4.36 -3.45 -8.93
CA LYS A 76 3.27 -4.28 -8.49
C LYS A 76 1.99 -3.50 -8.55
N THR A 77 0.89 -4.20 -8.54
CA THR A 77 -0.41 -3.56 -8.57
C THR A 77 -1.27 -3.95 -7.39
N ILE A 78 -2.03 -2.99 -6.92
CA ILE A 78 -3.04 -3.23 -5.93
C ILE A 78 -4.33 -3.44 -6.66
N SER A 79 -4.89 -4.59 -6.54
CA SER A 79 -6.14 -4.91 -7.16
C SER A 79 -7.26 -4.75 -6.14
N VAL A 80 -8.14 -3.81 -6.40
CA VAL A 80 -9.25 -3.54 -5.51
C VAL A 80 -10.56 -3.70 -6.24
N LYS A 81 -11.39 -4.53 -5.69
CA LYS A 81 -12.73 -4.71 -6.16
C LYS A 81 -13.54 -3.49 -5.78
N VAL A 82 -14.08 -2.83 -6.75
CA VAL A 82 -14.96 -1.76 -6.47
C VAL A 82 -16.33 -2.38 -6.45
N ILE A 83 -17.08 -2.11 -5.44
CA ILE A 83 -18.35 -2.75 -5.23
C ILE A 83 -19.40 -2.03 -6.05
N ASP A 84 -20.43 -2.75 -6.44
CA ASP A 84 -21.56 -2.15 -7.13
C ASP A 84 -22.31 -1.31 -6.11
N ASP A 85 -21.89 -0.08 -6.02
CA ASP A 85 -22.36 0.86 -5.03
C ASP A 85 -23.79 1.29 -5.27
N GLU A 86 -24.67 0.75 -4.44
CA GLU A 86 -26.10 0.94 -4.55
C GLU A 86 -26.49 2.28 -3.97
N GLU A 87 -25.92 2.60 -2.84
CA GLU A 87 -26.12 3.88 -2.21
C GLU A 87 -25.09 4.83 -2.81
N TYR A 88 -24.89 5.99 -2.23
CA TYR A 88 -23.87 6.90 -2.74
C TYR A 88 -23.63 8.05 -1.81
N GLU A 89 -22.60 8.77 -2.11
CA GLU A 89 -22.27 9.99 -1.47
C GLU A 89 -21.62 10.83 -2.55
N LYS A 90 -21.80 12.11 -2.49
CA LYS A 90 -21.28 13.03 -3.49
C LYS A 90 -19.75 13.01 -3.55
N ASN A 91 -19.23 12.29 -4.55
CA ASN A 91 -17.80 12.17 -4.83
C ASN A 91 -17.03 11.63 -3.64
N LYS A 92 -17.01 10.34 -3.53
CA LYS A 92 -16.35 9.72 -2.42
C LYS A 92 -15.08 8.96 -2.80
N THR A 93 -14.17 8.96 -1.89
CA THR A 93 -12.86 8.42 -2.11
C THR A 93 -12.35 7.69 -0.86
N PHE A 94 -11.40 6.83 -1.07
CA PHE A 94 -10.75 6.13 -0.01
C PHE A 94 -9.26 6.23 -0.29
N PHE A 95 -8.46 5.86 0.65
CA PHE A 95 -7.04 6.02 0.49
C PHE A 95 -6.37 4.68 0.47
N LEU A 96 -5.24 4.64 -0.13
CA LEU A 96 -4.45 3.46 -0.18
C LEU A 96 -3.12 3.83 0.41
N GLU A 97 -2.70 3.11 1.38
CA GLU A 97 -1.43 3.39 2.00
C GLU A 97 -0.59 2.15 2.01
N ILE A 98 0.60 2.30 1.56
CA ILE A 98 1.56 1.25 1.58
C ILE A 98 2.45 1.48 2.77
N GLY A 99 2.73 0.42 3.48
CA GLY A 99 3.51 0.49 4.66
C GLY A 99 4.97 0.49 4.34
N GLU A 100 5.77 0.51 5.36
CA GLU A 100 7.19 0.52 5.20
C GLU A 100 7.69 -0.74 4.56
N PRO A 101 8.55 -0.61 3.56
CA PRO A 101 9.12 -1.73 2.85
C PRO A 101 10.05 -2.51 3.74
N ARG A 102 9.80 -3.76 3.88
CA ARG A 102 10.58 -4.58 4.73
C ARG A 102 11.38 -5.56 3.91
N LEU A 103 12.67 -5.56 4.10
CA LEU A 103 13.52 -6.51 3.45
C LEU A 103 13.14 -7.84 4.05
N VAL A 104 12.95 -8.82 3.22
CA VAL A 104 12.54 -10.13 3.67
C VAL A 104 13.62 -10.78 4.53
N GLU A 105 13.39 -10.69 5.82
CA GLU A 105 14.29 -11.12 6.84
C GLU A 105 13.41 -11.54 8.00
N MET A 106 13.86 -12.44 8.82
CA MET A 106 13.02 -12.95 9.89
C MET A 106 13.37 -12.30 11.24
N SER A 107 14.16 -11.26 11.20
CA SER A 107 14.55 -10.54 12.40
C SER A 107 13.36 -9.76 12.98
N GLU A 108 12.69 -10.35 13.94
CA GLU A 108 11.53 -9.76 14.57
C GLU A 108 11.55 -10.06 16.07
N LYS A 109 10.63 -9.46 16.77
CA LYS A 109 10.37 -9.72 18.18
C LYS A 109 8.89 -9.57 18.39
N LYS A 110 8.19 -10.67 18.31
CA LYS A 110 6.76 -10.66 18.48
C LYS A 110 6.39 -11.52 19.68
N GLY A 111 6.29 -10.90 20.80
CA GLY A 111 5.92 -11.58 22.00
C GLY A 111 4.63 -11.04 22.51
N GLY A 112 4.72 -10.12 23.42
CA GLY A 112 3.56 -9.50 23.97
C GLY A 112 3.74 -9.25 25.42
N PHE A 113 3.20 -10.10 26.22
CA PHE A 113 3.30 -9.97 27.64
C PHE A 113 4.48 -10.75 28.17
N THR A 114 5.53 -10.03 28.52
CA THR A 114 6.74 -10.62 29.05
C THR A 114 6.55 -10.94 30.53
N ILE A 115 6.06 -9.97 31.26
CA ILE A 115 5.79 -10.12 32.66
C ILE A 115 4.30 -9.90 32.86
N THR A 116 3.68 -10.69 33.68
CA THR A 116 2.28 -10.54 34.01
C THR A 116 2.11 -10.98 35.47
N GLU A 117 3.16 -10.67 36.22
CA GLU A 117 3.28 -10.97 37.64
C GLU A 117 2.32 -10.12 38.44
N GLU A 118 2.32 -8.86 38.13
CA GLU A 118 1.48 -7.94 38.83
C GLU A 118 0.43 -7.42 37.89
N TYR A 119 -0.74 -7.25 38.40
CA TYR A 119 -1.81 -6.76 37.62
C TYR A 119 -2.13 -5.33 38.00
N ASP A 120 -1.64 -4.42 37.17
CA ASP A 120 -1.83 -2.96 37.35
C ASP A 120 -3.17 -2.54 36.71
N ASP A 121 -3.93 -3.54 36.44
CA ASP A 121 -5.25 -3.48 35.85
C ASP A 121 -5.85 -4.79 36.31
N LYS A 122 -6.96 -5.24 35.79
CA LYS A 122 -7.47 -6.50 36.27
C LYS A 122 -6.71 -7.62 35.53
N GLN A 123 -6.74 -7.53 34.23
CA GLN A 123 -5.92 -8.37 33.37
C GLN A 123 -5.28 -7.45 32.36
N PRO A 124 -4.07 -6.96 32.66
CA PRO A 124 -3.40 -5.99 31.82
C PRO A 124 -2.67 -6.59 30.62
N LEU A 125 -2.07 -7.76 30.84
CA LEU A 125 -1.18 -8.38 29.86
C LEU A 125 -0.09 -7.40 29.46
N THR A 126 0.81 -7.17 30.41
CA THR A 126 1.87 -6.20 30.33
C THR A 126 2.70 -6.38 29.04
N SER A 127 2.45 -5.51 28.08
CA SER A 127 3.01 -5.61 26.76
C SER A 127 4.38 -4.92 26.66
N LYS A 128 5.42 -5.72 26.55
CA LYS A 128 6.78 -5.24 26.41
C LYS A 128 7.51 -6.04 25.35
N GLU A 129 8.33 -5.36 24.59
CA GLU A 129 9.18 -5.94 23.58
C GLU A 129 10.31 -4.98 23.37
N GLU A 130 11.21 -5.26 22.47
CA GLU A 130 12.19 -4.31 22.09
C GLU A 130 12.37 -4.43 20.60
N GLU A 131 12.89 -3.43 19.99
CA GLU A 131 13.18 -3.54 18.61
C GLU A 131 14.67 -3.53 18.44
N GLU A 132 15.16 -4.54 17.82
CA GLU A 132 16.55 -4.61 17.47
C GLU A 132 16.61 -4.62 15.96
N ARG A 133 15.51 -4.19 15.40
CA ARG A 133 15.29 -4.19 13.99
C ARG A 133 16.12 -3.11 13.36
N ARG A 134 16.22 -1.97 14.05
CA ARG A 134 16.95 -0.78 13.58
C ARG A 134 18.40 -1.13 13.24
N ILE A 135 18.98 -2.05 14.00
CA ILE A 135 20.37 -2.49 13.78
C ILE A 135 20.52 -3.06 12.34
N ALA A 136 19.44 -3.64 11.84
CA ALA A 136 19.40 -4.13 10.50
C ALA A 136 18.86 -3.04 9.55
N GLU A 137 17.85 -2.29 10.04
CA GLU A 137 17.17 -1.25 9.27
C GLU A 137 18.07 -0.08 8.87
N MET A 138 19.26 -0.02 9.43
CA MET A 138 20.23 1.01 9.08
C MET A 138 20.71 0.83 7.63
N GLY A 139 20.46 -0.34 7.06
CA GLY A 139 20.82 -0.63 5.69
C GLY A 139 19.75 -1.47 5.03
N ARG A 140 18.55 -0.94 5.00
CA ARG A 140 17.37 -1.64 4.46
C ARG A 140 16.61 -0.73 3.50
N PRO A 141 15.65 -1.28 2.72
CA PRO A 141 14.80 -0.47 1.84
C PRO A 141 13.89 0.48 2.61
N ILE A 142 13.75 1.67 2.10
CA ILE A 142 12.92 2.68 2.70
C ILE A 142 11.93 3.21 1.69
N LEU A 143 10.93 3.89 2.16
CA LEU A 143 9.91 4.42 1.27
C LEU A 143 10.18 5.85 0.88
N GLY A 144 9.37 6.34 -0.04
CA GLY A 144 9.53 7.66 -0.56
C GLY A 144 9.11 8.76 0.37
N GLU A 145 9.10 9.97 -0.16
CA GLU A 145 8.74 11.16 0.56
C GLU A 145 7.27 11.12 0.93
N HIS A 146 6.46 10.64 0.01
CA HIS A 146 5.04 10.47 0.25
C HIS A 146 4.63 9.11 -0.23
N THR A 147 3.79 8.46 0.53
CA THR A 147 3.25 7.19 0.17
C THR A 147 1.77 7.18 0.51
N LYS A 148 1.00 7.61 -0.44
CA LYS A 148 -0.42 7.74 -0.27
C LYS A 148 -1.08 7.77 -1.62
N LEU A 149 -2.22 7.20 -1.69
CA LEU A 149 -2.98 7.22 -2.88
C LEU A 149 -4.42 7.53 -2.54
N GLU A 150 -4.91 8.57 -3.08
CA GLU A 150 -6.28 8.97 -2.92
C GLU A 150 -7.07 8.33 -4.08
N VAL A 151 -7.82 7.30 -3.78
CA VAL A 151 -8.57 6.60 -4.81
C VAL A 151 -10.00 7.08 -4.80
N ILE A 152 -10.35 7.85 -5.78
CA ILE A 152 -11.67 8.42 -5.89
C ILE A 152 -12.55 7.47 -6.67
N ILE A 153 -13.71 7.14 -6.15
CA ILE A 153 -14.61 6.24 -6.85
C ILE A 153 -15.75 7.04 -7.45
N GLU A 154 -15.68 7.26 -8.71
CA GLU A 154 -16.70 7.97 -9.40
C GLU A 154 -17.68 7.00 -9.99
N GLU A 155 -18.94 7.23 -9.73
CA GLU A 155 -19.97 6.34 -10.12
C GLU A 155 -20.20 6.40 -11.59
N SER A 156 -20.49 5.28 -12.15
CA SER A 156 -20.48 5.15 -13.57
C SER A 156 -21.65 4.33 -14.08
N TYR A 157 -22.81 4.55 -13.50
CA TYR A 157 -24.05 3.90 -13.93
C TYR A 157 -24.33 4.17 -15.39
N GLU A 158 -24.04 5.36 -15.81
CA GLU A 158 -24.25 5.78 -17.17
C GLU A 158 -23.18 5.18 -18.10
N PHE A 159 -22.06 4.78 -17.51
CA PHE A 159 -20.86 4.30 -18.21
C PHE A 159 -20.16 5.43 -18.94
N LYS A 160 -19.54 6.29 -18.16
CA LYS A 160 -18.80 7.44 -18.66
C LYS A 160 -17.67 7.79 -17.68
N SER A 161 -16.61 7.00 -17.71
CA SER A 161 -15.48 7.14 -16.81
C SER A 161 -14.43 6.08 -17.19
N THR A 162 -13.43 5.90 -16.35
CA THR A 162 -12.40 4.91 -16.57
C THR A 162 -12.91 3.52 -16.15
N VAL A 163 -13.76 2.97 -16.97
CA VAL A 163 -14.39 1.69 -16.72
C VAL A 163 -13.38 0.57 -17.01
N ASP A 164 -12.41 0.90 -17.82
CA ASP A 164 -11.34 -0.02 -18.16
C ASP A 164 -10.20 0.15 -17.19
N HIS A 8 19.60 3.81 0.64
CA HIS A 8 20.42 3.23 -0.41
C HIS A 8 19.50 2.54 -1.41
N ALA A 9 18.38 2.07 -0.92
CA ALA A 9 17.41 1.38 -1.72
C ALA A 9 16.72 2.31 -2.71
N GLY A 10 16.20 3.43 -2.27
CA GLY A 10 15.52 4.31 -3.20
C GLY A 10 14.22 4.86 -2.67
N ILE A 11 13.24 4.95 -3.54
CA ILE A 11 11.96 5.52 -3.21
C ILE A 11 10.84 4.55 -3.61
N PHE A 12 10.06 4.14 -2.65
CA PHE A 12 8.83 3.42 -2.94
C PHE A 12 7.71 4.39 -2.86
N THR A 13 6.82 4.37 -3.80
CA THR A 13 5.67 5.23 -3.77
C THR A 13 4.70 4.79 -4.84
N PHE A 14 3.60 5.48 -4.94
CA PHE A 14 2.60 5.18 -5.90
C PHE A 14 2.94 5.84 -7.20
N GLU A 15 2.49 5.25 -8.29
CA GLU A 15 2.73 5.78 -9.61
C GLU A 15 1.99 7.10 -9.79
N GLU A 16 0.87 7.20 -9.14
CA GLU A 16 0.07 8.39 -9.15
C GLU A 16 -0.35 8.67 -7.73
N PRO A 17 -0.38 9.92 -7.33
CA PRO A 17 -0.77 10.30 -5.97
C PRO A 17 -2.29 10.25 -5.76
N VAL A 18 -3.02 10.43 -6.83
CA VAL A 18 -4.47 10.44 -6.81
C VAL A 18 -4.92 9.69 -8.04
N THR A 19 -5.83 8.78 -7.88
CA THR A 19 -6.31 8.05 -9.00
C THR A 19 -7.83 8.12 -9.06
N HIS A 20 -8.36 8.28 -10.24
CA HIS A 20 -9.78 8.29 -10.45
C HIS A 20 -10.18 6.98 -11.05
N VAL A 21 -10.96 6.24 -10.33
CA VAL A 21 -11.42 4.96 -10.81
C VAL A 21 -12.93 5.02 -10.93
N SER A 22 -13.49 4.08 -11.61
CA SER A 22 -14.90 4.07 -11.80
C SER A 22 -15.54 3.18 -10.78
N GLU A 23 -16.76 3.45 -10.49
CA GLU A 23 -17.57 2.58 -9.69
C GLU A 23 -17.86 1.31 -10.51
N SER A 24 -17.99 1.51 -11.80
CA SER A 24 -18.35 0.46 -12.71
C SER A 24 -17.12 -0.15 -13.42
N ILE A 25 -15.94 0.03 -12.85
CA ILE A 25 -14.74 -0.55 -13.46
C ILE A 25 -14.61 -2.01 -13.03
N GLY A 26 -15.16 -2.31 -11.89
CA GLY A 26 -15.03 -3.63 -11.33
C GLY A 26 -13.85 -3.70 -10.44
N ILE A 27 -12.71 -3.81 -11.03
CA ILE A 27 -11.48 -3.96 -10.32
C ILE A 27 -10.53 -2.92 -10.85
N MET A 28 -9.75 -2.32 -10.01
CA MET A 28 -8.79 -1.35 -10.43
C MET A 28 -7.42 -1.78 -9.97
N GLU A 29 -6.41 -1.50 -10.77
CA GLU A 29 -5.03 -1.80 -10.45
C GLU A 29 -4.24 -0.54 -10.31
N VAL A 30 -3.52 -0.42 -9.24
CA VAL A 30 -2.65 0.73 -9.03
C VAL A 30 -1.21 0.26 -8.99
N LYS A 31 -0.39 0.90 -9.78
CA LYS A 31 1.02 0.56 -9.91
C LYS A 31 1.81 1.21 -8.78
N VAL A 32 2.62 0.43 -8.11
CA VAL A 32 3.49 0.95 -7.08
C VAL A 32 4.90 0.97 -7.60
N LEU A 33 5.45 2.16 -7.66
CA LEU A 33 6.76 2.37 -8.21
C LEU A 33 7.84 1.74 -7.37
N ARG A 34 8.59 0.87 -8.00
CA ARG A 34 9.70 0.18 -7.39
C ARG A 34 10.80 1.17 -7.08
N THR A 35 11.48 0.93 -6.01
CA THR A 35 12.58 1.68 -5.57
C THR A 35 13.67 1.73 -6.66
N SER A 36 14.33 2.88 -6.76
CA SER A 36 15.33 3.14 -7.76
C SER A 36 16.41 2.04 -7.77
N GLY A 37 16.72 1.55 -6.61
CA GLY A 37 17.68 0.51 -6.49
C GLY A 37 17.04 -0.73 -5.94
N ALA A 38 16.66 -1.62 -6.82
CA ALA A 38 16.02 -2.82 -6.40
C ALA A 38 17.06 -3.83 -6.04
N ARG A 39 17.27 -3.98 -4.76
CA ARG A 39 18.25 -4.90 -4.26
C ARG A 39 17.58 -5.84 -3.30
N GLY A 40 17.58 -7.11 -3.64
CA GLY A 40 17.03 -8.12 -2.76
C GLY A 40 15.52 -8.18 -2.78
N ASN A 41 15.00 -9.07 -1.97
CA ASN A 41 13.58 -9.31 -1.86
C ASN A 41 13.01 -8.43 -0.76
N VAL A 42 12.00 -7.66 -1.10
CA VAL A 42 11.40 -6.70 -0.21
C VAL A 42 9.90 -6.84 -0.27
N ILE A 43 9.28 -6.84 0.87
CA ILE A 43 7.86 -6.92 0.94
C ILE A 43 7.30 -5.56 1.33
N VAL A 44 6.27 -5.14 0.65
CA VAL A 44 5.66 -3.88 0.94
C VAL A 44 4.18 -4.09 1.26
N PRO A 45 3.79 -3.90 2.51
CA PRO A 45 2.39 -4.03 2.92
C PRO A 45 1.54 -2.87 2.38
N TYR A 46 0.26 -3.08 2.29
CA TYR A 46 -0.63 -2.05 1.84
C TYR A 46 -1.99 -2.27 2.44
N LYS A 47 -2.74 -1.21 2.55
CA LYS A 47 -4.08 -1.29 3.10
C LYS A 47 -4.99 -0.20 2.56
N THR A 48 -6.25 -0.52 2.47
CA THR A 48 -7.25 0.44 2.09
C THR A 48 -7.67 1.25 3.30
N ILE A 49 -7.69 2.54 3.15
CA ILE A 49 -8.07 3.44 4.20
C ILE A 49 -9.48 3.92 3.91
N GLU A 50 -10.37 3.65 4.82
CA GLU A 50 -11.74 4.08 4.70
C GLU A 50 -11.84 5.54 5.09
N GLY A 51 -12.89 6.18 4.67
CA GLY A 51 -13.07 7.55 5.00
C GLY A 51 -14.31 8.06 4.38
N THR A 52 -14.13 8.70 3.26
CA THR A 52 -15.21 9.26 2.51
C THR A 52 -16.04 8.12 1.88
N ALA A 53 -15.37 7.03 1.54
CA ALA A 53 -16.00 5.84 1.03
C ALA A 53 -15.95 4.77 2.12
N ARG A 54 -16.86 3.82 2.07
CA ARG A 54 -16.97 2.78 3.09
C ARG A 54 -16.36 1.47 2.65
N GLY A 55 -15.66 0.85 3.55
CA GLY A 55 -14.98 -0.39 3.23
C GLY A 55 -15.88 -1.60 3.38
N GLY A 56 -15.26 -2.72 3.70
CA GLY A 56 -15.97 -3.97 3.95
C GLY A 56 -16.78 -4.52 2.76
N GLY A 57 -16.65 -3.92 1.59
CA GLY A 57 -17.40 -4.38 0.46
C GLY A 57 -18.73 -3.65 0.38
N GLU A 58 -18.85 -2.56 1.11
CA GLU A 58 -20.08 -1.78 1.10
C GLU A 58 -20.00 -0.76 -0.04
N ASP A 59 -18.96 0.05 -0.01
CA ASP A 59 -18.74 1.04 -1.07
C ASP A 59 -17.58 0.54 -1.92
N PHE A 60 -16.58 0.03 -1.24
CA PHE A 60 -15.45 -0.56 -1.88
C PHE A 60 -15.07 -1.78 -1.08
N GLU A 61 -14.49 -2.74 -1.73
CA GLU A 61 -14.06 -3.96 -1.10
C GLU A 61 -12.67 -3.72 -0.45
N ASP A 62 -12.65 -3.75 0.87
CA ASP A 62 -11.47 -3.45 1.69
C ASP A 62 -10.37 -4.49 1.51
N THR A 63 -9.21 -4.05 1.11
CA THR A 63 -8.15 -4.96 0.80
C THR A 63 -6.86 -4.51 1.47
N CYS A 64 -6.13 -5.46 1.94
CA CYS A 64 -4.87 -5.25 2.59
C CYS A 64 -4.02 -6.47 2.35
N GLY A 65 -2.74 -6.30 2.30
CA GLY A 65 -1.88 -7.42 2.05
C GLY A 65 -0.48 -6.94 1.86
N GLU A 66 0.35 -7.78 1.31
CA GLU A 66 1.74 -7.44 1.15
C GLU A 66 2.21 -7.78 -0.27
N LEU A 67 2.82 -6.81 -0.91
CA LEU A 67 3.33 -6.94 -2.26
C LEU A 67 4.74 -7.43 -2.21
N GLU A 68 5.09 -8.30 -3.12
CA GLU A 68 6.41 -8.83 -3.16
C GLU A 68 7.23 -8.18 -4.26
N PHE A 69 8.27 -7.52 -3.86
CA PHE A 69 9.18 -6.92 -4.79
C PHE A 69 10.53 -7.58 -4.64
N GLN A 70 11.27 -7.66 -5.70
CA GLN A 70 12.57 -8.29 -5.69
C GLN A 70 13.50 -7.49 -6.56
N ASN A 71 14.73 -7.91 -6.68
CA ASN A 71 15.69 -7.18 -7.50
C ASN A 71 15.37 -7.31 -8.97
N ASP A 72 14.89 -8.48 -9.36
CA ASP A 72 14.50 -8.71 -10.74
C ASP A 72 13.12 -8.13 -11.00
N GLU A 73 12.25 -8.28 -10.02
CA GLU A 73 10.89 -7.78 -10.08
C GLU A 73 10.85 -6.26 -10.18
N ILE A 74 9.82 -5.76 -10.79
CA ILE A 74 9.67 -4.34 -10.97
C ILE A 74 8.47 -3.75 -10.21
N VAL A 75 7.34 -3.67 -10.84
CA VAL A 75 6.18 -3.02 -10.27
C VAL A 75 5.11 -4.04 -9.88
N LYS A 76 4.40 -3.74 -8.83
CA LYS A 76 3.26 -4.51 -8.40
C LYS A 76 2.02 -3.66 -8.52
N THR A 77 0.89 -4.30 -8.46
CA THR A 77 -0.39 -3.62 -8.56
C THR A 77 -1.35 -4.04 -7.46
N ILE A 78 -2.08 -3.09 -6.93
CA ILE A 78 -3.13 -3.38 -5.99
C ILE A 78 -4.43 -3.47 -6.76
N SER A 79 -5.07 -4.61 -6.68
CA SER A 79 -6.36 -4.82 -7.29
C SER A 79 -7.45 -4.60 -6.24
N VAL A 80 -8.30 -3.61 -6.46
CA VAL A 80 -9.40 -3.32 -5.55
C VAL A 80 -10.72 -3.47 -6.26
N LYS A 81 -11.64 -4.15 -5.62
CA LYS A 81 -12.99 -4.30 -6.12
C LYS A 81 -13.82 -3.11 -5.67
N VAL A 82 -14.35 -2.40 -6.62
CA VAL A 82 -15.18 -1.26 -6.33
C VAL A 82 -16.62 -1.71 -6.37
N ILE A 83 -17.35 -1.43 -5.32
CA ILE A 83 -18.72 -1.88 -5.20
C ILE A 83 -19.67 -0.88 -5.87
N ASP A 84 -20.74 -1.41 -6.40
CA ASP A 84 -21.77 -0.66 -7.14
C ASP A 84 -22.50 0.32 -6.20
N ASP A 85 -22.78 1.53 -6.68
CA ASP A 85 -23.42 2.60 -5.87
C ASP A 85 -24.96 2.48 -6.03
N GLU A 86 -25.70 3.50 -5.66
CA GLU A 86 -27.13 3.52 -5.84
C GLU A 86 -27.43 4.14 -7.18
N GLU A 87 -26.70 5.21 -7.43
CA GLU A 87 -26.68 5.96 -8.66
C GLU A 87 -25.38 6.70 -8.66
N TYR A 88 -25.29 7.64 -7.74
CA TYR A 88 -24.11 8.46 -7.50
C TYR A 88 -24.31 9.34 -6.26
N GLU A 89 -24.36 8.70 -5.08
CA GLU A 89 -24.62 9.40 -3.80
C GLU A 89 -23.68 10.58 -3.62
N LYS A 90 -22.43 10.29 -3.53
CA LYS A 90 -21.43 11.25 -3.31
C LYS A 90 -20.24 10.87 -4.12
N ASN A 91 -19.48 11.84 -4.54
CA ASN A 91 -18.20 11.57 -5.13
C ASN A 91 -17.27 11.21 -3.97
N LYS A 92 -17.27 9.95 -3.64
CA LYS A 92 -16.52 9.45 -2.53
C LYS A 92 -15.18 8.92 -2.94
N THR A 93 -14.32 8.80 -1.99
CA THR A 93 -12.97 8.45 -2.24
C THR A 93 -12.41 7.75 -1.00
N PHE A 94 -11.45 6.92 -1.21
CA PHE A 94 -10.76 6.25 -0.14
C PHE A 94 -9.29 6.37 -0.40
N PHE A 95 -8.50 6.04 0.54
CA PHE A 95 -7.10 6.26 0.41
C PHE A 95 -6.38 4.94 0.46
N LEU A 96 -5.27 4.86 -0.19
CA LEU A 96 -4.48 3.66 -0.18
C LEU A 96 -3.13 4.05 0.37
N GLU A 97 -2.67 3.34 1.36
CA GLU A 97 -1.37 3.60 1.88
C GLU A 97 -0.58 2.34 1.84
N ILE A 98 0.63 2.45 1.39
CA ILE A 98 1.54 1.36 1.42
C ILE A 98 2.41 1.54 2.63
N GLY A 99 2.61 0.47 3.32
CA GLY A 99 3.37 0.50 4.51
C GLY A 99 4.83 0.45 4.20
N GLU A 100 5.59 0.62 5.22
CA GLU A 100 7.02 0.65 5.15
C GLU A 100 7.56 -0.67 4.58
N PRO A 101 8.50 -0.57 3.65
CA PRO A 101 9.05 -1.73 2.98
C PRO A 101 9.91 -2.54 3.92
N ARG A 102 9.55 -3.76 4.07
CA ARG A 102 10.22 -4.63 4.96
C ARG A 102 11.10 -5.57 4.17
N LEU A 103 12.37 -5.51 4.43
CA LEU A 103 13.34 -6.34 3.81
C LEU A 103 13.08 -7.76 4.26
N VAL A 104 13.09 -8.68 3.33
CA VAL A 104 12.94 -10.05 3.67
C VAL A 104 14.31 -10.53 4.09
N GLU A 105 14.61 -10.31 5.34
CA GLU A 105 15.93 -10.49 5.86
C GLU A 105 16.24 -11.94 6.14
N MET A 106 17.25 -12.41 5.48
CA MET A 106 17.74 -13.75 5.64
C MET A 106 19.15 -13.73 6.24
N SER A 107 19.83 -12.60 6.11
CA SER A 107 21.24 -12.48 6.51
C SER A 107 21.39 -12.10 7.98
N GLU A 108 20.30 -11.84 8.64
CA GLU A 108 20.33 -11.48 10.04
C GLU A 108 20.06 -12.71 10.86
N LYS A 109 20.66 -12.79 12.04
CA LYS A 109 20.34 -13.84 12.94
C LYS A 109 19.06 -13.43 13.65
N LYS A 110 17.96 -13.66 12.97
CA LYS A 110 16.66 -13.30 13.43
C LYS A 110 16.26 -14.09 14.66
N GLY A 111 16.02 -13.37 15.72
CA GLY A 111 15.60 -13.96 16.96
C GLY A 111 14.59 -13.08 17.63
N GLY A 112 13.98 -12.24 16.84
CA GLY A 112 12.99 -11.36 17.32
C GLY A 112 11.84 -11.31 16.36
N PHE A 113 10.69 -11.71 16.81
CA PHE A 113 9.51 -11.75 16.00
C PHE A 113 9.04 -10.32 15.72
N THR A 114 8.97 -9.97 14.47
CA THR A 114 8.50 -8.68 14.11
C THR A 114 6.98 -8.64 14.18
N ILE A 115 6.48 -8.37 15.36
CA ILE A 115 5.05 -8.35 15.63
C ILE A 115 4.46 -7.05 15.09
N THR A 116 4.08 -7.07 13.85
CA THR A 116 3.59 -5.91 13.21
C THR A 116 2.07 -5.91 13.18
N GLU A 117 1.51 -5.25 14.16
CA GLU A 117 0.08 -5.13 14.27
C GLU A 117 -0.28 -3.73 13.88
N GLU A 118 0.12 -2.80 14.72
CA GLU A 118 -0.18 -1.41 14.59
C GLU A 118 0.78 -0.67 15.53
N TYR A 119 1.82 -0.09 14.95
CA TYR A 119 2.82 0.63 15.73
C TYR A 119 2.43 2.08 15.89
N ASP A 120 2.77 2.66 17.03
CA ASP A 120 2.43 4.05 17.32
C ASP A 120 3.16 4.99 16.36
N ASP A 121 4.42 4.68 16.09
CA ASP A 121 5.18 5.37 15.06
C ASP A 121 5.71 4.32 14.14
N LYS A 122 4.97 4.01 13.11
CA LYS A 122 5.42 3.01 12.17
C LYS A 122 6.34 3.63 11.14
N GLN A 123 6.23 4.94 11.01
CA GLN A 123 7.04 5.70 10.09
C GLN A 123 8.51 5.71 10.57
N PRO A 124 9.46 6.01 9.68
CA PRO A 124 10.86 6.10 10.07
C PRO A 124 11.04 7.32 10.96
N LEU A 125 11.47 7.10 12.18
CA LEU A 125 11.62 8.16 13.13
C LEU A 125 12.53 7.69 14.25
N THR A 126 13.19 8.62 14.87
CA THR A 126 14.02 8.39 16.01
C THR A 126 13.86 9.64 16.89
N SER A 127 13.65 9.46 18.18
CA SER A 127 13.41 10.59 19.04
C SER A 127 14.54 10.80 20.05
N LYS A 128 15.46 9.86 20.10
CA LYS A 128 16.65 10.00 20.93
C LYS A 128 17.83 10.29 20.02
N GLU A 129 18.91 10.79 20.55
CA GLU A 129 20.09 10.99 19.75
C GLU A 129 20.98 9.74 19.74
N GLU A 130 20.41 8.71 19.22
CA GLU A 130 21.04 7.42 19.06
C GLU A 130 21.55 7.37 17.63
N GLU A 131 21.73 6.19 17.09
CA GLU A 131 21.99 6.11 15.70
C GLU A 131 20.64 6.30 15.04
N GLU A 132 20.42 7.49 14.51
CA GLU A 132 19.15 7.85 13.91
C GLU A 132 18.85 6.87 12.81
N ARG A 133 17.64 6.31 12.83
CA ARG A 133 17.28 5.26 11.90
C ARG A 133 17.53 5.64 10.46
N ARG A 134 17.20 6.85 10.09
CA ARG A 134 17.37 7.36 8.70
C ARG A 134 18.84 7.17 8.21
N ILE A 135 19.79 7.15 9.14
CA ILE A 135 21.20 7.02 8.82
C ILE A 135 21.55 5.54 8.57
N ALA A 136 21.11 4.67 9.48
CA ALA A 136 21.44 3.25 9.42
C ALA A 136 20.49 2.49 8.51
N GLU A 137 19.31 3.03 8.32
CA GLU A 137 18.27 2.45 7.49
C GLU A 137 18.59 2.39 6.03
N MET A 138 19.68 3.02 5.62
CA MET A 138 20.16 2.86 4.24
C MET A 138 20.45 1.36 3.96
N GLY A 139 20.66 0.59 5.04
CA GLY A 139 20.90 -0.84 4.92
C GLY A 139 19.61 -1.63 4.81
N ARG A 140 18.50 -0.94 4.71
CA ARG A 140 17.20 -1.56 4.51
C ARG A 140 16.49 -0.78 3.42
N PRO A 141 15.39 -1.28 2.87
CA PRO A 141 14.63 -0.53 1.93
C PRO A 141 13.71 0.45 2.66
N ILE A 142 13.66 1.64 2.16
CA ILE A 142 12.85 2.67 2.74
C ILE A 142 11.94 3.20 1.68
N LEU A 143 10.90 3.86 2.08
CA LEU A 143 10.00 4.40 1.12
C LEU A 143 10.22 5.90 0.92
N GLY A 144 9.39 6.49 0.07
CA GLY A 144 9.51 7.91 -0.23
C GLY A 144 9.00 8.79 0.89
N GLU A 145 8.86 10.05 0.62
CA GLU A 145 8.36 10.99 1.60
C GLU A 145 6.89 10.70 1.86
N HIS A 146 6.12 10.63 0.81
CA HIS A 146 4.73 10.31 0.94
C HIS A 146 4.36 9.10 0.12
N THR A 147 3.67 8.21 0.77
CA THR A 147 3.19 7.03 0.17
C THR A 147 1.69 6.91 0.41
N LYS A 148 0.94 7.46 -0.49
CA LYS A 148 -0.49 7.49 -0.34
C LYS A 148 -1.12 7.70 -1.69
N LEU A 149 -2.27 7.15 -1.85
CA LEU A 149 -3.02 7.24 -3.03
C LEU A 149 -4.41 7.66 -2.67
N GLU A 150 -4.89 8.66 -3.31
CA GLU A 150 -6.24 9.10 -3.12
C GLU A 150 -7.08 8.48 -4.25
N VAL A 151 -7.86 7.50 -3.92
CA VAL A 151 -8.64 6.80 -4.91
C VAL A 151 -10.03 7.33 -4.93
N ILE A 152 -10.34 8.07 -5.92
CA ILE A 152 -11.64 8.67 -6.05
C ILE A 152 -12.54 7.73 -6.84
N ILE A 153 -13.68 7.40 -6.27
CA ILE A 153 -14.63 6.51 -6.89
C ILE A 153 -15.74 7.34 -7.50
N GLU A 154 -15.71 7.46 -8.78
CA GLU A 154 -16.76 8.14 -9.45
C GLU A 154 -17.39 7.17 -10.42
N GLU A 155 -18.64 7.34 -10.68
CA GLU A 155 -19.29 6.43 -11.54
C GLU A 155 -19.12 6.78 -12.99
N SER A 156 -18.96 5.77 -13.74
CA SER A 156 -18.84 5.79 -15.15
C SER A 156 -19.26 4.43 -15.60
N TYR A 157 -20.56 4.29 -15.82
CA TYR A 157 -21.20 2.98 -16.06
C TYR A 157 -20.61 2.25 -17.21
N GLU A 158 -20.44 2.93 -18.29
CA GLU A 158 -19.92 2.32 -19.49
C GLU A 158 -18.44 2.04 -19.32
N PHE A 159 -17.78 2.91 -18.57
CA PHE A 159 -16.35 2.95 -18.39
C PHE A 159 -15.71 3.03 -19.76
N LYS A 160 -15.96 4.17 -20.38
CA LYS A 160 -15.47 4.41 -21.70
C LYS A 160 -13.98 4.68 -21.61
N SER A 161 -13.61 5.83 -21.01
CA SER A 161 -12.21 6.19 -20.74
C SER A 161 -11.33 6.02 -22.00
N THR A 162 -11.89 6.36 -23.14
CA THR A 162 -11.22 6.21 -24.39
C THR A 162 -10.34 7.43 -24.65
N VAL A 163 -9.06 7.22 -24.62
CA VAL A 163 -8.11 8.26 -24.89
C VAL A 163 -7.88 8.36 -26.39
N ASP A 164 -7.75 9.55 -26.89
CA ASP A 164 -7.52 9.77 -28.30
C ASP A 164 -6.09 10.22 -28.52
N HIS A 8 20.61 2.78 1.62
CA HIS A 8 19.55 3.29 0.80
C HIS A 8 19.21 2.28 -0.29
N ALA A 9 17.96 1.96 -0.36
CA ALA A 9 17.46 1.08 -1.40
C ALA A 9 16.95 1.93 -2.56
N GLY A 10 15.95 2.70 -2.30
CA GLY A 10 15.37 3.54 -3.28
C GLY A 10 14.11 4.09 -2.75
N ILE A 11 13.24 4.53 -3.60
CA ILE A 11 12.02 5.16 -3.19
C ILE A 11 10.80 4.32 -3.57
N PHE A 12 10.12 3.76 -2.58
CA PHE A 12 8.83 3.12 -2.81
C PHE A 12 7.75 4.15 -2.62
N THR A 13 6.92 4.33 -3.61
CA THR A 13 5.85 5.27 -3.53
C THR A 13 4.84 4.95 -4.62
N PHE A 14 3.69 5.58 -4.58
CA PHE A 14 2.69 5.35 -5.58
C PHE A 14 3.05 6.04 -6.87
N GLU A 15 2.69 5.45 -7.99
CA GLU A 15 2.96 5.99 -9.30
C GLU A 15 2.24 7.33 -9.46
N GLU A 16 1.11 7.44 -8.81
CA GLU A 16 0.30 8.64 -8.83
C GLU A 16 -0.19 8.91 -7.41
N PRO A 17 -0.34 10.18 -7.02
CA PRO A 17 -0.79 10.56 -5.67
C PRO A 17 -2.32 10.49 -5.53
N VAL A 18 -3.01 10.59 -6.64
CA VAL A 18 -4.46 10.58 -6.69
C VAL A 18 -4.86 9.78 -7.91
N THR A 19 -5.82 8.91 -7.79
CA THR A 19 -6.27 8.14 -8.89
C THR A 19 -7.80 8.18 -8.96
N HIS A 20 -8.33 8.27 -10.14
CA HIS A 20 -9.75 8.32 -10.36
C HIS A 20 -10.25 7.00 -10.92
N VAL A 21 -11.20 6.42 -10.26
CA VAL A 21 -11.74 5.16 -10.68
C VAL A 21 -13.25 5.29 -10.86
N SER A 22 -13.85 4.37 -11.56
CA SER A 22 -15.27 4.44 -11.83
C SER A 22 -16.04 3.68 -10.77
N GLU A 23 -17.29 4.06 -10.58
CA GLU A 23 -18.21 3.34 -9.70
C GLU A 23 -18.38 1.89 -10.20
N SER A 24 -18.31 1.69 -11.51
CA SER A 24 -18.42 0.37 -12.05
C SER A 24 -17.26 0.08 -13.02
N ILE A 25 -16.05 0.05 -12.46
CA ILE A 25 -14.86 -0.36 -13.20
C ILE A 25 -14.55 -1.83 -12.89
N GLY A 26 -15.00 -2.28 -11.73
CA GLY A 26 -14.75 -3.61 -11.30
C GLY A 26 -13.55 -3.68 -10.42
N ILE A 27 -12.40 -3.69 -11.03
CA ILE A 27 -11.15 -3.83 -10.34
C ILE A 27 -10.27 -2.73 -10.82
N MET A 28 -9.73 -1.99 -9.92
CA MET A 28 -8.83 -0.95 -10.29
C MET A 28 -7.45 -1.35 -9.80
N GLU A 29 -6.44 -0.94 -10.51
CA GLU A 29 -5.08 -1.27 -10.16
C GLU A 29 -4.21 -0.04 -10.07
N VAL A 30 -3.47 0.04 -9.01
CA VAL A 30 -2.57 1.13 -8.79
C VAL A 30 -1.17 0.59 -8.84
N LYS A 31 -0.34 1.22 -9.63
CA LYS A 31 1.04 0.81 -9.79
C LYS A 31 1.87 1.45 -8.69
N VAL A 32 2.72 0.68 -8.08
CA VAL A 32 3.60 1.19 -7.06
C VAL A 32 5.01 1.24 -7.60
N LEU A 33 5.63 2.38 -7.48
CA LEU A 33 6.97 2.59 -7.95
C LEU A 33 7.96 1.87 -7.07
N ARG A 34 8.77 1.06 -7.71
CA ARG A 34 9.78 0.27 -7.06
C ARG A 34 11.01 1.14 -6.75
N THR A 35 11.84 0.68 -5.84
CA THR A 35 13.05 1.35 -5.45
C THR A 35 13.99 1.53 -6.64
N SER A 36 14.72 2.62 -6.61
CA SER A 36 15.73 2.92 -7.61
C SER A 36 16.76 1.78 -7.61
N GLY A 37 17.05 1.27 -6.44
CA GLY A 37 17.90 0.14 -6.33
C GLY A 37 17.10 -1.02 -5.83
N ALA A 38 16.74 -1.90 -6.72
CA ALA A 38 16.01 -3.07 -6.35
C ALA A 38 17.01 -4.17 -6.08
N ARG A 39 17.27 -4.41 -4.82
CA ARG A 39 18.26 -5.38 -4.46
C ARG A 39 17.63 -6.44 -3.58
N GLY A 40 17.39 -7.59 -4.16
CA GLY A 40 16.87 -8.70 -3.39
C GLY A 40 15.37 -8.70 -3.37
N ASN A 41 14.80 -9.24 -2.31
CA ASN A 41 13.37 -9.33 -2.15
C ASN A 41 12.90 -8.44 -1.01
N VAL A 42 11.93 -7.61 -1.30
CA VAL A 42 11.38 -6.68 -0.37
C VAL A 42 9.87 -6.80 -0.38
N ILE A 43 9.29 -6.76 0.77
CA ILE A 43 7.86 -6.81 0.88
C ILE A 43 7.33 -5.46 1.28
N VAL A 44 6.30 -5.02 0.61
CA VAL A 44 5.70 -3.76 0.90
C VAL A 44 4.24 -3.98 1.28
N PRO A 45 3.88 -3.80 2.55
CA PRO A 45 2.49 -3.94 3.00
C PRO A 45 1.63 -2.76 2.53
N TYR A 46 0.35 -2.99 2.39
CA TYR A 46 -0.56 -1.96 1.98
C TYR A 46 -1.91 -2.19 2.60
N LYS A 47 -2.72 -1.17 2.63
CA LYS A 47 -4.03 -1.27 3.19
C LYS A 47 -4.91 -0.18 2.63
N THR A 48 -6.19 -0.35 2.76
CA THR A 48 -7.13 0.67 2.41
C THR A 48 -7.39 1.59 3.59
N ILE A 49 -7.68 2.82 3.31
CA ILE A 49 -8.00 3.82 4.28
C ILE A 49 -9.39 4.35 3.97
N GLU A 50 -10.32 4.02 4.80
CA GLU A 50 -11.70 4.42 4.63
C GLU A 50 -11.84 5.93 4.76
N GLY A 51 -12.16 6.58 3.66
CA GLY A 51 -12.35 8.00 3.66
C GLY A 51 -13.82 8.35 3.69
N THR A 52 -14.33 8.82 2.58
CA THR A 52 -15.75 9.10 2.45
C THR A 52 -16.41 7.87 1.83
N ALA A 53 -15.63 6.83 1.76
CA ALA A 53 -16.04 5.58 1.23
C ALA A 53 -15.91 4.50 2.29
N ARG A 54 -16.91 3.68 2.38
CA ARG A 54 -16.98 2.59 3.32
C ARG A 54 -16.23 1.39 2.82
N GLY A 55 -15.48 0.81 3.71
CA GLY A 55 -14.62 -0.30 3.35
C GLY A 55 -15.30 -1.64 3.44
N GLY A 56 -14.49 -2.68 3.51
CA GLY A 56 -14.98 -4.06 3.63
C GLY A 56 -15.50 -4.63 2.33
N GLY A 57 -16.44 -3.94 1.77
CA GLY A 57 -17.16 -4.38 0.62
C GLY A 57 -18.47 -3.64 0.54
N GLU A 58 -18.43 -2.36 0.83
CA GLU A 58 -19.63 -1.59 0.86
C GLU A 58 -19.59 -0.51 -0.22
N ASP A 59 -18.63 0.40 -0.14
CA ASP A 59 -18.39 1.32 -1.28
C ASP A 59 -17.24 0.75 -2.05
N PHE A 60 -16.25 0.33 -1.33
CA PHE A 60 -15.14 -0.33 -1.90
C PHE A 60 -14.87 -1.56 -1.07
N GLU A 61 -14.24 -2.52 -1.65
CA GLU A 61 -13.88 -3.71 -0.97
C GLU A 61 -12.58 -3.49 -0.22
N ASP A 62 -12.56 -3.86 1.06
CA ASP A 62 -11.32 -3.75 1.88
C ASP A 62 -10.22 -4.55 1.24
N THR A 63 -9.07 -3.97 1.09
CA THR A 63 -7.97 -4.69 0.62
C THR A 63 -6.78 -4.41 1.47
N CYS A 64 -6.03 -5.41 1.70
CA CYS A 64 -4.88 -5.36 2.51
C CYS A 64 -3.99 -6.50 2.11
N GLY A 65 -2.74 -6.43 2.44
CA GLY A 65 -1.86 -7.47 2.09
C GLY A 65 -0.50 -6.93 1.87
N GLU A 66 0.35 -7.72 1.30
CA GLU A 66 1.71 -7.35 1.11
C GLU A 66 2.15 -7.62 -0.32
N LEU A 67 2.80 -6.65 -0.91
CA LEU A 67 3.30 -6.75 -2.26
C LEU A 67 4.73 -7.22 -2.23
N GLU A 68 5.06 -8.06 -3.15
CA GLU A 68 6.37 -8.61 -3.19
C GLU A 68 7.17 -7.98 -4.32
N PHE A 69 8.18 -7.25 -3.97
CA PHE A 69 9.05 -6.62 -4.92
C PHE A 69 10.40 -7.25 -4.84
N GLN A 70 11.08 -7.29 -5.93
CA GLN A 70 12.38 -7.87 -6.00
C GLN A 70 13.20 -7.13 -6.98
N ASN A 71 14.40 -7.61 -7.15
CA ASN A 71 15.26 -7.16 -8.21
C ASN A 71 14.68 -7.66 -9.53
N ASP A 72 14.03 -8.82 -9.45
CA ASP A 72 13.34 -9.45 -10.58
C ASP A 72 12.00 -8.75 -10.86
N GLU A 73 11.17 -8.63 -9.81
CA GLU A 73 9.86 -8.02 -9.90
C GLU A 73 9.94 -6.56 -10.25
N ILE A 74 9.27 -6.20 -11.30
CA ILE A 74 9.25 -4.83 -11.79
C ILE A 74 8.25 -3.94 -11.03
N VAL A 75 6.98 -4.27 -11.09
CA VAL A 75 5.99 -3.49 -10.41
C VAL A 75 4.92 -4.42 -9.86
N LYS A 76 4.18 -3.94 -8.90
CA LYS A 76 3.03 -4.61 -8.40
C LYS A 76 1.89 -3.65 -8.43
N THR A 77 0.72 -4.20 -8.42
CA THR A 77 -0.49 -3.43 -8.43
C THR A 77 -1.40 -3.84 -7.31
N ILE A 78 -2.10 -2.88 -6.75
CA ILE A 78 -3.12 -3.16 -5.79
C ILE A 78 -4.42 -3.25 -6.53
N SER A 79 -5.04 -4.39 -6.46
CA SER A 79 -6.31 -4.60 -7.07
C SER A 79 -7.39 -4.30 -6.05
N VAL A 80 -8.19 -3.30 -6.32
CA VAL A 80 -9.26 -2.96 -5.42
C VAL A 80 -10.58 -3.16 -6.11
N LYS A 81 -11.39 -3.97 -5.52
CA LYS A 81 -12.71 -4.22 -5.99
C LYS A 81 -13.60 -3.05 -5.63
N VAL A 82 -14.05 -2.36 -6.62
CA VAL A 82 -14.99 -1.32 -6.40
C VAL A 82 -16.33 -2.02 -6.33
N ILE A 83 -17.08 -1.75 -5.31
CA ILE A 83 -18.32 -2.44 -5.11
C ILE A 83 -19.34 -2.05 -6.13
N ASP A 84 -19.79 -3.05 -6.78
CA ASP A 84 -20.70 -2.95 -7.87
C ASP A 84 -21.96 -3.61 -7.47
N ASP A 85 -22.97 -2.84 -7.28
CA ASP A 85 -24.25 -3.37 -6.94
C ASP A 85 -25.26 -2.34 -7.32
N GLU A 86 -26.49 -2.78 -7.54
CA GLU A 86 -27.53 -1.88 -7.97
C GLU A 86 -28.03 -0.97 -6.86
N GLU A 87 -27.22 0.01 -6.59
CA GLU A 87 -27.45 1.09 -5.70
C GLU A 87 -26.89 2.29 -6.38
N TYR A 88 -27.64 3.35 -6.45
CA TYR A 88 -27.18 4.50 -7.15
C TYR A 88 -26.45 5.40 -6.21
N GLU A 89 -25.16 5.26 -6.20
CA GLU A 89 -24.31 6.01 -5.32
C GLU A 89 -23.68 7.19 -6.03
N LYS A 90 -22.62 7.73 -5.46
CA LYS A 90 -22.01 8.92 -5.98
C LYS A 90 -20.52 8.85 -5.66
N ASN A 91 -19.81 9.94 -5.91
CA ASN A 91 -18.36 10.06 -5.67
C ASN A 91 -17.98 9.69 -4.23
N LYS A 92 -17.21 8.64 -4.11
CA LYS A 92 -16.71 8.14 -2.85
C LYS A 92 -15.19 8.16 -2.95
N THR A 93 -14.50 8.65 -1.98
CA THR A 93 -13.07 8.64 -2.09
C THR A 93 -12.44 8.08 -0.83
N PHE A 94 -11.43 7.27 -1.02
CA PHE A 94 -10.71 6.68 0.06
C PHE A 94 -9.24 6.80 -0.25
N PHE A 95 -8.42 6.31 0.63
CA PHE A 95 -7.00 6.43 0.44
C PHE A 95 -6.39 5.07 0.48
N LEU A 96 -5.26 4.94 -0.14
CA LEU A 96 -4.53 3.72 -0.12
C LEU A 96 -3.18 4.09 0.44
N GLU A 97 -2.68 3.33 1.36
CA GLU A 97 -1.39 3.62 1.90
C GLU A 97 -0.57 2.37 1.97
N ILE A 98 0.66 2.50 1.57
CA ILE A 98 1.61 1.44 1.68
C ILE A 98 2.47 1.69 2.90
N GLY A 99 2.74 0.64 3.62
CA GLY A 99 3.51 0.75 4.83
C GLY A 99 4.98 0.75 4.54
N GLU A 100 5.79 0.71 5.57
CA GLU A 100 7.21 0.69 5.38
C GLU A 100 7.68 -0.65 4.82
N PRO A 101 8.48 -0.59 3.75
CA PRO A 101 9.00 -1.78 3.09
C PRO A 101 9.92 -2.59 3.99
N ARG A 102 9.73 -3.87 3.97
CA ARG A 102 10.48 -4.76 4.80
C ARG A 102 11.40 -5.62 3.94
N LEU A 103 12.66 -5.64 4.27
CA LEU A 103 13.62 -6.46 3.59
C LEU A 103 13.36 -7.89 4.02
N VAL A 104 13.22 -8.77 3.08
CA VAL A 104 12.94 -10.14 3.39
C VAL A 104 14.18 -10.80 3.92
N GLU A 105 14.09 -11.31 5.15
CA GLU A 105 15.16 -11.83 5.92
C GLU A 105 16.10 -10.69 6.32
N MET A 106 15.73 -10.06 7.43
CA MET A 106 16.36 -8.87 7.98
C MET A 106 17.78 -9.17 8.46
N SER A 107 17.95 -10.31 9.03
CA SER A 107 19.21 -10.75 9.54
C SER A 107 19.45 -12.15 9.00
N GLU A 108 20.59 -12.76 9.30
CA GLU A 108 20.85 -14.11 8.83
C GLU A 108 19.94 -15.09 9.57
N LYS A 109 19.60 -14.73 10.77
CA LYS A 109 18.66 -15.50 11.54
C LYS A 109 17.35 -14.72 11.54
N LYS A 110 16.29 -15.33 11.95
CA LYS A 110 15.02 -14.67 11.94
C LYS A 110 14.90 -13.74 13.15
N GLY A 111 15.23 -12.48 12.91
CA GLY A 111 15.25 -11.49 13.95
C GLY A 111 13.88 -11.13 14.43
N GLY A 112 13.76 -10.96 15.72
CA GLY A 112 12.50 -10.68 16.31
C GLY A 112 12.03 -11.86 17.11
N PHE A 113 10.76 -12.17 17.01
CA PHE A 113 10.13 -13.28 17.70
C PHE A 113 10.26 -13.16 19.22
N THR A 114 9.37 -12.42 19.76
CA THR A 114 9.30 -12.15 21.15
C THR A 114 7.82 -11.88 21.44
N ILE A 115 7.43 -11.84 22.70
CA ILE A 115 6.03 -11.64 23.02
C ILE A 115 5.62 -10.16 22.72
N THR A 116 5.03 -9.98 21.57
CA THR A 116 4.56 -8.70 21.09
C THR A 116 3.34 -8.94 20.18
N GLU A 117 2.20 -8.39 20.52
CA GLU A 117 1.01 -8.62 19.74
C GLU A 117 0.20 -7.35 19.52
N GLU A 118 0.19 -6.89 18.29
CA GLU A 118 -0.68 -5.82 17.89
C GLU A 118 -1.81 -6.45 17.10
N TYR A 119 -2.98 -6.42 17.66
CA TYR A 119 -4.12 -7.12 17.07
C TYR A 119 -4.86 -6.26 16.07
N ASP A 120 -4.64 -4.98 16.13
CA ASP A 120 -5.31 -4.04 15.24
C ASP A 120 -4.53 -3.85 13.96
N ASP A 121 -5.13 -4.22 12.86
CA ASP A 121 -4.49 -4.05 11.58
C ASP A 121 -5.06 -2.82 10.91
N LYS A 122 -4.68 -1.69 11.44
CA LYS A 122 -5.01 -0.43 10.90
C LYS A 122 -3.83 0.46 11.17
N GLN A 123 -2.92 0.46 10.21
CA GLN A 123 -1.67 1.21 10.26
C GLN A 123 -0.67 0.49 11.14
N PRO A 124 0.26 -0.28 10.54
CA PRO A 124 1.30 -0.98 11.26
C PRO A 124 2.24 0.01 11.94
N LEU A 125 2.20 0.02 13.25
CA LEU A 125 3.03 0.90 14.02
C LEU A 125 4.48 0.41 14.05
N THR A 126 5.38 1.32 14.22
CA THR A 126 6.77 0.97 14.29
C THR A 126 7.25 1.13 15.73
N SER A 127 7.89 0.11 16.23
CA SER A 127 8.42 0.11 17.56
C SER A 127 9.74 0.89 17.53
N LYS A 128 9.73 2.07 18.08
CA LYS A 128 10.90 2.91 18.03
C LYS A 128 11.56 3.02 19.37
N GLU A 129 12.60 2.27 19.51
CA GLU A 129 13.41 2.20 20.68
C GLU A 129 14.81 2.14 20.17
N GLU A 130 15.76 2.80 20.80
CA GLU A 130 17.14 2.75 20.34
C GLU A 130 17.82 1.43 20.70
N GLU A 131 17.39 0.40 20.03
CA GLU A 131 17.91 -0.93 20.19
C GLU A 131 18.84 -1.17 19.02
N GLU A 132 19.54 -2.28 19.02
CA GLU A 132 20.39 -2.60 17.89
C GLU A 132 19.51 -2.92 16.67
N ARG A 133 18.28 -3.31 16.94
CA ARG A 133 17.27 -3.51 15.91
C ARG A 133 16.95 -2.17 15.20
N ARG A 134 16.92 -1.08 15.95
CA ARG A 134 16.70 0.23 15.38
C ARG A 134 17.98 0.69 14.69
N ILE A 135 19.11 0.36 15.27
CA ILE A 135 20.41 0.66 14.65
C ILE A 135 20.48 -0.01 13.27
N ALA A 136 20.10 -1.26 13.23
CA ALA A 136 20.09 -2.05 12.03
C ALA A 136 18.98 -1.63 11.05
N GLU A 137 17.97 -0.87 11.52
CA GLU A 137 16.86 -0.50 10.65
C GLU A 137 17.25 0.54 9.62
N MET A 138 18.44 1.12 9.80
CA MET A 138 19.00 2.02 8.79
C MET A 138 19.16 1.25 7.48
N GLY A 139 19.45 -0.04 7.60
CA GLY A 139 19.64 -0.88 6.46
C GLY A 139 18.37 -1.57 6.05
N ARG A 140 17.37 -0.78 5.80
CA ARG A 140 16.12 -1.29 5.32
C ARG A 140 15.78 -0.53 4.08
N PRO A 141 15.03 -1.15 3.17
CA PRO A 141 14.47 -0.45 2.03
C PRO A 141 13.51 0.59 2.56
N ILE A 142 13.46 1.73 1.96
CA ILE A 142 12.63 2.77 2.47
C ILE A 142 11.66 3.29 1.46
N LEU A 143 10.68 3.98 1.94
CA LEU A 143 9.69 4.55 1.10
C LEU A 143 9.99 6.00 0.79
N GLY A 144 9.19 6.59 -0.06
CA GLY A 144 9.39 7.95 -0.46
C GLY A 144 8.98 8.96 0.59
N GLU A 145 8.94 10.20 0.19
CA GLU A 145 8.62 11.29 1.07
C GLU A 145 7.12 11.30 1.37
N HIS A 146 6.36 10.78 0.45
CA HIS A 146 4.94 10.65 0.64
C HIS A 146 4.49 9.33 0.08
N THR A 147 3.70 8.62 0.83
CA THR A 147 3.13 7.40 0.38
C THR A 147 1.66 7.35 0.70
N LYS A 148 0.88 7.82 -0.21
CA LYS A 148 -0.54 7.87 -0.05
C LYS A 148 -1.18 8.07 -1.40
N LEU A 149 -2.28 7.44 -1.60
CA LEU A 149 -3.00 7.52 -2.81
C LEU A 149 -4.42 7.92 -2.51
N GLU A 150 -4.90 8.93 -3.15
CA GLU A 150 -6.28 9.32 -3.01
C GLU A 150 -7.07 8.67 -4.14
N VAL A 151 -7.89 7.71 -3.81
CA VAL A 151 -8.67 7.02 -4.80
C VAL A 151 -10.06 7.60 -4.82
N ILE A 152 -10.41 8.22 -5.90
CA ILE A 152 -11.70 8.80 -6.05
C ILE A 152 -12.55 7.91 -6.92
N ILE A 153 -13.57 7.35 -6.35
CA ILE A 153 -14.52 6.53 -7.08
C ILE A 153 -15.64 7.43 -7.49
N GLU A 154 -15.73 7.75 -8.74
CA GLU A 154 -16.80 8.60 -9.17
C GLU A 154 -17.69 7.88 -10.13
N GLU A 155 -18.93 8.24 -10.15
CA GLU A 155 -19.89 7.56 -10.94
C GLU A 155 -19.78 7.98 -12.39
N SER A 156 -19.47 7.00 -13.18
CA SER A 156 -19.37 7.08 -14.61
C SER A 156 -19.91 5.74 -15.14
N TYR A 157 -20.82 5.21 -14.35
CA TYR A 157 -21.43 3.92 -14.52
C TYR A 157 -22.73 4.09 -15.29
N GLU A 158 -23.43 5.16 -15.01
CA GLU A 158 -24.73 5.41 -15.59
C GLU A 158 -24.57 5.76 -17.07
N PHE A 159 -23.41 6.32 -17.40
CA PHE A 159 -23.10 6.71 -18.75
C PHE A 159 -22.83 5.49 -19.64
N LYS A 160 -22.34 4.41 -19.05
CA LYS A 160 -22.01 3.24 -19.84
C LYS A 160 -22.66 1.98 -19.31
N SER A 161 -23.74 1.63 -19.93
CA SER A 161 -24.49 0.46 -19.58
C SER A 161 -24.32 -0.55 -20.69
N THR A 162 -24.08 -1.78 -20.34
CA THR A 162 -23.94 -2.82 -21.30
C THR A 162 -25.06 -3.85 -21.15
N VAL A 163 -24.92 -4.72 -20.16
CA VAL A 163 -25.92 -5.74 -19.88
C VAL A 163 -26.21 -5.79 -18.38
N ASP A 164 -27.42 -6.16 -18.04
CA ASP A 164 -27.82 -6.29 -16.64
C ASP A 164 -27.93 -7.76 -16.28
N HIS A 8 21.29 3.94 0.31
CA HIS A 8 19.97 3.40 0.49
C HIS A 8 19.62 2.58 -0.71
N ALA A 9 18.74 1.63 -0.52
CA ALA A 9 18.28 0.80 -1.61
C ALA A 9 17.57 1.67 -2.64
N GLY A 10 16.50 2.31 -2.23
CA GLY A 10 15.76 3.13 -3.13
C GLY A 10 14.50 3.61 -2.50
N ILE A 11 13.55 4.01 -3.31
CA ILE A 11 12.35 4.70 -2.83
C ILE A 11 11.09 3.99 -3.31
N PHE A 12 10.22 3.67 -2.39
CA PHE A 12 8.88 3.17 -2.72
C PHE A 12 7.86 4.28 -2.51
N THR A 13 6.98 4.46 -3.48
CA THR A 13 5.93 5.46 -3.40
C THR A 13 4.94 5.19 -4.55
N PHE A 14 3.81 5.87 -4.54
CA PHE A 14 2.82 5.67 -5.59
C PHE A 14 3.20 6.40 -6.84
N GLU A 15 2.79 5.85 -7.97
CA GLU A 15 3.06 6.43 -9.27
C GLU A 15 2.27 7.74 -9.39
N GLU A 16 1.09 7.75 -8.84
CA GLU A 16 0.23 8.91 -8.85
C GLU A 16 -0.23 9.17 -7.45
N PRO A 17 -0.43 10.42 -7.05
CA PRO A 17 -0.88 10.75 -5.70
C PRO A 17 -2.40 10.61 -5.52
N VAL A 18 -3.14 10.78 -6.60
CA VAL A 18 -4.59 10.72 -6.58
C VAL A 18 -5.02 10.00 -7.82
N THR A 19 -5.93 9.09 -7.70
CA THR A 19 -6.42 8.38 -8.82
C THR A 19 -7.95 8.33 -8.76
N HIS A 20 -8.59 8.47 -9.87
CA HIS A 20 -10.02 8.35 -9.90
C HIS A 20 -10.36 7.15 -10.74
N VAL A 21 -11.17 6.28 -10.22
CA VAL A 21 -11.49 5.05 -10.86
C VAL A 21 -12.96 4.99 -11.22
N SER A 22 -13.30 4.00 -11.99
CA SER A 22 -14.62 3.77 -12.40
C SER A 22 -15.34 2.93 -11.34
N GLU A 23 -16.61 3.11 -11.21
CA GLU A 23 -17.42 2.34 -10.29
C GLU A 23 -17.66 0.93 -10.81
N SER A 24 -17.93 0.82 -12.07
CA SER A 24 -18.22 -0.45 -12.68
C SER A 24 -16.98 -1.00 -13.38
N ILE A 25 -15.87 -1.04 -12.68
CA ILE A 25 -14.62 -1.49 -13.24
C ILE A 25 -14.29 -2.91 -12.79
N GLY A 26 -14.88 -3.32 -11.71
CA GLY A 26 -14.56 -4.59 -11.14
C GLY A 26 -13.37 -4.49 -10.24
N ILE A 27 -12.22 -4.39 -10.84
CA ILE A 27 -10.96 -4.36 -10.13
C ILE A 27 -10.15 -3.22 -10.68
N MET A 28 -9.68 -2.38 -9.81
CA MET A 28 -8.84 -1.31 -10.23
C MET A 28 -7.42 -1.62 -9.77
N GLU A 29 -6.44 -1.14 -10.50
CA GLU A 29 -5.04 -1.40 -10.19
C GLU A 29 -4.22 -0.13 -10.21
N VAL A 30 -3.58 0.14 -9.11
CA VAL A 30 -2.71 1.29 -8.99
C VAL A 30 -1.29 0.80 -8.87
N LYS A 31 -0.40 1.34 -9.66
CA LYS A 31 0.96 0.91 -9.68
C LYS A 31 1.81 1.64 -8.65
N VAL A 32 2.60 0.91 -7.95
CA VAL A 32 3.50 1.45 -6.95
C VAL A 32 4.91 1.44 -7.50
N LEU A 33 5.55 2.57 -7.45
CA LEU A 33 6.89 2.72 -7.93
C LEU A 33 7.83 1.92 -7.07
N ARG A 34 8.56 1.05 -7.71
CA ARG A 34 9.50 0.19 -7.06
C ARG A 34 10.71 1.01 -6.62
N THR A 35 11.42 0.47 -5.66
CA THR A 35 12.63 1.04 -5.17
C THR A 35 13.63 1.24 -6.33
N SER A 36 14.21 2.42 -6.36
CA SER A 36 15.21 2.83 -7.31
C SER A 36 16.35 1.80 -7.40
N GLY A 37 16.61 1.15 -6.29
CA GLY A 37 17.58 0.10 -6.23
C GLY A 37 16.95 -1.10 -5.60
N ALA A 38 16.48 -1.98 -6.43
CA ALA A 38 15.86 -3.19 -5.96
C ALA A 38 16.93 -4.22 -5.75
N ARG A 39 17.25 -4.46 -4.51
CA ARG A 39 18.26 -5.42 -4.17
C ARG A 39 17.67 -6.51 -3.33
N GLY A 40 17.47 -7.67 -3.94
CA GLY A 40 16.93 -8.80 -3.24
C GLY A 40 15.42 -8.88 -3.36
N ASN A 41 14.79 -9.22 -2.28
CA ASN A 41 13.36 -9.36 -2.23
C ASN A 41 12.83 -8.51 -1.09
N VAL A 42 11.83 -7.71 -1.39
CA VAL A 42 11.28 -6.77 -0.43
C VAL A 42 9.77 -6.86 -0.44
N ILE A 43 9.17 -6.78 0.71
CA ILE A 43 7.74 -6.77 0.83
C ILE A 43 7.27 -5.37 1.24
N VAL A 44 6.22 -4.89 0.64
CA VAL A 44 5.66 -3.61 0.98
C VAL A 44 4.19 -3.77 1.37
N PRO A 45 3.85 -3.58 2.65
CA PRO A 45 2.46 -3.66 3.11
C PRO A 45 1.62 -2.48 2.64
N TYR A 46 0.33 -2.68 2.55
CA TYR A 46 -0.58 -1.62 2.16
C TYR A 46 -1.93 -1.86 2.77
N LYS A 47 -2.73 -0.82 2.82
CA LYS A 47 -4.07 -0.92 3.37
C LYS A 47 -4.97 0.14 2.78
N THR A 48 -6.24 -0.18 2.72
CA THR A 48 -7.25 0.72 2.33
C THR A 48 -7.72 1.54 3.55
N ILE A 49 -7.80 2.84 3.36
CA ILE A 49 -8.25 3.76 4.39
C ILE A 49 -9.58 4.32 3.97
N GLU A 50 -10.62 4.04 4.72
CA GLU A 50 -11.97 4.49 4.41
C GLU A 50 -12.09 6.00 4.56
N GLY A 51 -12.16 6.69 3.45
CA GLY A 51 -12.36 8.11 3.48
C GLY A 51 -13.83 8.39 3.56
N THR A 52 -14.44 8.67 2.45
CA THR A 52 -15.86 8.81 2.39
C THR A 52 -16.43 7.48 1.93
N ALA A 53 -15.59 6.72 1.22
CA ALA A 53 -15.92 5.39 0.79
C ALA A 53 -15.80 4.47 1.99
N ARG A 54 -16.82 3.71 2.24
CA ARG A 54 -16.90 2.94 3.45
C ARG A 54 -16.74 1.45 3.26
N GLY A 55 -16.39 0.84 4.38
CA GLY A 55 -16.40 -0.58 4.58
C GLY A 55 -15.46 -1.38 3.74
N GLY A 56 -15.62 -2.66 3.90
CA GLY A 56 -14.91 -3.63 3.14
C GLY A 56 -15.88 -4.39 2.33
N GLY A 57 -16.48 -3.71 1.40
CA GLY A 57 -17.52 -4.28 0.62
C GLY A 57 -18.71 -3.36 0.53
N GLU A 58 -18.59 -2.15 1.08
CA GLU A 58 -19.69 -1.21 1.00
C GLU A 58 -19.56 -0.34 -0.24
N ASP A 59 -18.64 0.60 -0.25
CA ASP A 59 -18.41 1.39 -1.47
C ASP A 59 -17.28 0.77 -2.23
N PHE A 60 -16.34 0.26 -1.50
CA PHE A 60 -15.21 -0.40 -2.06
C PHE A 60 -14.98 -1.61 -1.22
N GLU A 61 -14.32 -2.58 -1.76
CA GLU A 61 -13.99 -3.76 -1.01
C GLU A 61 -12.61 -3.53 -0.39
N ASP A 62 -12.47 -3.87 0.87
CA ASP A 62 -11.23 -3.59 1.62
C ASP A 62 -10.12 -4.50 1.18
N THR A 63 -8.94 -3.98 1.11
CA THR A 63 -7.81 -4.75 0.79
C THR A 63 -6.62 -4.23 1.58
N CYS A 64 -6.04 -5.12 2.23
CA CYS A 64 -4.92 -4.87 3.09
C CYS A 64 -4.04 -6.07 3.11
N GLY A 65 -2.86 -5.89 2.62
CA GLY A 65 -1.96 -6.98 2.49
C GLY A 65 -0.61 -6.47 2.17
N GLU A 66 0.10 -7.16 1.33
CA GLU A 66 1.46 -6.82 1.04
C GLU A 66 1.79 -7.09 -0.42
N LEU A 67 2.66 -6.27 -0.95
CA LEU A 67 3.16 -6.42 -2.31
C LEU A 67 4.56 -6.94 -2.25
N GLU A 68 4.92 -7.75 -3.20
CA GLU A 68 6.24 -8.31 -3.23
C GLU A 68 7.03 -7.72 -4.38
N PHE A 69 8.12 -7.11 -4.05
CA PHE A 69 9.00 -6.53 -5.03
C PHE A 69 10.33 -7.26 -4.97
N GLN A 70 10.97 -7.37 -6.09
CA GLN A 70 12.24 -8.04 -6.16
C GLN A 70 13.16 -7.27 -7.06
N ASN A 71 14.36 -7.75 -7.17
CA ASN A 71 15.38 -7.17 -8.03
C ASN A 71 15.01 -7.37 -9.50
N ASP A 72 14.44 -8.51 -9.79
CA ASP A 72 14.05 -8.87 -11.17
C ASP A 72 12.60 -8.48 -11.46
N GLU A 73 11.87 -8.13 -10.41
CA GLU A 73 10.46 -7.75 -10.52
C GLU A 73 10.32 -6.42 -11.26
N ILE A 74 9.12 -6.04 -11.55
CA ILE A 74 8.88 -4.79 -12.21
C ILE A 74 8.07 -3.81 -11.36
N VAL A 75 6.78 -3.95 -11.33
CA VAL A 75 5.93 -3.08 -10.58
C VAL A 75 4.77 -3.89 -10.01
N LYS A 76 4.24 -3.46 -8.91
CA LYS A 76 3.09 -4.09 -8.34
C LYS A 76 1.92 -3.17 -8.36
N THR A 77 0.78 -3.75 -8.33
CA THR A 77 -0.47 -3.04 -8.34
C THR A 77 -1.32 -3.43 -7.17
N ILE A 78 -2.09 -2.50 -6.68
CA ILE A 78 -3.07 -2.82 -5.68
C ILE A 78 -4.35 -3.05 -6.42
N SER A 79 -4.86 -4.23 -6.32
CA SER A 79 -6.09 -4.58 -6.95
C SER A 79 -7.22 -4.38 -5.95
N VAL A 80 -8.09 -3.45 -6.22
CA VAL A 80 -9.22 -3.17 -5.33
C VAL A 80 -10.50 -3.44 -6.05
N LYS A 81 -11.38 -4.16 -5.40
CA LYS A 81 -12.69 -4.40 -5.91
C LYS A 81 -13.54 -3.20 -5.60
N VAL A 82 -14.02 -2.57 -6.61
CA VAL A 82 -14.90 -1.46 -6.41
C VAL A 82 -16.30 -2.03 -6.42
N ILE A 83 -17.08 -1.67 -5.44
CA ILE A 83 -18.41 -2.20 -5.37
C ILE A 83 -19.30 -1.48 -6.37
N ASP A 84 -19.88 -2.27 -7.21
CA ASP A 84 -20.72 -1.82 -8.31
C ASP A 84 -22.08 -1.44 -7.73
N ASP A 85 -22.48 -0.18 -7.89
CA ASP A 85 -23.74 0.32 -7.32
C ASP A 85 -24.12 1.65 -7.98
N GLU A 86 -25.41 1.91 -8.10
CA GLU A 86 -25.88 3.10 -8.79
C GLU A 86 -26.88 3.90 -7.95
N GLU A 87 -27.01 3.60 -6.68
CA GLU A 87 -28.07 4.20 -5.89
C GLU A 87 -27.61 5.13 -4.77
N TYR A 88 -28.09 6.36 -4.85
CA TYR A 88 -28.07 7.38 -3.81
C TYR A 88 -26.73 8.08 -3.58
N GLU A 89 -25.66 7.35 -3.55
CA GLU A 89 -24.37 7.92 -3.25
C GLU A 89 -23.89 8.82 -4.38
N LYS A 90 -23.16 9.84 -4.01
CA LYS A 90 -22.70 10.85 -4.94
C LYS A 90 -21.26 10.59 -5.38
N ASN A 91 -20.34 10.61 -4.44
CA ASN A 91 -18.94 10.41 -4.77
C ASN A 91 -18.26 9.86 -3.57
N LYS A 92 -17.45 8.86 -3.77
CA LYS A 92 -16.75 8.24 -2.68
C LYS A 92 -15.28 8.20 -2.99
N THR A 93 -14.49 8.46 -2.02
CA THR A 93 -13.08 8.43 -2.17
C THR A 93 -12.46 7.85 -0.91
N PHE A 94 -11.42 7.09 -1.07
CA PHE A 94 -10.72 6.49 0.02
C PHE A 94 -9.24 6.65 -0.23
N PHE A 95 -8.43 6.27 0.70
CA PHE A 95 -7.03 6.44 0.55
C PHE A 95 -6.35 5.09 0.59
N LEU A 96 -5.21 5.03 0.02
CA LEU A 96 -4.44 3.83 0.01
C LEU A 96 -3.10 4.20 0.56
N GLU A 97 -2.68 3.55 1.58
CA GLU A 97 -1.41 3.86 2.16
C GLU A 97 -0.56 2.63 2.14
N ILE A 98 0.68 2.80 1.76
CA ILE A 98 1.63 1.72 1.79
C ILE A 98 2.56 1.95 2.94
N GLY A 99 2.87 0.91 3.64
CA GLY A 99 3.71 0.99 4.78
C GLY A 99 5.15 0.89 4.39
N GLU A 100 6.00 0.90 5.38
CA GLU A 100 7.41 0.79 5.18
C GLU A 100 7.78 -0.56 4.59
N PRO A 101 8.68 -0.56 3.62
CA PRO A 101 9.14 -1.79 2.99
C PRO A 101 9.96 -2.63 3.96
N ARG A 102 9.74 -3.90 3.93
CA ARG A 102 10.41 -4.83 4.79
C ARG A 102 11.25 -5.77 3.94
N LEU A 103 12.54 -5.79 4.21
CA LEU A 103 13.44 -6.66 3.51
C LEU A 103 13.11 -8.09 3.91
N VAL A 104 13.00 -8.95 2.95
CA VAL A 104 12.63 -10.33 3.22
C VAL A 104 13.82 -11.09 3.79
N GLU A 105 13.67 -11.49 5.02
CA GLU A 105 14.69 -12.21 5.71
C GLU A 105 14.82 -13.63 5.23
N MET A 106 15.86 -13.86 4.46
CA MET A 106 16.22 -15.17 3.97
C MET A 106 16.69 -16.00 5.16
N SER A 107 17.21 -15.32 6.15
CA SER A 107 17.55 -15.93 7.40
C SER A 107 16.29 -15.88 8.27
N GLU A 108 15.46 -16.88 8.13
CA GLU A 108 14.20 -16.91 8.83
C GLU A 108 14.41 -17.37 10.26
N LYS A 109 13.82 -16.67 11.20
CA LYS A 109 13.89 -17.08 12.57
C LYS A 109 12.61 -17.84 12.86
N LYS A 110 12.61 -18.61 13.91
CA LYS A 110 11.46 -19.39 14.25
C LYS A 110 10.48 -18.58 15.06
N GLY A 111 9.59 -17.93 14.35
CA GLY A 111 8.60 -17.12 14.96
C GLY A 111 7.23 -17.60 14.62
N GLY A 112 7.01 -17.80 13.33
CA GLY A 112 5.75 -18.29 12.85
C GLY A 112 4.68 -17.24 12.90
N PHE A 113 4.17 -17.00 14.07
CA PHE A 113 3.11 -16.08 14.27
C PHE A 113 3.60 -14.65 14.25
N THR A 114 3.29 -13.97 13.20
CA THR A 114 3.53 -12.58 13.10
C THR A 114 2.17 -11.92 13.30
N ILE A 115 1.91 -11.54 14.52
CA ILE A 115 0.64 -10.96 14.88
C ILE A 115 0.53 -9.56 14.29
N THR A 116 -0.38 -9.41 13.36
CA THR A 116 -0.62 -8.18 12.70
C THR A 116 -1.69 -7.37 13.46
N GLU A 117 -2.66 -8.07 14.02
CA GLU A 117 -3.67 -7.42 14.81
C GLU A 117 -3.22 -7.41 16.25
N GLU A 118 -2.46 -6.41 16.57
CA GLU A 118 -1.81 -6.33 17.84
C GLU A 118 -2.36 -5.16 18.67
N TYR A 119 -2.64 -4.04 18.03
CA TYR A 119 -3.11 -2.86 18.74
C TYR A 119 -3.83 -1.95 17.72
N ASP A 120 -4.52 -0.91 18.19
CA ASP A 120 -5.17 0.07 17.29
C ASP A 120 -4.11 0.85 16.56
N ASP A 121 -3.10 1.20 17.31
CA ASP A 121 -1.96 1.91 16.81
C ASP A 121 -0.86 0.87 16.55
N LYS A 122 0.39 1.27 16.55
CA LYS A 122 1.49 0.38 16.28
C LYS A 122 1.76 -0.57 17.46
N GLN A 123 2.65 -1.50 17.27
CA GLN A 123 2.95 -2.48 18.29
C GLN A 123 4.32 -2.20 18.90
N PRO A 124 4.49 -2.44 20.21
CA PRO A 124 5.79 -2.28 20.87
C PRO A 124 6.78 -3.37 20.46
N LEU A 125 7.74 -3.01 19.67
CA LEU A 125 8.73 -3.94 19.18
C LEU A 125 9.81 -4.18 20.22
N THR A 126 10.46 -5.32 20.13
CA THR A 126 11.56 -5.67 21.01
C THR A 126 12.88 -5.30 20.32
N SER A 127 12.75 -4.50 19.29
CA SER A 127 13.86 -4.01 18.53
C SER A 127 14.39 -2.70 19.13
N LYS A 128 13.97 -2.41 20.38
CA LYS A 128 14.41 -1.22 21.09
C LYS A 128 15.90 -1.33 21.33
N GLU A 129 16.28 -2.47 21.85
CA GLU A 129 17.68 -2.79 22.03
C GLU A 129 18.16 -3.35 20.70
N GLU A 130 18.99 -2.60 20.04
CA GLU A 130 19.44 -2.93 18.73
C GLU A 130 20.95 -2.96 18.66
N GLU A 131 21.48 -3.47 17.57
CA GLU A 131 22.91 -3.44 17.34
C GLU A 131 23.18 -2.62 16.10
N GLU A 132 23.25 -1.29 16.29
CA GLU A 132 23.52 -0.31 15.21
C GLU A 132 22.45 -0.41 14.10
N ARG A 133 21.26 -0.85 14.48
CA ARG A 133 20.18 -1.11 13.52
C ARG A 133 19.73 0.17 12.82
N ARG A 134 19.75 1.29 13.52
CA ARG A 134 19.41 2.54 12.90
C ARG A 134 20.46 2.90 11.85
N ILE A 135 21.72 2.62 12.12
CA ILE A 135 22.76 2.88 11.12
C ILE A 135 22.53 1.98 9.91
N ALA A 136 22.03 0.79 10.18
CA ALA A 136 21.71 -0.17 9.17
C ALA A 136 20.49 0.26 8.30
N GLU A 137 19.71 1.28 8.75
CA GLU A 137 18.51 1.69 8.00
C GLU A 137 18.86 2.16 6.60
N MET A 138 20.09 2.67 6.45
CA MET A 138 20.57 3.17 5.17
C MET A 138 20.87 2.04 4.19
N GLY A 139 20.84 0.82 4.67
CA GLY A 139 21.07 -0.32 3.82
C GLY A 139 19.79 -1.07 3.54
N ARG A 140 18.71 -0.59 4.12
CA ARG A 140 17.42 -1.24 3.97
C ARG A 140 16.69 -0.61 2.80
N PRO A 141 15.62 -1.24 2.32
CA PRO A 141 14.71 -0.60 1.42
C PRO A 141 13.87 0.40 2.20
N ILE A 142 13.75 1.61 1.71
CA ILE A 142 13.03 2.62 2.43
C ILE A 142 11.93 3.22 1.57
N LEU A 143 11.03 3.94 2.17
CA LEU A 143 9.97 4.56 1.42
C LEU A 143 10.26 6.02 1.15
N GLY A 144 9.48 6.58 0.26
CA GLY A 144 9.66 7.94 -0.12
C GLY A 144 9.14 8.92 0.89
N GLU A 145 9.02 10.16 0.48
CA GLU A 145 8.59 11.24 1.34
C GLU A 145 7.11 11.06 1.71
N HIS A 146 6.30 10.78 0.73
CA HIS A 146 4.89 10.54 0.95
C HIS A 146 4.51 9.21 0.37
N THR A 147 3.75 8.45 1.10
CA THR A 147 3.25 7.20 0.61
C THR A 147 1.77 7.10 0.85
N LYS A 148 1.03 7.63 -0.06
CA LYS A 148 -0.40 7.71 0.08
C LYS A 148 -1.03 7.99 -1.27
N LEU A 149 -2.16 7.41 -1.48
CA LEU A 149 -2.91 7.57 -2.68
C LEU A 149 -4.32 7.93 -2.31
N GLU A 150 -4.91 8.78 -3.09
CA GLU A 150 -6.28 9.17 -2.90
C GLU A 150 -7.08 8.57 -4.05
N VAL A 151 -7.91 7.63 -3.77
CA VAL A 151 -8.70 6.95 -4.77
C VAL A 151 -10.12 7.47 -4.77
N ILE A 152 -10.51 8.07 -5.84
CA ILE A 152 -11.84 8.58 -6.00
C ILE A 152 -12.64 7.61 -6.87
N ILE A 153 -13.81 7.26 -6.43
CA ILE A 153 -14.67 6.37 -7.15
C ILE A 153 -15.79 7.19 -7.77
N GLU A 154 -15.78 7.27 -9.07
CA GLU A 154 -16.84 7.93 -9.80
C GLU A 154 -17.63 6.86 -10.54
N GLU A 155 -18.92 7.06 -10.74
CA GLU A 155 -19.74 6.03 -11.27
C GLU A 155 -19.62 5.94 -12.74
N SER A 156 -20.20 4.93 -13.31
CA SER A 156 -20.08 4.77 -14.70
C SER A 156 -21.34 4.17 -15.35
N TYR A 157 -22.44 4.21 -14.65
CA TYR A 157 -23.70 3.72 -15.21
C TYR A 157 -24.48 4.81 -15.83
N GLU A 158 -24.84 5.79 -15.03
CA GLU A 158 -25.69 6.84 -15.52
C GLU A 158 -24.83 7.80 -16.30
N PHE A 159 -23.71 8.18 -15.66
CA PHE A 159 -22.67 9.08 -16.15
C PHE A 159 -23.08 9.95 -17.36
N LYS A 160 -24.05 10.83 -17.16
CA LYS A 160 -24.46 11.77 -18.22
C LYS A 160 -24.05 13.16 -17.80
N SER A 161 -23.42 13.14 -16.68
CA SER A 161 -22.80 14.20 -16.02
C SER A 161 -21.99 13.46 -14.97
N THR A 162 -21.40 14.10 -14.03
CA THR A 162 -20.72 13.34 -13.03
C THR A 162 -21.77 12.80 -12.05
N VAL A 163 -21.84 11.46 -11.93
CA VAL A 163 -22.75 10.68 -11.05
C VAL A 163 -24.22 10.69 -11.46
N ASP A 164 -24.67 11.75 -12.04
CA ASP A 164 -26.05 11.82 -12.50
C ASP A 164 -26.12 11.65 -14.01
N HIS A 8 18.19 3.94 1.43
CA HIS A 8 19.34 3.86 0.51
C HIS A 8 18.93 3.10 -0.71
N ALA A 9 17.87 2.38 -0.54
CA ALA A 9 17.32 1.53 -1.59
C ALA A 9 16.67 2.35 -2.71
N GLY A 10 16.15 3.49 -2.37
CA GLY A 10 15.54 4.32 -3.37
C GLY A 10 14.22 4.82 -2.90
N ILE A 11 13.29 4.98 -3.83
CA ILE A 11 12.01 5.55 -3.50
C ILE A 11 10.87 4.57 -3.83
N PHE A 12 10.22 4.05 -2.81
CA PHE A 12 8.98 3.32 -3.01
C PHE A 12 7.86 4.30 -2.91
N THR A 13 6.96 4.29 -3.86
CA THR A 13 5.87 5.20 -3.84
C THR A 13 4.85 4.78 -4.87
N PHE A 14 3.71 5.42 -4.85
CA PHE A 14 2.68 5.16 -5.81
C PHE A 14 3.01 5.85 -7.13
N GLU A 15 2.57 5.24 -8.22
CA GLU A 15 2.81 5.76 -9.54
C GLU A 15 2.09 7.10 -9.72
N GLU A 16 0.97 7.23 -9.07
CA GLU A 16 0.17 8.42 -9.09
C GLU A 16 -0.27 8.70 -7.66
N PRO A 17 -0.30 9.96 -7.24
CA PRO A 17 -0.70 10.33 -5.88
C PRO A 17 -2.21 10.21 -5.66
N VAL A 18 -2.96 10.38 -6.72
CA VAL A 18 -4.41 10.33 -6.68
C VAL A 18 -4.87 9.54 -7.86
N THR A 19 -5.84 8.71 -7.69
CA THR A 19 -6.34 7.95 -8.78
C THR A 19 -7.87 8.01 -8.79
N HIS A 20 -8.44 8.12 -9.97
CA HIS A 20 -9.88 8.12 -10.09
C HIS A 20 -10.29 6.78 -10.67
N VAL A 21 -11.23 6.16 -10.05
CA VAL A 21 -11.69 4.87 -10.50
C VAL A 21 -13.15 4.96 -10.84
N SER A 22 -13.58 4.14 -11.77
CA SER A 22 -14.95 4.15 -12.20
C SER A 22 -15.81 3.32 -11.26
N GLU A 23 -17.11 3.48 -11.44
CA GLU A 23 -18.10 2.74 -10.72
C GLU A 23 -18.40 1.47 -11.57
N SER A 24 -17.88 1.45 -12.77
CA SER A 24 -18.10 0.33 -13.66
C SER A 24 -16.76 -0.32 -14.07
N ILE A 25 -15.73 -0.16 -13.24
CA ILE A 25 -14.41 -0.69 -13.56
C ILE A 25 -14.25 -2.14 -13.07
N GLY A 26 -14.88 -2.47 -11.97
CA GLY A 26 -14.72 -3.78 -11.40
C GLY A 26 -13.57 -3.80 -10.45
N ILE A 27 -12.39 -3.91 -11.00
CA ILE A 27 -11.19 -4.04 -10.21
C ILE A 27 -10.24 -2.94 -10.61
N MET A 28 -9.83 -2.17 -9.67
CA MET A 28 -8.89 -1.13 -9.97
C MET A 28 -7.51 -1.59 -9.52
N GLU A 29 -6.51 -1.14 -10.21
CA GLU A 29 -5.14 -1.45 -9.92
C GLU A 29 -4.30 -0.20 -9.94
N VAL A 30 -3.55 -0.04 -8.91
CA VAL A 30 -2.66 1.07 -8.78
C VAL A 30 -1.24 0.55 -8.81
N LYS A 31 -0.45 1.09 -9.69
CA LYS A 31 0.92 0.70 -9.89
C LYS A 31 1.79 1.30 -8.79
N VAL A 32 2.61 0.48 -8.20
CA VAL A 32 3.51 0.94 -7.16
C VAL A 32 4.94 0.88 -7.68
N LEU A 33 5.60 2.01 -7.59
CA LEU A 33 6.92 2.18 -8.13
C LEU A 33 7.98 1.55 -7.21
N ARG A 34 8.83 0.76 -7.83
CA ARG A 34 9.95 0.09 -7.18
C ARG A 34 11.07 1.09 -6.96
N THR A 35 11.87 0.85 -5.96
CA THR A 35 13.01 1.66 -5.66
C THR A 35 13.99 1.72 -6.82
N SER A 36 14.63 2.87 -6.97
CA SER A 36 15.65 3.10 -7.97
C SER A 36 16.78 2.05 -7.85
N GLY A 37 16.98 1.55 -6.66
CA GLY A 37 17.88 0.47 -6.46
C GLY A 37 17.09 -0.75 -6.05
N ALA A 38 16.81 -1.63 -6.97
CA ALA A 38 16.10 -2.82 -6.64
C ALA A 38 17.08 -3.86 -6.17
N ARG A 39 17.16 -4.01 -4.87
CA ARG A 39 18.08 -4.95 -4.29
C ARG A 39 17.33 -5.97 -3.49
N GLY A 40 17.41 -7.22 -3.92
CA GLY A 40 16.87 -8.33 -3.17
C GLY A 40 15.36 -8.36 -3.11
N ASN A 41 14.86 -9.22 -2.28
CA ASN A 41 13.44 -9.40 -2.07
C ASN A 41 12.97 -8.52 -0.93
N VAL A 42 12.00 -7.70 -1.23
CA VAL A 42 11.48 -6.73 -0.31
C VAL A 42 9.96 -6.81 -0.33
N ILE A 43 9.35 -6.83 0.82
CA ILE A 43 7.92 -6.90 0.91
C ILE A 43 7.37 -5.55 1.36
N VAL A 44 6.36 -5.09 0.66
CA VAL A 44 5.72 -3.84 1.00
C VAL A 44 4.23 -4.09 1.29
N PRO A 45 3.82 -3.95 2.55
CA PRO A 45 2.42 -4.12 2.94
C PRO A 45 1.55 -2.93 2.54
N TYR A 46 0.26 -3.14 2.44
CA TYR A 46 -0.66 -2.08 2.12
C TYR A 46 -2.01 -2.34 2.74
N LYS A 47 -2.80 -1.30 2.82
CA LYS A 47 -4.16 -1.39 3.33
C LYS A 47 -5.01 -0.28 2.77
N THR A 48 -6.28 -0.53 2.63
CA THR A 48 -7.22 0.47 2.23
C THR A 48 -7.65 1.27 3.45
N ILE A 49 -7.67 2.55 3.33
CA ILE A 49 -8.09 3.42 4.38
C ILE A 49 -9.47 3.93 4.06
N GLU A 50 -10.43 3.63 4.91
CA GLU A 50 -11.79 4.07 4.70
C GLU A 50 -11.92 5.55 5.02
N GLY A 51 -12.65 6.27 4.19
CA GLY A 51 -12.81 7.69 4.35
C GLY A 51 -14.22 8.11 4.10
N THR A 52 -14.48 8.69 2.94
CA THR A 52 -15.83 9.05 2.57
C THR A 52 -16.47 7.90 1.83
N ALA A 53 -15.64 6.93 1.51
CA ALA A 53 -16.05 5.69 0.94
C ALA A 53 -15.80 4.62 1.98
N ARG A 54 -16.74 3.72 2.17
CA ARG A 54 -16.62 2.69 3.17
C ARG A 54 -16.36 1.31 2.58
N GLY A 55 -15.67 0.51 3.34
CA GLY A 55 -15.32 -0.82 2.94
C GLY A 55 -16.37 -1.80 3.36
N GLY A 56 -15.95 -3.01 3.68
CA GLY A 56 -16.88 -4.05 4.09
C GLY A 56 -17.85 -4.40 2.98
N GLY A 57 -17.40 -4.22 1.75
CA GLY A 57 -18.23 -4.47 0.61
C GLY A 57 -19.33 -3.41 0.44
N GLU A 58 -19.10 -2.21 0.96
CA GLU A 58 -20.10 -1.15 0.83
C GLU A 58 -19.87 -0.34 -0.43
N ASP A 59 -18.90 0.54 -0.41
CA ASP A 59 -18.58 1.34 -1.58
C ASP A 59 -17.46 0.67 -2.31
N PHE A 60 -16.59 0.09 -1.56
CA PHE A 60 -15.51 -0.65 -2.11
C PHE A 60 -15.24 -1.83 -1.22
N GLU A 61 -14.61 -2.80 -1.76
CA GLU A 61 -14.22 -3.95 -1.03
C GLU A 61 -12.84 -3.62 -0.46
N ASP A 62 -12.77 -3.48 0.84
CA ASP A 62 -11.54 -3.06 1.48
C ASP A 62 -10.57 -4.20 1.56
N THR A 63 -9.39 -3.94 1.12
CA THR A 63 -8.42 -4.98 0.98
C THR A 63 -7.11 -4.59 1.66
N CYS A 64 -6.30 -5.57 1.92
CA CYS A 64 -5.03 -5.40 2.53
C CYS A 64 -4.15 -6.54 2.06
N GLY A 65 -2.86 -6.40 2.19
CA GLY A 65 -1.99 -7.44 1.77
C GLY A 65 -0.60 -6.94 1.67
N GLU A 66 0.24 -7.72 1.07
CA GLU A 66 1.63 -7.38 0.92
C GLU A 66 2.03 -7.58 -0.52
N LEU A 67 2.80 -6.68 -1.04
CA LEU A 67 3.29 -6.75 -2.39
C LEU A 67 4.72 -7.18 -2.36
N GLU A 68 5.04 -8.12 -3.21
CA GLU A 68 6.36 -8.66 -3.25
C GLU A 68 7.19 -7.98 -4.33
N PHE A 69 8.24 -7.36 -3.93
CA PHE A 69 9.15 -6.74 -4.84
C PHE A 69 10.48 -7.44 -4.73
N GLN A 70 11.19 -7.50 -5.81
CA GLN A 70 12.46 -8.16 -5.83
C GLN A 70 13.39 -7.37 -6.69
N ASN A 71 14.56 -7.89 -6.98
CA ASN A 71 15.46 -7.19 -7.87
C ASN A 71 15.01 -7.46 -9.29
N ASP A 72 14.41 -8.62 -9.47
CA ASP A 72 13.86 -8.99 -10.76
C ASP A 72 12.44 -8.42 -10.95
N GLU A 73 11.70 -8.30 -9.86
CA GLU A 73 10.37 -7.72 -9.91
C GLU A 73 10.43 -6.21 -9.94
N ILE A 74 9.52 -5.62 -10.68
CA ILE A 74 9.46 -4.19 -10.83
C ILE A 74 8.22 -3.57 -10.18
N VAL A 75 7.08 -3.68 -10.80
CA VAL A 75 5.90 -3.02 -10.31
C VAL A 75 4.85 -4.01 -9.83
N LYS A 76 4.17 -3.65 -8.79
CA LYS A 76 3.05 -4.39 -8.30
C LYS A 76 1.82 -3.51 -8.32
N THR A 77 0.70 -4.10 -8.10
CA THR A 77 -0.56 -3.39 -8.11
C THR A 77 -1.46 -3.77 -6.95
N ILE A 78 -2.21 -2.81 -6.49
CA ILE A 78 -3.24 -3.08 -5.52
C ILE A 78 -4.53 -3.24 -6.29
N SER A 79 -5.13 -4.40 -6.17
CA SER A 79 -6.38 -4.68 -6.83
C SER A 79 -7.54 -4.50 -5.84
N VAL A 80 -8.41 -3.56 -6.12
CA VAL A 80 -9.55 -3.27 -5.25
C VAL A 80 -10.84 -3.42 -6.02
N LYS A 81 -11.78 -4.15 -5.45
CA LYS A 81 -13.09 -4.33 -6.04
C LYS A 81 -13.98 -3.17 -5.63
N VAL A 82 -14.38 -2.38 -6.57
CA VAL A 82 -15.27 -1.29 -6.27
C VAL A 82 -16.69 -1.84 -6.32
N ILE A 83 -17.43 -1.65 -5.25
CA ILE A 83 -18.78 -2.19 -5.12
C ILE A 83 -19.73 -1.25 -5.79
N ASP A 84 -20.85 -1.78 -6.26
CA ASP A 84 -21.82 -0.98 -6.93
C ASP A 84 -22.32 0.11 -6.00
N ASP A 85 -22.29 1.29 -6.54
CA ASP A 85 -22.54 2.56 -5.85
C ASP A 85 -23.66 2.56 -4.81
N GLU A 86 -23.26 2.77 -3.55
CA GLU A 86 -24.19 2.97 -2.45
C GLU A 86 -24.69 4.40 -2.45
N GLU A 87 -25.95 4.57 -2.09
CA GLU A 87 -26.67 5.83 -2.24
C GLU A 87 -26.22 6.95 -1.29
N TYR A 88 -25.38 6.65 -0.31
CA TYR A 88 -24.93 7.66 0.65
C TYR A 88 -24.11 8.75 -0.03
N GLU A 89 -22.98 8.39 -0.54
CA GLU A 89 -22.13 9.33 -1.24
C GLU A 89 -22.07 8.91 -2.69
N LYS A 90 -22.02 9.84 -3.60
CA LYS A 90 -21.93 9.53 -5.01
C LYS A 90 -20.47 9.41 -5.37
N ASN A 91 -19.75 10.50 -5.30
CA ASN A 91 -18.34 10.46 -5.46
C ASN A 91 -17.73 10.52 -4.10
N LYS A 92 -16.83 9.64 -3.86
CA LYS A 92 -16.29 9.40 -2.56
C LYS A 92 -14.90 8.92 -2.70
N THR A 93 -14.15 8.97 -1.67
CA THR A 93 -12.78 8.60 -1.77
C THR A 93 -12.28 7.89 -0.53
N PHE A 94 -11.33 7.03 -0.75
CA PHE A 94 -10.66 6.32 0.27
C PHE A 94 -9.19 6.42 -0.04
N PHE A 95 -8.37 6.08 0.89
CA PHE A 95 -6.96 6.23 0.68
C PHE A 95 -6.30 4.90 0.67
N LEU A 96 -5.15 4.84 0.10
CA LEU A 96 -4.40 3.63 0.07
C LEU A 96 -3.05 3.96 0.66
N GLU A 97 -2.66 3.23 1.67
CA GLU A 97 -1.40 3.47 2.29
C GLU A 97 -0.56 2.22 2.25
N ILE A 98 0.64 2.37 1.80
CA ILE A 98 1.58 1.31 1.79
C ILE A 98 2.49 1.49 2.96
N GLY A 99 2.88 0.40 3.55
CA GLY A 99 3.72 0.46 4.70
C GLY A 99 5.16 0.57 4.32
N GLU A 100 6.00 0.57 5.31
CA GLU A 100 7.39 0.69 5.08
C GLU A 100 7.97 -0.63 4.62
N PRO A 101 8.72 -0.60 3.52
CA PRO A 101 9.26 -1.79 2.88
C PRO A 101 10.19 -2.56 3.80
N ARG A 102 9.94 -3.83 3.96
CA ARG A 102 10.78 -4.64 4.78
C ARG A 102 11.65 -5.52 3.91
N LEU A 103 12.91 -5.55 4.20
CA LEU A 103 13.83 -6.40 3.53
C LEU A 103 13.53 -7.78 4.05
N VAL A 104 13.45 -8.75 3.20
CA VAL A 104 13.18 -10.08 3.66
C VAL A 104 14.50 -10.72 4.13
N GLU A 105 14.96 -10.22 5.25
CA GLU A 105 16.22 -10.64 5.84
C GLU A 105 15.98 -11.93 6.60
N MET A 106 17.01 -12.62 6.93
CA MET A 106 16.91 -13.91 7.56
C MET A 106 17.37 -13.86 9.02
N SER A 107 18.19 -12.88 9.34
CA SER A 107 18.76 -12.77 10.64
C SER A 107 17.97 -11.79 11.51
N GLU A 108 17.79 -12.15 12.76
CA GLU A 108 17.23 -11.25 13.75
C GLU A 108 18.41 -10.62 14.47
N LYS A 109 18.32 -9.39 14.88
CA LYS A 109 19.41 -8.79 15.62
C LYS A 109 19.38 -9.25 17.06
N LYS A 110 20.37 -10.01 17.44
CA LYS A 110 20.44 -10.60 18.77
C LYS A 110 21.64 -10.09 19.54
N GLY A 111 22.11 -8.92 19.16
CA GLY A 111 23.24 -8.32 19.84
C GLY A 111 22.84 -7.64 21.13
N GLY A 112 21.56 -7.72 21.45
CA GLY A 112 21.04 -7.13 22.63
C GLY A 112 21.19 -8.02 23.82
N PHE A 113 22.41 -8.23 24.21
CA PHE A 113 22.72 -9.00 25.39
C PHE A 113 22.47 -8.11 26.60
N THR A 114 22.17 -8.70 27.74
CA THR A 114 21.92 -7.91 28.92
C THR A 114 23.24 -7.22 29.37
N ILE A 115 23.30 -5.93 29.14
CA ILE A 115 24.50 -5.18 29.39
C ILE A 115 24.19 -3.80 30.02
N THR A 116 22.94 -3.63 30.42
CA THR A 116 22.53 -2.38 31.04
C THR A 116 23.22 -2.24 32.39
N GLU A 117 23.84 -1.11 32.60
CA GLU A 117 24.56 -0.87 33.81
C GLU A 117 24.10 0.42 34.46
N GLU A 118 24.82 0.84 35.47
CA GLU A 118 24.50 2.03 36.22
C GLU A 118 24.58 3.27 35.35
N TYR A 119 23.53 4.03 35.41
CA TYR A 119 23.45 5.32 34.82
C TYR A 119 24.00 6.27 35.88
N ASP A 120 23.68 5.91 37.15
CA ASP A 120 24.06 6.60 38.39
C ASP A 120 24.00 8.10 38.32
N ASP A 121 22.84 8.59 38.68
CA ASP A 121 22.52 10.02 38.68
C ASP A 121 21.07 10.12 38.97
N LYS A 122 20.34 9.35 38.21
CA LYS A 122 18.93 9.21 38.30
C LYS A 122 18.57 8.10 37.33
N GLN A 123 18.26 6.93 37.85
CA GLN A 123 17.91 5.82 36.99
C GLN A 123 16.59 6.10 36.29
N PRO A 124 16.56 5.92 34.97
CA PRO A 124 15.40 6.26 34.17
C PRO A 124 14.18 5.36 34.41
N LEU A 125 13.12 5.95 34.95
CA LEU A 125 11.86 5.26 35.14
C LEU A 125 11.27 4.93 33.77
N THR A 126 11.37 5.88 32.85
CA THR A 126 11.01 5.61 31.50
C THR A 126 12.27 5.05 30.85
N SER A 127 12.17 3.86 30.32
CA SER A 127 13.34 3.14 29.93
C SER A 127 13.92 3.59 28.58
N LYS A 128 15.01 3.01 28.29
CA LYS A 128 15.84 3.30 27.16
C LYS A 128 15.96 2.08 26.28
N GLU A 129 16.38 2.28 25.08
CA GLU A 129 16.66 1.20 24.19
C GLU A 129 18.13 1.28 23.82
N GLU A 130 18.96 0.44 24.43
CA GLU A 130 20.38 0.45 24.11
C GLU A 130 20.67 -0.18 22.76
N GLU A 131 19.76 -0.97 22.25
CA GLU A 131 19.87 -1.42 20.87
C GLU A 131 18.75 -0.73 20.12
N GLU A 132 19.05 0.44 19.60
CA GLU A 132 18.06 1.22 18.95
C GLU A 132 17.60 0.59 17.64
N ARG A 133 16.30 0.41 17.51
CA ARG A 133 15.65 -0.21 16.37
C ARG A 133 16.02 0.50 15.07
N ARG A 134 16.14 1.81 15.16
CA ARG A 134 16.48 2.67 14.03
C ARG A 134 17.83 2.26 13.38
N ILE A 135 18.71 1.66 14.17
CA ILE A 135 20.02 1.22 13.67
C ILE A 135 19.85 0.08 12.64
N ALA A 136 18.77 -0.67 12.76
CA ALA A 136 18.49 -1.72 11.82
C ALA A 136 17.75 -1.16 10.62
N GLU A 137 17.11 -0.03 10.83
CA GLU A 137 16.26 0.59 9.82
C GLU A 137 17.08 1.39 8.81
N MET A 138 18.32 1.67 9.16
CA MET A 138 19.22 2.37 8.24
C MET A 138 19.70 1.38 7.17
N GLY A 139 19.54 0.10 7.44
CA GLY A 139 19.95 -0.94 6.52
C GLY A 139 18.75 -1.63 5.95
N ARG A 140 17.72 -0.85 5.70
CA ARG A 140 16.50 -1.33 5.16
C ARG A 140 16.15 -0.57 3.93
N PRO A 141 15.37 -1.18 3.04
CA PRO A 141 14.78 -0.48 1.94
C PRO A 141 13.79 0.52 2.50
N ILE A 142 13.77 1.70 1.95
CA ILE A 142 12.91 2.72 2.48
C ILE A 142 12.01 3.27 1.39
N LEU A 143 11.03 4.01 1.80
CA LEU A 143 10.08 4.55 0.88
C LEU A 143 10.30 6.04 0.64
N GLY A 144 9.52 6.59 -0.26
CA GLY A 144 9.63 7.98 -0.60
C GLY A 144 9.05 8.87 0.47
N GLU A 145 9.05 10.15 0.21
CA GLU A 145 8.52 11.11 1.15
C GLU A 145 7.00 10.97 1.25
N HIS A 146 6.38 10.75 0.12
CA HIS A 146 4.95 10.55 0.07
C HIS A 146 4.63 9.14 -0.34
N THR A 147 3.90 8.46 0.51
CA THR A 147 3.42 7.14 0.21
C THR A 147 1.97 7.00 0.59
N LYS A 148 1.14 7.47 -0.27
CA LYS A 148 -0.27 7.50 -0.04
C LYS A 148 -0.94 7.72 -1.36
N LEU A 149 -2.11 7.23 -1.49
CA LEU A 149 -2.87 7.36 -2.66
C LEU A 149 -4.26 7.77 -2.28
N GLU A 150 -4.83 8.66 -3.03
CA GLU A 150 -6.19 9.03 -2.85
C GLU A 150 -6.99 8.39 -3.97
N VAL A 151 -7.86 7.49 -3.65
CA VAL A 151 -8.65 6.80 -4.64
C VAL A 151 -10.05 7.36 -4.63
N ILE A 152 -10.38 8.07 -5.66
CA ILE A 152 -11.68 8.67 -5.77
C ILE A 152 -12.58 7.77 -6.59
N ILE A 153 -13.65 7.36 -5.99
CA ILE A 153 -14.63 6.54 -6.64
C ILE A 153 -15.72 7.45 -7.11
N GLU A 154 -15.87 7.55 -8.38
CA GLU A 154 -16.95 8.25 -8.98
C GLU A 154 -17.24 7.51 -10.26
N GLU A 155 -18.18 7.93 -11.03
CA GLU A 155 -18.33 7.27 -12.28
C GLU A 155 -17.38 7.84 -13.31
N SER A 156 -16.74 6.98 -14.04
CA SER A 156 -15.86 7.39 -15.10
C SER A 156 -16.51 6.91 -16.39
N TYR A 157 -17.82 6.73 -16.27
CA TYR A 157 -18.69 6.31 -17.26
C TYR A 157 -18.74 7.31 -18.41
N GLU A 158 -19.00 8.57 -18.10
CA GLU A 158 -19.06 9.56 -19.15
C GLU A 158 -17.67 10.03 -19.60
N PHE A 159 -16.73 10.09 -18.67
CA PHE A 159 -15.40 10.56 -18.97
C PHE A 159 -14.37 9.54 -18.52
N LYS A 160 -13.44 9.22 -19.37
CA LYS A 160 -12.43 8.22 -19.03
C LYS A 160 -11.20 8.89 -18.41
N SER A 161 -11.01 10.14 -18.75
CA SER A 161 -9.90 10.91 -18.22
C SER A 161 -10.41 12.27 -17.75
N THR A 162 -9.87 12.75 -16.66
CA THR A 162 -10.23 14.02 -16.10
C THR A 162 -9.53 15.14 -16.90
N VAL A 163 -10.25 16.23 -17.19
CA VAL A 163 -9.63 17.36 -17.89
C VAL A 163 -8.79 18.14 -16.87
N ASP A 164 -9.32 18.23 -15.68
CA ASP A 164 -8.63 18.87 -14.56
C ASP A 164 -7.50 17.98 -14.02
N HIS A 8 21.10 2.31 2.00
CA HIS A 8 19.99 2.88 1.26
C HIS A 8 19.75 2.09 -0.01
N ALA A 9 18.56 1.58 -0.17
CA ALA A 9 18.21 0.89 -1.37
C ALA A 9 17.54 1.87 -2.35
N GLY A 10 16.35 2.33 -2.01
CA GLY A 10 15.64 3.24 -2.86
C GLY A 10 14.34 3.65 -2.24
N ILE A 11 13.45 4.26 -3.04
CA ILE A 11 12.20 4.83 -2.55
C ILE A 11 10.99 4.05 -3.10
N PHE A 12 10.11 3.65 -2.23
CA PHE A 12 8.80 3.10 -2.64
C PHE A 12 7.72 4.16 -2.46
N THR A 13 6.82 4.23 -3.40
CA THR A 13 5.71 5.15 -3.34
C THR A 13 4.72 4.79 -4.46
N PHE A 14 3.60 5.46 -4.52
CA PHE A 14 2.63 5.19 -5.56
C PHE A 14 3.02 5.88 -6.84
N GLU A 15 2.55 5.33 -7.94
CA GLU A 15 2.83 5.90 -9.22
C GLU A 15 2.11 7.21 -9.36
N GLU A 16 0.90 7.25 -8.91
CA GLU A 16 0.12 8.44 -8.92
C GLU A 16 -0.29 8.74 -7.48
N PRO A 17 -0.40 10.02 -7.11
CA PRO A 17 -0.87 10.38 -5.77
C PRO A 17 -2.39 10.25 -5.66
N VAL A 18 -3.05 10.31 -6.80
CA VAL A 18 -4.49 10.27 -6.88
C VAL A 18 -4.86 9.45 -8.10
N THR A 19 -5.77 8.54 -7.95
CA THR A 19 -6.22 7.74 -9.07
C THR A 19 -7.74 7.84 -9.15
N HIS A 20 -8.26 7.94 -10.34
CA HIS A 20 -9.68 8.03 -10.55
C HIS A 20 -10.17 6.73 -11.14
N VAL A 21 -11.03 6.06 -10.44
CA VAL A 21 -11.53 4.80 -10.88
C VAL A 21 -13.03 4.89 -11.15
N SER A 22 -13.48 4.03 -12.01
CA SER A 22 -14.84 3.96 -12.43
C SER A 22 -15.70 3.22 -11.39
N GLU A 23 -16.99 3.54 -11.33
CA GLU A 23 -17.92 2.88 -10.43
C GLU A 23 -18.05 1.37 -10.76
N SER A 24 -18.28 1.05 -12.01
CA SER A 24 -18.49 -0.30 -12.44
C SER A 24 -17.29 -0.79 -13.24
N ILE A 25 -16.21 -0.96 -12.56
CA ILE A 25 -14.98 -1.44 -13.16
C ILE A 25 -14.66 -2.85 -12.67
N GLY A 26 -15.11 -3.18 -11.49
CA GLY A 26 -14.85 -4.46 -10.94
C GLY A 26 -13.58 -4.46 -10.14
N ILE A 27 -12.45 -4.36 -10.81
CA ILE A 27 -11.15 -4.42 -10.18
C ILE A 27 -10.28 -3.32 -10.75
N MET A 28 -9.76 -2.51 -9.89
CA MET A 28 -8.85 -1.47 -10.32
C MET A 28 -7.46 -1.86 -9.86
N GLU A 29 -6.45 -1.44 -10.60
CA GLU A 29 -5.07 -1.77 -10.27
C GLU A 29 -4.17 -0.55 -10.26
N VAL A 30 -3.56 -0.33 -9.13
CA VAL A 30 -2.66 0.78 -8.95
C VAL A 30 -1.25 0.25 -8.83
N LYS A 31 -0.36 0.85 -9.56
CA LYS A 31 1.03 0.47 -9.56
C LYS A 31 1.81 1.22 -8.53
N VAL A 32 2.62 0.50 -7.83
CA VAL A 32 3.47 1.06 -6.82
C VAL A 32 4.88 1.12 -7.35
N LEU A 33 5.45 2.30 -7.33
CA LEU A 33 6.77 2.52 -7.86
C LEU A 33 7.82 1.87 -7.00
N ARG A 34 8.64 1.09 -7.63
CA ARG A 34 9.67 0.33 -6.99
C ARG A 34 10.84 1.25 -6.59
N THR A 35 11.67 0.76 -5.69
CA THR A 35 12.83 1.42 -5.22
C THR A 35 13.76 1.80 -6.34
N SER A 36 14.29 2.98 -6.21
CA SER A 36 15.29 3.53 -7.07
C SER A 36 16.47 2.54 -7.23
N GLY A 37 16.80 1.87 -6.14
CA GLY A 37 17.77 0.83 -6.15
C GLY A 37 17.15 -0.41 -5.60
N ALA A 38 16.69 -1.27 -6.47
CA ALA A 38 16.06 -2.50 -6.07
C ALA A 38 17.12 -3.54 -5.85
N ARG A 39 17.36 -3.88 -4.61
CA ARG A 39 18.41 -4.80 -4.26
C ARG A 39 17.83 -5.95 -3.45
N GLY A 40 17.76 -7.11 -4.06
CA GLY A 40 17.31 -8.28 -3.35
C GLY A 40 15.82 -8.47 -3.41
N ASN A 41 15.20 -8.72 -2.28
CA ASN A 41 13.78 -8.95 -2.18
C ASN A 41 13.21 -8.12 -1.02
N VAL A 42 12.13 -7.41 -1.28
CA VAL A 42 11.49 -6.54 -0.31
C VAL A 42 9.99 -6.80 -0.32
N ILE A 43 9.37 -6.73 0.84
CA ILE A 43 7.93 -6.82 0.94
C ILE A 43 7.38 -5.49 1.38
N VAL A 44 6.37 -5.02 0.70
CA VAL A 44 5.72 -3.79 1.04
C VAL A 44 4.25 -4.07 1.34
N PRO A 45 3.83 -3.95 2.61
CA PRO A 45 2.43 -4.13 2.99
C PRO A 45 1.56 -2.95 2.57
N TYR A 46 0.27 -3.15 2.45
CA TYR A 46 -0.64 -2.08 2.10
C TYR A 46 -1.99 -2.25 2.77
N LYS A 47 -2.81 -1.22 2.68
CA LYS A 47 -4.12 -1.22 3.31
C LYS A 47 -5.06 -0.22 2.64
N THR A 48 -6.34 -0.51 2.68
CA THR A 48 -7.35 0.41 2.23
C THR A 48 -7.80 1.28 3.40
N ILE A 49 -7.84 2.54 3.17
CA ILE A 49 -8.24 3.50 4.15
C ILE A 49 -9.64 3.99 3.83
N GLU A 50 -10.56 3.70 4.71
CA GLU A 50 -11.94 4.14 4.60
C GLU A 50 -12.00 5.60 4.94
N GLY A 51 -12.12 6.43 3.94
CA GLY A 51 -12.13 7.84 4.19
C GLY A 51 -13.42 8.46 3.87
N THR A 52 -13.59 8.76 2.63
CA THR A 52 -14.75 9.46 2.16
C THR A 52 -15.59 8.48 1.31
N ALA A 53 -15.55 7.21 1.70
CA ALA A 53 -16.27 6.14 1.04
C ALA A 53 -16.43 4.98 2.01
N ARG A 54 -17.51 4.24 1.88
CA ARG A 54 -17.82 3.12 2.74
C ARG A 54 -17.08 1.86 2.34
N GLY A 55 -16.24 1.40 3.24
CA GLY A 55 -15.47 0.22 3.01
C GLY A 55 -16.20 -1.02 3.47
N GLY A 56 -15.49 -2.12 3.55
CA GLY A 56 -16.11 -3.36 3.97
C GLY A 56 -17.00 -3.95 2.90
N GLY A 57 -16.78 -3.52 1.67
CA GLY A 57 -17.56 -4.03 0.59
C GLY A 57 -18.86 -3.28 0.43
N GLU A 58 -18.83 -1.98 0.53
CA GLU A 58 -20.05 -1.22 0.38
C GLU A 58 -19.94 -0.29 -0.82
N ASP A 59 -18.98 0.63 -0.78
CA ASP A 59 -18.66 1.43 -1.97
C ASP A 59 -17.43 0.81 -2.59
N PHE A 60 -16.59 0.31 -1.75
CA PHE A 60 -15.40 -0.37 -2.18
C PHE A 60 -15.17 -1.52 -1.23
N GLU A 61 -14.54 -2.53 -1.72
CA GLU A 61 -14.19 -3.66 -0.91
C GLU A 61 -12.87 -3.35 -0.21
N ASP A 62 -12.75 -3.77 1.02
CA ASP A 62 -11.56 -3.49 1.81
C ASP A 62 -10.49 -4.51 1.45
N THR A 63 -9.26 -4.09 1.32
CA THR A 63 -8.21 -4.99 0.97
C THR A 63 -6.90 -4.56 1.61
N CYS A 64 -6.07 -5.52 1.83
CA CYS A 64 -4.78 -5.32 2.39
C CYS A 64 -3.93 -6.49 1.97
N GLY A 65 -2.66 -6.43 2.17
CA GLY A 65 -1.81 -7.49 1.77
C GLY A 65 -0.42 -7.03 1.67
N GLU A 66 0.40 -7.79 1.03
CA GLU A 66 1.79 -7.51 0.90
C GLU A 66 2.24 -7.64 -0.54
N LEU A 67 2.93 -6.65 -1.03
CA LEU A 67 3.45 -6.67 -2.37
C LEU A 67 4.90 -7.03 -2.33
N GLU A 68 5.28 -7.93 -3.18
CA GLU A 68 6.62 -8.41 -3.21
C GLU A 68 7.40 -7.73 -4.32
N PHE A 69 8.45 -7.07 -3.95
CA PHE A 69 9.32 -6.43 -4.88
C PHE A 69 10.69 -7.03 -4.78
N GLN A 70 11.42 -6.99 -5.85
CA GLN A 70 12.74 -7.55 -5.90
C GLN A 70 13.56 -6.78 -6.87
N ASN A 71 14.78 -7.22 -7.05
CA ASN A 71 15.65 -6.70 -8.09
C ASN A 71 15.10 -7.19 -9.42
N ASP A 72 14.62 -8.41 -9.40
CA ASP A 72 14.05 -9.04 -10.56
C ASP A 72 12.61 -8.54 -10.84
N GLU A 73 11.77 -8.51 -9.80
CA GLU A 73 10.40 -8.00 -9.88
C GLU A 73 10.35 -6.56 -10.33
N ILE A 74 9.48 -6.27 -11.26
CA ILE A 74 9.33 -4.93 -11.78
C ILE A 74 8.39 -4.06 -10.93
N VAL A 75 7.10 -4.20 -11.12
CA VAL A 75 6.15 -3.40 -10.41
C VAL A 75 5.03 -4.29 -9.88
N LYS A 76 4.29 -3.82 -8.91
CA LYS A 76 3.17 -4.53 -8.38
C LYS A 76 1.95 -3.66 -8.41
N THR A 77 0.82 -4.30 -8.36
CA THR A 77 -0.46 -3.63 -8.37
C THR A 77 -1.35 -4.08 -7.22
N ILE A 78 -2.18 -3.18 -6.76
CA ILE A 78 -3.20 -3.50 -5.78
C ILE A 78 -4.49 -3.68 -6.54
N SER A 79 -5.15 -4.78 -6.34
CA SER A 79 -6.42 -5.06 -6.98
C SER A 79 -7.55 -4.77 -5.97
N VAL A 80 -8.37 -3.79 -6.27
CA VAL A 80 -9.47 -3.45 -5.37
C VAL A 80 -10.80 -3.64 -6.06
N LYS A 81 -11.68 -4.35 -5.39
CA LYS A 81 -13.03 -4.55 -5.85
C LYS A 81 -13.86 -3.31 -5.54
N VAL A 82 -14.40 -2.72 -6.56
CA VAL A 82 -15.27 -1.60 -6.37
C VAL A 82 -16.70 -2.12 -6.32
N ILE A 83 -17.41 -1.75 -5.31
CA ILE A 83 -18.77 -2.25 -5.07
C ILE A 83 -19.77 -1.28 -5.65
N ASP A 84 -20.77 -1.82 -6.27
CA ASP A 84 -21.77 -0.99 -6.88
C ASP A 84 -22.90 -0.72 -5.93
N ASP A 85 -22.74 0.26 -5.09
CA ASP A 85 -23.83 0.70 -4.26
C ASP A 85 -24.46 1.87 -4.94
N GLU A 86 -25.57 1.62 -5.57
CA GLU A 86 -26.22 2.62 -6.37
C GLU A 86 -27.01 3.58 -5.50
N GLU A 87 -26.29 4.52 -4.95
CA GLU A 87 -26.84 5.55 -4.14
C GLU A 87 -26.12 6.84 -4.46
N TYR A 88 -26.86 7.84 -4.86
CA TYR A 88 -26.28 9.12 -5.13
C TYR A 88 -25.93 9.82 -3.85
N GLU A 89 -24.67 9.91 -3.63
CA GLU A 89 -24.09 10.46 -2.46
C GLU A 89 -22.88 11.25 -2.98
N LYS A 90 -22.06 11.79 -2.11
CA LYS A 90 -20.92 12.57 -2.50
C LYS A 90 -19.90 11.66 -3.18
N ASN A 91 -19.18 12.23 -4.14
CA ASN A 91 -18.13 11.53 -4.88
C ASN A 91 -17.23 10.79 -3.91
N LYS A 92 -17.12 9.53 -4.16
CA LYS A 92 -16.53 8.60 -3.24
C LYS A 92 -15.05 8.53 -3.41
N THR A 93 -14.33 8.55 -2.34
CA THR A 93 -12.92 8.45 -2.42
C THR A 93 -12.35 7.85 -1.14
N PHE A 94 -11.46 6.92 -1.30
CA PHE A 94 -10.81 6.30 -0.21
C PHE A 94 -9.33 6.41 -0.44
N PHE A 95 -8.55 6.01 0.50
CA PHE A 95 -7.14 6.17 0.37
C PHE A 95 -6.48 4.82 0.41
N LEU A 96 -5.37 4.72 -0.22
CA LEU A 96 -4.60 3.51 -0.20
C LEU A 96 -3.27 3.90 0.37
N GLU A 97 -2.79 3.17 1.32
CA GLU A 97 -1.54 3.49 1.91
C GLU A 97 -0.70 2.24 2.00
N ILE A 98 0.57 2.40 1.80
CA ILE A 98 1.50 1.31 1.90
C ILE A 98 2.31 1.46 3.16
N GLY A 99 2.82 0.38 3.66
CA GLY A 99 3.58 0.40 4.87
C GLY A 99 5.06 0.37 4.59
N GLU A 100 5.83 0.28 5.66
CA GLU A 100 7.27 0.24 5.59
C GLU A 100 7.77 -0.96 4.83
N PRO A 101 8.62 -0.72 3.84
CA PRO A 101 9.18 -1.77 3.06
C PRO A 101 10.17 -2.56 3.89
N ARG A 102 9.89 -3.80 4.04
CA ARG A 102 10.68 -4.67 4.84
C ARG A 102 11.51 -5.55 3.96
N LEU A 103 12.80 -5.43 4.12
CA LEU A 103 13.76 -6.21 3.40
C LEU A 103 13.52 -7.66 3.77
N VAL A 104 13.42 -8.49 2.78
CA VAL A 104 13.19 -9.88 3.01
C VAL A 104 14.50 -10.55 3.22
N GLU A 105 14.86 -10.66 4.44
CA GLU A 105 16.02 -11.38 4.79
C GLU A 105 15.60 -12.82 4.98
N MET A 106 16.21 -13.72 4.27
CA MET A 106 15.86 -15.12 4.36
C MET A 106 16.44 -15.71 5.65
N SER A 107 17.40 -15.00 6.21
CA SER A 107 17.99 -15.36 7.48
C SER A 107 17.03 -15.03 8.66
N GLU A 108 15.94 -14.28 8.34
CA GLU A 108 14.89 -13.94 9.31
C GLU A 108 14.31 -15.24 9.85
N LYS A 109 14.52 -15.50 11.11
CA LYS A 109 14.20 -16.77 11.67
C LYS A 109 12.89 -16.75 12.44
N LYS A 110 12.07 -17.70 12.14
CA LYS A 110 10.87 -17.95 12.89
C LYS A 110 10.72 -19.44 13.03
N GLY A 111 9.74 -19.88 13.75
CA GLY A 111 9.54 -21.27 13.92
C GLY A 111 8.52 -21.55 14.96
N GLY A 112 8.58 -22.74 15.49
CA GLY A 112 7.67 -23.14 16.52
C GLY A 112 8.27 -24.23 17.34
N PHE A 113 9.41 -23.95 17.95
CA PHE A 113 10.08 -24.92 18.81
C PHE A 113 9.39 -25.02 20.15
N THR A 114 9.74 -26.04 20.91
CA THR A 114 9.21 -26.22 22.23
C THR A 114 9.83 -25.22 23.22
N ILE A 115 9.32 -24.02 23.16
CA ILE A 115 9.71 -22.94 24.00
C ILE A 115 8.46 -22.22 24.43
N THR A 116 8.00 -22.53 25.63
CA THR A 116 6.82 -21.91 26.23
C THR A 116 5.51 -22.34 25.48
N GLU A 117 5.56 -23.48 24.77
CA GLU A 117 4.35 -24.00 24.11
C GLU A 117 3.55 -24.80 25.14
N GLU A 118 4.16 -24.93 26.31
CA GLU A 118 3.63 -25.61 27.46
C GLU A 118 2.41 -24.80 27.98
N TYR A 119 1.23 -25.26 27.57
CA TYR A 119 -0.05 -24.59 27.81
C TYR A 119 -0.20 -23.33 27.01
N ASP A 120 -0.33 -23.52 25.72
CA ASP A 120 -0.53 -22.47 24.73
C ASP A 120 -0.76 -23.19 23.42
N ASP A 121 -1.68 -22.74 22.63
CA ASP A 121 -2.04 -23.50 21.43
C ASP A 121 -1.71 -22.80 20.13
N LYS A 122 -1.76 -21.48 20.11
CA LYS A 122 -1.57 -20.78 18.85
C LYS A 122 -0.12 -20.46 18.57
N GLN A 123 0.46 -19.60 19.34
CA GLN A 123 1.84 -19.24 19.14
C GLN A 123 2.56 -19.12 20.47
N PRO A 124 3.63 -19.90 20.66
CA PRO A 124 4.39 -19.88 21.90
C PRO A 124 5.16 -18.57 22.07
N LEU A 125 5.42 -18.19 23.30
CA LEU A 125 6.18 -17.00 23.59
C LEU A 125 7.63 -17.17 23.17
N THR A 126 7.89 -16.81 21.96
CA THR A 126 9.20 -16.81 21.41
C THR A 126 9.31 -15.61 20.50
N SER A 127 9.89 -14.57 21.02
CA SER A 127 10.00 -13.34 20.30
C SER A 127 11.33 -13.34 19.55
N LYS A 128 11.41 -12.64 18.46
CA LYS A 128 12.61 -12.60 17.68
C LYS A 128 13.64 -11.73 18.35
N GLU A 129 14.59 -12.34 18.96
CA GLU A 129 15.69 -11.67 19.55
C GLU A 129 16.92 -12.02 18.76
N GLU A 130 17.93 -11.17 18.82
CA GLU A 130 19.18 -11.36 18.08
C GLU A 130 18.95 -11.32 16.58
N GLU A 131 18.12 -10.37 16.15
CA GLU A 131 17.79 -10.17 14.76
C GLU A 131 18.95 -9.52 14.00
N GLU A 132 18.73 -9.18 12.77
CA GLU A 132 19.77 -8.57 11.96
C GLU A 132 19.21 -7.38 11.19
N ARG A 133 18.30 -6.68 11.83
CA ARG A 133 17.65 -5.51 11.25
C ARG A 133 18.70 -4.43 11.02
N ARG A 134 19.59 -4.30 12.00
CA ARG A 134 20.67 -3.35 11.95
C ARG A 134 21.66 -3.69 10.82
N ILE A 135 21.71 -4.94 10.44
CA ILE A 135 22.54 -5.34 9.32
C ILE A 135 21.86 -4.89 8.02
N ALA A 136 20.55 -4.97 7.99
CA ALA A 136 19.78 -4.53 6.83
C ALA A 136 19.80 -3.00 6.72
N GLU A 137 20.00 -2.33 7.86
CA GLU A 137 20.07 -0.87 7.96
C GLU A 137 21.11 -0.23 7.05
N MET A 138 22.13 -0.97 6.67
CA MET A 138 23.16 -0.42 5.79
C MET A 138 22.69 -0.27 4.35
N GLY A 139 21.55 -0.87 4.04
CA GLY A 139 21.01 -0.81 2.72
C GLY A 139 19.58 -1.24 2.71
N ARG A 140 18.76 -0.59 3.51
CA ARG A 140 17.36 -0.96 3.59
C ARG A 140 16.52 -0.21 2.56
N PRO A 141 15.47 -0.85 2.07
CA PRO A 141 14.49 -0.21 1.22
C PRO A 141 13.68 0.74 2.05
N ILE A 142 13.47 1.92 1.55
CA ILE A 142 12.76 2.90 2.29
C ILE A 142 11.61 3.41 1.46
N LEU A 143 10.66 4.02 2.09
CA LEU A 143 9.60 4.59 1.36
C LEU A 143 9.76 6.08 1.23
N GLY A 144 9.00 6.65 0.35
CA GLY A 144 9.13 8.05 0.06
C GLY A 144 8.56 8.96 1.13
N GLU A 145 8.52 10.22 0.79
CA GLU A 145 8.07 11.28 1.67
C GLU A 145 6.56 11.13 1.89
N HIS A 146 5.87 10.82 0.84
CA HIS A 146 4.45 10.58 0.88
C HIS A 146 4.16 9.23 0.27
N THR A 147 3.46 8.43 1.00
CA THR A 147 3.03 7.17 0.51
C THR A 147 1.56 7.01 0.76
N LYS A 148 0.78 7.44 -0.19
CA LYS A 148 -0.65 7.46 -0.06
C LYS A 148 -1.27 7.78 -1.38
N LEU A 149 -2.32 7.09 -1.66
CA LEU A 149 -3.02 7.22 -2.88
C LEU A 149 -4.44 7.63 -2.58
N GLU A 150 -4.91 8.64 -3.25
CA GLU A 150 -6.28 9.05 -3.15
C GLU A 150 -7.03 8.35 -4.27
N VAL A 151 -7.88 7.42 -3.92
CA VAL A 151 -8.62 6.70 -4.92
C VAL A 151 -10.01 7.25 -4.98
N ILE A 152 -10.31 7.90 -6.04
CA ILE A 152 -11.59 8.46 -6.24
C ILE A 152 -12.43 7.53 -7.10
N ILE A 153 -13.57 7.15 -6.61
CA ILE A 153 -14.46 6.28 -7.33
C ILE A 153 -15.53 7.17 -7.93
N GLU A 154 -15.42 7.41 -9.19
CA GLU A 154 -16.32 8.29 -9.85
C GLU A 154 -17.34 7.49 -10.59
N GLU A 155 -18.60 7.81 -10.39
CA GLU A 155 -19.64 7.18 -11.14
C GLU A 155 -19.55 7.62 -12.57
N SER A 156 -19.32 6.68 -13.40
CA SER A 156 -18.98 6.94 -14.74
C SER A 156 -19.77 6.03 -15.63
N TYR A 157 -20.82 6.56 -16.17
CA TYR A 157 -21.68 5.80 -17.05
C TYR A 157 -21.21 6.00 -18.45
N GLU A 158 -20.71 7.20 -18.69
CA GLU A 158 -20.24 7.57 -19.98
C GLU A 158 -18.91 6.88 -20.24
N PHE A 159 -18.04 6.95 -19.25
CA PHE A 159 -16.76 6.32 -19.33
C PHE A 159 -16.84 4.94 -18.71
N LYS A 160 -16.85 3.96 -19.56
CA LYS A 160 -16.90 2.61 -19.14
C LYS A 160 -15.50 2.02 -19.07
N SER A 161 -15.36 0.98 -18.31
CA SER A 161 -14.09 0.33 -18.14
C SER A 161 -14.34 -1.17 -18.12
N THR A 162 -13.40 -1.94 -18.58
CA THR A 162 -13.54 -3.35 -18.62
C THR A 162 -12.20 -4.00 -18.26
N VAL A 163 -12.24 -4.94 -17.37
CA VAL A 163 -11.08 -5.68 -16.97
C VAL A 163 -11.12 -7.02 -17.67
N ASP A 164 -10.56 -7.05 -18.84
CA ASP A 164 -10.60 -8.24 -19.67
C ASP A 164 -9.26 -8.96 -19.61
N HIS A 8 19.82 3.19 1.69
CA HIS A 8 18.72 2.41 2.20
C HIS A 8 18.40 1.32 1.19
N ALA A 9 18.01 1.77 0.00
CA ALA A 9 17.63 0.95 -1.13
C ALA A 9 17.16 1.86 -2.24
N GLY A 10 16.21 2.71 -1.91
CA GLY A 10 15.63 3.60 -2.85
C GLY A 10 14.30 4.09 -2.36
N ILE A 11 13.37 4.36 -3.27
CA ILE A 11 12.10 4.94 -2.91
C ILE A 11 10.94 4.06 -3.40
N PHE A 12 10.02 3.79 -2.51
CA PHE A 12 8.78 3.15 -2.86
C PHE A 12 7.65 4.16 -2.64
N THR A 13 6.73 4.22 -3.58
CA THR A 13 5.60 5.11 -3.47
C THR A 13 4.61 4.79 -4.59
N PHE A 14 3.53 5.51 -4.66
CA PHE A 14 2.53 5.27 -5.66
C PHE A 14 2.91 5.97 -6.96
N GLU A 15 2.40 5.45 -8.06
CA GLU A 15 2.66 6.03 -9.36
C GLU A 15 2.02 7.44 -9.38
N GLU A 16 0.81 7.51 -8.89
CA GLU A 16 0.12 8.76 -8.75
C GLU A 16 -0.31 8.92 -7.31
N PRO A 17 -0.33 10.14 -6.79
CA PRO A 17 -0.80 10.38 -5.42
C PRO A 17 -2.34 10.35 -5.32
N VAL A 18 -2.98 10.47 -6.46
CA VAL A 18 -4.44 10.45 -6.55
C VAL A 18 -4.81 9.69 -7.81
N THR A 19 -5.67 8.71 -7.69
CA THR A 19 -6.09 7.94 -8.81
C THR A 19 -7.62 8.00 -8.93
N HIS A 20 -8.09 8.09 -10.12
CA HIS A 20 -9.50 8.11 -10.37
C HIS A 20 -9.92 6.82 -11.03
N VAL A 21 -10.79 6.11 -10.38
CA VAL A 21 -11.23 4.84 -10.88
C VAL A 21 -12.71 4.93 -11.18
N SER A 22 -13.21 4.01 -11.95
CA SER A 22 -14.58 4.05 -12.35
C SER A 22 -15.47 3.35 -11.33
N GLU A 23 -16.68 3.82 -11.25
CA GLU A 23 -17.75 3.22 -10.48
C GLU A 23 -18.04 1.81 -11.02
N SER A 24 -17.80 1.62 -12.30
CA SER A 24 -18.12 0.37 -12.96
C SER A 24 -16.83 -0.33 -13.48
N ILE A 25 -15.69 -0.07 -12.87
CA ILE A 25 -14.46 -0.72 -13.32
C ILE A 25 -14.35 -2.15 -12.79
N GLY A 26 -14.92 -2.40 -11.62
CA GLY A 26 -14.83 -3.70 -11.04
C GLY A 26 -13.59 -3.84 -10.20
N ILE A 27 -12.48 -4.00 -10.85
CA ILE A 27 -11.20 -4.16 -10.18
C ILE A 27 -10.29 -3.10 -10.69
N MET A 28 -9.75 -2.35 -9.81
CA MET A 28 -8.81 -1.35 -10.19
C MET A 28 -7.44 -1.76 -9.71
N GLU A 29 -6.42 -1.40 -10.45
CA GLU A 29 -5.06 -1.69 -10.08
C GLU A 29 -4.24 -0.44 -10.01
N VAL A 30 -3.50 -0.33 -8.96
CA VAL A 30 -2.60 0.77 -8.76
C VAL A 30 -1.19 0.23 -8.69
N LYS A 31 -0.33 0.73 -9.52
CA LYS A 31 1.04 0.30 -9.55
C LYS A 31 1.85 1.08 -8.55
N VAL A 32 2.62 0.38 -7.80
CA VAL A 32 3.47 0.98 -6.80
C VAL A 32 4.88 1.03 -7.36
N LEU A 33 5.42 2.22 -7.45
CA LEU A 33 6.73 2.47 -7.99
C LEU A 33 7.77 1.79 -7.13
N ARG A 34 8.61 1.05 -7.78
CA ARG A 34 9.63 0.29 -7.14
C ARG A 34 10.85 1.17 -6.94
N THR A 35 11.69 0.76 -6.00
CA THR A 35 12.91 1.44 -5.65
C THR A 35 13.85 1.63 -6.85
N SER A 36 14.61 2.74 -6.80
CA SER A 36 15.60 3.11 -7.78
C SER A 36 16.67 2.00 -7.84
N GLY A 37 16.94 1.42 -6.69
CA GLY A 37 17.86 0.33 -6.59
C GLY A 37 17.18 -0.85 -6.00
N ALA A 38 16.74 -1.76 -6.85
CA ALA A 38 16.06 -2.93 -6.38
C ALA A 38 17.05 -4.01 -6.13
N ARG A 39 17.34 -4.25 -4.90
CA ARG A 39 18.29 -5.26 -4.54
C ARG A 39 17.67 -6.25 -3.60
N GLY A 40 17.64 -7.49 -4.02
CA GLY A 40 17.14 -8.56 -3.21
C GLY A 40 15.67 -8.74 -3.32
N ASN A 41 15.03 -8.94 -2.19
CA ASN A 41 13.60 -9.14 -2.10
C ASN A 41 13.07 -8.26 -1.01
N VAL A 42 12.09 -7.47 -1.34
CA VAL A 42 11.51 -6.52 -0.44
C VAL A 42 10.00 -6.65 -0.47
N ILE A 43 9.41 -6.68 0.68
CA ILE A 43 7.99 -6.76 0.78
C ILE A 43 7.44 -5.41 1.16
N VAL A 44 6.38 -5.01 0.51
CA VAL A 44 5.75 -3.75 0.82
C VAL A 44 4.29 -3.98 1.24
N PRO A 45 3.98 -3.81 2.53
CA PRO A 45 2.60 -3.94 3.03
C PRO A 45 1.72 -2.76 2.62
N TYR A 46 0.43 -2.97 2.59
CA TYR A 46 -0.51 -1.92 2.25
C TYR A 46 -1.85 -2.19 2.88
N LYS A 47 -2.67 -1.16 2.97
CA LYS A 47 -4.00 -1.28 3.53
C LYS A 47 -4.92 -0.21 2.96
N THR A 48 -6.20 -0.51 2.95
CA THR A 48 -7.22 0.40 2.54
C THR A 48 -7.68 1.29 3.72
N ILE A 49 -7.84 2.55 3.45
CA ILE A 49 -8.32 3.50 4.44
C ILE A 49 -9.72 3.93 4.03
N GLU A 50 -10.68 3.75 4.91
CA GLU A 50 -12.05 4.12 4.64
C GLU A 50 -12.21 5.63 4.75
N GLY A 51 -12.34 6.27 3.61
CA GLY A 51 -12.54 7.70 3.60
C GLY A 51 -14.02 7.99 3.63
N THR A 52 -14.51 8.66 2.61
CA THR A 52 -15.92 8.95 2.50
C THR A 52 -16.62 7.75 1.82
N ALA A 53 -15.82 6.81 1.38
CA ALA A 53 -16.31 5.58 0.85
C ALA A 53 -16.24 4.56 1.95
N ARG A 54 -17.26 3.77 2.06
CA ARG A 54 -17.41 2.78 3.10
C ARG A 54 -16.75 1.49 2.71
N GLY A 55 -16.07 0.92 3.65
CA GLY A 55 -15.36 -0.31 3.40
C GLY A 55 -16.20 -1.51 3.71
N GLY A 56 -15.56 -2.64 3.82
CA GLY A 56 -16.23 -3.88 4.16
C GLY A 56 -17.05 -4.45 3.02
N GLY A 57 -16.83 -3.93 1.81
CA GLY A 57 -17.59 -4.38 0.66
C GLY A 57 -18.85 -3.58 0.51
N GLU A 58 -18.84 -2.37 1.03
CA GLU A 58 -20.01 -1.52 1.01
C GLU A 58 -19.92 -0.55 -0.19
N ASP A 59 -18.85 0.21 -0.25
CA ASP A 59 -18.57 1.03 -1.45
C ASP A 59 -17.36 0.48 -2.13
N PHE A 60 -16.47 -0.03 -1.34
CA PHE A 60 -15.32 -0.66 -1.86
C PHE A 60 -15.03 -1.88 -1.03
N GLU A 61 -14.46 -2.84 -1.65
CA GLU A 61 -14.08 -4.05 -1.02
C GLU A 61 -12.65 -3.83 -0.50
N ASP A 62 -12.45 -4.03 0.80
CA ASP A 62 -11.15 -3.77 1.42
C ASP A 62 -10.09 -4.72 0.98
N THR A 63 -8.88 -4.28 1.04
CA THR A 63 -7.78 -5.11 0.74
C THR A 63 -6.61 -4.71 1.60
N CYS A 64 -5.93 -5.67 2.06
CA CYS A 64 -4.80 -5.52 2.91
C CYS A 64 -3.86 -6.66 2.63
N GLY A 65 -2.60 -6.41 2.67
CA GLY A 65 -1.67 -7.44 2.39
C GLY A 65 -0.35 -6.89 2.07
N GLU A 66 0.46 -7.65 1.40
CA GLU A 66 1.82 -7.27 1.12
C GLU A 66 2.20 -7.60 -0.33
N LEU A 67 2.94 -6.71 -0.95
CA LEU A 67 3.40 -6.88 -2.32
C LEU A 67 4.84 -7.33 -2.31
N GLU A 68 5.17 -8.25 -3.19
CA GLU A 68 6.51 -8.78 -3.25
C GLU A 68 7.32 -8.15 -4.38
N PHE A 69 8.29 -7.34 -4.01
CA PHE A 69 9.19 -6.74 -4.95
C PHE A 69 10.54 -7.39 -4.86
N GLN A 70 11.24 -7.45 -5.95
CA GLN A 70 12.55 -8.03 -5.97
C GLN A 70 13.40 -7.25 -6.94
N ASN A 71 14.62 -7.71 -7.11
CA ASN A 71 15.58 -7.11 -8.05
C ASN A 71 15.08 -7.37 -9.47
N ASP A 72 14.53 -8.54 -9.68
CA ASP A 72 14.05 -8.94 -10.98
C ASP A 72 12.61 -8.45 -11.23
N GLU A 73 11.79 -8.49 -10.19
CA GLU A 73 10.39 -8.09 -10.26
C GLU A 73 10.23 -6.63 -10.68
N ILE A 74 9.31 -6.39 -11.59
CA ILE A 74 9.09 -5.06 -12.15
C ILE A 74 8.27 -4.13 -11.22
N VAL A 75 6.96 -4.24 -11.28
CA VAL A 75 6.08 -3.39 -10.52
C VAL A 75 4.88 -4.22 -10.05
N LYS A 76 4.31 -3.87 -8.93
CA LYS A 76 3.17 -4.59 -8.38
C LYS A 76 1.95 -3.71 -8.41
N THR A 77 0.83 -4.36 -8.34
CA THR A 77 -0.44 -3.69 -8.35
C THR A 77 -1.33 -4.13 -7.20
N ILE A 78 -2.13 -3.22 -6.72
CA ILE A 78 -3.15 -3.55 -5.75
C ILE A 78 -4.45 -3.66 -6.52
N SER A 79 -5.13 -4.76 -6.38
CA SER A 79 -6.39 -4.98 -7.02
C SER A 79 -7.52 -4.74 -6.00
N VAL A 80 -8.32 -3.73 -6.25
CA VAL A 80 -9.41 -3.39 -5.34
C VAL A 80 -10.74 -3.51 -6.05
N LYS A 81 -11.67 -4.22 -5.44
CA LYS A 81 -13.01 -4.36 -5.98
C LYS A 81 -13.85 -3.15 -5.60
N VAL A 82 -14.36 -2.50 -6.59
CA VAL A 82 -15.23 -1.38 -6.42
C VAL A 82 -16.65 -1.89 -6.33
N ILE A 83 -17.33 -1.57 -5.27
CA ILE A 83 -18.68 -2.02 -5.07
C ILE A 83 -19.64 -1.01 -5.65
N ASP A 84 -20.57 -1.52 -6.39
CA ASP A 84 -21.58 -0.73 -7.07
C ASP A 84 -22.59 -0.27 -6.04
N ASP A 85 -22.60 1.01 -5.77
CA ASP A 85 -23.52 1.57 -4.78
C ASP A 85 -24.21 2.82 -5.27
N GLU A 86 -25.53 2.80 -5.23
CA GLU A 86 -26.32 3.93 -5.62
C GLU A 86 -27.45 4.20 -4.63
N GLU A 87 -27.14 4.82 -3.51
CA GLU A 87 -28.17 5.26 -2.60
C GLU A 87 -28.40 6.75 -2.82
N TYR A 88 -27.30 7.49 -2.89
CA TYR A 88 -27.29 8.90 -3.18
C TYR A 88 -25.84 9.38 -3.19
N GLU A 89 -25.35 9.83 -2.03
CA GLU A 89 -24.00 10.31 -1.84
C GLU A 89 -23.59 11.42 -2.79
N LYS A 90 -22.36 11.79 -2.73
CA LYS A 90 -21.86 12.80 -3.57
C LYS A 90 -20.67 12.28 -4.37
N ASN A 91 -19.69 11.75 -3.67
CA ASN A 91 -18.49 11.21 -4.29
C ASN A 91 -17.89 10.13 -3.40
N LYS A 92 -17.44 9.06 -4.00
CA LYS A 92 -16.86 7.97 -3.25
C LYS A 92 -15.35 8.03 -3.38
N THR A 93 -14.66 8.16 -2.29
CA THR A 93 -13.23 8.13 -2.34
C THR A 93 -12.67 7.58 -1.04
N PHE A 94 -11.58 6.86 -1.15
CA PHE A 94 -10.91 6.26 -0.04
C PHE A 94 -9.43 6.41 -0.27
N PHE A 95 -8.63 6.00 0.67
CA PHE A 95 -7.21 6.18 0.56
C PHE A 95 -6.51 4.87 0.65
N LEU A 96 -5.36 4.81 0.07
CA LEU A 96 -4.55 3.65 0.12
C LEU A 96 -3.24 4.07 0.74
N GLU A 97 -2.81 3.36 1.74
CA GLU A 97 -1.57 3.66 2.39
C GLU A 97 -0.71 2.43 2.38
N ILE A 98 0.51 2.60 1.98
CA ILE A 98 1.47 1.53 1.98
C ILE A 98 2.34 1.66 3.19
N GLY A 99 2.77 0.56 3.71
CA GLY A 99 3.61 0.57 4.85
C GLY A 99 5.03 0.64 4.43
N GLU A 100 5.92 0.79 5.38
CA GLU A 100 7.30 0.87 5.07
C GLU A 100 7.84 -0.46 4.60
N PRO A 101 8.57 -0.43 3.49
CA PRO A 101 9.11 -1.64 2.86
C PRO A 101 10.04 -2.41 3.80
N ARG A 102 9.88 -3.68 3.81
CA ARG A 102 10.64 -4.56 4.66
C ARG A 102 11.50 -5.50 3.83
N LEU A 103 12.78 -5.50 4.10
CA LEU A 103 13.73 -6.35 3.43
C LEU A 103 13.48 -7.79 3.86
N VAL A 104 13.49 -8.69 2.93
CA VAL A 104 13.24 -10.08 3.23
C VAL A 104 14.55 -10.82 3.46
N GLU A 105 14.91 -10.91 4.70
CA GLU A 105 16.09 -11.59 5.13
C GLU A 105 15.77 -12.07 6.54
N MET A 106 16.55 -12.98 7.06
CA MET A 106 16.34 -13.53 8.39
C MET A 106 16.85 -12.57 9.46
N SER A 107 17.53 -11.53 9.04
CA SER A 107 18.06 -10.58 9.96
C SER A 107 17.10 -9.43 10.17
N GLU A 108 16.40 -9.47 11.27
CA GLU A 108 15.51 -8.43 11.68
C GLU A 108 15.47 -8.37 13.19
N LYS A 109 16.25 -7.47 13.75
CA LYS A 109 16.33 -7.35 15.18
C LYS A 109 15.00 -6.81 15.69
N LYS A 110 14.32 -7.60 16.46
CA LYS A 110 13.03 -7.24 16.95
C LYS A 110 13.01 -7.38 18.47
N GLY A 111 12.71 -6.28 19.12
CA GLY A 111 12.81 -6.23 20.57
C GLY A 111 11.47 -6.26 21.25
N GLY A 112 11.49 -6.20 22.55
CA GLY A 112 10.29 -6.26 23.32
C GLY A 112 10.30 -7.48 24.21
N PHE A 113 9.54 -7.45 25.27
CA PHE A 113 9.46 -8.55 26.19
C PHE A 113 8.18 -8.42 27.00
N THR A 114 7.37 -9.43 26.94
CA THR A 114 6.15 -9.42 27.66
C THR A 114 6.33 -10.09 29.02
N ILE A 115 6.41 -9.28 30.07
CA ILE A 115 6.53 -9.79 31.42
C ILE A 115 5.25 -10.54 31.77
N THR A 116 5.28 -11.82 31.60
CA THR A 116 4.14 -12.63 31.84
C THR A 116 4.11 -12.97 33.31
N GLU A 117 3.37 -12.14 34.02
CA GLU A 117 3.26 -12.14 35.46
C GLU A 117 2.32 -11.01 35.79
N GLU A 118 2.47 -9.95 35.02
CA GLU A 118 1.59 -8.82 35.05
C GLU A 118 0.61 -9.04 33.90
N TYR A 119 -0.66 -9.02 34.17
CA TYR A 119 -1.61 -9.42 33.17
C TYR A 119 -2.26 -8.21 32.51
N ASP A 120 -1.71 -7.83 31.37
CA ASP A 120 -2.18 -6.75 30.52
C ASP A 120 -1.33 -6.78 29.29
N ASP A 121 -1.55 -5.88 28.36
CA ASP A 121 -0.76 -5.84 27.14
C ASP A 121 0.58 -5.23 27.42
N LYS A 122 1.59 -6.05 27.52
CA LYS A 122 2.90 -5.61 27.92
C LYS A 122 3.74 -5.31 26.66
N GLN A 123 3.08 -4.71 25.70
CA GLN A 123 3.68 -4.34 24.44
C GLN A 123 4.75 -3.21 24.59
N PRO A 124 4.43 -2.02 25.18
CA PRO A 124 5.39 -0.90 25.29
C PRO A 124 6.32 -1.05 26.50
N LEU A 125 6.73 -2.26 26.77
CA LEU A 125 7.59 -2.56 27.89
C LEU A 125 9.01 -2.13 27.57
N THR A 126 9.42 -1.07 28.19
CA THR A 126 10.73 -0.55 28.01
C THR A 126 11.16 0.20 29.25
N SER A 127 12.35 -0.08 29.72
CA SER A 127 12.91 0.68 30.80
C SER A 127 13.79 1.75 30.16
N LYS A 128 14.34 1.35 29.03
CA LYS A 128 15.11 2.15 28.10
C LYS A 128 15.77 1.18 27.17
N GLU A 129 14.96 0.53 26.40
CA GLU A 129 15.45 -0.47 25.49
C GLU A 129 16.06 0.25 24.33
N GLU A 130 17.22 -0.18 23.93
CA GLU A 130 17.96 0.43 22.86
C GLU A 130 17.13 0.49 21.59
N GLU A 131 17.05 1.67 21.06
CA GLU A 131 16.33 1.90 19.86
C GLU A 131 17.34 1.73 18.74
N GLU A 132 17.39 0.53 18.23
CA GLU A 132 18.36 0.16 17.25
C GLU A 132 17.72 -0.03 15.89
N ARG A 133 16.42 0.23 15.83
CA ARG A 133 15.69 0.15 14.59
C ARG A 133 16.24 1.20 13.65
N ARG A 134 16.63 2.33 14.25
CA ARG A 134 17.21 3.47 13.54
C ARG A 134 18.51 3.04 12.82
N ILE A 135 19.22 2.11 13.42
CA ILE A 135 20.47 1.59 12.86
C ILE A 135 20.14 0.78 11.61
N ALA A 136 19.02 0.08 11.65
CA ALA A 136 18.60 -0.73 10.54
C ALA A 136 17.98 0.12 9.45
N GLU A 137 17.40 1.26 9.83
CA GLU A 137 16.72 2.20 8.89
C GLU A 137 17.61 2.59 7.71
N MET A 138 18.91 2.75 7.96
CA MET A 138 19.85 3.17 6.92
C MET A 138 20.28 1.98 6.06
N GLY A 139 19.90 0.80 6.47
CA GLY A 139 20.31 -0.38 5.77
C GLY A 139 19.13 -1.16 5.24
N ARG A 140 17.95 -0.60 5.38
CA ARG A 140 16.76 -1.25 4.93
C ARG A 140 16.03 -0.35 3.95
N PRO A 141 15.28 -0.93 3.00
CA PRO A 141 14.51 -0.17 1.99
C PRO A 141 13.51 0.76 2.62
N ILE A 142 13.37 1.94 2.08
CA ILE A 142 12.48 2.91 2.62
C ILE A 142 11.51 3.37 1.56
N LEU A 143 10.62 4.22 1.95
CA LEU A 143 9.67 4.75 1.05
C LEU A 143 9.86 6.25 0.84
N GLY A 144 9.08 6.78 -0.07
CA GLY A 144 9.19 8.16 -0.44
C GLY A 144 8.65 9.12 0.59
N GLU A 145 8.85 10.38 0.32
CA GLU A 145 8.46 11.46 1.20
C GLU A 145 6.94 11.55 1.30
N HIS A 146 6.28 11.24 0.21
CA HIS A 146 4.85 11.19 0.18
C HIS A 146 4.41 9.85 -0.31
N THR A 147 3.66 9.17 0.50
CA THR A 147 3.12 7.88 0.18
C THR A 147 1.66 7.83 0.56
N LYS A 148 0.81 8.08 -0.38
CA LYS A 148 -0.62 8.12 -0.15
C LYS A 148 -1.30 8.13 -1.48
N LEU A 149 -2.40 7.45 -1.56
CA LEU A 149 -3.15 7.40 -2.76
C LEU A 149 -4.60 7.74 -2.48
N GLU A 150 -5.06 8.82 -3.04
CA GLU A 150 -6.46 9.17 -2.94
C GLU A 150 -7.17 8.46 -4.09
N VAL A 151 -7.97 7.48 -3.78
CA VAL A 151 -8.66 6.75 -4.81
C VAL A 151 -10.06 7.26 -4.91
N ILE A 152 -10.33 7.97 -5.95
CA ILE A 152 -11.61 8.54 -6.16
C ILE A 152 -12.39 7.65 -7.12
N ILE A 153 -13.51 7.18 -6.67
CA ILE A 153 -14.36 6.34 -7.46
C ILE A 153 -15.43 7.23 -8.06
N GLU A 154 -15.34 7.48 -9.33
CA GLU A 154 -16.30 8.32 -9.99
C GLU A 154 -16.98 7.52 -11.04
N GLU A 155 -18.25 7.78 -11.29
CA GLU A 155 -18.86 7.11 -12.38
C GLU A 155 -18.39 7.82 -13.61
N SER A 156 -17.66 7.12 -14.38
CA SER A 156 -17.06 7.64 -15.56
C SER A 156 -16.62 6.47 -16.40
N TYR A 157 -17.24 6.30 -17.51
CA TYR A 157 -16.86 5.23 -18.40
C TYR A 157 -15.89 5.83 -19.38
N GLU A 158 -16.26 7.01 -19.79
CA GLU A 158 -15.55 7.82 -20.72
C GLU A 158 -14.36 8.52 -20.04
N PHE A 159 -14.55 8.86 -18.77
CA PHE A 159 -13.62 9.66 -17.99
C PHE A 159 -13.58 11.06 -18.49
N LYS A 160 -14.70 11.71 -18.28
CA LYS A 160 -14.92 13.09 -18.62
C LYS A 160 -14.03 13.93 -17.71
N SER A 161 -13.18 14.74 -18.30
CA SER A 161 -12.20 15.52 -17.54
C SER A 161 -12.90 16.54 -16.63
N THR A 162 -13.78 17.31 -17.21
CA THR A 162 -14.58 18.23 -16.48
C THR A 162 -16.04 17.90 -16.74
N VAL A 163 -16.85 17.97 -15.71
CA VAL A 163 -18.24 17.59 -15.83
C VAL A 163 -19.16 18.76 -15.55
N ASP A 164 -20.31 18.75 -16.16
CA ASP A 164 -21.30 19.81 -15.97
C ASP A 164 -22.47 19.27 -15.19
N HIS A 8 20.03 -0.70 1.92
CA HIS A 8 19.37 0.53 1.64
C HIS A 8 18.74 0.41 0.26
N ALA A 9 17.76 1.20 -0.03
CA ALA A 9 17.06 1.11 -1.25
C ALA A 9 16.80 2.49 -1.81
N GLY A 10 15.92 2.55 -2.72
CA GLY A 10 15.58 3.74 -3.43
C GLY A 10 14.30 4.35 -2.97
N ILE A 11 13.33 4.35 -3.85
CA ILE A 11 12.08 5.03 -3.62
C ILE A 11 10.91 4.08 -3.84
N PHE A 12 10.04 4.01 -2.87
CA PHE A 12 8.77 3.31 -3.00
C PHE A 12 7.68 4.33 -2.83
N THR A 13 6.82 4.45 -3.80
CA THR A 13 5.72 5.39 -3.71
C THR A 13 4.73 5.09 -4.83
N PHE A 14 3.65 5.83 -4.85
CA PHE A 14 2.64 5.67 -5.85
C PHE A 14 2.98 6.48 -7.08
N GLU A 15 2.55 6.01 -8.25
CA GLU A 15 2.81 6.74 -9.50
C GLU A 15 2.07 8.07 -9.49
N GLU A 16 0.92 8.05 -8.88
CA GLU A 16 0.07 9.18 -8.83
C GLU A 16 -0.39 9.38 -7.39
N PRO A 17 -0.57 10.61 -6.96
CA PRO A 17 -1.05 10.90 -5.61
C PRO A 17 -2.55 10.71 -5.47
N VAL A 18 -3.28 10.92 -6.55
CA VAL A 18 -4.72 10.83 -6.53
C VAL A 18 -5.15 10.04 -7.76
N THR A 19 -6.00 9.07 -7.58
CA THR A 19 -6.49 8.32 -8.68
C THR A 19 -8.03 8.33 -8.67
N HIS A 20 -8.63 8.51 -9.82
CA HIS A 20 -10.07 8.51 -9.92
C HIS A 20 -10.52 7.26 -10.66
N VAL A 21 -11.12 6.36 -9.95
CA VAL A 21 -11.49 5.10 -10.49
C VAL A 21 -12.99 5.07 -10.74
N SER A 22 -13.37 4.29 -11.68
CA SER A 22 -14.72 4.13 -12.06
C SER A 22 -15.44 3.18 -11.10
N GLU A 23 -16.75 3.32 -10.97
CA GLU A 23 -17.53 2.40 -10.15
C GLU A 23 -17.53 0.98 -10.74
N SER A 24 -18.09 0.84 -11.93
CA SER A 24 -18.29 -0.45 -12.60
C SER A 24 -17.00 -1.00 -13.25
N ILE A 25 -15.86 -0.61 -12.71
CA ILE A 25 -14.61 -1.03 -13.28
C ILE A 25 -14.26 -2.44 -12.85
N GLY A 26 -14.75 -2.83 -11.69
CA GLY A 26 -14.45 -4.12 -11.17
C GLY A 26 -13.22 -4.08 -10.33
N ILE A 27 -12.08 -3.98 -10.98
CA ILE A 27 -10.83 -3.99 -10.29
C ILE A 27 -10.03 -2.82 -10.78
N MET A 28 -9.64 -1.99 -9.87
CA MET A 28 -8.78 -0.90 -10.20
C MET A 28 -7.41 -1.26 -9.75
N GLU A 29 -6.42 -0.81 -10.45
CA GLU A 29 -5.06 -1.12 -10.14
C GLU A 29 -4.21 0.09 -10.16
N VAL A 30 -3.50 0.27 -9.11
CA VAL A 30 -2.59 1.36 -8.97
C VAL A 30 -1.20 0.78 -8.87
N LYS A 31 -0.32 1.20 -9.74
CA LYS A 31 1.01 0.67 -9.74
C LYS A 31 1.86 1.42 -8.74
N VAL A 32 2.68 0.69 -8.05
CA VAL A 32 3.55 1.27 -7.06
C VAL A 32 4.97 1.26 -7.59
N LEU A 33 5.59 2.42 -7.55
CA LEU A 33 6.93 2.62 -8.03
C LEU A 33 7.90 1.84 -7.16
N ARG A 34 8.56 0.89 -7.78
CA ARG A 34 9.52 0.08 -7.12
C ARG A 34 10.82 0.85 -6.96
N THR A 35 11.54 0.52 -5.92
CA THR A 35 12.81 1.07 -5.59
C THR A 35 13.80 0.92 -6.74
N SER A 36 14.48 2.02 -7.04
CA SER A 36 15.57 2.08 -7.99
C SER A 36 16.62 1.03 -7.64
N GLY A 37 16.80 0.81 -6.35
CA GLY A 37 17.68 -0.19 -5.88
C GLY A 37 16.90 -1.33 -5.32
N ALA A 38 16.50 -2.24 -6.17
CA ALA A 38 15.78 -3.39 -5.73
C ALA A 38 16.78 -4.43 -5.32
N ARG A 39 16.85 -4.69 -4.05
CA ARG A 39 17.83 -5.61 -3.54
C ARG A 39 17.15 -6.84 -2.98
N GLY A 40 17.27 -7.92 -3.71
CA GLY A 40 16.77 -9.18 -3.26
C GLY A 40 15.27 -9.25 -3.31
N ASN A 41 14.68 -9.41 -2.16
CA ASN A 41 13.25 -9.51 -2.02
C ASN A 41 12.79 -8.60 -0.90
N VAL A 42 11.83 -7.76 -1.21
CA VAL A 42 11.29 -6.78 -0.31
C VAL A 42 9.77 -6.86 -0.32
N ILE A 43 9.17 -6.80 0.83
CA ILE A 43 7.75 -6.81 0.92
C ILE A 43 7.26 -5.42 1.30
N VAL A 44 6.24 -4.96 0.64
CA VAL A 44 5.65 -3.69 0.95
C VAL A 44 4.20 -3.88 1.33
N PRO A 45 3.86 -3.68 2.59
CA PRO A 45 2.48 -3.80 3.05
C PRO A 45 1.63 -2.63 2.55
N TYR A 46 0.36 -2.85 2.42
CA TYR A 46 -0.54 -1.81 1.99
C TYR A 46 -1.90 -2.05 2.57
N LYS A 47 -2.67 -1.01 2.68
CA LYS A 47 -4.01 -1.12 3.20
C LYS A 47 -4.90 -0.01 2.70
N THR A 48 -6.17 -0.29 2.63
CA THR A 48 -7.18 0.67 2.32
C THR A 48 -7.56 1.46 3.57
N ILE A 49 -7.64 2.74 3.43
CA ILE A 49 -8.00 3.63 4.50
C ILE A 49 -9.38 4.14 4.21
N GLU A 50 -10.34 3.78 5.02
CA GLU A 50 -11.71 4.21 4.82
C GLU A 50 -11.87 5.70 5.06
N GLY A 51 -12.53 6.33 4.13
CA GLY A 51 -12.82 7.72 4.24
C GLY A 51 -14.30 7.92 4.12
N THR A 52 -14.73 8.58 3.08
CA THR A 52 -16.14 8.73 2.81
C THR A 52 -16.65 7.45 2.16
N ALA A 53 -15.73 6.73 1.54
CA ALA A 53 -16.01 5.46 0.97
C ALA A 53 -15.94 4.41 2.06
N ARG A 54 -16.97 3.63 2.13
CA ARG A 54 -17.09 2.59 3.09
C ARG A 54 -16.49 1.32 2.57
N GLY A 55 -15.74 0.67 3.41
CA GLY A 55 -15.09 -0.55 3.04
C GLY A 55 -16.01 -1.74 3.18
N GLY A 56 -15.42 -2.89 3.43
CA GLY A 56 -16.18 -4.11 3.63
C GLY A 56 -17.01 -4.55 2.44
N GLY A 57 -16.64 -4.11 1.24
CA GLY A 57 -17.36 -4.52 0.07
C GLY A 57 -18.64 -3.74 -0.10
N GLU A 58 -18.68 -2.56 0.50
CA GLU A 58 -19.84 -1.72 0.41
C GLU A 58 -19.66 -0.67 -0.70
N ASP A 59 -18.66 0.20 -0.56
CA ASP A 59 -18.28 1.12 -1.65
C ASP A 59 -17.10 0.52 -2.35
N PHE A 60 -16.19 0.02 -1.55
CA PHE A 60 -15.05 -0.66 -2.05
C PHE A 60 -14.79 -1.89 -1.21
N GLU A 61 -14.25 -2.88 -1.82
CA GLU A 61 -13.84 -4.06 -1.11
C GLU A 61 -12.53 -3.71 -0.39
N ASP A 62 -12.53 -3.89 0.92
CA ASP A 62 -11.40 -3.46 1.76
C ASP A 62 -10.22 -4.40 1.62
N THR A 63 -9.11 -3.89 1.15
CA THR A 63 -7.98 -4.71 0.91
C THR A 63 -6.77 -4.25 1.72
N CYS A 64 -6.10 -5.20 2.21
CA CYS A 64 -4.91 -5.03 2.97
C CYS A 64 -4.05 -6.21 2.64
N GLY A 65 -2.79 -6.02 2.55
CA GLY A 65 -1.95 -7.10 2.20
C GLY A 65 -0.55 -6.66 2.06
N GLU A 66 0.20 -7.39 1.29
CA GLU A 66 1.60 -7.13 1.14
C GLU A 66 2.04 -7.42 -0.30
N LEU A 67 2.72 -6.48 -0.90
CA LEU A 67 3.22 -6.61 -2.24
C LEU A 67 4.61 -7.15 -2.20
N GLU A 68 4.92 -8.02 -3.11
CA GLU A 68 6.22 -8.62 -3.14
C GLU A 68 7.05 -8.01 -4.26
N PHE A 69 8.08 -7.30 -3.91
CA PHE A 69 8.97 -6.73 -4.88
C PHE A 69 10.30 -7.42 -4.82
N GLN A 70 10.91 -7.62 -5.94
CA GLN A 70 12.19 -8.23 -5.98
C GLN A 70 13.09 -7.45 -6.89
N ASN A 71 14.32 -7.87 -6.93
CA ASN A 71 15.36 -7.26 -7.75
C ASN A 71 15.08 -7.45 -9.23
N ASP A 72 14.56 -8.59 -9.58
CA ASP A 72 14.28 -8.91 -10.98
C ASP A 72 12.84 -8.53 -11.38
N GLU A 73 12.01 -8.26 -10.38
CA GLU A 73 10.62 -7.90 -10.61
C GLU A 73 10.46 -6.50 -11.17
N ILE A 74 9.27 -6.19 -11.63
CA ILE A 74 8.99 -4.90 -12.20
C ILE A 74 8.15 -4.01 -11.28
N VAL A 75 6.85 -4.14 -11.33
CA VAL A 75 5.96 -3.28 -10.59
C VAL A 75 4.77 -4.10 -10.08
N LYS A 76 4.18 -3.66 -9.00
CA LYS A 76 3.02 -4.30 -8.44
C LYS A 76 1.84 -3.36 -8.49
N THR A 77 0.68 -3.92 -8.39
CA THR A 77 -0.54 -3.17 -8.39
C THR A 77 -1.39 -3.50 -7.19
N ILE A 78 -2.09 -2.53 -6.68
CA ILE A 78 -3.07 -2.79 -5.67
C ILE A 78 -4.36 -2.96 -6.40
N SER A 79 -4.89 -4.13 -6.35
CA SER A 79 -6.11 -4.44 -7.01
C SER A 79 -7.24 -4.25 -6.01
N VAL A 80 -8.10 -3.31 -6.27
CA VAL A 80 -9.23 -3.07 -5.39
C VAL A 80 -10.50 -3.32 -6.14
N LYS A 81 -11.33 -4.14 -5.56
CA LYS A 81 -12.63 -4.41 -6.10
C LYS A 81 -13.54 -3.25 -5.76
N VAL A 82 -13.85 -2.48 -6.74
CA VAL A 82 -14.71 -1.36 -6.57
C VAL A 82 -16.11 -1.88 -6.69
N ILE A 83 -16.89 -1.63 -5.71
CA ILE A 83 -18.21 -2.19 -5.65
C ILE A 83 -19.18 -1.44 -6.54
N ASP A 84 -19.76 -2.19 -7.42
CA ASP A 84 -20.73 -1.70 -8.40
C ASP A 84 -22.09 -1.81 -7.79
N ASP A 85 -22.61 -0.71 -7.34
CA ASP A 85 -23.88 -0.74 -6.65
C ASP A 85 -24.89 0.06 -7.44
N GLU A 86 -24.65 1.36 -7.55
CA GLU A 86 -25.45 2.30 -8.30
C GLU A 86 -24.94 3.70 -8.02
N GLU A 87 -25.39 4.68 -8.78
CA GLU A 87 -24.94 6.06 -8.64
C GLU A 87 -25.51 6.77 -7.40
N TYR A 88 -25.95 5.98 -6.44
CA TYR A 88 -26.51 6.48 -5.21
C TYR A 88 -25.41 7.08 -4.36
N GLU A 89 -24.25 6.49 -4.44
CA GLU A 89 -23.15 6.89 -3.62
C GLU A 89 -22.48 8.13 -4.20
N LYS A 90 -22.59 9.21 -3.47
CA LYS A 90 -22.09 10.50 -3.90
C LYS A 90 -20.59 10.65 -3.63
N ASN A 91 -19.80 10.52 -4.70
CA ASN A 91 -18.33 10.72 -4.74
C ASN A 91 -17.63 10.08 -3.55
N LYS A 92 -17.29 8.85 -3.67
CA LYS A 92 -16.70 8.14 -2.58
C LYS A 92 -15.23 8.10 -2.72
N THR A 93 -14.53 8.35 -1.68
CA THR A 93 -13.11 8.35 -1.76
C THR A 93 -12.50 7.75 -0.51
N PHE A 94 -11.44 7.02 -0.71
CA PHE A 94 -10.69 6.40 0.33
C PHE A 94 -9.23 6.59 0.03
N PHE A 95 -8.39 6.25 0.94
CA PHE A 95 -6.98 6.46 0.75
C PHE A 95 -6.27 5.14 0.75
N LEU A 96 -5.17 5.08 0.09
CA LEU A 96 -4.39 3.89 0.05
C LEU A 96 -3.05 4.27 0.63
N GLU A 97 -2.60 3.54 1.59
CA GLU A 97 -1.32 3.81 2.15
C GLU A 97 -0.50 2.57 2.17
N ILE A 98 0.63 2.66 1.59
CA ILE A 98 1.58 1.61 1.62
C ILE A 98 2.45 1.82 2.83
N GLY A 99 2.77 0.75 3.46
CA GLY A 99 3.58 0.81 4.62
C GLY A 99 5.01 0.80 4.23
N GLU A 100 5.86 0.99 5.18
CA GLU A 100 7.27 0.99 4.94
C GLU A 100 7.73 -0.39 4.53
N PRO A 101 8.58 -0.44 3.51
CA PRO A 101 9.06 -1.68 2.94
C PRO A 101 9.88 -2.49 3.93
N ARG A 102 9.56 -3.73 4.03
CA ARG A 102 10.22 -4.62 4.92
C ARG A 102 11.06 -5.59 4.10
N LEU A 103 12.34 -5.58 4.35
CA LEU A 103 13.26 -6.45 3.69
C LEU A 103 12.94 -7.87 4.10
N VAL A 104 12.90 -8.77 3.16
CA VAL A 104 12.65 -10.13 3.48
C VAL A 104 13.94 -10.75 3.96
N GLU A 105 14.20 -10.51 5.21
CA GLU A 105 15.37 -10.99 5.83
C GLU A 105 15.14 -12.43 6.18
N MET A 106 16.02 -13.24 5.70
CA MET A 106 15.95 -14.64 5.94
C MET A 106 16.74 -14.98 7.16
N SER A 107 17.61 -14.07 7.56
CA SER A 107 18.34 -14.22 8.79
C SER A 107 17.38 -13.85 9.94
N GLU A 108 16.63 -14.83 10.37
CA GLU A 108 15.64 -14.65 11.40
C GLU A 108 16.04 -15.40 12.63
N LYS A 109 15.28 -15.24 13.67
CA LYS A 109 15.52 -15.99 14.87
C LYS A 109 14.37 -16.93 15.08
N LYS A 110 14.61 -18.01 15.75
CA LYS A 110 13.58 -18.97 16.00
C LYS A 110 12.88 -18.63 17.29
N GLY A 111 11.75 -19.24 17.53
CA GLY A 111 11.08 -19.07 18.79
C GLY A 111 11.87 -19.79 19.84
N GLY A 112 11.81 -21.11 19.76
CA GLY A 112 12.58 -21.95 20.64
C GLY A 112 12.14 -21.86 22.08
N PHE A 113 10.94 -21.44 22.31
CA PHE A 113 10.43 -21.36 23.64
C PHE A 113 9.73 -22.64 23.97
N THR A 114 10.43 -23.50 24.67
CA THR A 114 9.88 -24.73 25.11
C THR A 114 8.96 -24.43 26.28
N ILE A 115 7.70 -24.40 25.98
CA ILE A 115 6.72 -24.05 26.95
C ILE A 115 6.12 -25.28 27.63
N THR A 116 5.65 -25.09 28.81
CA THR A 116 5.03 -26.13 29.56
C THR A 116 3.54 -25.80 29.60
N GLU A 117 2.68 -26.78 29.77
CA GLU A 117 1.26 -26.48 29.74
C GLU A 117 0.71 -25.97 31.05
N GLU A 118 1.19 -24.82 31.39
CA GLU A 118 0.76 -24.06 32.52
C GLU A 118 0.14 -22.81 31.96
N TYR A 119 -1.16 -22.68 32.11
CA TYR A 119 -1.86 -21.55 31.54
C TYR A 119 -1.80 -20.30 32.41
N ASP A 120 -0.56 -19.88 32.60
CA ASP A 120 -0.09 -18.69 33.31
C ASP A 120 1.35 -18.96 33.65
N ASP A 121 2.25 -18.36 32.93
CA ASP A 121 3.67 -18.52 33.18
C ASP A 121 4.37 -17.21 33.02
N LYS A 122 5.24 -16.88 33.96
CA LYS A 122 5.86 -15.57 33.98
C LYS A 122 6.87 -15.43 32.85
N GLN A 123 6.53 -14.66 31.88
CA GLN A 123 7.36 -14.41 30.76
C GLN A 123 7.30 -12.93 30.46
N PRO A 124 8.43 -12.21 30.63
CA PRO A 124 8.49 -10.79 30.36
C PRO A 124 8.09 -10.46 28.94
N LEU A 125 6.98 -9.77 28.77
CA LEU A 125 6.53 -9.41 27.46
C LEU A 125 7.43 -8.33 26.88
N THR A 126 7.78 -8.46 25.66
CA THR A 126 8.64 -7.50 25.03
C THR A 126 7.86 -6.67 24.03
N SER A 127 7.73 -5.42 24.32
CA SER A 127 7.10 -4.47 23.47
C SER A 127 8.13 -3.90 22.48
N LYS A 128 7.80 -2.84 21.77
CA LYS A 128 8.72 -2.25 20.85
C LYS A 128 9.69 -1.35 21.61
N GLU A 129 10.66 -1.99 22.21
CA GLU A 129 11.65 -1.31 23.03
C GLU A 129 12.72 -0.72 22.15
N GLU A 130 13.43 0.25 22.66
CA GLU A 130 14.48 0.90 21.89
C GLU A 130 15.74 0.03 21.77
N GLU A 131 15.67 -0.91 20.89
CA GLU A 131 16.76 -1.81 20.59
C GLU A 131 17.58 -1.26 19.44
N GLU A 132 18.44 -2.07 18.91
CA GLU A 132 19.31 -1.73 17.78
C GLU A 132 18.58 -1.91 16.42
N ARG A 133 17.27 -1.70 16.43
CA ARG A 133 16.43 -1.92 15.23
C ARG A 133 16.81 -0.98 14.09
N ARG A 134 17.09 0.27 14.41
CA ARG A 134 17.36 1.26 13.40
C ARG A 134 18.75 1.01 12.80
N ILE A 135 19.61 0.35 13.57
CA ILE A 135 20.94 0.00 13.10
C ILE A 135 20.82 -1.03 11.96
N ALA A 136 19.80 -1.85 12.03
CA ALA A 136 19.52 -2.78 10.96
C ALA A 136 18.80 -2.05 9.84
N GLU A 137 17.76 -1.32 10.22
CA GLU A 137 16.88 -0.60 9.30
C GLU A 137 17.57 0.53 8.51
N MET A 138 18.78 0.90 8.90
CA MET A 138 19.51 1.92 8.17
C MET A 138 20.06 1.36 6.87
N GLY A 139 20.16 0.05 6.81
CA GLY A 139 20.60 -0.63 5.63
C GLY A 139 19.48 -1.51 5.13
N ARG A 140 18.30 -0.93 5.08
CA ARG A 140 17.10 -1.60 4.68
C ARG A 140 16.33 -0.71 3.73
N PRO A 141 15.40 -1.27 2.95
CA PRO A 141 14.57 -0.52 2.04
C PRO A 141 13.68 0.49 2.77
N ILE A 142 13.57 1.64 2.20
CA ILE A 142 12.77 2.71 2.72
C ILE A 142 11.84 3.18 1.61
N LEU A 143 11.01 4.13 1.91
CA LEU A 143 10.09 4.60 0.91
C LEU A 143 10.41 6.01 0.42
N GLY A 144 9.54 6.56 -0.41
CA GLY A 144 9.75 7.85 -1.00
C GLY A 144 9.48 9.03 -0.07
N GLU A 145 9.25 10.17 -0.66
CA GLU A 145 9.07 11.41 0.06
C GLU A 145 7.63 11.47 0.63
N HIS A 146 6.68 11.18 -0.22
CA HIS A 146 5.26 11.15 0.15
C HIS A 146 4.69 9.85 -0.32
N THR A 147 4.01 9.15 0.53
CA THR A 147 3.39 7.90 0.17
C THR A 147 1.94 7.87 0.59
N LYS A 148 1.08 8.20 -0.34
CA LYS A 148 -0.34 8.22 -0.10
C LYS A 148 -1.02 8.23 -1.43
N LEU A 149 -2.18 7.65 -1.49
CA LEU A 149 -2.96 7.67 -2.67
C LEU A 149 -4.37 8.01 -2.28
N GLU A 150 -4.92 8.97 -2.92
CA GLU A 150 -6.28 9.33 -2.73
C GLU A 150 -7.08 8.70 -3.85
N VAL A 151 -7.87 7.72 -3.52
CA VAL A 151 -8.65 7.03 -4.51
C VAL A 151 -10.08 7.53 -4.48
N ILE A 152 -10.50 8.07 -5.57
CA ILE A 152 -11.85 8.56 -5.71
C ILE A 152 -12.62 7.59 -6.58
N ILE A 153 -13.73 7.14 -6.09
CA ILE A 153 -14.61 6.27 -6.80
C ILE A 153 -15.71 7.10 -7.42
N GLU A 154 -15.69 7.17 -8.70
CA GLU A 154 -16.67 7.90 -9.44
C GLU A 154 -17.38 6.97 -10.41
N GLU A 155 -18.64 7.18 -10.56
CA GLU A 155 -19.43 6.38 -11.42
C GLU A 155 -19.15 6.78 -12.86
N SER A 156 -18.83 5.83 -13.65
CA SER A 156 -18.54 6.05 -15.03
C SER A 156 -18.97 4.83 -15.80
N TYR A 157 -20.18 4.87 -16.31
CA TYR A 157 -20.74 3.75 -17.04
C TYR A 157 -20.50 3.96 -18.52
N GLU A 158 -20.03 5.15 -18.85
CA GLU A 158 -19.86 5.53 -20.22
C GLU A 158 -18.61 4.95 -20.85
N PHE A 159 -17.57 4.81 -20.07
CA PHE A 159 -16.32 4.27 -20.58
C PHE A 159 -16.32 2.76 -20.52
N LYS A 160 -16.97 2.16 -21.50
CA LYS A 160 -17.13 0.73 -21.51
C LYS A 160 -15.99 0.01 -22.19
N SER A 161 -14.89 0.06 -21.50
CA SER A 161 -13.68 -0.66 -21.78
C SER A 161 -12.95 -0.71 -20.46
N THR A 162 -12.99 0.41 -19.75
CA THR A 162 -12.53 0.48 -18.39
C THR A 162 -13.55 -0.27 -17.52
N VAL A 163 -14.84 -0.11 -17.88
CA VAL A 163 -15.91 -0.91 -17.30
C VAL A 163 -15.75 -2.31 -17.86
N ASP A 164 -15.37 -3.22 -17.02
CA ASP A 164 -15.10 -4.58 -17.43
C ASP A 164 -15.50 -5.50 -16.30
N HIS A 8 20.71 3.72 1.79
CA HIS A 8 19.32 3.66 1.42
C HIS A 8 19.09 2.53 0.45
N ALA A 9 17.88 2.07 0.37
CA ALA A 9 17.52 1.14 -0.65
C ALA A 9 17.09 1.95 -1.87
N GLY A 10 16.07 2.75 -1.69
CA GLY A 10 15.54 3.55 -2.74
C GLY A 10 14.25 4.14 -2.33
N ILE A 11 13.34 4.31 -3.26
CA ILE A 11 12.08 4.97 -2.99
C ILE A 11 10.92 4.08 -3.42
N PHE A 12 10.09 3.70 -2.47
CA PHE A 12 8.84 3.04 -2.77
C PHE A 12 7.73 4.06 -2.60
N THR A 13 6.94 4.26 -3.61
CA THR A 13 5.84 5.19 -3.55
C THR A 13 4.89 4.94 -4.71
N PHE A 14 3.85 5.71 -4.81
CA PHE A 14 2.87 5.52 -5.84
C PHE A 14 3.31 6.11 -7.17
N GLU A 15 2.86 5.48 -8.23
CA GLU A 15 3.18 5.87 -9.59
C GLU A 15 2.39 7.14 -9.95
N GLU A 16 1.29 7.31 -9.25
CA GLU A 16 0.45 8.47 -9.35
C GLU A 16 -0.04 8.80 -7.95
N PRO A 17 -0.16 10.08 -7.60
CA PRO A 17 -0.60 10.48 -6.26
C PRO A 17 -2.11 10.37 -6.08
N VAL A 18 -2.84 10.50 -7.16
CA VAL A 18 -4.28 10.49 -7.14
C VAL A 18 -4.73 9.66 -8.30
N THR A 19 -5.69 8.81 -8.10
CA THR A 19 -6.20 8.03 -9.17
C THR A 19 -7.71 8.12 -9.19
N HIS A 20 -8.28 8.23 -10.36
CA HIS A 20 -9.71 8.23 -10.49
C HIS A 20 -10.13 6.89 -11.04
N VAL A 21 -10.98 6.23 -10.34
CA VAL A 21 -11.45 4.94 -10.75
C VAL A 21 -12.95 5.01 -10.89
N SER A 22 -13.50 4.16 -11.67
CA SER A 22 -14.89 4.10 -11.87
C SER A 22 -15.51 3.32 -10.71
N GLU A 23 -16.83 3.37 -10.55
CA GLU A 23 -17.43 2.66 -9.43
C GLU A 23 -17.79 1.24 -9.87
N SER A 24 -18.55 1.13 -10.90
CA SER A 24 -18.95 -0.15 -11.47
C SER A 24 -17.81 -0.72 -12.39
N ILE A 25 -16.59 -0.68 -11.88
CA ILE A 25 -15.43 -1.16 -12.62
C ILE A 25 -15.08 -2.60 -12.22
N GLY A 26 -15.39 -2.93 -11.00
CA GLY A 26 -15.04 -4.23 -10.51
C GLY A 26 -13.76 -4.15 -9.77
N ILE A 27 -12.67 -4.19 -10.47
CA ILE A 27 -11.37 -4.20 -9.86
C ILE A 27 -10.54 -3.12 -10.52
N MET A 28 -9.85 -2.36 -9.74
CA MET A 28 -8.95 -1.35 -10.25
C MET A 28 -7.53 -1.71 -9.89
N GLU A 29 -6.60 -1.40 -10.77
CA GLU A 29 -5.17 -1.63 -10.52
C GLU A 29 -4.40 -0.32 -10.49
N VAL A 30 -3.65 -0.12 -9.44
CA VAL A 30 -2.77 1.06 -9.31
C VAL A 30 -1.34 0.59 -9.15
N LYS A 31 -0.43 1.17 -9.92
CA LYS A 31 0.97 0.76 -9.90
C LYS A 31 1.74 1.46 -8.79
N VAL A 32 2.68 0.75 -8.22
CA VAL A 32 3.53 1.27 -7.17
C VAL A 32 4.96 1.25 -7.66
N LEU A 33 5.61 2.38 -7.56
CA LEU A 33 6.97 2.52 -8.00
C LEU A 33 7.90 1.77 -7.09
N ARG A 34 8.66 0.92 -7.70
CA ARG A 34 9.62 0.11 -7.02
C ARG A 34 10.81 0.98 -6.61
N THR A 35 11.52 0.52 -5.62
CA THR A 35 12.71 1.16 -5.15
C THR A 35 13.71 1.35 -6.30
N SER A 36 14.29 2.53 -6.33
CA SER A 36 15.30 2.91 -7.27
C SER A 36 16.53 1.99 -7.13
N GLY A 37 16.71 1.48 -5.94
CA GLY A 37 17.76 0.54 -5.70
C GLY A 37 17.17 -0.73 -5.17
N ALA A 38 16.84 -1.63 -6.06
CA ALA A 38 16.26 -2.88 -5.69
C ALA A 38 17.33 -3.89 -5.46
N ARG A 39 17.58 -4.18 -4.22
CA ARG A 39 18.58 -5.14 -3.86
C ARG A 39 17.92 -6.26 -3.07
N GLY A 40 17.69 -7.35 -3.74
CA GLY A 40 17.11 -8.50 -3.11
C GLY A 40 15.61 -8.50 -3.22
N ASN A 41 14.96 -9.00 -2.20
CA ASN A 41 13.52 -9.11 -2.16
C ASN A 41 12.99 -8.27 -1.01
N VAL A 42 12.00 -7.46 -1.31
CA VAL A 42 11.39 -6.57 -0.34
C VAL A 42 9.88 -6.72 -0.43
N ILE A 43 9.24 -6.70 0.68
CA ILE A 43 7.80 -6.76 0.72
C ILE A 43 7.26 -5.42 1.15
N VAL A 44 6.24 -4.96 0.48
CA VAL A 44 5.61 -3.72 0.82
C VAL A 44 4.12 -3.96 1.09
N PRO A 45 3.69 -3.90 2.34
CA PRO A 45 2.29 -4.07 2.68
C PRO A 45 1.45 -2.87 2.27
N TYR A 46 0.20 -3.07 2.03
CA TYR A 46 -0.67 -1.99 1.66
C TYR A 46 -2.01 -2.15 2.32
N LYS A 47 -2.71 -1.06 2.49
CA LYS A 47 -3.99 -1.08 3.15
C LYS A 47 -4.90 0.00 2.56
N THR A 48 -6.18 -0.26 2.54
CA THR A 48 -7.14 0.72 2.11
C THR A 48 -7.60 1.56 3.29
N ILE A 49 -7.55 2.83 3.14
CA ILE A 49 -7.98 3.75 4.15
C ILE A 49 -9.34 4.27 3.74
N GLU A 50 -10.33 4.03 4.56
CA GLU A 50 -11.69 4.43 4.27
C GLU A 50 -11.81 5.96 4.42
N GLY A 51 -12.08 6.63 3.32
CA GLY A 51 -12.22 8.06 3.34
C GLY A 51 -13.67 8.44 3.43
N THR A 52 -14.26 8.78 2.33
CA THR A 52 -15.67 9.02 2.27
C THR A 52 -16.35 7.74 1.83
N ALA A 53 -15.57 6.91 1.17
CA ALA A 53 -16.02 5.61 0.73
C ALA A 53 -15.83 4.62 1.86
N ARG A 54 -16.82 3.80 2.09
CA ARG A 54 -16.77 2.85 3.18
C ARG A 54 -16.36 1.47 2.73
N GLY A 55 -15.61 0.81 3.57
CA GLY A 55 -15.13 -0.52 3.28
C GLY A 55 -16.12 -1.58 3.68
N GLY A 56 -15.65 -2.76 4.04
CA GLY A 56 -16.51 -3.85 4.47
C GLY A 56 -17.35 -4.44 3.34
N GLY A 57 -17.18 -3.90 2.14
CA GLY A 57 -17.95 -4.35 1.03
C GLY A 57 -19.19 -3.50 0.85
N GLU A 58 -19.10 -2.25 1.25
CA GLU A 58 -20.20 -1.33 1.13
C GLU A 58 -20.01 -0.43 -0.10
N ASP A 59 -19.02 0.44 -0.06
CA ASP A 59 -18.71 1.25 -1.24
C ASP A 59 -17.63 0.56 -2.00
N PHE A 60 -16.66 0.13 -1.27
CA PHE A 60 -15.59 -0.59 -1.85
C PHE A 60 -15.28 -1.75 -0.97
N GLU A 61 -14.65 -2.72 -1.53
CA GLU A 61 -14.21 -3.85 -0.81
C GLU A 61 -12.86 -3.46 -0.25
N ASP A 62 -12.77 -3.32 1.05
CA ASP A 62 -11.51 -2.87 1.62
C ASP A 62 -10.52 -4.01 1.55
N THR A 63 -9.29 -3.68 1.36
CA THR A 63 -8.31 -4.67 1.16
C THR A 63 -7.00 -4.29 1.83
N CYS A 64 -6.13 -5.23 1.88
CA CYS A 64 -4.83 -5.12 2.44
C CYS A 64 -4.03 -6.30 1.90
N GLY A 65 -2.74 -6.22 1.93
CA GLY A 65 -1.95 -7.29 1.40
C GLY A 65 -0.52 -6.89 1.35
N GLU A 66 0.30 -7.71 0.75
CA GLU A 66 1.70 -7.47 0.69
C GLU A 66 2.23 -7.63 -0.73
N LEU A 67 2.81 -6.56 -1.25
CA LEU A 67 3.39 -6.53 -2.56
C LEU A 67 4.80 -7.02 -2.49
N GLU A 68 5.15 -7.85 -3.43
CA GLU A 68 6.47 -8.39 -3.46
C GLU A 68 7.29 -7.71 -4.54
N PHE A 69 8.36 -7.08 -4.13
CA PHE A 69 9.25 -6.45 -5.05
C PHE A 69 10.60 -7.07 -4.94
N GLN A 70 11.24 -7.28 -6.04
CA GLN A 70 12.56 -7.86 -6.03
C GLN A 70 13.45 -7.08 -6.98
N ASN A 71 14.72 -7.39 -6.96
CA ASN A 71 15.71 -6.77 -7.86
C ASN A 71 15.36 -7.09 -9.32
N ASP A 72 14.74 -8.25 -9.50
CA ASP A 72 14.37 -8.77 -10.79
C ASP A 72 12.96 -8.32 -11.21
N GLU A 73 12.11 -8.00 -10.25
CA GLU A 73 10.74 -7.58 -10.54
C GLU A 73 10.71 -6.16 -11.08
N ILE A 74 9.55 -5.71 -11.50
CA ILE A 74 9.43 -4.40 -12.07
C ILE A 74 8.52 -3.46 -11.27
N VAL A 75 7.22 -3.63 -11.39
CA VAL A 75 6.25 -2.79 -10.73
C VAL A 75 5.09 -3.68 -10.30
N LYS A 76 4.40 -3.30 -9.28
CA LYS A 76 3.23 -4.05 -8.87
C LYS A 76 2.02 -3.19 -8.87
N THR A 77 0.88 -3.82 -8.74
CA THR A 77 -0.38 -3.13 -8.73
C THR A 77 -1.24 -3.56 -7.55
N ILE A 78 -2.02 -2.65 -7.05
CA ILE A 78 -3.02 -2.93 -6.03
C ILE A 78 -4.32 -3.17 -6.75
N SER A 79 -4.96 -4.26 -6.46
CA SER A 79 -6.24 -4.57 -7.02
C SER A 79 -7.33 -4.39 -5.94
N VAL A 80 -8.21 -3.45 -6.16
CA VAL A 80 -9.31 -3.17 -5.23
C VAL A 80 -10.64 -3.40 -5.91
N LYS A 81 -11.53 -4.05 -5.21
CA LYS A 81 -12.85 -4.31 -5.68
C LYS A 81 -13.76 -3.17 -5.25
N VAL A 82 -14.41 -2.56 -6.19
CA VAL A 82 -15.35 -1.53 -5.87
C VAL A 82 -16.72 -2.19 -5.92
N ILE A 83 -17.54 -1.88 -4.95
CA ILE A 83 -18.82 -2.54 -4.82
C ILE A 83 -19.88 -1.87 -5.69
N ASP A 84 -20.64 -2.70 -6.36
CA ASP A 84 -21.67 -2.25 -7.28
C ASP A 84 -23.02 -2.30 -6.57
N ASP A 85 -23.31 -1.28 -5.76
CA ASP A 85 -24.60 -1.13 -5.06
C ASP A 85 -24.56 0.14 -4.21
N GLU A 86 -25.75 0.65 -3.84
CA GLU A 86 -25.90 1.86 -3.02
C GLU A 86 -25.33 3.11 -3.69
N GLU A 87 -25.25 3.07 -5.00
CA GLU A 87 -24.72 4.14 -5.85
C GLU A 87 -25.69 5.33 -6.00
N TYR A 88 -26.51 5.53 -4.98
CA TYR A 88 -27.47 6.62 -4.93
C TYR A 88 -26.78 7.89 -4.39
N GLU A 89 -25.63 7.71 -3.76
CA GLU A 89 -24.90 8.83 -3.18
C GLU A 89 -24.01 9.53 -4.21
N LYS A 90 -23.03 10.28 -3.74
CA LYS A 90 -22.20 11.10 -4.59
C LYS A 90 -20.79 10.52 -4.59
N ASN A 91 -19.88 11.15 -5.33
CA ASN A 91 -18.45 10.78 -5.47
C ASN A 91 -17.83 10.27 -4.16
N LYS A 92 -17.22 9.11 -4.25
CA LYS A 92 -16.63 8.45 -3.11
C LYS A 92 -15.12 8.53 -3.27
N THR A 93 -14.39 8.61 -2.20
CA THR A 93 -12.96 8.53 -2.30
C THR A 93 -12.36 7.91 -1.04
N PHE A 94 -11.29 7.19 -1.22
CA PHE A 94 -10.59 6.55 -0.14
C PHE A 94 -9.12 6.68 -0.42
N PHE A 95 -8.30 6.32 0.50
CA PHE A 95 -6.88 6.48 0.35
C PHE A 95 -6.22 5.14 0.35
N LEU A 96 -5.11 5.05 -0.28
CA LEU A 96 -4.36 3.85 -0.31
C LEU A 96 -3.02 4.21 0.26
N GLU A 97 -2.61 3.49 1.25
CA GLU A 97 -1.34 3.75 1.84
C GLU A 97 -0.55 2.48 1.86
N ILE A 98 0.68 2.59 1.52
CA ILE A 98 1.56 1.48 1.57
C ILE A 98 2.39 1.59 2.83
N GLY A 99 2.60 0.49 3.46
CA GLY A 99 3.30 0.44 4.69
C GLY A 99 4.78 0.42 4.47
N GLU A 100 5.52 0.50 5.55
CA GLU A 100 6.96 0.55 5.46
C GLU A 100 7.53 -0.77 4.98
N PRO A 101 8.33 -0.72 3.91
CA PRO A 101 8.88 -1.89 3.25
C PRO A 101 9.78 -2.72 4.16
N ARG A 102 9.65 -4.01 4.04
CA ARG A 102 10.37 -4.96 4.85
C ARG A 102 11.28 -5.80 3.95
N LEU A 103 12.53 -5.88 4.29
CA LEU A 103 13.50 -6.65 3.53
C LEU A 103 13.24 -8.13 3.80
N VAL A 104 13.25 -8.94 2.78
CA VAL A 104 13.06 -10.35 2.93
C VAL A 104 14.43 -11.03 2.93
N GLU A 105 14.90 -11.37 4.10
CA GLU A 105 16.19 -12.00 4.24
C GLU A 105 16.16 -13.03 5.33
N MET A 106 17.07 -13.97 5.23
CA MET A 106 17.23 -14.97 6.24
C MET A 106 18.56 -14.79 6.96
N SER A 107 19.37 -13.85 6.47
CA SER A 107 20.64 -13.56 7.10
C SER A 107 20.99 -12.05 7.06
N GLU A 108 21.35 -11.54 5.90
CA GLU A 108 21.84 -10.17 5.80
C GLU A 108 21.53 -9.60 4.41
N LYS A 109 21.34 -8.29 4.34
CA LYS A 109 20.93 -7.62 3.11
C LYS A 109 21.96 -6.61 2.64
N LYS A 110 21.66 -5.96 1.53
CA LYS A 110 22.50 -4.93 0.96
C LYS A 110 21.63 -3.72 0.63
N GLY A 111 22.25 -2.57 0.53
CA GLY A 111 21.53 -1.37 0.21
C GLY A 111 21.76 -0.96 -1.23
N GLY A 112 21.07 0.04 -1.68
CA GLY A 112 21.21 0.50 -3.04
C GLY A 112 22.02 1.78 -3.10
N PHE A 113 21.86 2.61 -2.08
CA PHE A 113 22.54 3.90 -1.94
C PHE A 113 22.23 4.84 -3.09
N THR A 114 21.19 5.60 -2.91
CA THR A 114 20.73 6.55 -3.87
C THR A 114 20.14 7.71 -3.09
N ILE A 115 19.98 8.84 -3.74
CA ILE A 115 19.44 10.00 -3.10
C ILE A 115 17.91 9.87 -3.06
N THR A 116 17.33 10.16 -1.92
CA THR A 116 15.91 10.06 -1.76
C THR A 116 15.18 11.20 -2.49
N GLU A 117 14.78 10.91 -3.71
CA GLU A 117 14.09 11.85 -4.55
C GLU A 117 12.69 12.11 -4.06
N GLU A 118 12.36 13.36 -3.92
CA GLU A 118 11.09 13.78 -3.45
C GLU A 118 10.44 14.67 -4.48
N TYR A 119 9.15 14.60 -4.60
CA TYR A 119 8.41 15.36 -5.59
C TYR A 119 8.23 16.77 -5.10
N ASP A 120 8.10 16.90 -3.83
CA ASP A 120 7.86 18.15 -3.18
C ASP A 120 8.50 18.09 -1.83
N ASP A 121 9.00 19.23 -1.35
CA ASP A 121 9.64 19.32 -0.03
C ASP A 121 8.65 18.91 1.03
N LYS A 122 8.87 17.79 1.62
CA LYS A 122 7.94 17.26 2.58
C LYS A 122 8.66 16.66 3.74
N GLN A 123 7.98 16.59 4.84
CA GLN A 123 8.43 15.89 6.00
C GLN A 123 7.32 14.91 6.34
N PRO A 124 7.64 13.61 6.43
CA PRO A 124 6.65 12.54 6.57
C PRO A 124 5.63 12.77 7.68
N LEU A 125 4.37 12.55 7.34
CA LEU A 125 3.28 12.71 8.27
C LEU A 125 3.14 11.46 9.11
N THR A 126 3.74 10.39 8.63
CA THR A 126 3.74 9.13 9.31
C THR A 126 4.63 9.18 10.55
N SER A 127 5.91 9.29 10.34
CA SER A 127 6.86 9.32 11.40
C SER A 127 8.18 9.94 10.94
N LYS A 128 8.63 10.94 11.65
CA LYS A 128 9.92 11.54 11.40
C LYS A 128 10.65 11.59 12.72
N GLU A 129 11.96 11.54 12.71
CA GLU A 129 12.70 11.47 13.95
C GLU A 129 14.06 12.10 13.85
N GLU A 130 14.73 12.09 14.96
CA GLU A 130 16.13 12.45 15.08
C GLU A 130 16.71 11.51 16.10
N GLU A 131 17.06 10.35 15.62
CA GLU A 131 17.57 9.29 16.43
C GLU A 131 18.45 8.42 15.52
N GLU A 132 18.95 7.32 16.03
CA GLU A 132 19.85 6.47 15.32
C GLU A 132 19.12 5.60 14.34
N ARG A 133 17.82 5.48 14.52
CA ARG A 133 17.01 4.65 13.66
C ARG A 133 16.90 5.29 12.28
N ARG A 134 16.93 6.61 12.28
CA ARG A 134 17.02 7.39 11.07
C ARG A 134 18.36 7.15 10.41
N ILE A 135 19.43 7.15 11.18
CA ILE A 135 20.78 6.91 10.63
C ILE A 135 20.87 5.52 9.99
N ALA A 136 20.23 4.57 10.63
CA ALA A 136 20.18 3.17 10.21
C ALA A 136 19.37 2.94 8.92
N GLU A 137 18.58 3.96 8.52
CA GLU A 137 17.68 3.89 7.33
C GLU A 137 18.46 3.44 6.08
N MET A 138 19.77 3.72 6.08
CA MET A 138 20.64 3.45 4.96
C MET A 138 20.86 1.96 4.70
N GLY A 139 20.53 1.13 5.68
CA GLY A 139 20.77 -0.28 5.54
C GLY A 139 19.51 -1.09 5.40
N ARG A 140 18.39 -0.42 5.26
CA ARG A 140 17.12 -1.09 5.16
C ARG A 140 16.31 -0.49 4.01
N PRO A 141 15.28 -1.18 3.52
CA PRO A 141 14.43 -0.62 2.51
C PRO A 141 13.45 0.36 3.12
N ILE A 142 13.39 1.52 2.54
CA ILE A 142 12.54 2.56 3.01
C ILE A 142 11.65 3.05 1.89
N LEU A 143 10.56 3.64 2.23
CA LEU A 143 9.66 4.17 1.25
C LEU A 143 9.91 5.65 1.03
N GLY A 144 9.18 6.23 0.10
CA GLY A 144 9.32 7.62 -0.18
C GLY A 144 8.81 8.47 0.95
N GLU A 145 9.04 9.73 0.84
CA GLU A 145 8.71 10.69 1.85
C GLU A 145 7.21 10.62 2.18
N HIS A 146 6.41 10.66 1.15
CA HIS A 146 4.98 10.53 1.25
C HIS A 146 4.51 9.39 0.40
N THR A 147 3.80 8.49 1.00
CA THR A 147 3.24 7.37 0.31
C THR A 147 1.74 7.34 0.51
N LYS A 148 1.04 7.90 -0.44
CA LYS A 148 -0.39 8.00 -0.33
C LYS A 148 -0.99 8.17 -1.69
N LEU A 149 -2.07 7.49 -1.89
CA LEU A 149 -2.81 7.55 -3.10
C LEU A 149 -4.21 7.97 -2.77
N GLU A 150 -4.70 8.95 -3.45
CA GLU A 150 -6.05 9.37 -3.28
C GLU A 150 -6.88 8.69 -4.36
N VAL A 151 -7.69 7.74 -3.99
CA VAL A 151 -8.48 7.00 -4.94
C VAL A 151 -9.87 7.55 -4.97
N ILE A 152 -10.19 8.20 -6.02
CA ILE A 152 -11.47 8.79 -6.19
C ILE A 152 -12.33 7.85 -7.04
N ILE A 153 -13.45 7.45 -6.51
CA ILE A 153 -14.34 6.54 -7.17
C ILE A 153 -15.47 7.35 -7.79
N GLU A 154 -15.45 7.44 -9.09
CA GLU A 154 -16.46 8.14 -9.82
C GLU A 154 -17.32 7.18 -10.62
N GLU A 155 -18.59 7.17 -10.35
CA GLU A 155 -19.49 6.29 -11.03
C GLU A 155 -19.72 6.82 -12.39
N SER A 156 -19.33 6.05 -13.30
CA SER A 156 -19.44 6.32 -14.66
C SER A 156 -20.44 5.32 -15.19
N TYR A 157 -21.64 5.79 -15.45
CA TYR A 157 -22.76 4.93 -15.81
C TYR A 157 -22.58 4.29 -17.14
N GLU A 158 -22.19 5.07 -18.13
CA GLU A 158 -22.02 4.53 -19.44
C GLU A 158 -20.71 3.74 -19.48
N PHE A 159 -19.79 4.13 -18.60
CA PHE A 159 -18.50 3.50 -18.36
C PHE A 159 -17.51 3.84 -19.49
N LYS A 160 -17.91 4.73 -20.35
CA LYS A 160 -17.06 5.16 -21.42
C LYS A 160 -16.19 6.28 -20.86
N SER A 161 -14.96 5.96 -20.55
CA SER A 161 -14.06 6.87 -19.91
C SER A 161 -13.53 7.95 -20.85
N THR A 162 -14.30 9.00 -20.94
CA THR A 162 -13.96 10.18 -21.65
C THR A 162 -14.84 11.33 -21.13
N VAL A 163 -14.29 12.04 -20.14
CA VAL A 163 -14.92 13.15 -19.42
C VAL A 163 -16.34 12.83 -18.90
N ASP A 164 -16.37 11.96 -17.90
CA ASP A 164 -17.60 11.54 -17.19
C ASP A 164 -17.20 10.71 -16.00
N HIS A 8 19.68 4.19 1.15
CA HIS A 8 18.60 4.55 0.26
C HIS A 8 18.60 3.61 -0.95
N ALA A 9 17.72 2.63 -0.91
CA ALA A 9 17.57 1.68 -1.99
C ALA A 9 16.87 2.34 -3.17
N GLY A 10 15.95 3.21 -2.88
CA GLY A 10 15.22 3.86 -3.90
C GLY A 10 13.98 4.46 -3.35
N ILE A 11 13.04 4.73 -4.19
CA ILE A 11 11.82 5.37 -3.78
C ILE A 11 10.62 4.43 -3.95
N PHE A 12 10.05 3.99 -2.84
CA PHE A 12 8.77 3.29 -2.87
C PHE A 12 7.65 4.27 -2.61
N THR A 13 6.74 4.40 -3.55
CA THR A 13 5.61 5.28 -3.42
C THR A 13 4.64 5.00 -4.57
N PHE A 14 3.55 5.70 -4.61
CA PHE A 14 2.58 5.55 -5.66
C PHE A 14 2.99 6.39 -6.86
N GLU A 15 2.56 5.99 -8.05
CA GLU A 15 2.92 6.73 -9.27
C GLU A 15 2.26 8.08 -9.25
N GLU A 16 1.08 8.10 -8.73
CA GLU A 16 0.30 9.29 -8.61
C GLU A 16 -0.23 9.37 -7.20
N PRO A 17 -0.37 10.59 -6.64
CA PRO A 17 -0.89 10.75 -5.29
C PRO A 17 -2.40 10.53 -5.23
N VAL A 18 -3.07 10.75 -6.35
CA VAL A 18 -4.51 10.61 -6.44
C VAL A 18 -4.84 9.82 -7.69
N THR A 19 -5.73 8.88 -7.59
CA THR A 19 -6.13 8.12 -8.72
C THR A 19 -7.67 8.11 -8.83
N HIS A 20 -8.16 8.25 -10.02
CA HIS A 20 -9.58 8.21 -10.27
C HIS A 20 -9.91 6.88 -10.87
N VAL A 21 -10.80 6.16 -10.25
CA VAL A 21 -11.18 4.88 -10.75
C VAL A 21 -12.61 4.91 -11.22
N SER A 22 -12.88 4.09 -12.16
CA SER A 22 -14.16 3.98 -12.76
C SER A 22 -15.17 3.32 -11.84
N GLU A 23 -16.42 3.49 -12.14
CA GLU A 23 -17.44 2.78 -11.48
C GLU A 23 -17.58 1.43 -12.16
N SER A 24 -17.63 1.48 -13.47
CA SER A 24 -17.84 0.33 -14.34
C SER A 24 -16.54 -0.46 -14.60
N ILE A 25 -15.60 -0.43 -13.66
CA ILE A 25 -14.30 -1.06 -13.89
C ILE A 25 -14.22 -2.46 -13.29
N GLY A 26 -14.91 -2.69 -12.20
CA GLY A 26 -14.80 -3.94 -11.54
C GLY A 26 -13.67 -3.92 -10.55
N ILE A 27 -12.49 -4.05 -11.05
CA ILE A 27 -11.31 -4.14 -10.22
C ILE A 27 -10.34 -3.10 -10.70
N MET A 28 -9.81 -2.35 -9.80
CA MET A 28 -8.83 -1.35 -10.17
C MET A 28 -7.47 -1.80 -9.67
N GLU A 29 -6.43 -1.45 -10.42
CA GLU A 29 -5.07 -1.72 -10.03
C GLU A 29 -4.27 -0.44 -10.00
N VAL A 30 -3.63 -0.20 -8.91
CA VAL A 30 -2.72 0.92 -8.79
C VAL A 30 -1.31 0.37 -8.65
N LYS A 31 -0.39 0.88 -9.44
CA LYS A 31 0.96 0.42 -9.42
C LYS A 31 1.80 1.21 -8.43
N VAL A 32 2.68 0.53 -7.76
CA VAL A 32 3.54 1.15 -6.78
C VAL A 32 4.96 1.21 -7.33
N LEU A 33 5.54 2.39 -7.30
CA LEU A 33 6.88 2.64 -7.77
C LEU A 33 7.88 1.91 -6.91
N ARG A 34 8.56 0.99 -7.52
CA ARG A 34 9.60 0.20 -6.91
C ARG A 34 10.85 1.04 -6.69
N THR A 35 11.65 0.66 -5.71
CA THR A 35 12.90 1.29 -5.44
C THR A 35 13.81 1.21 -6.66
N SER A 36 14.36 2.34 -7.01
CA SER A 36 15.31 2.50 -8.10
C SER A 36 16.42 1.40 -8.05
N GLY A 37 16.81 1.02 -6.85
CA GLY A 37 17.74 -0.04 -6.66
C GLY A 37 17.20 -1.03 -5.67
N ALA A 38 16.42 -1.97 -6.15
CA ALA A 38 15.84 -2.97 -5.28
C ALA A 38 16.83 -4.09 -5.10
N ARG A 39 17.48 -4.07 -3.98
CA ARG A 39 18.53 -4.99 -3.70
C ARG A 39 18.01 -6.09 -2.78
N GLY A 40 17.64 -7.21 -3.38
CA GLY A 40 17.16 -8.33 -2.61
C GLY A 40 15.68 -8.58 -2.82
N ASN A 41 15.02 -9.01 -1.78
CA ASN A 41 13.60 -9.29 -1.78
C ASN A 41 12.97 -8.36 -0.77
N VAL A 42 11.92 -7.69 -1.13
CA VAL A 42 11.33 -6.69 -0.28
C VAL A 42 9.82 -6.86 -0.23
N ILE A 43 9.24 -6.68 0.93
CA ILE A 43 7.80 -6.71 1.07
C ILE A 43 7.31 -5.32 1.44
N VAL A 44 6.25 -4.88 0.80
CA VAL A 44 5.64 -3.62 1.13
C VAL A 44 4.18 -3.85 1.53
N PRO A 45 3.85 -3.68 2.81
CA PRO A 45 2.47 -3.86 3.29
C PRO A 45 1.58 -2.68 2.90
N TYR A 46 0.30 -2.94 2.72
CA TYR A 46 -0.63 -1.90 2.38
C TYR A 46 -1.98 -2.15 3.01
N LYS A 47 -2.81 -1.14 2.97
CA LYS A 47 -4.16 -1.22 3.49
C LYS A 47 -5.03 -0.15 2.86
N THR A 48 -6.29 -0.46 2.70
CA THR A 48 -7.26 0.51 2.27
C THR A 48 -7.74 1.28 3.48
N ILE A 49 -7.85 2.56 3.33
CA ILE A 49 -8.29 3.42 4.38
C ILE A 49 -9.73 3.84 4.09
N GLU A 50 -10.63 3.42 4.95
CA GLU A 50 -12.03 3.76 4.84
C GLU A 50 -12.24 5.22 5.23
N GLY A 51 -12.33 6.06 4.24
CA GLY A 51 -12.49 7.47 4.50
C GLY A 51 -13.84 7.92 4.08
N THR A 52 -13.87 8.62 2.99
CA THR A 52 -15.08 9.17 2.45
C THR A 52 -15.77 8.12 1.54
N ALA A 53 -15.80 6.88 2.01
CA ALA A 53 -16.38 5.78 1.29
C ALA A 53 -16.70 4.64 2.25
N ARG A 54 -17.76 3.91 1.97
CA ARG A 54 -18.17 2.79 2.78
C ARG A 54 -17.32 1.57 2.52
N GLY A 55 -16.67 1.11 3.55
CA GLY A 55 -15.87 -0.08 3.43
C GLY A 55 -16.71 -1.32 3.61
N GLY A 56 -16.07 -2.42 3.88
CA GLY A 56 -16.78 -3.67 4.10
C GLY A 56 -17.49 -4.18 2.87
N GLY A 57 -16.97 -3.84 1.70
CA GLY A 57 -17.55 -4.28 0.47
C GLY A 57 -18.88 -3.63 0.21
N GLU A 58 -18.97 -2.36 0.50
CA GLU A 58 -20.21 -1.67 0.29
C GLU A 58 -20.05 -0.63 -0.82
N ASP A 59 -19.06 0.26 -0.69
CA ASP A 59 -18.70 1.13 -1.82
C ASP A 59 -17.50 0.52 -2.48
N PHE A 60 -16.63 0.00 -1.67
CA PHE A 60 -15.45 -0.62 -2.15
C PHE A 60 -15.15 -1.82 -1.28
N GLU A 61 -14.56 -2.81 -1.85
CA GLU A 61 -14.17 -3.97 -1.14
C GLU A 61 -12.78 -3.65 -0.60
N ASP A 62 -12.68 -3.52 0.70
CA ASP A 62 -11.45 -3.08 1.34
C ASP A 62 -10.45 -4.21 1.33
N THR A 63 -9.20 -3.87 1.22
CA THR A 63 -8.20 -4.85 1.05
C THR A 63 -6.92 -4.45 1.81
N CYS A 64 -6.19 -5.44 2.22
CA CYS A 64 -4.96 -5.27 2.95
C CYS A 64 -4.08 -6.47 2.70
N GLY A 65 -2.83 -6.23 2.43
CA GLY A 65 -1.96 -7.29 2.09
C GLY A 65 -0.58 -6.77 1.92
N GLU A 66 0.26 -7.60 1.39
CA GLU A 66 1.65 -7.28 1.25
C GLU A 66 2.08 -7.48 -0.19
N LEU A 67 2.76 -6.51 -0.73
CA LEU A 67 3.28 -6.59 -2.08
C LEU A 67 4.70 -7.08 -2.04
N GLU A 68 4.98 -8.04 -2.87
CA GLU A 68 6.30 -8.62 -2.91
C GLU A 68 7.09 -8.02 -4.07
N PHE A 69 8.20 -7.41 -3.75
CA PHE A 69 9.08 -6.84 -4.72
C PHE A 69 10.43 -7.49 -4.58
N GLN A 70 11.20 -7.47 -5.62
CA GLN A 70 12.52 -8.04 -5.60
C GLN A 70 13.38 -7.28 -6.56
N ASN A 71 14.60 -7.71 -6.70
CA ASN A 71 15.51 -7.17 -7.68
C ASN A 71 14.99 -7.51 -9.06
N ASP A 72 14.54 -8.73 -9.20
CA ASP A 72 14.03 -9.23 -10.48
C ASP A 72 12.57 -8.83 -10.75
N GLU A 73 11.81 -8.56 -9.71
CA GLU A 73 10.41 -8.19 -9.86
C GLU A 73 10.25 -6.75 -10.33
N ILE A 74 9.22 -6.52 -11.13
CA ILE A 74 8.97 -5.20 -11.69
C ILE A 74 8.08 -4.28 -10.83
N VAL A 75 6.78 -4.32 -11.04
CA VAL A 75 5.89 -3.46 -10.33
C VAL A 75 4.69 -4.26 -9.84
N LYS A 76 4.18 -3.89 -8.71
CA LYS A 76 3.04 -4.55 -8.13
C LYS A 76 1.87 -3.64 -8.11
N THR A 77 0.71 -4.22 -8.05
CA THR A 77 -0.52 -3.50 -8.08
C THR A 77 -1.41 -3.86 -6.91
N ILE A 78 -2.24 -2.93 -6.52
CA ILE A 78 -3.26 -3.17 -5.55
C ILE A 78 -4.56 -3.33 -6.30
N SER A 79 -5.19 -4.47 -6.16
CA SER A 79 -6.44 -4.76 -6.81
C SER A 79 -7.61 -4.54 -5.84
N VAL A 80 -8.45 -3.59 -6.15
CA VAL A 80 -9.59 -3.28 -5.30
C VAL A 80 -10.89 -3.40 -6.10
N LYS A 81 -11.83 -4.15 -5.57
CA LYS A 81 -13.14 -4.30 -6.17
C LYS A 81 -14.00 -3.11 -5.83
N VAL A 82 -14.40 -2.40 -6.84
CA VAL A 82 -15.31 -1.31 -6.67
C VAL A 82 -16.68 -1.93 -6.61
N ILE A 83 -17.34 -1.77 -5.50
CA ILE A 83 -18.59 -2.43 -5.28
C ILE A 83 -19.67 -1.73 -6.04
N ASP A 84 -20.52 -2.51 -6.60
CA ASP A 84 -21.62 -2.04 -7.35
C ASP A 84 -22.70 -1.65 -6.38
N ASP A 85 -22.54 -0.49 -5.83
CA ASP A 85 -23.46 0.04 -4.87
C ASP A 85 -24.63 0.66 -5.58
N GLU A 86 -25.80 0.39 -5.11
CA GLU A 86 -27.00 0.85 -5.77
C GLU A 86 -27.35 2.27 -5.32
N GLU A 87 -27.23 2.55 -4.04
CA GLU A 87 -27.60 3.84 -3.50
C GLU A 87 -26.61 4.93 -3.92
N TYR A 88 -26.98 6.15 -3.71
CA TYR A 88 -26.16 7.27 -4.06
C TYR A 88 -26.16 8.26 -2.94
N GLU A 89 -25.01 8.73 -2.58
CA GLU A 89 -24.87 9.67 -1.49
C GLU A 89 -24.01 10.84 -1.93
N LYS A 90 -22.76 10.56 -2.21
CA LYS A 90 -21.79 11.58 -2.49
C LYS A 90 -20.67 10.91 -3.26
N ASN A 91 -19.75 11.70 -3.80
CA ASN A 91 -18.56 11.16 -4.47
C ASN A 91 -17.72 10.39 -3.47
N LYS A 92 -17.56 9.13 -3.73
CA LYS A 92 -16.87 8.25 -2.81
C LYS A 92 -15.40 8.21 -3.10
N THR A 93 -14.61 8.27 -2.07
CA THR A 93 -13.19 8.23 -2.21
C THR A 93 -12.55 7.68 -0.95
N PHE A 94 -11.61 6.81 -1.13
CA PHE A 94 -10.91 6.19 -0.04
C PHE A 94 -9.43 6.37 -0.26
N PHE A 95 -8.64 6.02 0.69
CA PHE A 95 -7.23 6.25 0.59
C PHE A 95 -6.51 4.93 0.64
N LEU A 96 -5.35 4.89 0.07
CA LEU A 96 -4.55 3.71 0.07
C LEU A 96 -3.23 4.11 0.69
N GLU A 97 -2.77 3.38 1.65
CA GLU A 97 -1.51 3.69 2.24
C GLU A 97 -0.63 2.46 2.24
N ILE A 98 0.60 2.65 1.87
CA ILE A 98 1.58 1.60 1.90
C ILE A 98 2.53 1.88 3.02
N GLY A 99 2.92 0.84 3.70
CA GLY A 99 3.79 0.97 4.81
C GLY A 99 5.22 0.98 4.39
N GLU A 100 6.10 0.99 5.35
CA GLU A 100 7.50 0.99 5.06
C GLU A 100 7.93 -0.37 4.54
N PRO A 101 8.77 -0.38 3.51
CA PRO A 101 9.24 -1.61 2.91
C PRO A 101 10.15 -2.37 3.85
N ARG A 102 10.04 -3.66 3.83
CA ARG A 102 10.84 -4.49 4.69
C ARG A 102 11.65 -5.44 3.87
N LEU A 103 12.95 -5.40 4.06
CA LEU A 103 13.84 -6.28 3.38
C LEU A 103 13.62 -7.68 3.89
N VAL A 104 13.38 -8.55 2.97
CA VAL A 104 13.23 -9.94 3.26
C VAL A 104 14.57 -10.53 3.07
N GLU A 105 15.17 -10.87 4.15
CA GLU A 105 16.50 -11.38 4.18
C GLU A 105 16.54 -12.69 3.38
N MET A 106 17.24 -12.67 2.25
CA MET A 106 17.29 -13.82 1.34
C MET A 106 18.01 -14.98 1.98
N SER A 107 18.92 -14.65 2.85
CA SER A 107 19.53 -15.61 3.70
C SER A 107 18.85 -15.35 5.03
N GLU A 108 17.77 -16.04 5.24
CA GLU A 108 16.87 -15.72 6.30
C GLU A 108 17.01 -16.57 7.53
N LYS A 109 16.62 -15.99 8.60
CA LYS A 109 16.49 -16.63 9.85
C LYS A 109 15.01 -16.85 10.02
N LYS A 110 14.57 -18.05 10.38
CA LYS A 110 13.15 -18.28 10.55
C LYS A 110 12.65 -17.59 11.81
N GLY A 111 12.16 -16.42 11.61
CA GLY A 111 11.71 -15.57 12.66
C GLY A 111 11.91 -14.16 12.25
N GLY A 112 12.35 -13.32 13.16
CA GLY A 112 12.56 -11.91 12.86
C GLY A 112 11.24 -11.20 12.68
N PHE A 113 10.26 -11.66 13.43
CA PHE A 113 8.93 -11.14 13.36
C PHE A 113 8.24 -11.37 14.67
N THR A 114 7.50 -10.41 15.10
CA THR A 114 6.70 -10.50 16.27
C THR A 114 5.36 -9.85 15.96
N ILE A 115 4.28 -10.42 16.45
CA ILE A 115 2.96 -9.87 16.21
C ILE A 115 2.76 -8.64 17.09
N THR A 116 2.72 -7.49 16.49
CA THR A 116 2.54 -6.26 17.20
C THR A 116 2.13 -5.16 16.22
N GLU A 117 1.23 -4.32 16.66
CA GLU A 117 0.76 -3.20 15.91
C GLU A 117 0.72 -2.06 16.90
N GLU A 118 1.64 -1.11 16.77
CA GLU A 118 1.76 -0.07 17.77
C GLU A 118 0.64 0.92 17.70
N TYR A 119 -0.03 1.11 18.82
CA TYR A 119 -1.09 2.08 18.91
C TYR A 119 -0.46 3.47 18.98
N ASP A 120 -1.08 4.42 18.33
CA ASP A 120 -0.56 5.76 18.21
C ASP A 120 -1.67 6.79 18.25
N ASP A 121 -1.50 7.79 19.09
CA ASP A 121 -2.47 8.88 19.22
C ASP A 121 -1.86 10.19 18.73
N LYS A 122 -0.57 10.13 18.45
CA LYS A 122 0.22 11.27 17.95
C LYS A 122 1.67 10.86 17.87
N GLN A 123 2.13 10.26 18.94
CA GLN A 123 3.48 9.77 19.02
C GLN A 123 3.59 8.78 20.17
N PRO A 124 4.00 7.54 19.90
CA PRO A 124 4.24 6.58 20.95
C PRO A 124 5.53 6.94 21.67
N LEU A 125 5.42 7.43 22.88
CA LEU A 125 6.56 7.88 23.65
C LEU A 125 7.34 6.70 24.23
N THR A 126 6.74 5.54 24.14
CA THR A 126 7.37 4.31 24.52
C THR A 126 8.37 3.90 23.40
N SER A 127 8.17 4.48 22.23
CA SER A 127 9.01 4.24 21.10
C SER A 127 9.97 5.42 20.98
N LYS A 128 11.24 5.16 21.10
CA LYS A 128 12.23 6.18 20.97
C LYS A 128 12.74 6.20 19.54
N GLU A 129 12.85 7.39 18.97
CA GLU A 129 13.27 7.53 17.61
C GLU A 129 14.80 7.43 17.55
N GLU A 130 15.24 6.20 17.45
CA GLU A 130 16.63 5.87 17.43
C GLU A 130 17.26 6.21 16.08
N GLU A 131 18.21 7.13 16.12
CA GLU A 131 18.91 7.58 14.92
C GLU A 131 19.76 6.46 14.33
N GLU A 132 20.20 5.55 15.19
CA GLU A 132 20.98 4.40 14.75
C GLU A 132 20.13 3.51 13.85
N ARG A 133 18.82 3.49 14.11
CA ARG A 133 17.88 2.78 13.26
C ARG A 133 17.87 3.42 11.90
N ARG A 134 17.78 4.74 11.87
CA ARG A 134 17.78 5.50 10.63
C ARG A 134 19.06 5.25 9.82
N ILE A 135 20.19 5.19 10.50
CA ILE A 135 21.47 4.93 9.85
C ILE A 135 21.47 3.51 9.25
N ALA A 136 20.83 2.58 9.93
CA ALA A 136 20.75 1.22 9.46
C ALA A 136 19.75 1.09 8.30
N GLU A 137 18.73 1.96 8.31
CA GLU A 137 17.71 1.96 7.27
C GLU A 137 18.27 2.22 5.89
N MET A 138 19.36 2.98 5.81
CA MET A 138 19.93 3.31 4.49
C MET A 138 20.70 2.14 3.85
N GLY A 139 20.76 1.03 4.56
CA GLY A 139 21.38 -0.16 4.01
C GLY A 139 20.32 -1.14 3.53
N ARG A 140 19.07 -0.74 3.66
CA ARG A 140 17.93 -1.56 3.31
C ARG A 140 16.91 -0.70 2.51
N PRO A 141 15.87 -1.30 1.90
CA PRO A 141 14.83 -0.55 1.18
C PRO A 141 14.10 0.42 2.07
N ILE A 142 13.83 1.58 1.53
CA ILE A 142 13.14 2.62 2.24
C ILE A 142 12.09 3.19 1.31
N LEU A 143 11.07 3.83 1.86
CA LEU A 143 10.07 4.43 1.03
C LEU A 143 10.40 5.86 0.70
N GLY A 144 9.60 6.45 -0.18
CA GLY A 144 9.85 7.78 -0.64
C GLY A 144 9.57 8.87 0.37
N GLU A 145 9.34 10.04 -0.14
CA GLU A 145 9.06 11.21 0.66
C GLU A 145 7.68 11.09 1.27
N HIS A 146 6.74 10.71 0.46
CA HIS A 146 5.37 10.60 0.87
C HIS A 146 4.81 9.30 0.34
N THR A 147 3.97 8.64 1.10
CA THR A 147 3.32 7.45 0.64
C THR A 147 1.83 7.46 0.98
N LYS A 148 1.01 7.74 -0.02
CA LYS A 148 -0.43 7.81 0.15
C LYS A 148 -1.05 7.90 -1.22
N LEU A 149 -2.25 7.40 -1.35
CA LEU A 149 -2.98 7.45 -2.58
C LEU A 149 -4.41 7.79 -2.27
N GLU A 150 -4.94 8.73 -2.97
CA GLU A 150 -6.33 9.09 -2.84
C GLU A 150 -7.08 8.45 -4.00
N VAL A 151 -7.91 7.49 -3.70
CA VAL A 151 -8.64 6.78 -4.74
C VAL A 151 -10.05 7.30 -4.79
N ILE A 152 -10.36 7.97 -5.85
CA ILE A 152 -11.67 8.51 -6.05
C ILE A 152 -12.49 7.57 -6.91
N ILE A 153 -13.65 7.18 -6.43
CA ILE A 153 -14.54 6.32 -7.16
C ILE A 153 -15.62 7.18 -7.77
N GLU A 154 -15.57 7.36 -9.03
CA GLU A 154 -16.55 8.16 -9.69
C GLU A 154 -17.25 7.34 -10.74
N GLU A 155 -18.45 7.71 -11.02
CA GLU A 155 -19.26 7.03 -11.92
C GLU A 155 -19.38 7.88 -13.12
N SER A 156 -19.30 7.26 -14.24
CA SER A 156 -19.24 7.91 -15.51
C SER A 156 -17.88 8.60 -15.59
N TYR A 157 -16.88 7.84 -15.16
CA TYR A 157 -15.51 8.25 -15.01
C TYR A 157 -14.89 8.73 -16.33
N GLU A 158 -15.29 8.10 -17.41
CA GLU A 158 -14.80 8.44 -18.74
C GLU A 158 -15.38 9.75 -19.23
N PHE A 159 -16.48 10.16 -18.65
CA PHE A 159 -17.14 11.36 -19.06
C PHE A 159 -16.59 12.58 -18.34
N LYS A 160 -15.44 13.00 -18.83
CA LYS A 160 -14.72 14.17 -18.40
C LYS A 160 -13.71 14.44 -19.50
N SER A 161 -12.77 15.34 -19.27
CA SER A 161 -11.74 15.55 -20.23
C SER A 161 -10.61 14.54 -19.97
N THR A 162 -10.69 13.39 -20.58
CA THR A 162 -9.68 12.39 -20.41
C THR A 162 -8.47 12.78 -21.25
N VAL A 163 -7.36 13.05 -20.58
CA VAL A 163 -6.16 13.50 -21.25
C VAL A 163 -5.55 12.40 -22.12
N ASP A 164 -5.51 12.67 -23.42
CA ASP A 164 -4.91 11.78 -24.43
C ASP A 164 -5.61 10.41 -24.48
#